data_8QZL
#
_entry.id   8QZL
#
loop_
_entity.id
_entity.type
_entity.pdbx_description
1 polymer 'Efflux pump membrane transporter'
2 non-polymer 3-chloranyl-2,6-di(piperazin-4-ium-1-yl)quinoline
#
_entity_poly.entity_id   1
_entity_poly.type   'polypeptide(L)'
_entity_poly.pdbx_seq_one_letter_code
;MPNFFIDRPIFAWVIAIIIMLAGGLSILKLPVAQYPTIAPPAISITAMYPGADAETVQNTVTQVIEQNMNGIDHLMYMSS
NGDSTGTATITLTFESGTDPDIAQVQVQNKLALATPLLPQEVQQQGISVEKASSSFLMVVGVINTNGTMNQDDISDYVAA
NMKDPISRTSGVGDVQLFGSQYAMRIWMDPNKLNNFQLTPVDVISALKAQNAQVAAGQLGGTPPVKGQQLNASIIAQTRL
TNTEEFGNILLKVNQDGSQVRLRDVAKIELGGESYDVVAKFNGQPASGLGIKLATGANALDTANAIRAELAKMEPFFPSG
MKIVYPYDTTPFVKISIHEVVKTLVEAIILVFLVMYLFLQNFRATLIPTIAVPVVLLGTFAVLAAFGFSINTLTMFGMVL
AIGLLVDDAIVVVENVERVMAEEGLPPKEATRKSMGQIQGALVGIAMVLSAVFIPMAFFGGSTGAIYRQFSITIVSAMAL
SVLVALILTPALCATMLKPIQKGSHGATTGFFGWFNRMFDKSTHHYTDSVGNILRSTGRYLVLYLIIVVGMAWLFVRLPS
SFLPDEDQGVFLSMAQLPAGATQERTQKVLDEMTNYYLTKEKDNVESVFAVNGFGFAGRGQNTGIAFVSLKDWSQRPGEE
NKVEAITARAMGYFSQIKDAMVFAFNLPAIVELGTATGFDFELIDQGGLGHEKLTQARNQLFGMVAQHPDVLTGVRPNGL
EDTPQFKIDIDQEKAQALGVSISDINTTLGAAWGGSYVNDFIDRGRVKKVYIMSEAKYRMLPEDIGKWYVRGSDGQMVPF
SAFSTSRWEYGSPRLERYNGLPSLEILGQAAPGKSTGEAMALMEELAGKLPSGIGYDWTGMSYQERLSGNQAPALYAISL
IVVFLCLAALYESWSIPFSVMLVVPLGVVGALLAATFRGLTNDVYFQVGLLTTIGLSAKNAILIVEFAKDLMEKEGKGLI
EATLEAVRMRLRPILMTSLAFILGVMPLVISSGAGSGAQNAVGTGVMGGMVTATILAIFFVPVFFVVVRRRFSKKTEDIE
HSHQVEHHLEHHHHHH
;
_entity_poly.pdbx_strand_id   A,B,C
#
# COMPACT_ATOMS: atom_id res chain seq x y z
N MET A 1 31.19 -29.60 14.39
CA MET A 1 30.51 -29.04 15.60
C MET A 1 29.84 -30.08 16.51
N PRO A 2 29.48 -31.26 16.00
CA PRO A 2 28.96 -32.30 16.91
C PRO A 2 29.93 -32.66 18.02
N ASN A 3 31.23 -32.62 17.74
CA ASN A 3 32.21 -32.88 18.78
C ASN A 3 32.15 -31.84 19.89
N PHE A 4 31.73 -30.61 19.56
CA PHE A 4 31.68 -29.55 20.56
C PHE A 4 30.56 -29.80 21.57
N PHE A 5 29.43 -30.37 21.12
CA PHE A 5 28.28 -30.55 21.99
C PHE A 5 28.35 -31.82 22.82
N ILE A 6 29.27 -32.74 22.53
CA ILE A 6 29.45 -33.91 23.37
C ILE A 6 29.95 -33.49 24.75
N ASP A 7 30.86 -32.52 24.80
CA ASP A 7 31.40 -32.09 26.08
C ASP A 7 30.32 -31.48 26.98
N ARG A 8 29.40 -30.72 26.39
CA ARG A 8 28.34 -30.04 27.14
C ARG A 8 26.99 -30.46 26.58
N PRO A 9 26.41 -31.54 27.10
CA PRO A 9 25.06 -31.93 26.64
C PRO A 9 24.01 -30.86 26.88
N ILE A 10 24.19 -30.05 27.92
CA ILE A 10 23.20 -29.04 28.26
C ILE A 10 23.03 -28.04 27.12
N PHE A 11 24.14 -27.56 26.56
CA PHE A 11 24.03 -26.55 25.51
C PHE A 11 23.35 -27.09 24.26
N ALA A 12 23.25 -28.42 24.14
CA ALA A 12 22.46 -29.00 23.05
C ALA A 12 20.97 -28.90 23.33
N TRP A 13 20.57 -28.99 24.60
CA TRP A 13 19.16 -28.94 24.94
C TRP A 13 18.62 -27.52 24.82
N VAL A 14 19.39 -26.52 25.26
CA VAL A 14 18.90 -25.15 25.23
C VAL A 14 18.54 -24.74 23.81
N ILE A 15 19.34 -25.15 22.84
CA ILE A 15 19.01 -24.88 21.44
C ILE A 15 17.72 -25.61 21.06
N ALA A 16 17.57 -26.85 21.52
CA ALA A 16 16.38 -27.63 21.20
C ALA A 16 15.14 -27.04 21.86
N ILE A 17 15.23 -26.69 23.14
CA ILE A 17 14.06 -26.17 23.85
C ILE A 17 13.63 -24.85 23.26
N ILE A 18 14.59 -23.99 22.90
CA ILE A 18 14.24 -22.72 22.29
C ILE A 18 13.51 -22.94 20.97
N ILE A 19 13.97 -23.90 20.17
CA ILE A 19 13.29 -24.21 18.91
C ILE A 19 11.86 -24.66 19.19
N MET A 20 11.69 -25.56 20.15
CA MET A 20 10.34 -25.99 20.52
C MET A 20 9.53 -24.81 21.05
N LEU A 21 10.13 -23.99 21.91
CA LEU A 21 9.43 -22.82 22.43
C LEU A 21 9.09 -21.85 21.32
N ALA A 22 10.03 -21.62 20.40
CA ALA A 22 9.75 -20.73 19.27
C ALA A 22 8.60 -21.27 18.42
N GLY A 23 8.59 -22.58 18.18
CA GLY A 23 7.48 -23.17 17.44
C GLY A 23 6.18 -23.10 18.20
N GLY A 24 6.23 -23.27 19.53
CA GLY A 24 5.02 -23.23 20.32
C GLY A 24 4.29 -21.90 20.22
N LEU A 25 5.05 -20.80 20.27
CA LEU A 25 4.42 -19.49 20.17
C LEU A 25 3.76 -19.30 18.81
N SER A 26 4.39 -19.80 17.74
CA SER A 26 3.82 -19.63 16.41
C SER A 26 2.44 -20.26 16.30
N ILE A 27 2.27 -21.46 16.88
CA ILE A 27 0.97 -22.12 16.85
C ILE A 27 -0.09 -21.23 17.49
N LEU A 28 0.26 -20.59 18.60
CA LEU A 28 -0.70 -19.75 19.31
C LEU A 28 -1.14 -18.54 18.48
N LYS A 29 -0.34 -18.13 17.50
CA LYS A 29 -0.61 -16.91 16.75
C LYS A 29 -0.78 -17.11 15.26
N LEU A 30 -0.29 -18.22 14.70
CA LEU A 30 -0.33 -18.38 13.25
C LEU A 30 -1.77 -18.46 12.75
N PRO A 31 -2.07 -17.86 11.60
CA PRO A 31 -3.43 -17.99 11.05
C PRO A 31 -3.71 -19.41 10.59
N VAL A 32 -4.99 -19.76 10.62
CA VAL A 32 -5.46 -21.07 10.16
C VAL A 32 -6.34 -20.85 8.94
N ALA A 33 -5.99 -21.48 7.83
CA ALA A 33 -6.74 -21.35 6.59
C ALA A 33 -6.79 -22.70 5.89
N GLN A 34 -7.78 -22.87 5.02
CA GLN A 34 -7.92 -24.11 4.27
C GLN A 34 -7.07 -24.13 3.01
N TYR A 35 -6.51 -22.99 2.61
CA TYR A 35 -5.60 -22.93 1.48
C TYR A 35 -4.83 -21.61 1.55
N PRO A 36 -3.70 -21.51 0.86
CA PRO A 36 -2.81 -20.34 1.00
C PRO A 36 -3.25 -19.15 0.14
N THR A 37 -4.49 -18.70 0.35
CA THR A 37 -5.02 -17.51 -0.32
C THR A 37 -4.91 -17.67 -1.84
N ILE A 38 -5.63 -18.65 -2.37
CA ILE A 38 -5.63 -18.93 -3.81
C ILE A 38 -6.97 -18.42 -4.33
N ALA A 39 -6.97 -17.17 -4.80
CA ALA A 39 -8.14 -16.57 -5.42
C ALA A 39 -7.75 -15.21 -5.99
N PRO A 40 -8.38 -14.76 -7.07
CA PRO A 40 -8.06 -13.45 -7.62
C PRO A 40 -8.89 -12.37 -6.94
N PRO A 41 -8.28 -11.27 -6.51
CA PRO A 41 -9.07 -10.20 -5.89
C PRO A 41 -10.17 -9.72 -6.82
N ALA A 42 -11.33 -9.45 -6.25
CA ALA A 42 -12.50 -9.04 -7.01
C ALA A 42 -13.14 -7.83 -6.36
N ILE A 43 -13.52 -6.85 -7.19
CA ILE A 43 -14.21 -5.65 -6.74
C ILE A 43 -15.56 -5.63 -7.43
N SER A 44 -16.62 -5.63 -6.63
CA SER A 44 -18.00 -5.70 -7.15
C SER A 44 -18.68 -4.37 -6.93
N ILE A 45 -19.13 -3.76 -8.02
CA ILE A 45 -19.88 -2.50 -7.97
C ILE A 45 -21.36 -2.85 -8.08
N THR A 46 -22.17 -2.26 -7.21
CA THR A 46 -23.60 -2.50 -7.18
C THR A 46 -24.35 -1.18 -7.28
N ALA A 47 -25.51 -1.22 -7.92
CA ALA A 47 -26.36 -0.04 -8.06
C ALA A 47 -27.80 -0.49 -8.21
N MET A 48 -28.70 0.16 -7.48
CA MET A 48 -30.11 -0.15 -7.48
C MET A 48 -30.88 0.99 -8.12
N TYR A 49 -31.77 0.65 -9.05
CA TYR A 49 -32.57 1.63 -9.79
C TYR A 49 -34.02 1.18 -9.65
N PRO A 50 -34.72 1.61 -8.60
CA PRO A 50 -36.01 0.99 -8.27
C PRO A 50 -37.00 1.05 -9.43
N GLY A 51 -37.75 -0.04 -9.59
CA GLY A 51 -38.76 -0.12 -10.62
C GLY A 51 -38.22 -0.12 -12.04
N ALA A 52 -36.93 -0.36 -12.21
CA ALA A 52 -36.32 -0.30 -13.53
C ALA A 52 -36.60 -1.58 -14.29
N ASP A 53 -35.99 -1.72 -15.45
CA ASP A 53 -36.14 -2.89 -16.32
C ASP A 53 -34.78 -3.50 -16.59
N ALA A 54 -34.77 -4.63 -17.29
CA ALA A 54 -33.50 -5.27 -17.63
C ALA A 54 -32.69 -4.39 -18.57
N GLU A 55 -33.34 -3.83 -19.60
CA GLU A 55 -32.63 -2.97 -20.54
C GLU A 55 -32.41 -1.58 -19.96
N THR A 56 -33.38 -1.04 -19.23
CA THR A 56 -33.25 0.30 -18.69
C THR A 56 -32.06 0.41 -17.76
N VAL A 57 -31.79 -0.65 -17.00
CA VAL A 57 -30.60 -0.66 -16.13
C VAL A 57 -29.34 -0.71 -16.98
N GLN A 58 -29.37 -1.49 -18.07
CA GLN A 58 -28.18 -1.63 -18.91
C GLN A 58 -27.82 -0.31 -19.58
N ASN A 59 -28.82 0.41 -20.09
CA ASN A 59 -28.58 1.58 -20.92
C ASN A 59 -28.33 2.85 -20.13
N THR A 60 -28.46 2.82 -18.81
CA THR A 60 -28.29 4.02 -17.99
C THR A 60 -27.40 3.82 -16.77
N VAL A 61 -27.04 2.59 -16.41
CA VAL A 61 -26.22 2.35 -15.23
C VAL A 61 -24.97 1.58 -15.62
N THR A 62 -25.15 0.36 -16.12
CA THR A 62 -24.00 -0.50 -16.39
C THR A 62 -23.14 0.05 -17.54
N GLN A 63 -23.79 0.38 -18.66
CA GLN A 63 -23.02 0.80 -19.84
C GLN A 63 -22.26 2.09 -19.56
N VAL A 64 -22.90 3.04 -18.86
CA VAL A 64 -22.22 4.30 -18.56
C VAL A 64 -21.00 4.04 -17.68
N ILE A 65 -21.14 3.18 -16.68
CA ILE A 65 -20.01 2.89 -15.80
C ILE A 65 -18.94 2.11 -16.53
N GLU A 66 -19.36 1.16 -17.37
CA GLU A 66 -18.38 0.33 -18.08
C GLU A 66 -17.52 1.17 -19.02
N GLN A 67 -18.13 2.14 -19.71
CA GLN A 67 -17.37 2.97 -20.64
C GLN A 67 -16.28 3.75 -19.91
N ASN A 68 -16.59 4.31 -18.75
CA ASN A 68 -15.66 5.13 -17.99
C ASN A 68 -14.79 4.30 -17.04
N MET A 69 -14.66 3.00 -17.28
CA MET A 69 -13.82 2.12 -16.47
C MET A 69 -12.68 1.61 -17.35
N ASN A 70 -11.58 2.37 -17.36
CA ASN A 70 -10.42 2.00 -18.15
C ASN A 70 -9.18 2.57 -17.47
N GLY A 71 -8.02 2.06 -17.88
CA GLY A 71 -6.77 2.47 -17.28
C GLY A 71 -6.61 2.03 -15.84
N ILE A 72 -7.04 0.81 -15.51
CA ILE A 72 -6.87 0.23 -14.18
C ILE A 72 -5.80 -0.84 -14.27
N ASP A 73 -4.86 -0.83 -13.32
CA ASP A 73 -3.75 -1.76 -13.36
C ASP A 73 -4.19 -3.16 -12.94
N HIS A 74 -3.63 -4.17 -13.59
CA HIS A 74 -3.81 -5.57 -13.21
C HIS A 74 -5.30 -5.97 -13.28
N LEU A 75 -5.85 -5.89 -14.48
CA LEU A 75 -7.24 -6.25 -14.74
C LEU A 75 -7.28 -7.46 -15.66
N MET A 76 -7.92 -8.55 -15.21
CA MET A 76 -8.10 -9.71 -16.08
C MET A 76 -9.31 -9.52 -16.99
N TYR A 77 -10.50 -9.41 -16.41
CA TYR A 77 -11.73 -9.35 -17.18
C TYR A 77 -12.77 -8.62 -16.35
N MET A 78 -13.83 -8.18 -17.04
CA MET A 78 -14.91 -7.42 -16.43
C MET A 78 -16.24 -8.05 -16.84
N SER A 79 -17.03 -8.44 -15.86
CA SER A 79 -18.34 -9.03 -16.09
C SER A 79 -19.39 -8.24 -15.33
N SER A 80 -20.52 -7.99 -16.00
CA SER A 80 -21.61 -7.23 -15.40
C SER A 80 -22.93 -7.80 -15.88
N ASN A 81 -24.02 -7.31 -15.30
CA ASN A 81 -25.35 -7.78 -15.65
C ASN A 81 -26.39 -6.92 -14.97
N GLY A 82 -27.53 -6.75 -15.62
CA GLY A 82 -28.65 -6.04 -15.03
C GLY A 82 -29.93 -6.85 -15.09
N ASP A 83 -30.46 -7.23 -13.92
CA ASP A 83 -31.66 -8.04 -13.86
C ASP A 83 -32.90 -7.16 -13.97
N SER A 84 -34.07 -7.73 -13.73
CA SER A 84 -35.33 -7.02 -13.88
C SER A 84 -35.79 -6.34 -12.60
N THR A 85 -35.03 -6.45 -11.51
CA THR A 85 -35.36 -5.80 -10.25
C THR A 85 -34.63 -4.47 -10.06
N GLY A 86 -33.92 -4.00 -11.09
CA GLY A 86 -33.24 -2.73 -11.02
C GLY A 86 -31.84 -2.76 -10.47
N THR A 87 -31.25 -3.95 -10.33
CA THR A 87 -29.92 -4.10 -9.76
C THR A 87 -28.89 -4.26 -10.86
N ALA A 88 -27.86 -3.41 -10.84
CA ALA A 88 -26.75 -3.48 -11.78
C ALA A 88 -25.50 -3.89 -11.02
N THR A 89 -24.87 -4.98 -11.45
CA THR A 89 -23.66 -5.48 -10.83
C THR A 89 -22.54 -5.50 -11.86
N ILE A 90 -21.36 -5.06 -11.42
CA ILE A 90 -20.15 -5.09 -12.24
C ILE A 90 -19.04 -5.73 -11.40
N THR A 91 -18.54 -6.86 -11.87
CA THR A 91 -17.55 -7.64 -11.14
C THR A 91 -16.21 -7.56 -11.87
N LEU A 92 -15.25 -6.88 -11.26
CA LEU A 92 -13.90 -6.77 -11.81
C LEU A 92 -12.99 -7.78 -11.11
N THR A 93 -12.22 -8.52 -11.90
CA THR A 93 -11.26 -9.48 -11.37
C THR A 93 -9.85 -9.04 -11.76
N PHE A 94 -8.96 -8.99 -10.78
CA PHE A 94 -7.62 -8.47 -10.97
C PHE A 94 -6.60 -9.60 -10.96
N GLU A 95 -5.40 -9.29 -11.44
CA GLU A 95 -4.33 -10.29 -11.48
C GLU A 95 -4.06 -10.81 -10.08
N SER A 96 -3.84 -12.11 -9.99
CA SER A 96 -3.58 -12.73 -8.69
C SER A 96 -2.37 -12.08 -8.03
N GLY A 97 -2.51 -11.81 -6.72
CA GLY A 97 -1.47 -11.14 -5.97
C GLY A 97 -1.58 -9.63 -5.94
N THR A 98 -2.50 -9.04 -6.71
CA THR A 98 -2.69 -7.61 -6.68
C THR A 98 -3.18 -7.17 -5.31
N ASP A 99 -2.67 -6.03 -4.84
CA ASP A 99 -3.10 -5.48 -3.57
C ASP A 99 -4.59 -5.18 -3.63
N PRO A 100 -5.44 -5.94 -2.94
CA PRO A 100 -6.88 -5.73 -3.09
C PRO A 100 -7.34 -4.34 -2.73
N ASP A 101 -6.70 -3.70 -1.73
CA ASP A 101 -7.15 -2.38 -1.32
C ASP A 101 -6.75 -1.31 -2.33
N ILE A 102 -5.55 -1.41 -2.89
CA ILE A 102 -5.12 -0.45 -3.90
C ILE A 102 -5.98 -0.56 -5.14
N ALA A 103 -6.39 -1.78 -5.48
CA ALA A 103 -7.27 -1.97 -6.64
C ALA A 103 -8.60 -1.25 -6.45
N GLN A 104 -9.18 -1.35 -5.25
CA GLN A 104 -10.47 -0.72 -5.01
C GLN A 104 -10.38 0.79 -5.18
N VAL A 105 -9.29 1.40 -4.70
CA VAL A 105 -9.15 2.85 -4.84
C VAL A 105 -9.21 3.26 -6.29
N GLN A 106 -8.47 2.54 -7.15
CA GLN A 106 -8.47 2.87 -8.57
C GLN A 106 -9.84 2.62 -9.20
N VAL A 107 -10.50 1.52 -8.81
CA VAL A 107 -11.82 1.23 -9.35
C VAL A 107 -12.81 2.32 -8.95
N GLN A 108 -12.78 2.72 -7.68
CA GLN A 108 -13.69 3.75 -7.21
C GLN A 108 -13.24 5.14 -7.64
N ASN A 109 -11.94 5.33 -7.92
CA ASN A 109 -11.49 6.59 -8.48
C ASN A 109 -12.12 6.82 -9.85
N LYS A 110 -12.18 5.76 -10.67
CA LYS A 110 -12.79 5.88 -11.99
C LYS A 110 -14.31 6.00 -11.86
N LEU A 111 -14.91 5.30 -10.90
CA LEU A 111 -16.35 5.36 -10.72
C LEU A 111 -16.83 6.75 -10.33
N ALA A 112 -15.95 7.59 -9.78
CA ALA A 112 -16.34 8.94 -9.42
C ALA A 112 -16.45 9.87 -10.62
N LEU A 113 -15.87 9.49 -11.76
CA LEU A 113 -16.01 10.26 -12.97
C LEU A 113 -17.32 9.98 -13.70
N ALA A 114 -18.01 8.89 -13.35
CA ALA A 114 -19.24 8.49 -14.01
C ALA A 114 -20.47 8.62 -13.12
N THR A 115 -20.29 8.69 -11.80
CA THR A 115 -21.44 8.81 -10.91
C THR A 115 -22.34 9.99 -11.28
N PRO A 116 -21.83 11.18 -11.59
CA PRO A 116 -22.73 12.28 -11.98
C PRO A 116 -23.62 11.95 -13.17
N LEU A 117 -23.13 11.14 -14.11
CA LEU A 117 -23.90 10.84 -15.30
C LEU A 117 -25.06 9.87 -15.03
N LEU A 118 -25.03 9.15 -13.91
CA LEU A 118 -26.07 8.21 -13.61
C LEU A 118 -27.37 8.93 -13.27
N PRO A 119 -28.52 8.28 -13.45
CA PRO A 119 -29.79 8.92 -13.10
C PRO A 119 -29.87 9.20 -11.62
N GLN A 120 -30.63 10.25 -11.26
CA GLN A 120 -30.73 10.64 -9.87
C GLN A 120 -31.20 9.49 -9.00
N GLU A 121 -32.22 8.74 -9.45
CA GLU A 121 -32.78 7.68 -8.64
C GLU A 121 -31.71 6.67 -8.22
N VAL A 122 -30.70 6.46 -9.05
CA VAL A 122 -29.62 5.55 -8.68
C VAL A 122 -28.78 6.13 -7.56
N GLN A 123 -28.44 7.42 -7.65
CA GLN A 123 -27.58 8.03 -6.65
C GLN A 123 -28.25 8.07 -5.29
N GLN A 124 -29.54 8.39 -5.24
CA GLN A 124 -30.25 8.43 -3.97
C GLN A 124 -30.23 7.07 -3.29
N GLN A 125 -30.47 6.00 -4.04
CA GLN A 125 -30.47 4.67 -3.46
C GLN A 125 -29.09 4.25 -2.98
N GLY A 126 -28.03 4.87 -3.52
CA GLY A 126 -26.68 4.56 -3.08
C GLY A 126 -26.05 3.40 -3.83
N ILE A 127 -24.87 3.62 -4.38
CA ILE A 127 -24.11 2.60 -5.10
C ILE A 127 -22.87 2.27 -4.28
N SER A 128 -22.68 0.99 -3.98
CA SER A 128 -21.60 0.53 -3.11
C SER A 128 -20.58 -0.24 -3.92
N VAL A 129 -19.30 0.10 -3.73
CA VAL A 129 -18.21 -0.65 -4.34
C VAL A 129 -17.54 -1.50 -3.27
N GLU A 130 -17.92 -2.77 -3.20
CA GLU A 130 -17.39 -3.70 -2.23
C GLU A 130 -16.33 -4.58 -2.88
N LYS A 131 -15.45 -5.13 -2.03
CA LYS A 131 -14.42 -6.08 -2.44
C LYS A 131 -14.72 -7.39 -1.72
N ALA A 132 -15.60 -8.20 -2.30
CA ALA A 132 -16.08 -9.40 -1.65
C ALA A 132 -16.25 -10.51 -2.68
N SER A 133 -15.90 -11.72 -2.28
CA SER A 133 -16.13 -12.89 -3.12
C SER A 133 -17.62 -13.19 -3.22
N SER A 134 -18.00 -13.80 -4.35
CA SER A 134 -19.42 -14.06 -4.59
C SER A 134 -19.97 -15.18 -3.71
N SER A 135 -19.10 -15.98 -3.09
CA SER A 135 -19.54 -17.09 -2.25
C SER A 135 -19.70 -16.64 -0.82
N PHE A 136 -20.75 -17.14 -0.15
CA PHE A 136 -21.05 -16.74 1.21
C PHE A 136 -20.09 -17.39 2.19
N LEU A 137 -19.50 -16.57 3.06
CA LEU A 137 -18.67 -17.12 4.13
C LEU A 137 -19.51 -17.90 5.12
N MET A 138 -20.70 -17.41 5.44
CA MET A 138 -21.61 -18.09 6.36
C MET A 138 -22.93 -17.33 6.35
N VAL A 139 -23.90 -17.87 7.07
CA VAL A 139 -25.23 -17.28 7.19
C VAL A 139 -25.64 -17.32 8.66
N VAL A 140 -26.06 -16.17 9.18
CA VAL A 140 -26.51 -16.07 10.56
C VAL A 140 -28.02 -15.98 10.58
N GLY A 141 -28.70 -17.12 10.68
CA GLY A 141 -30.14 -17.11 10.71
C GLY A 141 -30.70 -16.52 11.98
N VAL A 142 -31.99 -16.19 11.94
CA VAL A 142 -32.69 -15.66 13.10
C VAL A 142 -34.14 -16.14 13.02
N ILE A 143 -34.67 -16.59 14.14
CA ILE A 143 -36.03 -17.10 14.24
C ILE A 143 -36.64 -16.61 15.54
N ASN A 144 -37.89 -17.00 15.79
CA ASN A 144 -38.57 -16.68 17.04
C ASN A 144 -39.44 -17.86 17.42
N THR A 145 -39.18 -18.41 18.61
CA THR A 145 -39.94 -19.57 19.08
C THR A 145 -41.41 -19.23 19.29
N ASN A 146 -41.70 -18.02 19.78
CA ASN A 146 -43.08 -17.65 20.04
C ASN A 146 -43.91 -17.65 18.77
N GLY A 147 -43.34 -17.16 17.67
CA GLY A 147 -44.03 -17.13 16.40
C GLY A 147 -44.93 -15.94 16.18
N THR A 148 -45.02 -15.01 17.14
CA THR A 148 -45.84 -13.83 16.95
C THR A 148 -45.32 -12.98 15.80
N MET A 149 -44.00 -12.82 15.71
CA MET A 149 -43.39 -12.03 14.65
C MET A 149 -43.41 -12.79 13.33
N ASN A 150 -43.59 -12.05 12.24
CA ASN A 150 -43.62 -12.61 10.90
C ASN A 150 -42.23 -12.48 10.26
N GLN A 151 -42.16 -12.76 8.96
CA GLN A 151 -40.89 -12.72 8.23
C GLN A 151 -40.34 -11.32 8.06
N ASP A 152 -41.03 -10.29 8.55
CA ASP A 152 -40.57 -8.91 8.42
C ASP A 152 -40.21 -8.28 9.76
N ASP A 153 -41.02 -8.50 10.80
CA ASP A 153 -40.66 -8.02 12.12
C ASP A 153 -39.29 -8.51 12.53
N ILE A 154 -38.98 -9.78 12.21
CA ILE A 154 -37.65 -10.31 12.48
C ILE A 154 -36.61 -9.64 11.59
N SER A 155 -36.98 -9.35 10.33
CA SER A 155 -36.04 -8.71 9.42
C SER A 155 -35.64 -7.33 9.92
N ASP A 156 -36.59 -6.56 10.44
CA ASP A 156 -36.28 -5.23 10.91
C ASP A 156 -35.25 -5.27 12.03
N TYR A 157 -35.42 -6.17 13.00
CA TYR A 157 -34.49 -6.23 14.12
C TYR A 157 -33.10 -6.62 13.64
N VAL A 158 -33.01 -7.54 12.68
CA VAL A 158 -31.70 -7.91 12.14
C VAL A 158 -31.03 -6.70 11.49
N ALA A 159 -31.79 -5.92 10.73
CA ALA A 159 -31.22 -4.74 10.08
C ALA A 159 -30.99 -3.62 11.08
N ALA A 160 -31.93 -3.42 12.01
CA ALA A 160 -31.86 -2.25 12.88
C ALA A 160 -30.75 -2.39 13.93
N ASN A 161 -30.63 -3.56 14.55
CA ASN A 161 -29.76 -3.73 15.71
C ASN A 161 -28.63 -4.71 15.49
N MET A 162 -28.57 -5.40 14.35
CA MET A 162 -27.57 -6.44 14.15
C MET A 162 -26.75 -6.26 12.89
N LYS A 163 -27.36 -5.79 11.80
CA LYS A 163 -26.64 -5.75 10.53
C LYS A 163 -25.49 -4.77 10.58
N ASP A 164 -25.70 -3.60 11.18
CA ASP A 164 -24.68 -2.55 11.11
C ASP A 164 -23.36 -2.96 11.74
N PRO A 165 -23.32 -3.44 13.00
CA PRO A 165 -22.01 -3.81 13.58
C PRO A 165 -21.30 -4.89 12.79
N ILE A 166 -22.04 -5.87 12.25
CA ILE A 166 -21.39 -6.97 11.53
C ILE A 166 -20.69 -6.45 10.28
N SER A 167 -21.35 -5.55 9.54
CA SER A 167 -20.77 -5.05 8.30
C SER A 167 -19.50 -4.25 8.53
N ARG A 168 -19.24 -3.82 9.77
CA ARG A 168 -18.05 -3.05 10.09
C ARG A 168 -16.93 -3.89 10.69
N THR A 169 -17.24 -5.07 11.21
CA THR A 169 -16.21 -5.91 11.82
C THR A 169 -15.09 -6.19 10.82
N SER A 170 -13.85 -6.04 11.28
CA SER A 170 -12.70 -6.24 10.40
C SER A 170 -12.73 -7.64 9.80
N GLY A 171 -12.49 -7.72 8.50
CA GLY A 171 -12.50 -8.99 7.80
C GLY A 171 -13.82 -9.36 7.17
N VAL A 172 -14.80 -8.46 7.16
CA VAL A 172 -16.10 -8.69 6.54
C VAL A 172 -16.24 -7.71 5.38
N GLY A 173 -16.44 -8.24 4.18
CA GLY A 173 -16.54 -7.41 3.00
C GLY A 173 -17.95 -6.92 2.73
N ASP A 174 -18.90 -7.85 2.63
CA ASP A 174 -20.30 -7.53 2.38
C ASP A 174 -21.17 -8.33 3.33
N VAL A 175 -22.26 -7.74 3.78
CA VAL A 175 -23.23 -8.38 4.66
C VAL A 175 -24.60 -8.19 4.02
N GLN A 176 -25.03 -9.16 3.22
CA GLN A 176 -26.35 -9.13 2.64
C GLN A 176 -27.40 -9.50 3.69
N LEU A 177 -28.61 -8.99 3.51
CA LEU A 177 -29.71 -9.25 4.42
C LEU A 177 -30.83 -9.96 3.68
N PHE A 178 -31.30 -11.08 4.25
CA PHE A 178 -32.36 -11.87 3.63
C PHE A 178 -33.71 -11.43 4.19
N GLY A 179 -34.12 -10.23 3.77
CA GLY A 179 -35.35 -9.63 4.23
C GLY A 179 -35.44 -8.18 3.82
N SER A 180 -35.92 -7.32 4.72
CA SER A 180 -36.04 -5.91 4.42
C SER A 180 -36.30 -5.10 5.67
N GLN A 181 -35.53 -4.03 5.89
CA GLN A 181 -35.76 -3.15 7.02
C GLN A 181 -37.09 -2.42 6.84
N TYR A 182 -37.69 -2.04 7.96
CA TYR A 182 -38.96 -1.31 7.91
C TYR A 182 -38.82 -0.06 7.04
N ALA A 183 -39.95 0.34 6.47
CA ALA A 183 -40.03 1.58 5.69
C ALA A 183 -41.50 1.94 5.50
N MET A 184 -41.89 3.15 5.90
CA MET A 184 -43.29 3.53 5.85
C MET A 184 -43.84 3.42 4.43
N ARG A 185 -44.74 2.46 4.21
CA ARG A 185 -45.32 2.25 2.90
C ARG A 185 -46.64 3.02 2.81
N ILE A 186 -46.80 3.78 1.73
CA ILE A 186 -48.04 4.52 1.49
C ILE A 186 -48.79 3.83 0.35
N TRP A 187 -49.67 2.89 0.70
CA TRP A 187 -50.43 2.14 -0.30
C TRP A 187 -51.50 3.08 -0.86
N MET A 188 -51.30 3.51 -2.10
CA MET A 188 -52.20 4.46 -2.72
C MET A 188 -53.46 3.76 -3.23
N ASP A 189 -54.52 4.55 -3.41
CA ASP A 189 -55.83 4.04 -3.83
C ASP A 189 -56.30 4.81 -5.06
N PRO A 190 -56.05 4.32 -6.27
CA PRO A 190 -56.43 5.09 -7.47
C PRO A 190 -57.93 5.36 -7.54
N ASN A 191 -58.75 4.49 -6.96
CA ASN A 191 -60.19 4.75 -6.93
C ASN A 191 -60.50 6.01 -6.14
N LYS A 192 -59.80 6.21 -5.02
CA LYS A 192 -60.08 7.35 -4.15
C LYS A 192 -59.33 8.60 -4.61
N LEU A 193 -58.10 8.44 -5.09
CA LEU A 193 -57.34 9.61 -5.54
C LEU A 193 -58.10 10.37 -6.62
N ASN A 194 -58.63 9.65 -7.61
CA ASN A 194 -59.43 10.30 -8.63
C ASN A 194 -60.65 10.98 -8.03
N ASN A 195 -61.19 10.43 -6.94
CA ASN A 195 -62.38 11.01 -6.33
C ASN A 195 -62.11 12.41 -5.81
N PHE A 196 -60.93 12.64 -5.23
CA PHE A 196 -60.56 13.93 -4.68
C PHE A 196 -59.72 14.77 -5.63
N GLN A 197 -59.60 14.34 -6.88
CA GLN A 197 -58.85 15.09 -7.90
C GLN A 197 -57.40 15.29 -7.45
N LEU A 198 -56.68 14.18 -7.31
CA LEU A 198 -55.28 14.19 -6.93
C LEU A 198 -54.50 13.25 -7.83
N THR A 199 -53.19 13.17 -7.59
CA THR A 199 -52.31 12.32 -8.37
C THR A 199 -51.12 11.95 -7.50
N PRO A 200 -50.33 10.96 -7.90
CA PRO A 200 -49.13 10.63 -7.12
C PRO A 200 -48.16 11.79 -7.01
N VAL A 201 -48.14 12.70 -7.99
CA VAL A 201 -47.27 13.87 -7.90
C VAL A 201 -47.67 14.73 -6.71
N ASP A 202 -48.97 14.93 -6.51
CA ASP A 202 -49.43 15.72 -5.37
C ASP A 202 -49.05 15.05 -4.06
N VAL A 203 -49.17 13.73 -3.99
CA VAL A 203 -48.79 13.01 -2.77
C VAL A 203 -47.31 13.15 -2.51
N ILE A 204 -46.50 13.13 -3.56
CA ILE A 204 -45.05 13.28 -3.39
C ILE A 204 -44.72 14.66 -2.83
N SER A 205 -45.37 15.70 -3.36
CA SER A 205 -45.11 17.05 -2.88
C SER A 205 -45.52 17.19 -1.42
N ALA A 206 -46.65 16.60 -1.04
CA ALA A 206 -47.11 16.70 0.35
C ALA A 206 -46.11 16.06 1.29
N LEU A 207 -45.59 14.89 0.93
CA LEU A 207 -44.61 14.22 1.80
C LEU A 207 -43.35 15.07 1.95
N LYS A 208 -42.86 15.65 0.85
CA LYS A 208 -41.64 16.44 0.91
C LYS A 208 -41.86 17.75 1.66
N ALA A 209 -43.06 18.31 1.58
CA ALA A 209 -43.33 19.59 2.25
C ALA A 209 -43.59 19.41 3.73
N GLN A 210 -44.25 18.32 4.12
CA GLN A 210 -44.68 18.12 5.51
C GLN A 210 -43.79 17.14 6.28
N ASN A 211 -43.36 16.05 5.65
CA ASN A 211 -42.41 15.13 6.28
C ASN A 211 -41.00 15.61 5.95
N ALA A 212 -40.74 16.87 6.31
CA ALA A 212 -39.44 17.49 6.12
C ALA A 212 -39.05 18.16 7.42
N GLN A 213 -37.75 18.15 7.71
CA GLN A 213 -37.22 18.66 8.96
C GLN A 213 -36.23 19.76 8.63
N VAL A 214 -36.51 20.97 9.10
CA VAL A 214 -35.90 22.19 8.60
C VAL A 214 -35.00 22.78 9.68
N ALA A 215 -33.77 23.12 9.30
CA ALA A 215 -32.90 23.90 10.17
C ALA A 215 -33.44 25.31 10.33
N ALA A 216 -33.49 25.79 11.58
CA ALA A 216 -34.18 27.04 11.88
C ALA A 216 -33.31 28.01 12.67
N GLY A 217 -31.98 27.93 12.51
CA GLY A 217 -31.13 28.93 13.12
C GLY A 217 -31.20 28.92 14.64
N GLN A 218 -31.06 30.10 15.23
CA GLN A 218 -31.03 30.26 16.67
C GLN A 218 -31.66 31.59 17.06
N LEU A 219 -32.01 31.70 18.34
CA LEU A 219 -32.48 32.97 18.89
C LEU A 219 -31.26 33.84 19.17
N GLY A 220 -31.08 34.89 18.37
CA GLY A 220 -29.98 35.79 18.56
C GLY A 220 -28.61 35.14 18.42
N GLY A 221 -28.44 34.36 17.36
CA GLY A 221 -27.14 33.76 17.08
C GLY A 221 -26.14 34.80 16.63
N THR A 222 -24.88 34.39 16.61
CA THR A 222 -23.82 35.31 16.24
C THR A 222 -23.99 35.74 14.78
N PRO A 223 -23.72 37.01 14.45
CA PRO A 223 -23.25 38.08 15.34
C PRO A 223 -24.39 38.76 16.10
N PRO A 224 -24.27 38.88 17.42
CA PRO A 224 -25.36 39.49 18.20
C PRO A 224 -25.25 40.99 18.29
N VAL A 225 -26.16 41.61 19.06
CA VAL A 225 -26.18 43.04 19.30
C VAL A 225 -25.91 43.27 20.77
N LYS A 226 -25.12 44.30 21.07
CA LYS A 226 -24.71 44.54 22.45
C LYS A 226 -25.92 44.64 23.36
N GLY A 227 -25.87 43.90 24.48
CA GLY A 227 -26.97 43.84 25.40
C GLY A 227 -27.78 42.56 25.37
N GLN A 228 -27.40 41.60 24.54
CA GLN A 228 -28.10 40.33 24.51
C GLN A 228 -27.90 39.56 25.81
N GLN A 229 -28.92 38.78 26.19
CA GLN A 229 -28.87 38.04 27.44
C GLN A 229 -29.37 36.61 27.34
N LEU A 230 -29.80 36.15 26.17
CA LEU A 230 -30.32 34.80 26.02
C LEU A 230 -29.99 34.27 24.62
N ASN A 231 -29.69 32.98 24.55
CA ASN A 231 -29.39 32.30 23.29
C ASN A 231 -29.95 30.89 23.38
N ALA A 232 -30.92 30.58 22.52
CA ALA A 232 -31.54 29.27 22.51
C ALA A 232 -31.89 28.89 21.08
N SER A 233 -31.59 27.65 20.71
CA SER A 233 -31.85 27.19 19.35
C SER A 233 -33.35 27.15 19.07
N ILE A 234 -33.71 27.50 17.84
CA ILE A 234 -35.09 27.42 17.38
C ILE A 234 -35.31 26.04 16.77
N ILE A 235 -36.53 25.53 16.90
CA ILE A 235 -36.89 24.23 16.35
C ILE A 235 -38.22 24.37 15.62
N ALA A 236 -38.28 23.86 14.40
CA ALA A 236 -39.49 23.79 13.60
C ALA A 236 -39.87 22.32 13.39
N GLN A 237 -40.87 22.09 12.54
CA GLN A 237 -41.33 20.73 12.30
C GLN A 237 -40.16 19.81 12.01
N THR A 238 -40.32 18.53 12.36
CA THR A 238 -39.27 17.54 12.22
C THR A 238 -39.86 16.29 11.54
N ARG A 239 -38.98 15.32 11.30
CA ARG A 239 -39.41 14.08 10.66
C ARG A 239 -40.52 13.43 11.45
N LEU A 240 -41.60 13.05 10.77
CA LEU A 240 -42.70 12.34 11.41
C LEU A 240 -42.33 10.88 11.60
N THR A 241 -42.80 10.30 12.71
CA THR A 241 -42.44 8.94 13.07
C THR A 241 -43.64 7.99 13.04
N ASN A 242 -44.71 8.31 13.78
CA ASN A 242 -45.84 7.41 13.87
C ASN A 242 -46.59 7.31 12.54
N THR A 243 -47.18 6.15 12.30
CA THR A 243 -48.09 6.03 11.16
C THR A 243 -49.30 6.93 11.32
N GLU A 244 -49.70 7.19 12.57
CA GLU A 244 -50.79 8.12 12.82
C GLU A 244 -50.42 9.52 12.33
N GLU A 245 -49.19 9.96 12.59
CA GLU A 245 -48.77 11.28 12.13
C GLU A 245 -48.81 11.36 10.61
N PHE A 246 -48.31 10.33 9.93
CA PHE A 246 -48.34 10.34 8.47
C PHE A 246 -49.77 10.37 7.95
N GLY A 247 -50.66 9.62 8.59
CA GLY A 247 -52.07 9.64 8.20
C GLY A 247 -52.74 10.98 8.43
N ASN A 248 -52.11 11.88 9.17
CA ASN A 248 -52.65 13.22 9.41
C ASN A 248 -52.14 14.25 8.42
N ILE A 249 -51.30 13.85 7.46
CA ILE A 249 -50.80 14.79 6.47
C ILE A 249 -51.96 15.41 5.73
N LEU A 250 -51.83 16.68 5.37
CA LEU A 250 -52.89 17.43 4.69
C LEU A 250 -52.51 17.56 3.22
N LEU A 251 -53.31 16.92 2.35
CA LEU A 251 -53.07 17.00 0.92
C LEU A 251 -53.66 18.27 0.33
N LYS A 252 -54.97 18.46 0.47
CA LYS A 252 -55.62 19.69 0.04
C LYS A 252 -56.96 19.80 0.75
N VAL A 253 -57.37 21.04 0.99
CA VAL A 253 -58.63 21.33 1.68
C VAL A 253 -59.71 21.53 0.64
N ASN A 254 -60.82 20.80 0.79
CA ASN A 254 -61.92 20.89 -0.15
C ASN A 254 -62.56 22.27 -0.08
N GLN A 255 -63.21 22.66 -1.19
CA GLN A 255 -63.86 23.97 -1.24
C GLN A 255 -64.86 24.15 -0.11
N ASP A 256 -65.52 23.09 0.32
CA ASP A 256 -66.47 23.17 1.42
C ASP A 256 -65.79 23.33 2.77
N GLY A 257 -64.47 23.17 2.83
CA GLY A 257 -63.74 23.24 4.08
C GLY A 257 -63.33 21.90 4.64
N SER A 258 -63.90 20.80 4.14
CA SER A 258 -63.51 19.48 4.61
C SER A 258 -62.07 19.17 4.20
N GLN A 259 -61.34 18.51 5.09
CA GLN A 259 -59.93 18.22 4.88
C GLN A 259 -59.76 16.89 4.18
N VAL A 260 -58.77 16.82 3.29
CA VAL A 260 -58.42 15.58 2.61
C VAL A 260 -57.07 15.11 3.12
N ARG A 261 -57.08 14.27 4.15
CA ARG A 261 -55.85 13.75 4.72
C ARG A 261 -55.29 12.62 3.86
N LEU A 262 -54.03 12.28 4.11
CA LEU A 262 -53.40 11.20 3.36
C LEU A 262 -54.10 9.87 3.62
N ARG A 263 -54.52 9.64 4.87
CA ARG A 263 -55.19 8.38 5.20
C ARG A 263 -56.49 8.20 4.44
N ASP A 264 -57.05 9.28 3.87
CA ASP A 264 -58.29 9.18 3.11
C ASP A 264 -58.07 8.71 1.68
N VAL A 265 -56.83 8.61 1.22
CA VAL A 265 -56.55 8.20 -0.16
C VAL A 265 -55.48 7.12 -0.18
N ALA A 266 -55.04 6.65 0.99
CA ALA A 266 -53.98 5.66 1.04
C ALA A 266 -53.99 4.95 2.38
N LYS A 267 -53.75 3.64 2.35
CA LYS A 267 -53.62 2.85 3.57
C LYS A 267 -52.15 2.82 3.96
N ILE A 268 -51.84 3.36 5.15
CA ILE A 268 -50.47 3.49 5.63
C ILE A 268 -50.17 2.34 6.57
N GLU A 269 -48.97 1.78 6.46
CA GLU A 269 -48.54 0.72 7.35
C GLU A 269 -47.03 0.54 7.19
N LEU A 270 -46.40 0.06 8.25
CA LEU A 270 -44.97 -0.21 8.23
C LEU A 270 -44.71 -1.52 7.49
N GLY A 271 -44.00 -1.43 6.37
CA GLY A 271 -43.67 -2.60 5.58
C GLY A 271 -42.21 -2.59 5.17
N GLY A 272 -41.78 -3.71 4.62
CA GLY A 272 -40.40 -3.84 4.19
C GLY A 272 -40.08 -2.95 3.01
N GLU A 273 -38.79 -2.62 2.88
CA GLU A 273 -38.33 -1.85 1.74
C GLU A 273 -38.57 -2.60 0.44
N SER A 274 -38.20 -3.88 0.41
CA SER A 274 -38.38 -4.72 -0.76
C SER A 274 -38.96 -6.06 -0.33
N TYR A 275 -40.00 -6.50 -1.03
CA TYR A 275 -40.65 -7.77 -0.76
C TYR A 275 -40.12 -8.89 -1.64
N ASP A 276 -39.05 -8.64 -2.41
CA ASP A 276 -38.53 -9.66 -3.31
C ASP A 276 -38.07 -10.90 -2.54
N VAL A 277 -37.37 -10.71 -1.43
CA VAL A 277 -36.75 -11.79 -0.68
C VAL A 277 -37.64 -12.15 0.49
N VAL A 278 -37.90 -13.45 0.66
CA VAL A 278 -38.69 -13.95 1.78
C VAL A 278 -38.03 -15.24 2.29
N ALA A 279 -37.30 -15.14 3.39
CA ALA A 279 -36.60 -16.29 3.93
C ALA A 279 -37.57 -17.21 4.68
N LYS A 280 -37.08 -18.40 5.01
CA LYS A 280 -37.87 -19.38 5.75
C LYS A 280 -36.93 -20.43 6.31
N PHE A 281 -37.03 -20.67 7.62
CA PHE A 281 -36.19 -21.63 8.32
C PHE A 281 -37.07 -22.79 8.77
N ASN A 282 -36.81 -23.98 8.24
CA ASN A 282 -37.58 -25.18 8.57
C ASN A 282 -39.08 -24.90 8.49
N GLY A 283 -39.48 -24.24 7.39
CA GLY A 283 -40.88 -23.89 7.22
C GLY A 283 -41.41 -22.97 8.31
N GLN A 284 -40.57 -22.03 8.76
CA GLN A 284 -40.92 -21.11 9.83
C GLN A 284 -40.43 -19.72 9.45
N PRO A 285 -41.13 -18.67 9.88
CA PRO A 285 -40.66 -17.31 9.59
C PRO A 285 -39.25 -17.11 10.13
N ALA A 286 -38.44 -16.38 9.38
CA ALA A 286 -37.05 -16.19 9.76
C ALA A 286 -36.42 -15.13 8.88
N SER A 287 -35.19 -14.76 9.23
CA SER A 287 -34.37 -13.86 8.42
C SER A 287 -32.92 -14.10 8.83
N GLY A 288 -32.00 -13.56 8.03
CA GLY A 288 -30.59 -13.80 8.31
C GLY A 288 -29.71 -12.90 7.50
N LEU A 289 -28.43 -12.90 7.87
CA LEU A 289 -27.41 -12.10 7.21
C LEU A 289 -26.46 -13.03 6.47
N GLY A 290 -26.34 -12.82 5.16
CA GLY A 290 -25.39 -13.58 4.37
C GLY A 290 -24.04 -12.89 4.32
N ILE A 291 -23.12 -13.33 5.16
CA ILE A 291 -21.84 -12.66 5.33
C ILE A 291 -20.87 -13.15 4.26
N LYS A 292 -20.26 -12.21 3.55
CA LYS A 292 -19.21 -12.49 2.59
C LYS A 292 -17.86 -12.15 3.20
N LEU A 293 -16.81 -12.69 2.59
CA LEU A 293 -15.44 -12.53 3.10
C LEU A 293 -14.69 -11.54 2.22
N ALA A 294 -14.13 -10.51 2.85
CA ALA A 294 -13.31 -9.56 2.11
C ALA A 294 -12.03 -10.23 1.62
N THR A 295 -11.65 -9.94 0.39
CA THR A 295 -10.48 -10.57 -0.20
C THR A 295 -9.23 -10.26 0.62
N GLY A 296 -8.42 -11.29 0.86
CA GLY A 296 -7.20 -11.14 1.61
C GLY A 296 -7.34 -11.30 3.12
N ALA A 297 -8.56 -11.54 3.62
CA ALA A 297 -8.79 -11.70 5.04
C ALA A 297 -8.98 -13.18 5.37
N ASN A 298 -8.47 -13.59 6.53
CA ASN A 298 -8.56 -14.99 6.93
C ASN A 298 -10.01 -15.38 7.18
N ALA A 299 -10.40 -16.55 6.66
CA ALA A 299 -11.77 -17.01 6.82
C ALA A 299 -12.08 -17.35 8.27
N LEU A 300 -11.20 -18.12 8.91
CA LEU A 300 -11.47 -18.56 10.27
C LEU A 300 -11.29 -17.43 11.27
N ASP A 301 -10.39 -16.50 11.00
CA ASP A 301 -10.22 -15.36 11.90
C ASP A 301 -11.44 -14.46 11.88
N THR A 302 -11.99 -14.20 10.69
CA THR A 302 -13.20 -13.39 10.60
C THR A 302 -14.38 -14.07 11.27
N ALA A 303 -14.55 -15.37 11.03
CA ALA A 303 -15.69 -16.08 11.61
C ALA A 303 -15.60 -16.13 13.12
N ASN A 304 -14.38 -16.17 13.67
CA ASN A 304 -14.22 -16.15 15.11
C ASN A 304 -14.68 -14.82 15.69
N ALA A 305 -14.37 -13.72 15.00
CA ALA A 305 -14.79 -12.40 15.47
C ALA A 305 -16.30 -12.23 15.38
N ILE A 306 -16.90 -12.70 14.29
CA ILE A 306 -18.34 -12.50 14.09
C ILE A 306 -19.12 -13.19 15.20
N ARG A 307 -18.76 -14.44 15.51
CA ARG A 307 -19.42 -15.13 16.60
C ARG A 307 -19.19 -14.46 17.94
N ALA A 308 -18.11 -13.68 18.07
CA ALA A 308 -17.90 -12.89 19.28
C ALA A 308 -18.80 -11.66 19.30
N GLU A 309 -19.02 -11.04 18.14
CA GLU A 309 -19.89 -9.87 18.08
C GLU A 309 -21.32 -10.22 18.50
N LEU A 310 -21.85 -11.33 18.00
CA LEU A 310 -23.22 -11.71 18.32
C LEU A 310 -23.40 -11.96 19.80
N ALA A 311 -22.36 -12.46 20.48
CA ALA A 311 -22.46 -12.68 21.92
C ALA A 311 -22.80 -11.40 22.66
N LYS A 312 -22.42 -10.25 22.10
CA LYS A 312 -22.74 -8.96 22.70
C LYS A 312 -24.13 -8.48 22.33
N MET A 313 -24.85 -9.20 21.47
CA MET A 313 -26.21 -8.84 21.07
C MET A 313 -27.26 -9.82 21.57
N GLU A 314 -26.88 -11.06 21.85
CA GLU A 314 -27.86 -12.04 22.31
C GLU A 314 -28.60 -11.61 23.57
N PRO A 315 -27.96 -11.03 24.59
CA PRO A 315 -28.68 -10.72 25.82
C PRO A 315 -29.87 -9.79 25.64
N PHE A 316 -29.79 -8.86 24.68
CA PHE A 316 -30.82 -7.84 24.52
C PHE A 316 -31.94 -8.25 23.57
N PHE A 317 -31.93 -9.49 23.08
CA PHE A 317 -32.98 -9.91 22.17
C PHE A 317 -34.33 -9.87 22.86
N PRO A 318 -35.41 -9.50 22.17
CA PRO A 318 -36.75 -9.59 22.77
C PRO A 318 -37.12 -11.03 23.05
N SER A 319 -38.28 -11.24 23.69
CA SER A 319 -38.68 -12.58 24.07
C SER A 319 -38.83 -13.47 22.84
N GLY A 320 -38.26 -14.67 22.90
CA GLY A 320 -38.40 -15.68 21.88
C GLY A 320 -37.33 -15.70 20.80
N MET A 321 -36.86 -14.52 20.39
CA MET A 321 -35.87 -14.46 19.32
C MET A 321 -34.63 -15.25 19.68
N LYS A 322 -34.10 -15.98 18.70
CA LYS A 322 -32.93 -16.82 18.90
C LYS A 322 -32.12 -16.84 17.61
N ILE A 323 -30.81 -17.02 17.76
CA ILE A 323 -29.89 -17.06 16.64
C ILE A 323 -29.56 -18.51 16.32
N VAL A 324 -29.77 -18.91 15.06
CA VAL A 324 -29.43 -20.24 14.58
C VAL A 324 -28.55 -20.09 13.35
N TYR A 325 -27.53 -20.93 13.25
CA TYR A 325 -26.59 -20.87 12.13
C TYR A 325 -26.89 -21.98 11.14
N PRO A 326 -27.71 -21.72 10.11
CA PRO A 326 -28.06 -22.79 9.18
C PRO A 326 -26.98 -23.11 8.15
N TYR A 327 -25.91 -22.33 8.08
CA TYR A 327 -24.88 -22.55 7.06
C TYR A 327 -23.62 -21.78 7.40
N ASP A 328 -22.49 -22.48 7.43
CA ASP A 328 -21.19 -21.85 7.64
C ASP A 328 -20.11 -22.83 7.24
N THR A 329 -19.22 -22.40 6.34
CA THR A 329 -18.16 -23.27 5.85
C THR A 329 -16.89 -23.19 6.69
N THR A 330 -16.81 -22.25 7.63
CA THR A 330 -15.60 -22.14 8.45
C THR A 330 -15.32 -23.41 9.26
N PRO A 331 -16.31 -24.08 9.87
CA PRO A 331 -15.97 -25.27 10.69
C PRO A 331 -15.20 -26.31 9.90
N PHE A 332 -15.50 -26.50 8.61
CA PHE A 332 -14.73 -27.44 7.81
C PHE A 332 -13.28 -27.01 7.70
N VAL A 333 -13.01 -25.71 7.73
CA VAL A 333 -11.64 -25.22 7.76
C VAL A 333 -10.98 -25.42 9.12
N LYS A 334 -11.77 -25.79 10.14
CA LYS A 334 -11.26 -26.03 11.48
C LYS A 334 -11.25 -27.51 11.85
N ILE A 335 -12.36 -28.21 11.59
CA ILE A 335 -12.42 -29.62 11.93
C ILE A 335 -11.47 -30.43 11.06
N SER A 336 -11.35 -30.08 9.78
CA SER A 336 -10.45 -30.80 8.90
C SER A 336 -9.00 -30.66 9.36
N ILE A 337 -8.60 -29.46 9.78
CA ILE A 337 -7.24 -29.25 10.25
C ILE A 337 -6.99 -30.07 11.51
N HIS A 338 -7.99 -30.16 12.39
CA HIS A 338 -7.84 -30.98 13.58
C HIS A 338 -7.62 -32.45 13.21
N GLU A 339 -8.16 -32.89 12.07
CA GLU A 339 -7.95 -34.27 11.65
C GLU A 339 -6.54 -34.48 11.12
N VAL A 340 -5.83 -33.41 10.75
CA VAL A 340 -4.44 -33.54 10.35
C VAL A 340 -3.50 -33.46 11.56
N VAL A 341 -3.86 -32.66 12.56
CA VAL A 341 -3.13 -32.67 13.82
C VAL A 341 -3.32 -34.01 14.53
N LYS A 342 -4.54 -34.55 14.49
CA LYS A 342 -4.78 -35.87 15.05
C LYS A 342 -3.97 -36.93 14.31
N THR A 343 -3.92 -36.85 12.98
CA THR A 343 -3.13 -37.81 12.22
C THR A 343 -1.63 -37.59 12.43
N LEU A 344 -1.20 -36.34 12.54
CA LEU A 344 0.21 -36.06 12.78
C LEU A 344 0.66 -36.67 14.09
N VAL A 345 -0.13 -36.50 15.15
CA VAL A 345 0.19 -37.13 16.42
C VAL A 345 0.10 -38.65 16.30
N GLU A 346 -0.97 -39.14 15.67
CA GLU A 346 -1.15 -40.58 15.53
C GLU A 346 0.02 -41.23 14.81
N ALA A 347 0.73 -40.47 13.98
CA ALA A 347 1.90 -41.02 13.30
C ALA A 347 3.09 -41.13 14.25
N ILE A 348 3.24 -40.18 15.17
CA ILE A 348 4.38 -40.20 16.08
C ILE A 348 4.33 -41.42 16.98
N ILE A 349 3.15 -41.71 17.54
CA ILE A 349 3.03 -42.89 18.41
C ILE A 349 3.35 -44.16 17.63
N LEU A 350 2.83 -44.27 16.41
CA LEU A 350 3.11 -45.47 15.62
C LEU A 350 4.59 -45.59 15.30
N VAL A 351 5.23 -44.48 14.95
CA VAL A 351 6.66 -44.52 14.64
C VAL A 351 7.46 -44.94 15.87
N PHE A 352 7.12 -44.40 17.04
CA PHE A 352 7.81 -44.79 18.26
C PHE A 352 7.60 -46.26 18.57
N LEU A 353 6.37 -46.76 18.36
CA LEU A 353 6.09 -48.17 18.61
C LEU A 353 6.92 -49.06 17.68
N VAL A 354 6.99 -48.72 16.40
CA VAL A 354 7.73 -49.55 15.44
C VAL A 354 9.20 -49.56 15.78
N MET A 355 9.77 -48.38 16.09
CA MET A 355 11.18 -48.33 16.45
C MET A 355 11.46 -49.15 17.69
N TYR A 356 10.54 -49.13 18.66
CA TYR A 356 10.71 -49.94 19.86
C TYR A 356 10.76 -51.42 19.52
N LEU A 357 9.92 -51.86 18.58
CA LEU A 357 9.89 -53.27 18.21
C LEU A 357 11.23 -53.70 17.62
N PHE A 358 11.82 -52.87 16.76
CA PHE A 358 13.06 -53.24 16.08
C PHE A 358 14.30 -53.03 16.95
N LEU A 359 14.19 -52.28 18.05
CA LEU A 359 15.30 -52.06 18.95
C LEU A 359 15.16 -52.77 20.28
N GLN A 360 13.93 -52.97 20.77
CA GLN A 360 13.68 -53.70 22.00
C GLN A 360 14.44 -53.09 23.17
N ASN A 361 14.57 -51.76 23.16
CA ASN A 361 15.24 -51.04 24.25
C ASN A 361 14.59 -49.66 24.34
N PHE A 362 13.92 -49.39 25.47
CA PHE A 362 13.21 -48.12 25.61
C PHE A 362 14.18 -46.94 25.51
N ARG A 363 15.29 -47.01 26.23
CA ARG A 363 16.27 -45.92 26.17
C ARG A 363 16.86 -45.80 24.77
N ALA A 364 17.15 -46.93 24.12
CA ALA A 364 17.75 -46.88 22.79
C ALA A 364 16.80 -46.23 21.79
N THR A 365 15.50 -46.52 21.89
CA THR A 365 14.51 -46.03 20.95
C THR A 365 13.88 -44.72 21.38
N LEU A 366 14.29 -44.15 22.52
CA LEU A 366 13.72 -42.89 22.97
C LEU A 366 14.29 -41.71 22.20
N ILE A 367 15.54 -41.80 21.73
CA ILE A 367 16.16 -40.68 21.04
C ILE A 367 15.42 -40.34 19.75
N PRO A 368 15.10 -41.29 18.87
CA PRO A 368 14.38 -40.92 17.64
C PRO A 368 13.07 -40.18 17.89
N THR A 369 12.32 -40.58 18.91
CA THR A 369 11.00 -40.01 19.15
C THR A 369 11.05 -38.67 19.86
N ILE A 370 12.22 -38.24 20.33
CA ILE A 370 12.37 -36.90 20.93
C ILE A 370 13.03 -35.92 19.97
N ALA A 371 13.63 -36.40 18.88
CA ALA A 371 14.20 -35.52 17.87
C ALA A 371 13.21 -35.18 16.76
N VAL A 372 12.12 -35.93 16.63
CA VAL A 372 11.10 -35.64 15.62
C VAL A 372 10.20 -34.51 16.10
N PRO A 373 9.69 -34.55 17.34
CA PRO A 373 8.84 -33.45 17.80
C PRO A 373 9.53 -32.10 17.76
N VAL A 374 10.86 -32.07 17.93
CA VAL A 374 11.59 -30.81 17.86
C VAL A 374 11.51 -30.23 16.46
N VAL A 375 11.70 -31.07 15.45
CA VAL A 375 11.73 -30.58 14.07
C VAL A 375 10.35 -30.12 13.62
N LEU A 376 9.32 -30.92 13.92
CA LEU A 376 7.97 -30.55 13.53
C LEU A 376 7.54 -29.25 14.19
N LEU A 377 7.73 -29.15 15.51
CA LEU A 377 7.39 -27.91 16.20
C LEU A 377 8.26 -26.76 15.72
N GLY A 378 9.56 -27.00 15.56
CA GLY A 378 10.45 -25.95 15.13
C GLY A 378 10.11 -25.42 13.75
N THR A 379 9.69 -26.30 12.85
CA THR A 379 9.43 -25.87 11.47
C THR A 379 8.31 -24.85 11.39
N PHE A 380 7.45 -24.78 12.41
CA PHE A 380 6.45 -23.72 12.45
C PHE A 380 7.09 -22.35 12.63
N ALA A 381 8.17 -22.29 13.41
CA ALA A 381 8.86 -21.01 13.61
C ALA A 381 9.34 -20.44 12.29
N VAL A 382 10.07 -21.24 11.51
CA VAL A 382 10.52 -20.78 10.20
C VAL A 382 9.32 -20.54 9.28
N LEU A 383 8.29 -21.38 9.40
CA LEU A 383 7.09 -21.18 8.59
C LEU A 383 6.46 -19.82 8.89
N ALA A 384 6.35 -19.46 10.17
CA ALA A 384 5.79 -18.17 10.54
C ALA A 384 6.73 -17.02 10.18
N ALA A 385 8.04 -17.30 10.11
CA ALA A 385 8.99 -16.25 9.74
C ALA A 385 8.73 -15.75 8.32
N PHE A 386 8.42 -16.66 7.41
CA PHE A 386 8.13 -16.30 6.02
C PHE A 386 6.72 -15.74 5.86
N GLY A 387 6.00 -15.50 6.95
CA GLY A 387 4.65 -14.98 6.85
C GLY A 387 3.64 -15.99 6.39
N PHE A 388 3.98 -17.27 6.41
CA PHE A 388 3.10 -18.31 5.90
C PHE A 388 1.92 -18.48 6.84
N SER A 389 1.02 -19.40 6.50
CA SER A 389 -0.14 -19.70 7.34
C SER A 389 -0.33 -21.20 7.42
N ILE A 390 -0.72 -21.68 8.61
CA ILE A 390 -1.01 -23.09 8.80
C ILE A 390 -2.17 -23.46 7.89
N ASN A 391 -1.91 -24.27 6.87
CA ASN A 391 -2.90 -24.62 5.87
C ASN A 391 -2.89 -26.12 5.63
N THR A 392 -3.82 -26.57 4.79
CA THR A 392 -3.94 -28.00 4.53
C THR A 392 -2.68 -28.57 3.90
N LEU A 393 -2.09 -27.85 2.93
CA LEU A 393 -0.93 -28.37 2.23
C LEU A 393 0.28 -28.46 3.16
N THR A 394 0.60 -27.37 3.88
CA THR A 394 1.75 -27.38 4.75
C THR A 394 1.61 -28.42 5.86
N MET A 395 0.40 -28.54 6.42
CA MET A 395 0.18 -29.56 7.44
C MET A 395 0.42 -30.95 6.87
N PHE A 396 -0.06 -31.21 5.65
CA PHE A 396 0.30 -32.44 4.97
C PHE A 396 1.81 -32.56 4.79
N GLY A 397 2.50 -31.43 4.60
CA GLY A 397 3.95 -31.46 4.55
C GLY A 397 4.56 -31.94 5.84
N MET A 398 3.91 -31.67 6.97
CA MET A 398 4.43 -32.14 8.25
C MET A 398 4.22 -33.64 8.40
N VAL A 399 3.10 -34.16 7.88
CA VAL A 399 2.87 -35.60 7.91
C VAL A 399 3.88 -36.33 7.04
N LEU A 400 4.09 -35.83 5.83
CA LEU A 400 4.98 -36.51 4.88
C LEU A 400 6.44 -36.29 5.23
N ALA A 401 6.80 -35.10 5.71
CA ALA A 401 8.20 -34.79 5.95
C ALA A 401 8.84 -35.74 6.96
N ILE A 402 8.04 -36.41 7.80
CA ILE A 402 8.61 -37.28 8.82
C ILE A 402 9.47 -38.36 8.17
N GLY A 403 8.97 -38.96 7.09
CA GLY A 403 9.72 -40.04 6.44
C GLY A 403 11.09 -39.59 5.97
N LEU A 404 11.17 -38.36 5.42
CA LEU A 404 12.44 -37.89 4.88
C LEU A 404 13.43 -37.50 5.98
N LEU A 405 12.92 -37.09 7.15
CA LEU A 405 13.78 -36.62 8.23
C LEU A 405 13.89 -37.59 9.39
N VAL A 406 13.08 -38.65 9.42
CA VAL A 406 13.11 -39.57 10.56
C VAL A 406 14.48 -40.25 10.65
N ASP A 407 15.02 -40.68 9.51
CA ASP A 407 16.25 -41.47 9.52
C ASP A 407 17.46 -40.67 9.98
N ASP A 408 17.33 -39.35 10.11
CA ASP A 408 18.46 -38.54 10.55
C ASP A 408 19.05 -39.04 11.86
N ALA A 409 18.20 -39.48 12.78
CA ALA A 409 18.64 -39.92 14.10
C ALA A 409 18.96 -41.41 14.19
N ILE A 410 18.30 -42.24 13.39
CA ILE A 410 18.51 -43.68 13.49
C ILE A 410 19.91 -44.05 13.02
N VAL A 411 20.40 -43.38 11.98
CA VAL A 411 21.73 -43.69 11.48
C VAL A 411 22.79 -43.35 12.53
N VAL A 412 22.62 -42.23 13.22
CA VAL A 412 23.62 -41.79 14.20
C VAL A 412 23.68 -42.76 15.38
N VAL A 413 22.51 -43.12 15.92
CA VAL A 413 22.49 -44.00 17.08
C VAL A 413 23.05 -45.37 16.73
N GLU A 414 22.68 -45.90 15.56
CA GLU A 414 23.16 -47.22 15.16
C GLU A 414 24.67 -47.23 14.97
N ASN A 415 25.22 -46.16 14.39
CA ASN A 415 26.66 -46.12 14.13
C ASN A 415 27.46 -46.24 15.42
N VAL A 416 27.07 -45.49 16.46
CA VAL A 416 27.86 -45.46 17.68
C VAL A 416 27.98 -46.86 18.27
N GLU A 417 26.87 -47.61 18.28
CA GLU A 417 26.92 -48.98 18.78
C GLU A 417 27.88 -49.84 17.97
N ARG A 418 28.01 -49.58 16.67
CA ARG A 418 28.97 -50.33 15.87
C ARG A 418 30.40 -50.11 16.36
N VAL A 419 30.75 -48.86 16.67
CA VAL A 419 32.08 -48.57 17.20
C VAL A 419 32.25 -49.24 18.55
N MET A 420 31.20 -49.23 19.38
CA MET A 420 31.25 -49.94 20.65
C MET A 420 31.47 -51.43 20.44
N ALA A 421 30.76 -52.01 19.47
CA ALA A 421 30.90 -53.44 19.22
C ALA A 421 32.32 -53.79 18.79
N GLU A 422 32.89 -53.00 17.88
CA GLU A 422 34.27 -53.22 17.47
C GLU A 422 35.22 -53.02 18.64
N GLU A 423 35.00 -51.98 19.44
CA GLU A 423 35.81 -51.73 20.63
C GLU A 423 34.93 -51.02 21.66
N GLY A 424 34.89 -51.57 22.88
CA GLY A 424 34.03 -51.04 23.91
C GLY A 424 34.55 -49.75 24.51
N LEU A 425 34.56 -48.69 23.70
CA LEU A 425 35.03 -47.40 24.16
C LEU A 425 34.01 -46.78 25.11
N PRO A 426 34.43 -45.81 25.93
CA PRO A 426 33.50 -45.16 26.85
C PRO A 426 32.40 -44.43 26.10
N PRO A 427 31.33 -44.02 26.78
CA PRO A 427 30.23 -43.35 26.06
C PRO A 427 30.64 -42.04 25.43
N LYS A 428 31.23 -41.12 26.19
CA LYS A 428 31.59 -39.82 25.64
C LYS A 428 32.62 -39.96 24.53
N GLU A 429 33.64 -40.81 24.73
CA GLU A 429 34.70 -40.92 23.75
C GLU A 429 34.25 -41.67 22.51
N ALA A 430 33.37 -42.65 22.66
CA ALA A 430 32.91 -43.43 21.50
C ALA A 430 32.17 -42.54 20.51
N THR A 431 31.35 -41.61 21.00
CA THR A 431 30.56 -40.77 20.11
C THR A 431 31.45 -39.85 19.27
N ARG A 432 32.60 -39.45 19.81
CA ARG A 432 33.47 -38.54 19.08
C ARG A 432 33.88 -39.14 17.74
N LYS A 433 34.34 -40.40 17.75
CA LYS A 433 34.75 -41.05 16.51
C LYS A 433 33.55 -41.27 15.59
N SER A 434 32.48 -41.87 16.11
CA SER A 434 31.34 -42.19 15.27
C SER A 434 30.69 -40.93 14.69
N MET A 435 30.54 -39.89 15.52
CA MET A 435 29.91 -38.66 15.06
C MET A 435 30.82 -37.87 14.13
N GLY A 436 32.12 -38.14 14.14
CA GLY A 436 33.04 -37.42 13.27
C GLY A 436 33.18 -38.07 11.91
N GLN A 437 32.80 -39.34 11.80
CA GLN A 437 32.91 -40.09 10.55
C GLN A 437 31.66 -40.00 9.69
N ILE A 438 30.62 -39.31 10.15
CA ILE A 438 29.34 -39.28 9.44
C ILE A 438 28.86 -37.84 9.27
N GLN A 439 29.64 -36.87 9.74
CA GLN A 439 29.24 -35.48 9.61
C GLN A 439 29.12 -35.07 8.15
N GLY A 440 30.10 -35.43 7.33
CA GLY A 440 30.07 -35.04 5.93
C GLY A 440 28.92 -35.67 5.18
N ALA A 441 28.69 -36.96 5.38
CA ALA A 441 27.62 -37.65 4.66
C ALA A 441 26.26 -37.08 5.03
N LEU A 442 26.04 -36.80 6.31
CA LEU A 442 24.74 -36.30 6.75
C LEU A 442 24.39 -34.98 6.08
N VAL A 443 25.29 -34.01 6.16
CA VAL A 443 25.02 -32.69 5.57
C VAL A 443 24.93 -32.81 4.05
N GLY A 444 25.86 -33.54 3.43
CA GLY A 444 25.84 -33.66 1.98
C GLY A 444 24.59 -34.37 1.47
N ILE A 445 24.22 -35.48 2.11
CA ILE A 445 23.05 -36.24 1.67
C ILE A 445 21.78 -35.42 1.86
N ALA A 446 21.72 -34.61 2.92
CA ALA A 446 20.53 -33.80 3.17
C ALA A 446 20.27 -32.85 2.01
N MET A 447 21.33 -32.23 1.48
CA MET A 447 21.16 -31.36 0.33
C MET A 447 20.66 -32.12 -0.88
N VAL A 448 21.13 -33.35 -1.07
CA VAL A 448 20.69 -34.15 -2.21
C VAL A 448 19.18 -34.35 -2.17
N LEU A 449 18.66 -34.79 -1.03
CA LEU A 449 17.22 -34.99 -0.91
C LEU A 449 16.46 -33.68 -1.07
N SER A 450 16.96 -32.59 -0.47
CA SER A 450 16.33 -31.30 -0.65
C SER A 450 16.36 -30.84 -2.10
N ALA A 451 17.32 -31.33 -2.89
CA ALA A 451 17.40 -30.92 -4.28
C ALA A 451 16.13 -31.25 -5.05
N VAL A 452 15.40 -32.28 -4.61
CA VAL A 452 14.14 -32.62 -5.26
C VAL A 452 13.12 -31.51 -5.07
N PHE A 453 13.13 -30.85 -3.92
CA PHE A 453 12.07 -29.93 -3.54
C PHE A 453 12.36 -28.48 -3.88
N ILE A 454 13.63 -28.09 -3.98
CA ILE A 454 13.94 -26.69 -4.28
C ILE A 454 13.38 -26.26 -5.64
N PRO A 455 13.56 -27.00 -6.73
CA PRO A 455 13.11 -26.50 -8.03
C PRO A 455 11.64 -26.15 -8.08
N MET A 456 10.77 -26.93 -7.44
CA MET A 456 9.35 -26.62 -7.44
C MET A 456 9.02 -25.38 -6.62
N ALA A 457 9.96 -24.90 -5.78
CA ALA A 457 9.70 -23.72 -4.98
C ALA A 457 9.48 -22.48 -5.83
N PHE A 458 10.00 -22.46 -7.06
CA PHE A 458 9.88 -21.32 -7.95
C PHE A 458 8.69 -21.43 -8.90
N PHE A 459 7.88 -22.47 -8.77
CA PHE A 459 6.69 -22.61 -9.62
C PHE A 459 5.78 -21.41 -9.40
N GLY A 460 5.44 -20.72 -10.48
CA GLY A 460 4.55 -19.58 -10.44
C GLY A 460 3.28 -19.84 -11.23
N GLY A 461 2.21 -19.15 -10.84
CA GLY A 461 0.92 -19.27 -11.48
C GLY A 461 -0.17 -19.40 -10.45
N SER A 462 -1.33 -19.91 -10.89
CA SER A 462 -2.45 -20.08 -9.98
C SER A 462 -2.09 -21.05 -8.85
N THR A 463 -1.49 -22.19 -9.20
CA THR A 463 -1.02 -23.15 -8.21
C THR A 463 0.47 -23.01 -7.92
N GLY A 464 1.14 -22.01 -8.51
CA GLY A 464 2.56 -21.83 -8.23
C GLY A 464 2.83 -21.56 -6.77
N ALA A 465 2.00 -20.73 -6.15
CA ALA A 465 2.13 -20.50 -4.71
C ALA A 465 1.88 -21.77 -3.92
N ILE A 466 0.89 -22.56 -4.33
CA ILE A 466 0.53 -23.77 -3.60
C ILE A 466 1.75 -24.68 -3.46
N TYR A 467 2.35 -25.06 -4.59
CA TYR A 467 3.53 -25.93 -4.54
C TYR A 467 4.64 -25.28 -3.72
N ARG A 468 4.80 -23.96 -3.81
CA ARG A 468 5.80 -23.28 -3.00
C ARG A 468 5.54 -23.46 -1.50
N GLN A 469 4.29 -23.75 -1.12
CA GLN A 469 4.02 -24.07 0.28
C GLN A 469 4.74 -25.34 0.70
N PHE A 470 4.70 -26.36 -0.15
CA PHE A 470 5.19 -27.68 0.22
C PHE A 470 6.72 -27.69 0.34
N SER A 471 7.40 -27.13 -0.66
CA SER A 471 8.86 -27.23 -0.70
C SER A 471 9.50 -26.60 0.53
N ILE A 472 9.03 -25.41 0.92
CA ILE A 472 9.62 -24.74 2.07
C ILE A 472 9.34 -25.51 3.35
N THR A 473 8.12 -26.04 3.50
CA THR A 473 7.81 -26.84 4.67
C THR A 473 8.67 -28.10 4.72
N ILE A 474 8.77 -28.81 3.60
CA ILE A 474 9.56 -30.03 3.57
C ILE A 474 11.04 -29.71 3.70
N VAL A 475 11.53 -28.74 2.94
CA VAL A 475 12.95 -28.42 2.95
C VAL A 475 13.38 -27.91 4.31
N SER A 476 12.58 -27.01 4.90
CA SER A 476 12.94 -26.48 6.21
C SER A 476 12.97 -27.56 7.27
N ALA A 477 12.01 -28.49 7.22
CA ALA A 477 11.99 -29.58 8.18
C ALA A 477 13.29 -30.39 8.11
N MET A 478 13.72 -30.73 6.89
CA MET A 478 14.98 -31.45 6.74
C MET A 478 16.16 -30.58 7.18
N ALA A 479 16.13 -29.29 6.84
CA ALA A 479 17.21 -28.39 7.26
C ALA A 479 17.32 -28.33 8.78
N LEU A 480 16.18 -28.20 9.46
CA LEU A 480 16.19 -28.23 10.92
C LEU A 480 16.54 -29.62 11.43
N SER A 481 16.08 -30.66 10.73
CA SER A 481 16.41 -32.03 11.14
C SER A 481 17.91 -32.26 11.10
N VAL A 482 18.59 -31.77 10.07
CA VAL A 482 20.04 -31.94 9.99
C VAL A 482 20.70 -31.23 11.15
N LEU A 483 20.29 -29.98 11.43
CA LEU A 483 20.87 -29.24 12.54
C LEU A 483 20.61 -29.97 13.86
N VAL A 484 19.38 -30.44 14.06
CA VAL A 484 19.06 -31.20 15.26
C VAL A 484 19.88 -32.49 15.28
N ALA A 485 20.08 -33.10 14.12
CA ALA A 485 20.83 -34.34 14.05
C ALA A 485 22.29 -34.13 14.45
N LEU A 486 22.84 -32.94 14.21
CA LEU A 486 24.22 -32.64 14.55
C LEU A 486 24.37 -31.99 15.92
N ILE A 487 23.31 -31.37 16.43
CA ILE A 487 23.36 -30.65 17.69
C ILE A 487 22.76 -31.49 18.81
N LEU A 488 21.51 -31.90 18.65
CA LEU A 488 20.78 -32.55 19.73
C LEU A 488 21.14 -34.02 19.84
N THR A 489 21.06 -34.76 18.74
CA THR A 489 21.22 -36.22 18.81
C THR A 489 22.55 -36.64 19.43
N PRO A 490 23.70 -36.04 19.09
CA PRO A 490 24.95 -36.53 19.70
C PRO A 490 24.96 -36.47 21.21
N ALA A 491 24.38 -35.42 21.80
CA ALA A 491 24.37 -35.31 23.26
C ALA A 491 23.63 -36.48 23.89
N LEU A 492 22.45 -36.81 23.36
CA LEU A 492 21.68 -37.92 23.92
C LEU A 492 22.38 -39.25 23.69
N CYS A 493 22.96 -39.44 22.49
CA CYS A 493 23.62 -40.71 22.19
C CYS A 493 24.90 -40.90 22.98
N ALA A 494 25.60 -39.81 23.30
CA ALA A 494 26.83 -39.92 24.09
C ALA A 494 26.57 -39.99 25.58
N THR A 495 25.36 -39.64 26.03
CA THR A 495 25.01 -39.66 27.45
C THR A 495 23.85 -40.60 27.75
N MET A 496 22.73 -40.47 27.03
CA MET A 496 21.56 -41.28 27.35
C MET A 496 21.82 -42.76 27.15
N LEU A 497 22.53 -43.11 26.08
CA LEU A 497 22.78 -44.51 25.76
C LEU A 497 23.66 -45.14 26.83
N LYS A 498 23.14 -46.16 27.50
CA LYS A 498 23.93 -46.90 28.48
C LYS A 498 24.89 -47.85 27.78
N PRO A 499 25.93 -48.29 28.47
CA PRO A 499 26.90 -49.19 27.83
C PRO A 499 26.23 -50.47 27.34
N ILE A 500 26.69 -50.94 26.18
CA ILE A 500 26.14 -52.17 25.60
C ILE A 500 26.48 -53.36 26.48
N GLN A 501 25.60 -54.35 26.47
CA GLN A 501 25.78 -55.56 27.27
C GLN A 501 25.35 -56.80 26.48
N THR A 509 12.58 -67.01 22.76
CA THR A 509 12.00 -66.89 24.09
C THR A 509 10.56 -66.39 24.02
N GLY A 510 10.37 -65.09 24.22
CA GLY A 510 9.06 -64.48 24.17
C GLY A 510 8.73 -63.94 22.81
N PHE A 511 7.92 -62.87 22.79
CA PHE A 511 7.55 -62.26 21.52
C PHE A 511 8.78 -61.75 20.78
N PHE A 512 9.67 -61.05 21.50
CA PHE A 512 10.91 -60.60 20.88
C PHE A 512 11.77 -61.80 20.47
N GLY A 513 11.83 -62.83 21.31
CA GLY A 513 12.59 -64.01 20.95
C GLY A 513 12.09 -64.63 19.64
N TRP A 514 10.78 -64.73 19.48
CA TRP A 514 10.24 -65.21 18.22
C TRP A 514 10.55 -64.24 17.08
N PHE A 515 10.38 -62.94 17.32
CA PHE A 515 10.61 -61.96 16.27
C PHE A 515 12.06 -61.96 15.82
N ASN A 516 13.00 -62.03 16.78
CA ASN A 516 14.41 -62.07 16.41
C ASN A 516 14.72 -63.28 15.54
N ARG A 517 14.15 -64.44 15.88
CA ARG A 517 14.32 -65.62 15.05
C ARG A 517 13.79 -65.39 13.64
N MET A 518 12.56 -64.89 13.53
CA MET A 518 11.95 -64.69 12.23
C MET A 518 12.73 -63.66 11.41
N PHE A 519 13.15 -62.57 12.05
CA PHE A 519 13.89 -61.54 11.32
C PHE A 519 15.22 -62.08 10.80
N ASP A 520 16.00 -62.71 11.67
CA ASP A 520 17.28 -63.26 11.23
C ASP A 520 17.09 -64.34 10.17
N LYS A 521 16.11 -65.22 10.37
CA LYS A 521 15.81 -66.23 9.36
C LYS A 521 15.48 -65.58 8.03
N SER A 522 14.58 -64.59 8.05
CA SER A 522 14.25 -63.86 6.83
C SER A 522 15.45 -63.09 6.29
N THR A 523 16.20 -62.43 7.18
CA THR A 523 17.33 -61.61 6.74
C THR A 523 18.40 -62.46 6.07
N HIS A 524 18.84 -63.52 6.75
CA HIS A 524 19.86 -64.39 6.15
C HIS A 524 19.31 -65.10 4.91
N HIS A 525 18.09 -65.60 4.98
CA HIS A 525 17.49 -66.25 3.83
C HIS A 525 17.37 -65.28 2.66
N TYR A 526 17.05 -64.01 2.95
CA TYR A 526 16.96 -63.01 1.91
C TYR A 526 18.31 -62.80 1.22
N THR A 527 19.35 -62.56 2.01
CA THR A 527 20.67 -62.30 1.44
C THR A 527 21.19 -63.51 0.66
N ASP A 528 21.00 -64.71 1.21
CA ASP A 528 21.49 -65.91 0.53
C ASP A 528 20.82 -66.10 -0.83
N SER A 529 19.68 -65.48 -1.07
CA SER A 529 18.98 -65.59 -2.34
C SER A 529 19.21 -64.39 -3.25
N VAL A 530 19.53 -63.21 -2.68
CA VAL A 530 19.83 -62.05 -3.50
C VAL A 530 21.10 -62.29 -4.32
N GLY A 531 22.07 -63.01 -3.75
CA GLY A 531 23.28 -63.30 -4.51
C GLY A 531 22.98 -64.00 -5.82
N ASN A 532 22.05 -64.95 -5.80
CA ASN A 532 21.65 -65.62 -7.03
C ASN A 532 21.04 -64.64 -8.02
N ILE A 533 20.39 -63.59 -7.53
CA ILE A 533 19.84 -62.56 -8.42
C ILE A 533 20.97 -61.91 -9.21
N LEU A 534 22.06 -61.56 -8.51
CA LEU A 534 23.22 -61.00 -9.20
C LEU A 534 23.90 -62.02 -10.11
N ARG A 535 23.64 -63.31 -9.89
CA ARG A 535 24.29 -64.34 -10.70
C ARG A 535 23.67 -64.44 -12.09
N SER A 536 22.35 -64.24 -12.20
CA SER A 536 21.64 -64.37 -13.45
C SER A 536 21.07 -63.04 -13.93
N THR A 537 21.70 -61.93 -13.54
CA THR A 537 21.25 -60.62 -14.00
C THR A 537 21.30 -60.57 -15.53
N GLY A 538 20.24 -60.01 -16.12
CA GLY A 538 20.12 -59.95 -17.57
C GLY A 538 18.73 -60.32 -18.01
N ARG A 539 18.10 -61.26 -17.29
CA ARG A 539 16.69 -61.55 -17.46
C ARG A 539 15.83 -60.80 -16.45
N TYR A 540 16.44 -60.04 -15.54
CA TYR A 540 15.73 -59.17 -14.62
C TYR A 540 15.74 -57.72 -15.06
N LEU A 541 16.77 -57.28 -15.79
CA LEU A 541 16.76 -55.93 -16.34
C LEU A 541 15.60 -55.76 -17.33
N VAL A 542 15.34 -56.79 -18.13
CA VAL A 542 14.16 -56.76 -19.02
C VAL A 542 12.89 -56.64 -18.19
N LEU A 543 12.85 -57.31 -17.04
CA LEU A 543 11.72 -57.14 -16.12
C LEU A 543 11.63 -55.70 -15.66
N TYR A 544 12.77 -55.05 -15.40
CA TYR A 544 12.76 -53.64 -15.05
C TYR A 544 12.22 -52.80 -16.21
N LEU A 545 12.58 -53.16 -17.46
CA LEU A 545 12.15 -52.38 -18.60
C LEU A 545 10.63 -52.36 -18.71
N ILE A 546 9.98 -53.50 -18.53
CA ILE A 546 8.52 -53.53 -18.61
C ILE A 546 7.90 -52.73 -17.49
N ILE A 547 8.54 -52.71 -16.31
CA ILE A 547 8.01 -51.93 -15.19
C ILE A 547 7.97 -50.45 -15.55
N VAL A 548 9.07 -49.95 -16.15
CA VAL A 548 9.10 -48.55 -16.56
C VAL A 548 8.02 -48.27 -17.60
N VAL A 549 7.92 -49.15 -18.61
CA VAL A 549 6.88 -49.00 -19.62
C VAL A 549 5.51 -49.16 -18.96
N GLY A 550 5.37 -50.12 -18.06
CA GLY A 550 4.11 -50.27 -17.34
C GLY A 550 3.75 -49.04 -16.55
N MET A 551 4.75 -48.37 -15.97
CA MET A 551 4.50 -47.12 -15.27
C MET A 551 3.96 -46.05 -16.21
N ALA A 552 4.56 -45.94 -17.39
CA ALA A 552 4.12 -44.92 -18.35
C ALA A 552 2.67 -45.15 -18.77
N TRP A 553 2.29 -46.42 -19.01
CA TRP A 553 0.93 -46.71 -19.42
C TRP A 553 -0.07 -46.28 -18.34
N LEU A 554 0.22 -46.59 -17.08
CA LEU A 554 -0.68 -46.21 -16.00
C LEU A 554 -0.75 -44.70 -15.85
N PHE A 555 0.39 -44.01 -16.00
CA PHE A 555 0.40 -42.56 -15.85
C PHE A 555 -0.49 -41.89 -16.88
N VAL A 556 -0.40 -42.34 -18.14
CA VAL A 556 -1.24 -41.78 -19.19
C VAL A 556 -2.71 -42.17 -18.96
N ARG A 557 -2.94 -43.43 -18.59
CA ARG A 557 -4.31 -43.89 -18.36
C ARG A 557 -4.99 -43.18 -17.20
N LEU A 558 -4.21 -42.53 -16.34
CA LEU A 558 -4.78 -41.87 -15.16
C LEU A 558 -5.47 -40.58 -15.56
N PRO A 559 -6.75 -40.40 -15.21
CA PRO A 559 -7.42 -39.12 -15.50
C PRO A 559 -6.77 -37.97 -14.75
N SER A 560 -6.92 -36.77 -15.31
CA SER A 560 -6.34 -35.56 -14.75
C SER A 560 -7.44 -34.62 -14.27
N SER A 561 -7.24 -34.04 -13.09
CA SER A 561 -8.15 -33.06 -12.52
C SER A 561 -7.33 -31.98 -11.86
N PHE A 562 -7.98 -31.14 -11.04
CA PHE A 562 -7.32 -30.03 -10.37
C PHE A 562 -7.30 -30.18 -8.86
N LEU A 563 -8.44 -30.48 -8.23
CA LEU A 563 -8.49 -30.55 -6.78
C LEU A 563 -9.72 -31.33 -6.36
N PRO A 564 -9.61 -32.26 -5.41
CA PRO A 564 -10.79 -33.03 -4.99
C PRO A 564 -11.87 -32.13 -4.40
N ASP A 565 -13.12 -32.51 -4.64
CA ASP A 565 -14.24 -31.86 -3.98
C ASP A 565 -14.42 -32.43 -2.58
N GLU A 566 -14.64 -31.54 -1.62
CA GLU A 566 -14.66 -31.91 -0.21
C GLU A 566 -16.08 -31.96 0.32
N ASP A 567 -16.36 -32.96 1.14
CA ASP A 567 -17.66 -33.08 1.82
C ASP A 567 -17.65 -32.10 2.99
N GLN A 568 -18.08 -30.87 2.71
CA GLN A 568 -18.02 -29.80 3.70
C GLN A 568 -19.22 -29.78 4.64
N GLY A 569 -20.20 -30.67 4.43
CA GLY A 569 -21.36 -30.74 5.29
C GLY A 569 -22.49 -29.81 4.91
N VAL A 570 -22.31 -28.94 3.92
CA VAL A 570 -23.33 -28.02 3.47
C VAL A 570 -23.35 -28.05 1.94
N PHE A 571 -24.55 -28.09 1.35
CA PHE A 571 -24.70 -28.13 -0.10
C PHE A 571 -25.85 -27.24 -0.49
N LEU A 572 -25.60 -26.28 -1.37
CA LEU A 572 -26.65 -25.41 -1.88
C LEU A 572 -27.62 -26.23 -2.75
N SER A 573 -28.91 -25.94 -2.60
CA SER A 573 -29.96 -26.61 -3.37
C SER A 573 -30.76 -25.52 -4.08
N MET A 574 -30.33 -25.16 -5.29
CA MET A 574 -30.97 -24.09 -6.03
C MET A 574 -32.24 -24.58 -6.71
N ALA A 575 -33.13 -23.63 -7.01
CA ALA A 575 -34.35 -23.90 -7.75
C ALA A 575 -34.57 -22.76 -8.74
N GLN A 576 -35.39 -23.03 -9.75
CA GLN A 576 -35.65 -22.03 -10.78
C GLN A 576 -36.97 -22.37 -11.46
N LEU A 577 -37.98 -21.53 -11.26
CA LEU A 577 -39.28 -21.72 -11.88
C LEU A 577 -39.26 -21.23 -13.32
N PRO A 578 -40.25 -21.63 -14.13
CA PRO A 578 -40.26 -21.20 -15.54
C PRO A 578 -40.42 -19.70 -15.70
N ALA A 579 -40.42 -19.24 -16.95
CA ALA A 579 -40.49 -17.81 -17.22
C ALA A 579 -41.74 -17.20 -16.61
N GLY A 580 -41.56 -16.05 -15.94
CA GLY A 580 -42.67 -15.32 -15.38
C GLY A 580 -43.50 -16.06 -14.35
N ALA A 581 -42.87 -16.48 -13.26
CA ALA A 581 -43.54 -17.15 -12.15
C ALA A 581 -43.57 -16.27 -10.92
N THR A 582 -44.76 -16.09 -10.35
CA THR A 582 -44.94 -15.19 -9.21
C THR A 582 -44.23 -15.74 -7.99
N GLN A 583 -44.24 -14.94 -6.92
CA GLN A 583 -43.62 -15.37 -5.66
C GLN A 583 -44.39 -16.54 -5.04
N GLU A 584 -45.71 -16.58 -5.20
CA GLU A 584 -46.49 -17.64 -4.59
C GLU A 584 -46.08 -19.01 -5.13
N ARG A 585 -45.89 -19.11 -6.44
CA ARG A 585 -45.55 -20.40 -7.04
C ARG A 585 -44.23 -20.92 -6.52
N THR A 586 -43.24 -20.04 -6.37
CA THR A 586 -41.93 -20.48 -5.87
C THR A 586 -42.05 -21.10 -4.49
N GLN A 587 -42.92 -20.56 -3.65
CA GLN A 587 -43.11 -21.14 -2.31
C GLN A 587 -43.62 -22.56 -2.40
N LYS A 588 -44.53 -22.84 -3.34
CA LYS A 588 -45.04 -24.19 -3.50
C LYS A 588 -43.95 -25.18 -3.91
N VAL A 589 -42.81 -24.68 -4.39
CA VAL A 589 -41.70 -25.53 -4.76
C VAL A 589 -40.64 -25.58 -3.66
N LEU A 590 -40.31 -24.43 -3.06
CA LEU A 590 -39.33 -24.42 -1.99
C LEU A 590 -39.84 -25.21 -0.78
N ASP A 591 -41.14 -25.10 -0.48
CA ASP A 591 -41.70 -25.90 0.60
C ASP A 591 -41.59 -27.38 0.28
N GLU A 592 -41.82 -27.76 -0.97
CA GLU A 592 -41.64 -29.15 -1.37
C GLU A 592 -40.19 -29.59 -1.18
N MET A 593 -39.24 -28.69 -1.44
CA MET A 593 -37.85 -29.01 -1.20
C MET A 593 -37.56 -29.13 0.29
N THR A 594 -38.02 -28.16 1.08
CA THR A 594 -37.82 -28.23 2.51
C THR A 594 -38.54 -29.43 3.11
N ASN A 595 -39.76 -29.70 2.63
CA ASN A 595 -40.50 -30.86 3.11
C ASN A 595 -39.74 -32.16 2.78
N TYR A 596 -39.20 -32.26 1.57
CA TYR A 596 -38.48 -33.46 1.18
C TYR A 596 -37.22 -33.66 2.02
N TYR A 597 -36.41 -32.61 2.14
CA TYR A 597 -35.14 -32.74 2.85
C TYR A 597 -35.36 -33.15 4.31
N LEU A 598 -36.42 -32.64 4.93
CA LEU A 598 -36.68 -32.91 6.33
C LEU A 598 -37.44 -34.20 6.57
N THR A 599 -37.81 -34.92 5.51
CA THR A 599 -38.49 -36.20 5.64
C THR A 599 -37.69 -37.36 5.07
N LYS A 600 -37.26 -37.25 3.80
CA LYS A 600 -36.54 -38.36 3.18
C LYS A 600 -35.10 -38.44 3.66
N GLU A 601 -34.45 -37.30 3.87
CA GLU A 601 -33.06 -37.24 4.30
C GLU A 601 -32.93 -36.87 5.77
N LYS A 602 -33.83 -37.38 6.60
CA LYS A 602 -33.84 -37.01 8.02
C LYS A 602 -32.50 -37.29 8.68
N ASP A 603 -31.79 -38.32 8.22
CA ASP A 603 -30.57 -38.75 8.89
C ASP A 603 -29.33 -37.98 8.46
N ASN A 604 -29.42 -37.14 7.42
CA ASN A 604 -28.27 -36.41 6.90
C ASN A 604 -28.38 -34.91 7.06
N VAL A 605 -29.45 -34.31 6.56
CA VAL A 605 -29.61 -32.86 6.64
C VAL A 605 -30.14 -32.49 8.02
N GLU A 606 -29.49 -31.51 8.66
CA GLU A 606 -29.88 -31.08 9.99
C GLU A 606 -30.93 -29.98 9.96
N SER A 607 -30.77 -29.00 9.07
CA SER A 607 -31.73 -27.91 8.96
C SER A 607 -31.71 -27.37 7.54
N VAL A 608 -32.82 -26.76 7.15
CA VAL A 608 -33.00 -26.18 5.82
C VAL A 608 -33.35 -24.70 5.97
N PHE A 609 -32.60 -23.86 5.28
CA PHE A 609 -32.80 -22.40 5.31
C PHE A 609 -33.14 -21.96 3.89
N ALA A 610 -34.43 -22.01 3.56
CA ALA A 610 -34.89 -21.69 2.23
C ALA A 610 -35.06 -20.17 2.08
N VAL A 611 -34.35 -19.60 1.11
CA VAL A 611 -34.41 -18.17 0.84
C VAL A 611 -35.12 -18.00 -0.51
N ASN A 612 -36.34 -17.48 -0.49
CA ASN A 612 -37.12 -17.30 -1.69
C ASN A 612 -36.77 -15.99 -2.37
N GLY A 613 -36.91 -15.96 -3.70
CA GLY A 613 -36.74 -14.75 -4.46
C GLY A 613 -35.31 -14.33 -4.72
N PHE A 614 -34.34 -15.14 -4.33
CA PHE A 614 -32.94 -14.79 -4.51
C PHE A 614 -32.16 -16.02 -4.97
N GLY A 615 -31.31 -15.82 -5.97
CA GLY A 615 -30.49 -16.90 -6.49
C GLY A 615 -29.27 -16.36 -7.17
N PHE A 616 -28.21 -17.16 -7.18
CA PHE A 616 -26.94 -16.72 -7.76
C PHE A 616 -27.07 -16.43 -9.25
N ALA A 617 -28.05 -17.02 -9.92
CA ALA A 617 -28.31 -16.65 -11.32
C ALA A 617 -28.78 -15.20 -11.41
N GLY A 618 -29.63 -14.78 -10.48
CA GLY A 618 -30.11 -13.41 -10.45
C GLY A 618 -31.38 -13.30 -9.65
N ARG A 619 -31.69 -12.08 -9.25
CA ARG A 619 -32.90 -11.82 -8.48
C ARG A 619 -34.13 -12.01 -9.36
N GLY A 620 -35.26 -12.20 -8.70
CA GLY A 620 -36.53 -12.34 -9.40
C GLY A 620 -37.55 -13.02 -8.53
N GLN A 621 -38.75 -13.15 -9.09
CA GLN A 621 -39.86 -13.81 -8.43
C GLN A 621 -39.98 -15.28 -8.81
N ASN A 622 -39.11 -15.78 -9.69
CA ASN A 622 -39.16 -17.17 -10.16
C ASN A 622 -37.86 -17.90 -9.84
N THR A 623 -37.24 -17.57 -8.71
CA THR A 623 -35.98 -18.18 -8.31
C THR A 623 -35.98 -18.41 -6.81
N GLY A 624 -35.18 -19.37 -6.37
CA GLY A 624 -35.06 -19.67 -4.96
C GLY A 624 -33.84 -20.50 -4.69
N ILE A 625 -33.20 -20.23 -3.56
CA ILE A 625 -32.01 -20.95 -3.12
C ILE A 625 -32.24 -21.42 -1.70
N ALA A 626 -31.82 -22.64 -1.40
CA ALA A 626 -32.07 -23.28 -0.11
C ALA A 626 -30.76 -23.80 0.45
N PHE A 627 -30.11 -23.00 1.29
CA PHE A 627 -28.95 -23.47 2.03
C PHE A 627 -29.35 -24.65 2.92
N VAL A 628 -28.52 -25.69 2.93
CA VAL A 628 -28.74 -26.86 3.75
C VAL A 628 -27.43 -27.22 4.43
N SER A 629 -27.51 -27.49 5.73
CA SER A 629 -26.36 -27.94 6.52
C SER A 629 -26.60 -29.36 6.98
N LEU A 630 -25.59 -30.21 6.81
CA LEU A 630 -25.73 -31.62 7.11
C LEU A 630 -25.25 -31.93 8.52
N LYS A 631 -25.64 -33.11 9.02
CA LYS A 631 -25.27 -33.52 10.35
C LYS A 631 -23.76 -33.73 10.45
N ASP A 632 -23.28 -33.83 11.68
CA ASP A 632 -21.84 -33.97 11.95
C ASP A 632 -21.25 -35.09 11.12
N TRP A 633 -19.95 -35.01 10.83
CA TRP A 633 -19.29 -36.07 10.06
C TRP A 633 -19.43 -37.41 10.76
N SER A 634 -19.22 -37.44 12.08
CA SER A 634 -19.31 -38.70 12.81
C SER A 634 -20.72 -39.28 12.81
N GLN A 635 -21.72 -38.47 12.46
CA GLN A 635 -23.10 -38.93 12.38
C GLN A 635 -23.49 -39.38 10.98
N ARG A 636 -22.53 -39.47 10.07
CA ARG A 636 -22.78 -39.86 8.67
C ARG A 636 -21.85 -41.02 8.32
N PRO A 637 -22.13 -42.22 8.82
CA PRO A 637 -21.25 -43.37 8.52
C PRO A 637 -21.24 -43.69 7.04
N GLY A 638 -20.07 -44.12 6.56
CA GLY A 638 -19.92 -44.57 5.19
C GLY A 638 -19.83 -43.42 4.20
N GLU A 639 -19.72 -43.80 2.93
CA GLU A 639 -19.68 -42.83 1.84
C GLU A 639 -21.00 -42.70 1.10
N GLU A 640 -21.92 -43.66 1.29
CA GLU A 640 -23.23 -43.59 0.66
C GLU A 640 -24.10 -42.46 1.22
N ASN A 641 -23.69 -41.86 2.34
CA ASN A 641 -24.48 -40.79 2.96
C ASN A 641 -23.67 -39.51 3.03
N LYS A 642 -22.99 -39.16 1.94
CA LYS A 642 -22.20 -37.95 1.85
C LYS A 642 -22.83 -36.97 0.86
N VAL A 643 -22.18 -35.83 0.68
CA VAL A 643 -22.72 -34.79 -0.20
C VAL A 643 -22.85 -35.33 -1.62
N GLU A 644 -21.82 -36.05 -2.10
CA GLU A 644 -21.87 -36.57 -3.46
C GLU A 644 -23.05 -37.52 -3.64
N ALA A 645 -23.28 -38.40 -2.66
CA ALA A 645 -24.40 -39.32 -2.75
C ALA A 645 -25.73 -38.64 -2.44
N ILE A 646 -25.72 -37.66 -1.54
CA ILE A 646 -26.96 -37.00 -1.14
C ILE A 646 -27.56 -36.22 -2.31
N THR A 647 -26.72 -35.43 -2.99
CA THR A 647 -27.22 -34.66 -4.13
C THR A 647 -27.70 -35.57 -5.25
N ALA A 648 -26.97 -36.66 -5.52
CA ALA A 648 -27.37 -37.58 -6.58
C ALA A 648 -28.73 -38.19 -6.28
N ARG A 649 -28.93 -38.66 -5.04
CA ARG A 649 -30.23 -39.20 -4.66
C ARG A 649 -31.30 -38.12 -4.71
N ALA A 650 -30.99 -36.93 -4.20
CA ALA A 650 -31.96 -35.83 -4.24
C ALA A 650 -32.28 -35.44 -5.67
N MET A 651 -31.27 -35.36 -6.53
CA MET A 651 -31.51 -34.97 -7.91
C MET A 651 -32.51 -35.90 -8.59
N GLY A 652 -32.48 -37.18 -8.24
CA GLY A 652 -33.42 -38.11 -8.83
C GLY A 652 -34.86 -37.78 -8.50
N TYR A 653 -35.13 -37.42 -7.25
CA TYR A 653 -36.49 -37.10 -6.84
C TYR A 653 -36.96 -35.75 -7.37
N PHE A 654 -36.03 -34.87 -7.74
CA PHE A 654 -36.37 -33.55 -8.26
C PHE A 654 -36.49 -33.53 -9.78
N SER A 655 -36.27 -34.66 -10.45
CA SER A 655 -36.40 -34.74 -11.90
C SER A 655 -37.82 -35.05 -12.35
N GLN A 656 -38.76 -35.20 -11.41
CA GLN A 656 -40.15 -35.50 -11.72
C GLN A 656 -41.10 -34.39 -11.34
N ILE A 657 -40.62 -33.33 -10.67
CA ILE A 657 -41.49 -32.21 -10.32
C ILE A 657 -41.91 -31.49 -11.60
N LYS A 658 -43.14 -30.98 -11.60
CA LYS A 658 -43.68 -30.26 -12.74
C LYS A 658 -43.47 -28.76 -12.54
N ASP A 659 -42.93 -28.10 -13.56
CA ASP A 659 -42.67 -26.66 -13.53
C ASP A 659 -41.70 -26.31 -12.41
N ALA A 660 -40.55 -26.99 -12.43
CA ALA A 660 -39.49 -26.71 -11.46
C ALA A 660 -38.19 -27.28 -11.97
N MET A 661 -37.22 -26.42 -12.25
CA MET A 661 -35.89 -26.85 -12.66
C MET A 661 -34.94 -26.80 -11.46
N VAL A 662 -35.08 -27.81 -10.61
CA VAL A 662 -34.30 -27.90 -9.37
C VAL A 662 -33.01 -28.65 -9.65
N PHE A 663 -31.93 -28.21 -9.01
CA PHE A 663 -30.64 -28.88 -9.13
C PHE A 663 -29.76 -28.45 -7.96
N ALA A 664 -29.29 -29.42 -7.18
CA ALA A 664 -28.47 -29.16 -6.01
C ALA A 664 -27.01 -29.40 -6.36
N PHE A 665 -26.19 -28.35 -6.27
CA PHE A 665 -24.78 -28.41 -6.61
C PHE A 665 -23.95 -28.14 -5.37
N ASN A 666 -22.94 -28.98 -5.14
CA ASN A 666 -22.05 -28.81 -4.01
C ASN A 666 -21.04 -27.69 -4.29
N LEU A 667 -20.48 -27.16 -3.21
CA LEU A 667 -19.55 -26.04 -3.34
C LEU A 667 -18.20 -26.53 -3.86
N PRO A 668 -17.44 -25.66 -4.51
CA PRO A 668 -16.08 -26.04 -4.92
C PRO A 668 -15.16 -26.17 -3.72
N ALA A 669 -14.03 -26.84 -3.93
CA ALA A 669 -13.05 -27.01 -2.85
C ALA A 669 -12.54 -25.66 -2.39
N ILE A 670 -12.22 -24.76 -3.32
CA ILE A 670 -11.91 -23.38 -3.00
C ILE A 670 -13.23 -22.61 -3.00
N VAL A 671 -13.72 -22.29 -1.81
CA VAL A 671 -15.05 -21.70 -1.69
C VAL A 671 -15.10 -20.34 -2.37
N GLU A 672 -14.08 -19.52 -2.16
CA GLU A 672 -14.03 -18.19 -2.75
C GLU A 672 -13.23 -18.20 -4.05
N GLY A 678 -16.73 -26.88 -14.29
CA GLY A 678 -17.09 -26.81 -15.69
C GLY A 678 -16.61 -25.53 -16.34
N PHE A 679 -16.36 -25.59 -17.64
CA PHE A 679 -15.85 -24.43 -18.36
C PHE A 679 -16.94 -23.38 -18.51
N ASP A 680 -16.60 -22.12 -18.23
CA ASP A 680 -17.53 -21.00 -18.33
C ASP A 680 -17.36 -20.35 -19.70
N PHE A 681 -18.19 -20.79 -20.64
CA PHE A 681 -18.10 -20.29 -22.01
C PHE A 681 -19.03 -19.10 -22.19
N GLU A 682 -18.55 -18.08 -22.90
CA GLU A 682 -19.30 -16.85 -23.13
C GLU A 682 -19.32 -16.52 -24.61
N LEU A 683 -20.51 -16.14 -25.10
CA LEU A 683 -20.71 -15.83 -26.52
C LEU A 683 -20.66 -14.31 -26.71
N ILE A 684 -19.47 -13.76 -26.52
CA ILE A 684 -19.30 -12.32 -26.66
C ILE A 684 -19.73 -11.89 -28.05
N ASP A 685 -20.65 -10.93 -28.11
CA ASP A 685 -21.18 -10.41 -29.37
C ASP A 685 -20.27 -9.28 -29.83
N GLN A 686 -19.29 -9.62 -30.68
CA GLN A 686 -18.30 -8.66 -31.16
C GLN A 686 -18.69 -8.04 -32.50
N GLY A 687 -19.98 -7.93 -32.79
CA GLY A 687 -20.43 -7.32 -34.03
C GLY A 687 -21.60 -6.38 -33.84
N GLY A 688 -22.05 -6.22 -32.60
CA GLY A 688 -23.21 -5.38 -32.33
C GLY A 688 -24.48 -5.89 -32.97
N LEU A 689 -24.61 -7.21 -33.12
CA LEU A 689 -25.82 -7.77 -33.73
C LEU A 689 -27.06 -7.48 -32.89
N GLY A 690 -26.94 -7.66 -31.57
CA GLY A 690 -28.07 -7.47 -30.67
C GLY A 690 -28.34 -8.70 -29.84
N HIS A 691 -29.07 -8.53 -28.74
CA HIS A 691 -29.37 -9.67 -27.87
C HIS A 691 -30.20 -10.72 -28.61
N GLU A 692 -31.18 -10.28 -29.40
CA GLU A 692 -32.05 -11.21 -30.09
C GLU A 692 -31.25 -12.12 -31.02
N LYS A 693 -30.32 -11.54 -31.80
CA LYS A 693 -29.52 -12.35 -32.69
C LYS A 693 -28.64 -13.33 -31.92
N LEU A 694 -28.05 -12.87 -30.81
CA LEU A 694 -27.16 -13.74 -30.04
C LEU A 694 -27.89 -14.98 -29.56
N THR A 695 -29.04 -14.80 -28.91
CA THR A 695 -29.82 -15.95 -28.46
C THR A 695 -30.17 -16.86 -29.63
N GLN A 696 -30.41 -16.27 -30.81
CA GLN A 696 -30.54 -17.07 -32.01
C GLN A 696 -29.26 -17.82 -32.32
N ALA A 697 -28.11 -17.15 -32.17
CA ALA A 697 -26.83 -17.80 -32.40
C ALA A 697 -26.57 -18.90 -31.38
N ARG A 698 -26.95 -18.68 -30.12
CA ARG A 698 -26.70 -19.68 -29.09
C ARG A 698 -27.40 -20.99 -29.41
N ASN A 699 -28.64 -20.92 -29.92
CA ASN A 699 -29.37 -22.13 -30.24
C ASN A 699 -28.61 -22.97 -31.26
N GLN A 700 -28.11 -22.33 -32.32
CA GLN A 700 -27.34 -23.07 -33.32
C GLN A 700 -26.07 -23.64 -32.70
N LEU A 701 -25.28 -22.79 -32.02
CA LEU A 701 -24.05 -23.27 -31.41
C LEU A 701 -24.33 -24.36 -30.39
N PHE A 702 -25.38 -24.17 -29.57
CA PHE A 702 -25.81 -25.24 -28.68
C PHE A 702 -26.25 -26.46 -29.47
N GLY A 703 -26.97 -26.24 -30.57
CA GLY A 703 -27.40 -27.36 -31.39
C GLY A 703 -26.23 -28.11 -32.02
N MET A 704 -25.26 -27.36 -32.56
CA MET A 704 -24.10 -28.01 -33.16
C MET A 704 -23.38 -28.89 -32.14
N VAL A 705 -23.44 -28.54 -30.86
CA VAL A 705 -22.83 -29.37 -29.83
C VAL A 705 -23.79 -30.49 -29.41
N ALA A 706 -25.09 -30.30 -29.62
CA ALA A 706 -26.05 -31.33 -29.22
C ALA A 706 -25.86 -32.61 -30.04
N GLN A 707 -25.57 -32.48 -31.33
CA GLN A 707 -25.40 -33.63 -32.21
C GLN A 707 -24.01 -34.23 -32.17
N HIS A 708 -23.07 -33.58 -31.48
CA HIS A 708 -21.71 -34.10 -31.32
C HIS A 708 -21.34 -34.00 -29.84
N PRO A 709 -21.96 -34.83 -29.00
CA PRO A 709 -21.79 -34.67 -27.54
C PRO A 709 -20.34 -34.68 -27.10
N ASP A 710 -19.88 -33.57 -26.54
CA ASP A 710 -18.58 -33.47 -25.88
C ASP A 710 -18.73 -32.67 -24.60
N VAL A 711 -19.85 -32.86 -23.90
CA VAL A 711 -20.13 -32.12 -22.68
C VAL A 711 -20.88 -33.03 -21.72
N LEU A 712 -21.00 -32.62 -20.45
CA LEU A 712 -21.62 -33.48 -19.44
C LEU A 712 -22.46 -32.64 -18.49
N THR A 713 -23.29 -33.35 -17.72
CA THR A 713 -24.02 -32.79 -16.59
C THR A 713 -25.10 -31.83 -17.09
N GLY A 714 -25.30 -30.71 -16.41
CA GLY A 714 -26.41 -29.84 -16.77
C GLY A 714 -26.22 -29.15 -18.10
N VAL A 715 -24.99 -28.76 -18.41
CA VAL A 715 -24.73 -27.88 -19.56
C VAL A 715 -25.75 -26.78 -19.35
N ARG A 716 -25.89 -26.33 -18.11
CA ARG A 716 -26.87 -25.30 -17.82
C ARG A 716 -26.49 -23.92 -18.37
N PRO A 717 -27.47 -23.13 -18.83
CA PRO A 717 -27.20 -21.72 -19.10
C PRO A 717 -27.44 -20.87 -17.86
N ASN A 718 -26.45 -20.02 -17.55
CA ASN A 718 -26.50 -19.26 -16.30
C ASN A 718 -27.56 -18.17 -16.33
N GLY A 719 -27.89 -17.65 -17.51
CA GLY A 719 -28.83 -16.56 -17.62
C GLY A 719 -30.28 -17.02 -17.56
N LEU A 720 -31.18 -16.05 -17.72
CA LEU A 720 -32.61 -16.28 -17.74
C LEU A 720 -33.14 -16.02 -19.14
N GLU A 721 -34.00 -16.93 -19.61
CA GLU A 721 -34.51 -16.83 -20.97
C GLU A 721 -35.52 -15.68 -21.08
N ASP A 722 -35.91 -15.38 -22.31
CA ASP A 722 -36.82 -14.28 -22.57
C ASP A 722 -38.16 -14.52 -21.88
N THR A 723 -38.77 -13.43 -21.42
CA THR A 723 -40.05 -13.49 -20.72
C THR A 723 -41.01 -12.48 -21.35
N PRO A 724 -42.31 -12.74 -21.25
CA PRO A 724 -43.28 -11.75 -21.75
C PRO A 724 -43.14 -10.43 -21.01
N GLN A 725 -43.30 -9.33 -21.75
CA GLN A 725 -43.18 -8.00 -21.19
C GLN A 725 -44.32 -7.13 -21.69
N PHE A 726 -44.83 -6.29 -20.80
CA PHE A 726 -45.92 -5.38 -21.12
C PHE A 726 -45.35 -4.06 -21.59
N LYS A 727 -45.60 -3.71 -22.84
CA LYS A 727 -45.14 -2.46 -23.43
C LYS A 727 -46.31 -1.48 -23.44
N ILE A 728 -46.12 -0.32 -22.81
CA ILE A 728 -47.12 0.74 -22.77
C ILE A 728 -46.52 1.96 -23.43
N ASP A 729 -47.19 2.46 -24.47
CA ASP A 729 -46.71 3.60 -25.25
C ASP A 729 -47.51 4.84 -24.90
N ILE A 730 -46.81 5.91 -24.55
CA ILE A 730 -47.43 7.19 -24.26
C ILE A 730 -47.26 8.08 -25.48
N ASP A 731 -48.37 8.56 -26.02
CA ASP A 731 -48.36 9.41 -27.21
C ASP A 731 -48.25 10.86 -26.76
N GLN A 732 -47.09 11.46 -26.98
CA GLN A 732 -46.87 12.84 -26.56
C GLN A 732 -47.85 13.79 -27.25
N GLU A 733 -48.12 13.54 -28.53
CA GLU A 733 -49.04 14.40 -29.27
C GLU A 733 -50.39 14.51 -28.55
N LYS A 734 -50.95 13.36 -28.15
CA LYS A 734 -52.22 13.39 -27.43
C LYS A 734 -52.09 14.10 -26.09
N ALA A 735 -50.99 13.87 -25.38
CA ALA A 735 -50.79 14.53 -24.10
C ALA A 735 -50.75 16.04 -24.26
N GLN A 736 -50.06 16.53 -25.29
CA GLN A 736 -50.01 17.97 -25.53
C GLN A 736 -51.40 18.52 -25.81
N ALA A 737 -52.20 17.80 -26.60
CA ALA A 737 -53.55 18.26 -26.90
C ALA A 737 -54.39 18.37 -25.64
N LEU A 738 -54.27 17.40 -24.74
CA LEU A 738 -55.02 17.41 -23.49
C LEU A 738 -54.37 18.25 -22.41
N GLY A 739 -53.18 18.81 -22.67
CA GLY A 739 -52.52 19.64 -21.69
C GLY A 739 -52.09 18.88 -20.45
N VAL A 740 -51.49 17.71 -20.63
CA VAL A 740 -50.98 16.89 -19.53
C VAL A 740 -49.47 16.83 -19.67
N SER A 741 -48.76 17.29 -18.63
CA SER A 741 -47.30 17.32 -18.69
C SER A 741 -46.76 15.90 -18.75
N ILE A 742 -45.74 15.70 -19.60
CA ILE A 742 -45.12 14.39 -19.72
C ILE A 742 -44.45 13.99 -18.41
N SER A 743 -43.99 14.97 -17.62
CA SER A 743 -43.38 14.65 -16.34
C SER A 743 -44.39 13.98 -15.41
N ASP A 744 -45.63 14.47 -15.40
CA ASP A 744 -46.65 13.86 -14.55
C ASP A 744 -46.93 12.42 -14.96
N ILE A 745 -47.03 12.17 -16.26
CA ILE A 745 -47.33 10.82 -16.73
C ILE A 745 -46.19 9.87 -16.37
N ASN A 746 -44.95 10.30 -16.58
CA ASN A 746 -43.80 9.45 -16.28
C ASN A 746 -43.65 9.19 -14.79
N THR A 747 -44.31 9.98 -13.94
CA THR A 747 -44.28 9.78 -12.50
C THR A 747 -45.54 9.11 -11.97
N THR A 748 -46.70 9.40 -12.56
CA THR A 748 -47.93 8.73 -12.15
C THR A 748 -47.87 7.24 -12.47
N LEU A 749 -47.00 6.83 -13.38
CA LEU A 749 -46.82 5.43 -13.74
C LEU A 749 -45.56 4.84 -13.14
N GLY A 750 -44.47 5.62 -13.05
CA GLY A 750 -43.24 5.12 -12.48
C GLY A 750 -43.28 4.96 -10.98
N ALA A 751 -44.19 5.66 -10.31
CA ALA A 751 -44.33 5.57 -8.86
C ALA A 751 -45.47 4.66 -8.43
N ALA A 752 -46.60 4.70 -9.15
CA ALA A 752 -47.74 3.86 -8.78
C ALA A 752 -47.41 2.38 -8.95
N TRP A 753 -46.72 2.03 -10.04
CA TRP A 753 -46.48 0.64 -10.38
C TRP A 753 -45.09 0.14 -9.98
N GLY A 754 -44.15 1.05 -9.71
CA GLY A 754 -42.79 0.64 -9.39
C GLY A 754 -42.36 1.04 -8.00
N GLY A 755 -43.06 2.00 -7.40
CA GLY A 755 -42.71 2.46 -6.08
C GLY A 755 -41.62 3.50 -6.11
N SER A 756 -41.80 4.62 -5.41
CA SER A 756 -40.86 5.71 -5.39
C SER A 756 -40.40 5.97 -3.97
N TYR A 757 -39.10 6.25 -3.82
CA TYR A 757 -38.50 6.53 -2.52
C TYR A 757 -38.52 8.04 -2.33
N VAL A 758 -39.46 8.52 -1.52
CA VAL A 758 -39.69 9.96 -1.42
C VAL A 758 -38.62 10.61 -0.56
N ASN A 759 -38.54 10.23 0.71
CA ASN A 759 -37.56 10.81 1.62
C ASN A 759 -37.53 9.93 2.87
N ASP A 760 -36.65 10.30 3.81
CA ASP A 760 -36.43 9.52 5.01
C ASP A 760 -37.43 9.88 6.10
N PHE A 761 -37.44 9.07 7.16
CA PHE A 761 -38.22 9.35 8.34
C PHE A 761 -37.58 8.62 9.51
N ILE A 762 -37.95 9.02 10.73
CA ILE A 762 -37.31 8.54 11.95
C ILE A 762 -38.25 7.56 12.63
N ASP A 763 -37.74 6.34 12.88
CA ASP A 763 -38.48 5.29 13.57
C ASP A 763 -37.63 4.79 14.72
N ARG A 764 -38.08 5.01 15.95
CA ARG A 764 -37.34 4.58 17.14
C ARG A 764 -35.91 5.09 17.09
N GLY A 765 -35.74 6.33 16.68
CA GLY A 765 -34.43 6.95 16.65
C GLY A 765 -33.54 6.53 15.50
N ARG A 766 -34.07 5.79 14.53
CA ARG A 766 -33.32 5.33 13.37
C ARG A 766 -33.87 5.95 12.11
N VAL A 767 -33.00 6.18 11.13
CA VAL A 767 -33.37 6.81 9.87
C VAL A 767 -33.81 5.72 8.91
N LYS A 768 -35.05 5.81 8.44
CA LYS A 768 -35.61 4.84 7.51
C LYS A 768 -36.29 5.57 6.36
N LYS A 769 -36.55 4.82 5.29
CA LYS A 769 -37.07 5.40 4.06
C LYS A 769 -38.60 5.41 4.05
N VAL A 770 -39.15 6.27 3.19
CA VAL A 770 -40.59 6.36 2.97
C VAL A 770 -40.85 6.01 1.51
N TYR A 771 -41.71 5.02 1.28
CA TYR A 771 -42.03 4.54 -0.04
C TYR A 771 -43.52 4.74 -0.30
N ILE A 772 -43.84 5.25 -1.49
CA ILE A 772 -45.22 5.35 -1.96
C ILE A 772 -45.37 4.41 -3.15
N MET A 773 -46.47 3.67 -3.17
CA MET A 773 -46.67 2.68 -4.22
C MET A 773 -48.12 2.24 -4.20
N SER A 774 -48.64 1.89 -5.37
CA SER A 774 -50.05 1.54 -5.49
C SER A 774 -50.37 0.30 -4.66
N GLU A 775 -51.60 0.26 -4.14
CA GLU A 775 -52.04 -0.91 -3.41
C GLU A 775 -51.93 -2.15 -4.29
N ALA A 776 -51.71 -3.29 -3.65
CA ALA A 776 -51.37 -4.50 -4.39
C ALA A 776 -52.45 -4.95 -5.36
N LYS A 777 -53.69 -4.49 -5.20
CA LYS A 777 -54.79 -4.95 -6.02
C LYS A 777 -55.05 -4.07 -7.25
N TYR A 778 -54.40 -2.92 -7.36
CA TYR A 778 -54.62 -1.99 -8.46
C TYR A 778 -53.47 -1.97 -9.46
N ARG A 779 -52.47 -2.81 -9.29
CA ARG A 779 -51.35 -2.93 -10.21
C ARG A 779 -51.10 -4.38 -10.56
N MET A 780 -52.18 -5.16 -10.71
CA MET A 780 -52.07 -6.60 -10.72
C MET A 780 -52.37 -7.23 -12.06
N LEU A 781 -53.11 -6.55 -12.94
CA LEU A 781 -53.50 -7.05 -14.24
C LEU A 781 -53.28 -5.98 -15.29
N PRO A 782 -53.17 -6.36 -16.56
CA PRO A 782 -52.96 -5.35 -17.61
C PRO A 782 -54.06 -4.31 -17.68
N GLU A 783 -55.31 -4.69 -17.41
CA GLU A 783 -56.43 -3.76 -17.52
C GLU A 783 -56.46 -2.74 -16.39
N ASP A 784 -55.64 -2.91 -15.35
CA ASP A 784 -55.60 -1.94 -14.26
C ASP A 784 -55.00 -0.61 -14.70
N ILE A 785 -54.34 -0.56 -15.85
CA ILE A 785 -53.79 0.70 -16.35
C ILE A 785 -54.88 1.73 -16.59
N GLY A 786 -56.11 1.28 -16.84
CA GLY A 786 -57.21 2.18 -17.11
C GLY A 786 -57.84 2.81 -15.89
N LYS A 787 -57.38 2.46 -14.69
CA LYS A 787 -57.91 3.02 -13.45
C LYS A 787 -57.13 4.25 -12.98
N TRP A 788 -56.06 4.62 -13.66
CA TRP A 788 -55.18 5.70 -13.21
C TRP A 788 -55.47 6.96 -14.02
N TYR A 789 -55.63 8.08 -13.31
CA TYR A 789 -55.93 9.36 -13.91
C TYR A 789 -54.82 10.35 -13.57
N VAL A 790 -54.56 11.26 -14.50
CA VAL A 790 -53.55 12.31 -14.33
C VAL A 790 -54.24 13.66 -14.52
N ARG A 791 -53.98 14.58 -13.59
CA ARG A 791 -54.63 15.88 -13.63
C ARG A 791 -54.11 16.68 -14.82
N GLY A 792 -55.04 17.23 -15.61
CA GLY A 792 -54.65 18.05 -16.74
C GLY A 792 -54.30 19.46 -16.33
N SER A 793 -53.78 20.21 -17.31
CA SER A 793 -53.41 21.60 -17.07
C SER A 793 -54.61 22.50 -16.86
N ASP A 794 -55.83 22.01 -17.12
CA ASP A 794 -57.06 22.78 -16.95
C ASP A 794 -58.04 22.05 -16.06
N GLY A 795 -57.55 21.51 -14.94
CA GLY A 795 -58.41 20.86 -13.98
C GLY A 795 -59.10 19.62 -14.51
N GLN A 796 -58.52 18.97 -15.50
CA GLN A 796 -59.10 17.78 -16.11
C GLN A 796 -58.56 16.52 -15.42
N MET A 797 -59.17 15.38 -15.76
CA MET A 797 -58.72 14.08 -15.29
C MET A 797 -58.89 13.10 -16.44
N VAL A 798 -57.80 12.82 -17.16
CA VAL A 798 -57.80 11.94 -18.31
C VAL A 798 -57.16 10.62 -17.89
N PRO A 799 -57.80 9.48 -18.16
CA PRO A 799 -57.18 8.19 -17.82
C PRO A 799 -56.08 7.83 -18.82
N PHE A 800 -55.31 6.80 -18.45
CA PHE A 800 -54.25 6.33 -19.34
C PHE A 800 -54.81 5.78 -20.64
N SER A 801 -56.08 5.39 -20.67
CA SER A 801 -56.68 4.87 -21.90
C SER A 801 -56.85 5.97 -22.95
N ALA A 802 -56.87 7.22 -22.54
CA ALA A 802 -57.10 8.32 -23.48
C ALA A 802 -55.89 8.62 -24.34
N PHE A 803 -54.68 8.42 -23.81
CA PHE A 803 -53.46 8.81 -24.52
C PHE A 803 -52.39 7.73 -24.43
N SER A 804 -52.78 6.47 -24.30
CA SER A 804 -51.82 5.37 -24.23
C SER A 804 -52.36 4.18 -24.99
N THR A 805 -51.43 3.39 -25.54
CA THR A 805 -51.76 2.13 -26.19
C THR A 805 -50.75 1.09 -25.73
N SER A 806 -51.24 -0.06 -25.31
CA SER A 806 -50.41 -1.10 -24.71
C SER A 806 -50.46 -2.37 -25.54
N ARG A 807 -49.34 -3.07 -25.58
CA ARG A 807 -49.23 -4.33 -26.30
C ARG A 807 -48.18 -5.19 -25.61
N TRP A 808 -48.26 -6.50 -25.88
CA TRP A 808 -47.33 -7.45 -25.29
C TRP A 808 -46.15 -7.69 -26.22
N GLU A 809 -44.96 -7.85 -25.63
CA GLU A 809 -43.76 -8.15 -26.38
C GLU A 809 -42.81 -8.93 -25.50
N TYR A 810 -41.89 -9.65 -26.14
CA TYR A 810 -40.92 -10.46 -25.43
C TYR A 810 -39.60 -9.70 -25.31
N GLY A 811 -39.04 -9.70 -24.10
CA GLY A 811 -37.74 -9.11 -23.87
C GLY A 811 -36.86 -10.04 -23.06
N SER A 812 -35.88 -9.49 -22.34
CA SER A 812 -35.00 -10.27 -21.51
C SER A 812 -35.11 -9.81 -20.07
N PRO A 813 -35.09 -10.73 -19.10
CA PRO A 813 -35.19 -10.29 -17.69
C PRO A 813 -33.83 -10.02 -17.06
N ARG A 814 -32.76 -10.53 -17.67
CA ARG A 814 -31.43 -10.37 -17.12
C ARG A 814 -30.44 -10.32 -18.27
N LEU A 815 -30.10 -9.10 -18.70
CA LEU A 815 -29.07 -8.91 -19.71
C LEU A 815 -27.69 -8.93 -19.06
N GLU A 816 -26.72 -9.52 -19.75
CA GLU A 816 -25.36 -9.67 -19.25
C GLU A 816 -24.40 -8.92 -20.16
N ARG A 817 -23.13 -8.90 -19.75
CA ARG A 817 -22.07 -8.30 -20.53
C ARG A 817 -20.75 -8.96 -20.16
N TYR A 818 -19.76 -8.81 -21.03
CA TYR A 818 -18.42 -9.30 -20.75
C TYR A 818 -17.42 -8.40 -21.43
N ASN A 819 -16.49 -7.85 -20.66
CA ASN A 819 -15.44 -6.97 -21.18
C ASN A 819 -16.00 -5.80 -21.97
N GLY A 820 -17.26 -5.44 -21.73
CA GLY A 820 -17.87 -4.31 -22.38
C GLY A 820 -18.74 -4.63 -23.58
N LEU A 821 -18.99 -5.91 -23.87
CA LEU A 821 -19.81 -6.31 -24.99
C LEU A 821 -20.87 -7.29 -24.53
N PRO A 822 -22.01 -7.36 -25.22
CA PRO A 822 -23.06 -8.29 -24.80
C PRO A 822 -22.55 -9.72 -24.77
N SER A 823 -23.00 -10.47 -23.77
CA SER A 823 -22.54 -11.84 -23.55
C SER A 823 -23.70 -12.71 -23.12
N LEU A 824 -23.44 -14.01 -23.06
CA LEU A 824 -24.45 -14.97 -22.60
C LEU A 824 -23.69 -16.19 -22.07
N GLU A 825 -23.58 -16.28 -20.75
CA GLU A 825 -22.78 -17.33 -20.14
C GLU A 825 -23.35 -18.70 -20.45
N ILE A 826 -22.46 -19.67 -20.65
CA ILE A 826 -22.86 -21.05 -20.94
C ILE A 826 -21.94 -21.99 -20.17
N LEU A 827 -22.46 -22.61 -19.10
CA LEU A 827 -21.68 -23.57 -18.34
C LEU A 827 -21.57 -24.88 -19.10
N GLY A 828 -20.52 -25.64 -18.80
CA GLY A 828 -20.33 -26.94 -19.41
C GLY A 828 -19.10 -27.61 -18.87
N GLN A 829 -19.05 -28.93 -19.08
CA GLN A 829 -17.91 -29.74 -18.66
C GLN A 829 -17.76 -30.91 -19.63
N ALA A 830 -16.51 -31.31 -19.85
CA ALA A 830 -16.18 -32.20 -20.95
C ALA A 830 -16.83 -33.58 -20.80
N ALA A 831 -16.64 -34.41 -21.82
CA ALA A 831 -17.23 -35.75 -21.85
C ALA A 831 -16.41 -36.71 -20.98
N PRO A 832 -17.01 -37.84 -20.60
CA PRO A 832 -16.26 -38.82 -19.80
C PRO A 832 -15.16 -39.47 -20.63
N GLY A 833 -13.99 -39.63 -20.02
CA GLY A 833 -12.87 -40.23 -20.71
C GLY A 833 -12.13 -39.25 -21.59
N LYS A 834 -12.82 -38.20 -22.04
CA LYS A 834 -12.22 -37.17 -22.86
C LYS A 834 -11.69 -36.06 -21.97
N SER A 835 -10.40 -35.75 -22.12
CA SER A 835 -9.78 -34.74 -21.28
C SER A 835 -10.38 -33.37 -21.55
N THR A 836 -10.29 -32.50 -20.54
CA THR A 836 -10.81 -31.14 -20.67
C THR A 836 -10.10 -30.36 -21.76
N GLY A 837 -8.88 -30.75 -22.13
CA GLY A 837 -8.14 -30.00 -23.13
C GLY A 837 -8.83 -29.97 -24.48
N GLU A 838 -9.30 -31.13 -24.94
CA GLU A 838 -9.96 -31.19 -26.24
C GLU A 838 -11.33 -30.51 -26.21
N ALA A 839 -12.01 -30.54 -25.07
CA ALA A 839 -13.31 -29.89 -24.97
C ALA A 839 -13.21 -28.42 -25.35
N MET A 840 -12.22 -27.71 -24.80
CA MET A 840 -12.01 -26.32 -25.20
C MET A 840 -11.64 -26.23 -26.66
N ALA A 841 -10.80 -27.14 -27.15
CA ALA A 841 -10.41 -27.13 -28.56
C ALA A 841 -11.62 -27.34 -29.46
N LEU A 842 -12.46 -28.32 -29.12
CA LEU A 842 -13.68 -28.54 -29.90
C LEU A 842 -14.62 -27.35 -29.76
N MET A 843 -14.77 -26.82 -28.55
CA MET A 843 -15.69 -25.70 -28.34
C MET A 843 -15.29 -24.51 -29.19
N GLU A 844 -13.99 -24.24 -29.27
CA GLU A 844 -13.50 -23.14 -30.10
C GLU A 844 -13.83 -23.36 -31.57
N GLU A 845 -13.65 -24.59 -32.06
CA GLU A 845 -13.85 -24.85 -33.48
C GLU A 845 -15.28 -24.56 -33.90
N LEU A 846 -16.25 -25.03 -33.13
CA LEU A 846 -17.65 -24.80 -33.47
C LEU A 846 -17.99 -23.32 -33.41
N ALA A 847 -17.48 -22.62 -32.39
CA ALA A 847 -17.77 -21.20 -32.26
C ALA A 847 -17.26 -20.40 -33.45
N GLY A 848 -16.08 -20.78 -33.97
CA GLY A 848 -15.48 -20.04 -35.06
C GLY A 848 -16.31 -20.02 -36.33
N LYS A 849 -17.24 -20.95 -36.48
CA LYS A 849 -18.08 -21.05 -37.69
C LYS A 849 -19.48 -20.51 -37.44
N LEU A 850 -19.62 -19.50 -36.60
CA LEU A 850 -20.88 -18.84 -36.33
C LEU A 850 -20.99 -17.58 -37.18
N PRO A 851 -22.18 -16.97 -37.24
CA PRO A 851 -22.36 -15.76 -38.06
C PRO A 851 -21.32 -14.69 -37.75
N SER A 852 -21.15 -13.74 -38.67
CA SER A 852 -20.17 -12.69 -38.50
C SER A 852 -20.52 -11.83 -37.29
N GLY A 853 -19.51 -11.47 -36.51
CA GLY A 853 -19.69 -10.64 -35.34
C GLY A 853 -19.86 -11.39 -34.04
N ILE A 854 -20.00 -12.72 -34.07
CA ILE A 854 -20.16 -13.53 -32.87
C ILE A 854 -18.81 -14.13 -32.53
N GLY A 855 -18.30 -13.81 -31.34
CA GLY A 855 -17.03 -14.29 -30.88
C GLY A 855 -17.14 -15.31 -29.77
N TYR A 856 -16.07 -15.42 -28.99
CA TYR A 856 -16.04 -16.36 -27.87
C TYR A 856 -14.95 -15.92 -26.91
N ASP A 857 -15.02 -16.45 -25.69
CA ASP A 857 -14.02 -16.16 -24.66
C ASP A 857 -14.30 -17.07 -23.46
N TRP A 858 -13.32 -17.14 -22.57
CA TRP A 858 -13.39 -17.97 -21.38
C TRP A 858 -13.20 -17.10 -20.14
N THR A 859 -13.78 -17.57 -19.02
CA THR A 859 -13.71 -16.84 -17.76
C THR A 859 -13.61 -17.84 -16.62
N GLY A 860 -13.47 -17.31 -15.41
CA GLY A 860 -13.50 -18.15 -14.23
C GLY A 860 -12.44 -19.23 -14.29
N MET A 861 -12.87 -20.47 -14.02
CA MET A 861 -11.93 -21.59 -13.97
C MET A 861 -11.25 -21.79 -15.32
N SER A 862 -12.00 -21.67 -16.41
CA SER A 862 -11.42 -21.85 -17.74
C SER A 862 -10.25 -20.90 -17.95
N TYR A 863 -10.32 -19.70 -17.39
CA TYR A 863 -9.24 -18.72 -17.57
C TYR A 863 -7.96 -19.19 -16.90
N GLN A 864 -8.07 -19.71 -15.68
CA GLN A 864 -6.87 -20.11 -14.93
C GLN A 864 -6.12 -21.22 -15.65
N GLU A 865 -6.84 -22.22 -16.17
CA GLU A 865 -6.18 -23.32 -16.87
C GLU A 865 -5.49 -22.83 -18.13
N ARG A 866 -6.10 -21.87 -18.83
CA ARG A 866 -5.50 -21.34 -20.04
C ARG A 866 -4.17 -20.65 -19.77
N LEU A 867 -3.89 -20.27 -18.52
CA LEU A 867 -2.64 -19.64 -18.15
C LEU A 867 -1.76 -20.53 -17.28
N SER A 868 -2.19 -21.75 -16.99
CA SER A 868 -1.43 -22.71 -16.20
C SER A 868 -1.53 -24.09 -16.83
N GLY A 869 -1.37 -24.15 -18.15
CA GLY A 869 -1.63 -25.37 -18.90
C GLY A 869 -0.73 -26.54 -18.58
N ASN A 870 0.55 -26.43 -18.94
CA ASN A 870 1.47 -27.55 -18.87
C ASN A 870 2.79 -27.11 -18.25
N GLN A 871 2.72 -26.41 -17.11
CA GLN A 871 3.91 -25.97 -16.41
C GLN A 871 4.45 -27.00 -15.43
N ALA A 872 3.73 -28.08 -15.18
CA ALA A 872 4.18 -29.10 -14.25
C ALA A 872 5.21 -30.04 -14.90
N PRO A 873 4.93 -30.57 -16.09
CA PRO A 873 5.92 -31.50 -16.69
C PRO A 873 7.30 -30.91 -16.86
N ALA A 874 7.38 -29.62 -17.22
CA ALA A 874 8.69 -29.00 -17.41
C ALA A 874 9.48 -28.98 -16.11
N LEU A 875 8.82 -28.66 -14.99
CA LEU A 875 9.52 -28.59 -13.71
C LEU A 875 10.03 -29.95 -13.28
N TYR A 876 9.32 -31.02 -13.66
CA TYR A 876 9.81 -32.36 -13.33
C TYR A 876 11.16 -32.64 -13.97
N ALA A 877 11.33 -32.20 -15.21
CA ALA A 877 12.62 -32.40 -15.89
C ALA A 877 13.74 -31.69 -15.15
N ILE A 878 13.47 -30.48 -14.65
CA ILE A 878 14.50 -29.73 -13.93
C ILE A 878 14.84 -30.42 -12.62
N SER A 879 13.84 -31.01 -11.95
CA SER A 879 14.09 -31.63 -10.66
C SER A 879 15.06 -32.80 -10.79
N LEU A 880 14.85 -33.66 -11.79
CA LEU A 880 15.71 -34.84 -11.95
C LEU A 880 17.14 -34.43 -12.28
N ILE A 881 17.30 -33.48 -13.21
CA ILE A 881 18.65 -33.06 -13.59
C ILE A 881 19.37 -32.43 -12.41
N VAL A 882 18.64 -31.63 -11.62
CA VAL A 882 19.25 -31.01 -10.44
C VAL A 882 19.66 -32.08 -9.43
N VAL A 883 18.82 -33.09 -9.23
CA VAL A 883 19.14 -34.15 -8.29
C VAL A 883 20.29 -35.01 -8.81
N PHE A 884 20.27 -35.33 -10.10
CA PHE A 884 21.33 -36.17 -10.67
C PHE A 884 22.70 -35.51 -10.48
N LEU A 885 22.78 -34.21 -10.75
CA LEU A 885 24.04 -33.50 -10.51
C LEU A 885 24.42 -33.54 -9.04
N CYS A 886 23.44 -33.34 -8.15
CA CYS A 886 23.72 -33.38 -6.72
C CYS A 886 24.24 -34.76 -6.30
N LEU A 887 23.62 -35.82 -6.81
CA LEU A 887 24.07 -37.17 -6.46
C LEU A 887 25.45 -37.45 -7.03
N ALA A 888 25.74 -36.95 -8.24
CA ALA A 888 27.07 -37.13 -8.81
C ALA A 888 28.13 -36.47 -7.94
N ALA A 889 27.84 -35.27 -7.43
CA ALA A 889 28.78 -34.60 -6.55
C ALA A 889 29.02 -35.40 -5.28
N LEU A 890 27.94 -35.93 -4.69
CA LEU A 890 28.08 -36.66 -3.43
C LEU A 890 28.94 -37.91 -3.59
N TYR A 891 28.71 -38.67 -4.66
CA TYR A 891 29.39 -39.94 -4.86
C TYR A 891 30.68 -39.82 -5.66
N GLU A 892 30.99 -38.63 -6.18
CA GLU A 892 32.23 -38.40 -6.94
C GLU A 892 32.29 -39.28 -8.17
N SER A 893 31.25 -39.21 -8.99
CA SER A 893 31.20 -39.99 -10.22
C SER A 893 29.98 -39.60 -11.03
N TRP A 894 30.07 -39.78 -12.34
CA TRP A 894 28.95 -39.54 -13.24
C TRP A 894 28.12 -40.80 -13.50
N SER A 895 28.57 -41.96 -13.03
CA SER A 895 27.87 -43.22 -13.24
C SER A 895 27.21 -43.78 -11.98
N ILE A 896 27.77 -43.50 -10.80
CA ILE A 896 27.16 -44.00 -9.57
C ILE A 896 25.74 -43.51 -9.40
N PRO A 897 25.41 -42.23 -9.67
CA PRO A 897 24.03 -41.79 -9.45
C PRO A 897 22.99 -42.57 -10.22
N PHE A 898 23.36 -43.25 -11.31
CA PHE A 898 22.40 -44.06 -12.04
C PHE A 898 21.84 -45.17 -11.15
N SER A 899 22.70 -45.80 -10.34
CA SER A 899 22.22 -46.79 -9.39
C SER A 899 21.24 -46.19 -8.39
N VAL A 900 21.27 -44.87 -8.21
CA VAL A 900 20.33 -44.19 -7.33
C VAL A 900 19.19 -43.53 -8.10
N MET A 901 19.34 -43.33 -9.41
CA MET A 901 18.32 -42.69 -10.21
C MET A 901 17.31 -43.69 -10.77
N LEU A 902 17.79 -44.80 -11.33
CA LEU A 902 16.91 -45.79 -11.93
C LEU A 902 15.97 -46.44 -10.91
N VAL A 903 16.12 -46.13 -9.62
CA VAL A 903 15.17 -46.60 -8.62
C VAL A 903 13.88 -45.79 -8.65
N VAL A 904 13.91 -44.57 -9.19
CA VAL A 904 12.72 -43.72 -9.18
C VAL A 904 11.54 -44.39 -9.89
N PRO A 905 11.69 -44.94 -11.09
CA PRO A 905 10.54 -45.59 -11.74
C PRO A 905 9.94 -46.71 -10.89
N LEU A 906 10.76 -47.42 -10.10
CA LEU A 906 10.22 -48.45 -9.23
C LEU A 906 9.28 -47.85 -8.20
N GLY A 907 9.68 -46.75 -7.57
CA GLY A 907 8.83 -46.13 -6.55
C GLY A 907 7.55 -45.56 -7.13
N VAL A 908 7.64 -44.86 -8.26
CA VAL A 908 6.47 -44.18 -8.81
C VAL A 908 5.40 -45.19 -9.19
N VAL A 909 5.79 -46.42 -9.52
CA VAL A 909 4.80 -47.43 -9.90
C VAL A 909 3.79 -47.64 -8.77
N GLY A 910 4.26 -47.65 -7.53
CA GLY A 910 3.37 -47.84 -6.41
C GLY A 910 2.29 -46.78 -6.33
N ALA A 911 2.68 -45.51 -6.52
CA ALA A 911 1.71 -44.43 -6.46
C ALA A 911 0.65 -44.57 -7.55
N LEU A 912 1.09 -44.74 -8.80
CA LEU A 912 0.14 -44.87 -9.90
C LEU A 912 -0.72 -46.11 -9.73
N LEU A 913 -0.09 -47.26 -9.46
CA LEU A 913 -0.86 -48.50 -9.31
C LEU A 913 -1.81 -48.40 -8.12
N ALA A 914 -1.35 -47.85 -7.00
CA ALA A 914 -2.21 -47.71 -5.84
C ALA A 914 -3.37 -46.77 -6.13
N ALA A 915 -3.10 -45.65 -6.82
CA ALA A 915 -4.15 -44.69 -7.10
C ALA A 915 -5.19 -45.28 -8.04
N THR A 916 -4.76 -45.92 -9.12
CA THR A 916 -5.71 -46.44 -10.09
C THR A 916 -6.61 -47.50 -9.48
N PHE A 917 -6.05 -48.38 -8.64
CA PHE A 917 -6.86 -49.41 -8.01
C PHE A 917 -7.96 -48.81 -7.15
N ARG A 918 -7.63 -47.78 -6.38
CA ARG A 918 -8.63 -47.14 -5.53
C ARG A 918 -9.55 -46.22 -6.33
N GLY A 919 -9.06 -45.61 -7.39
CA GLY A 919 -9.87 -44.73 -8.22
C GLY A 919 -9.66 -43.26 -7.90
N LEU A 920 -8.41 -42.85 -7.77
CA LEU A 920 -8.07 -41.45 -7.53
C LEU A 920 -7.85 -40.75 -8.87
N THR A 921 -7.36 -39.51 -8.82
CA THR A 921 -7.12 -38.72 -10.01
C THR A 921 -5.82 -37.93 -9.85
N ASN A 922 -5.22 -37.57 -10.97
CA ASN A 922 -3.96 -36.83 -10.97
C ASN A 922 -4.22 -35.37 -10.62
N ASP A 923 -4.61 -35.17 -9.36
CA ASP A 923 -4.92 -33.85 -8.83
C ASP A 923 -3.69 -33.25 -8.16
N VAL A 924 -3.87 -32.07 -7.58
CA VAL A 924 -2.75 -31.40 -6.92
C VAL A 924 -2.22 -32.24 -5.77
N TYR A 925 -3.12 -32.84 -4.98
CA TYR A 925 -2.69 -33.63 -3.83
C TYR A 925 -1.84 -34.82 -4.27
N PHE A 926 -2.25 -35.50 -5.36
CA PHE A 926 -1.47 -36.62 -5.85
C PHE A 926 -0.11 -36.15 -6.36
N GLN A 927 -0.06 -35.02 -7.06
CA GLN A 927 1.18 -34.59 -7.67
C GLN A 927 2.26 -34.32 -6.63
N VAL A 928 1.89 -33.68 -5.51
CA VAL A 928 2.85 -33.52 -4.42
C VAL A 928 3.21 -34.88 -3.83
N GLY A 929 2.25 -35.80 -3.78
CA GLY A 929 2.57 -37.16 -3.36
C GLY A 929 3.59 -37.80 -4.26
N LEU A 930 3.53 -37.51 -5.56
CA LEU A 930 4.54 -38.02 -6.49
C LEU A 930 5.92 -37.45 -6.15
N LEU A 931 5.98 -36.16 -5.79
CA LEU A 931 7.26 -35.56 -5.44
C LEU A 931 7.74 -35.99 -4.07
N THR A 932 6.93 -36.69 -3.29
CA THR A 932 7.37 -37.23 -2.01
C THR A 932 7.84 -38.68 -2.12
N THR A 933 7.23 -39.46 -3.01
CA THR A 933 7.71 -40.82 -3.23
C THR A 933 8.98 -40.87 -4.04
N ILE A 934 9.15 -39.95 -4.99
CA ILE A 934 10.41 -39.88 -5.74
C ILE A 934 11.56 -39.52 -4.82
N GLY A 935 11.36 -38.52 -3.95
CA GLY A 935 12.41 -38.15 -3.02
C GLY A 935 12.70 -39.23 -2.00
N LEU A 936 11.65 -39.82 -1.43
CA LEU A 936 11.84 -40.87 -0.43
C LEU A 936 12.45 -42.11 -1.04
N SER A 937 11.98 -42.51 -2.22
CA SER A 937 12.58 -43.65 -2.90
C SER A 937 14.05 -43.40 -3.22
N ALA A 938 14.42 -42.14 -3.42
CA ALA A 938 15.84 -41.81 -3.55
C ALA A 938 16.56 -41.95 -2.23
N LYS A 939 15.88 -41.66 -1.10
CA LYS A 939 16.50 -41.81 0.20
C LYS A 939 16.87 -43.27 0.48
N ASN A 940 15.93 -44.19 0.20
CA ASN A 940 16.20 -45.60 0.45
C ASN A 940 17.34 -46.11 -0.42
N ALA A 941 17.38 -45.70 -1.69
CA ALA A 941 18.45 -46.13 -2.57
C ALA A 941 19.80 -45.59 -2.10
N ILE A 942 19.82 -44.34 -1.63
CA ILE A 942 21.07 -43.76 -1.14
C ILE A 942 21.58 -44.55 0.06
N LEU A 943 20.68 -44.95 0.95
CA LEU A 943 21.05 -45.76 2.10
C LEU A 943 21.72 -47.06 1.66
N ILE A 944 21.07 -47.80 0.76
CA ILE A 944 21.60 -49.10 0.36
C ILE A 944 22.93 -48.93 -0.36
N VAL A 945 23.12 -47.80 -1.05
CA VAL A 945 24.34 -47.58 -1.81
C VAL A 945 25.46 -46.94 -0.99
N GLU A 946 25.12 -46.22 0.09
CA GLU A 946 26.15 -45.48 0.82
C GLU A 946 27.10 -46.43 1.54
N PHE A 947 26.57 -47.41 2.28
CA PHE A 947 27.43 -48.43 2.86
C PHE A 947 28.21 -49.20 1.80
N ALA A 948 27.56 -49.56 0.70
CA ALA A 948 28.23 -50.35 -0.32
C ALA A 948 29.46 -49.64 -0.87
N LYS A 949 29.33 -48.34 -1.16
CA LYS A 949 30.47 -47.59 -1.68
C LYS A 949 31.57 -47.47 -0.64
N ASP A 950 31.21 -47.03 0.58
CA ASP A 950 32.22 -46.88 1.63
C ASP A 950 32.81 -48.23 2.02
N LEU A 951 32.05 -49.31 1.87
CA LEU A 951 32.58 -50.63 2.18
C LEU A 951 33.74 -50.99 1.25
N MET A 952 33.71 -50.49 0.00
CA MET A 952 34.77 -50.74 -0.97
C MET A 952 35.78 -49.60 -1.04
N GLU A 953 35.31 -48.36 -1.21
CA GLU A 953 36.23 -47.25 -1.38
C GLU A 953 37.09 -47.04 -0.14
N LYS A 954 36.53 -47.14 1.07
CA LYS A 954 37.38 -47.03 2.30
C LYS A 954 37.93 -48.38 2.74
N GLU A 955 37.11 -49.29 3.24
CA GLU A 955 37.60 -50.58 3.83
C GLU A 955 38.34 -51.37 2.75
N GLY A 956 37.85 -51.40 1.51
CA GLY A 956 38.49 -52.15 0.45
C GLY A 956 38.09 -53.61 0.42
N LYS A 957 37.22 -53.97 -0.51
CA LYS A 957 36.76 -55.35 -0.67
C LYS A 957 36.18 -55.49 -2.07
N GLY A 958 35.76 -56.72 -2.40
CA GLY A 958 35.20 -57.00 -3.70
C GLY A 958 33.89 -56.28 -3.94
N LEU A 959 33.39 -56.43 -5.16
CA LEU A 959 32.14 -55.77 -5.54
C LEU A 959 30.88 -56.60 -5.28
N ILE A 960 30.89 -57.88 -5.67
CA ILE A 960 29.72 -58.72 -5.45
C ILE A 960 29.45 -58.86 -3.96
N GLU A 961 30.50 -59.10 -3.17
CA GLU A 961 30.34 -59.21 -1.72
C GLU A 961 29.99 -57.86 -1.10
N ALA A 962 30.54 -56.78 -1.65
CA ALA A 962 30.30 -55.46 -1.07
C ALA A 962 28.82 -55.11 -1.06
N THR A 963 28.17 -55.20 -2.23
CA THR A 963 26.75 -54.89 -2.30
C THR A 963 25.94 -55.85 -1.44
N LEU A 964 26.29 -57.13 -1.46
CA LEU A 964 25.60 -58.11 -0.63
C LEU A 964 25.90 -57.87 0.86
N GLU A 965 27.16 -57.61 1.20
CA GLU A 965 27.52 -57.39 2.59
C GLU A 965 26.87 -56.12 3.14
N ALA A 966 26.90 -55.04 2.35
CA ALA A 966 26.32 -53.78 2.83
C ALA A 966 24.82 -53.92 3.06
N VAL A 967 24.14 -54.68 2.21
CA VAL A 967 22.68 -54.80 2.31
C VAL A 967 22.30 -55.60 3.57
N ARG A 968 22.99 -56.70 3.84
CA ARG A 968 22.59 -57.58 4.93
C ARG A 968 22.65 -56.85 6.27
N MET A 969 23.63 -55.97 6.45
CA MET A 969 23.74 -55.21 7.69
C MET A 969 22.83 -53.98 7.70
N ARG A 970 22.27 -53.60 6.56
CA ARG A 970 21.36 -52.47 6.46
C ARG A 970 19.90 -52.90 6.27
N LEU A 971 19.61 -54.18 6.14
CA LEU A 971 18.23 -54.60 5.93
C LEU A 971 17.33 -54.13 7.09
N ARG A 972 17.86 -54.12 8.32
CA ARG A 972 17.02 -53.79 9.47
C ARG A 972 16.61 -52.32 9.46
N PRO A 973 17.53 -51.35 9.39
CA PRO A 973 17.09 -49.95 9.42
C PRO A 973 16.12 -49.60 8.30
N ILE A 974 16.31 -50.14 7.09
CA ILE A 974 15.41 -49.81 5.98
C ILE A 974 13.99 -50.24 6.31
N LEU A 975 13.81 -51.49 6.73
CA LEU A 975 12.48 -51.93 7.13
C LEU A 975 12.00 -51.16 8.35
N MET A 976 12.91 -50.87 9.29
CA MET A 976 12.54 -50.07 10.45
C MET A 976 11.94 -48.73 10.03
N THR A 977 12.64 -48.02 9.15
CA THR A 977 12.15 -46.72 8.69
C THR A 977 10.99 -46.88 7.71
N SER A 978 11.10 -47.82 6.77
CA SER A 978 10.06 -47.99 5.77
C SER A 978 8.76 -48.49 6.39
N LEU A 979 8.85 -49.53 7.23
CA LEU A 979 7.65 -50.06 7.86
C LEU A 979 6.98 -49.03 8.75
N ALA A 980 7.79 -48.22 9.45
CA ALA A 980 7.22 -47.18 10.31
C ALA A 980 6.45 -46.16 9.49
N PHE A 981 7.02 -45.71 8.37
CA PHE A 981 6.35 -44.70 7.56
C PHE A 981 5.06 -45.24 6.97
N ILE A 982 5.07 -46.46 6.46
CA ILE A 982 3.86 -47.04 5.90
C ILE A 982 2.75 -47.07 6.94
N LEU A 983 3.08 -47.54 8.14
CA LEU A 983 2.13 -47.43 9.25
C LEU A 983 1.90 -45.96 9.63
N GLY A 984 2.92 -45.12 9.49
CA GLY A 984 2.76 -43.71 9.81
C GLY A 984 1.77 -43.01 8.90
N VAL A 985 1.85 -43.30 7.60
CA VAL A 985 0.91 -42.72 6.64
C VAL A 985 -0.38 -43.52 6.53
N MET A 986 -0.43 -44.71 7.11
CA MET A 986 -1.64 -45.51 7.10
C MET A 986 -2.86 -44.75 7.62
N PRO A 987 -2.78 -43.99 8.72
CA PRO A 987 -3.97 -43.22 9.13
C PRO A 987 -4.47 -42.27 8.07
N LEU A 988 -3.59 -41.72 7.23
CA LEU A 988 -4.02 -40.86 6.14
C LEU A 988 -4.79 -41.61 5.07
N VAL A 989 -4.79 -42.94 5.10
CA VAL A 989 -5.49 -43.75 4.12
C VAL A 989 -6.86 -44.20 4.64
N ILE A 990 -6.89 -44.77 5.85
CA ILE A 990 -8.14 -45.22 6.44
C ILE A 990 -9.06 -44.09 6.84
N SER A 991 -8.57 -42.85 6.84
CA SER A 991 -9.37 -41.72 7.29
C SER A 991 -10.68 -41.66 6.52
N SER A 992 -11.79 -41.54 7.24
CA SER A 992 -13.12 -41.46 6.64
C SER A 992 -13.94 -40.39 7.35
N GLY A 993 -13.29 -39.26 7.67
CA GLY A 993 -13.97 -38.17 8.33
C GLY A 993 -13.90 -36.88 7.52
N ALA A 994 -13.83 -35.74 8.20
CA ALA A 994 -13.73 -34.47 7.50
C ALA A 994 -12.45 -34.41 6.70
N GLY A 995 -12.52 -33.80 5.52
CA GLY A 995 -11.35 -33.68 4.66
C GLY A 995 -10.80 -35.02 4.21
N SER A 996 -11.64 -36.05 4.15
CA SER A 996 -11.16 -37.37 3.76
C SER A 996 -10.62 -37.36 2.33
N GLY A 997 -11.32 -36.66 1.42
CA GLY A 997 -10.87 -36.63 0.04
C GLY A 997 -9.45 -36.08 -0.09
N ALA A 998 -9.16 -34.99 0.62
CA ALA A 998 -7.81 -34.44 0.59
C ALA A 998 -6.81 -35.40 1.20
N GLN A 999 -7.18 -36.04 2.32
CA GLN A 999 -6.26 -36.96 2.98
C GLN A 999 -6.05 -38.22 2.16
N ASN A 1000 -7.14 -38.83 1.67
CA ASN A 1000 -7.01 -40.06 0.91
C ASN A 1000 -6.20 -39.86 -0.37
N ALA A 1001 -6.21 -38.63 -0.90
CA ALA A 1001 -5.41 -38.36 -2.10
C ALA A 1001 -3.92 -38.48 -1.81
N VAL A 1002 -3.45 -37.82 -0.75
CA VAL A 1002 -2.04 -37.91 -0.38
C VAL A 1002 -1.75 -39.26 0.27
N GLY A 1003 -2.66 -39.73 1.12
CA GLY A 1003 -2.43 -40.95 1.88
C GLY A 1003 -2.04 -42.13 1.02
N THR A 1004 -2.95 -42.61 0.18
CA THR A 1004 -2.67 -43.76 -0.66
C THR A 1004 -1.67 -43.43 -1.76
N GLY A 1005 -1.44 -42.15 -2.04
CA GLY A 1005 -0.46 -41.78 -3.04
C GLY A 1005 0.95 -42.13 -2.64
N VAL A 1006 1.29 -41.93 -1.37
CA VAL A 1006 2.64 -42.14 -0.88
C VAL A 1006 2.74 -43.52 -0.22
N MET A 1007 1.65 -43.95 0.44
CA MET A 1007 1.67 -45.26 1.08
C MET A 1007 1.89 -46.37 0.07
N GLY A 1008 1.22 -46.28 -1.08
CA GLY A 1008 1.47 -47.24 -2.14
C GLY A 1008 2.87 -47.16 -2.69
N GLY A 1009 3.45 -45.95 -2.72
CA GLY A 1009 4.80 -45.79 -3.25
C GLY A 1009 5.84 -46.55 -2.44
N MET A 1010 5.72 -46.51 -1.11
CA MET A 1010 6.69 -47.21 -0.28
C MET A 1010 6.67 -48.71 -0.52
N VAL A 1011 5.48 -49.30 -0.67
CA VAL A 1011 5.40 -50.75 -0.83
C VAL A 1011 6.17 -51.19 -2.06
N THR A 1012 6.09 -50.43 -3.14
CA THR A 1012 6.84 -50.73 -4.36
C THR A 1012 8.23 -50.12 -4.37
N ALA A 1013 8.61 -49.42 -3.30
CA ALA A 1013 9.96 -48.87 -3.16
C ALA A 1013 10.71 -49.46 -1.97
N THR A 1014 10.16 -50.49 -1.35
CA THR A 1014 10.82 -51.19 -0.25
C THR A 1014 10.95 -52.69 -0.50
N ILE A 1015 9.95 -53.31 -1.11
CA ILE A 1015 10.07 -54.71 -1.53
C ILE A 1015 10.85 -54.83 -2.84
N LEU A 1016 10.96 -53.74 -3.60
CA LEU A 1016 11.72 -53.73 -4.84
C LEU A 1016 13.06 -53.02 -4.73
N ALA A 1017 13.17 -52.02 -3.84
CA ALA A 1017 14.42 -51.27 -3.73
C ALA A 1017 15.57 -52.16 -3.25
N ILE A 1018 15.28 -53.06 -2.33
CA ILE A 1018 16.31 -53.93 -1.75
C ILE A 1018 16.58 -55.11 -2.67
N PHE A 1019 15.97 -55.12 -3.85
CA PHE A 1019 16.15 -56.18 -4.83
C PHE A 1019 16.78 -55.70 -6.13
N PHE A 1020 16.58 -54.44 -6.50
CA PHE A 1020 17.13 -53.90 -7.75
C PHE A 1020 18.33 -52.99 -7.53
N VAL A 1021 18.34 -52.20 -6.46
CA VAL A 1021 19.51 -51.35 -6.18
C VAL A 1021 20.77 -52.19 -6.09
N PRO A 1022 20.80 -53.33 -5.39
CA PRO A 1022 22.00 -54.18 -5.43
C PRO A 1022 22.35 -54.62 -6.83
N VAL A 1023 21.37 -54.84 -7.70
CA VAL A 1023 21.66 -55.22 -9.08
C VAL A 1023 22.29 -54.05 -9.82
N PHE A 1024 21.72 -52.85 -9.67
CA PHE A 1024 22.23 -51.69 -10.39
C PHE A 1024 23.66 -51.36 -9.98
N PHE A 1025 23.94 -51.40 -8.67
CA PHE A 1025 25.30 -51.10 -8.21
C PHE A 1025 26.31 -52.11 -8.72
N VAL A 1026 25.86 -53.27 -9.18
CA VAL A 1026 26.74 -54.24 -9.82
C VAL A 1026 26.76 -54.05 -11.33
N VAL A 1027 25.58 -53.86 -11.94
CA VAL A 1027 25.52 -53.63 -13.37
C VAL A 1027 26.25 -52.34 -13.74
N VAL A 1028 26.03 -51.28 -12.96
CA VAL A 1028 26.66 -49.99 -13.27
C VAL A 1028 28.17 -50.11 -13.23
N ARG A 1029 28.70 -50.77 -12.20
CA ARG A 1029 30.15 -50.82 -12.03
C ARG A 1029 30.80 -51.75 -13.04
N ARG A 1030 30.07 -52.74 -13.57
CA ARG A 1030 30.61 -53.64 -14.58
C ARG A 1030 30.35 -53.16 -15.99
N ARG A 1031 29.68 -52.03 -16.17
CA ARG A 1031 29.47 -51.43 -17.49
C ARG A 1031 30.01 -50.02 -17.58
N PHE A 1032 29.87 -49.22 -16.51
CA PHE A 1032 30.50 -47.90 -16.41
C PHE A 1032 31.74 -47.93 -15.53
N SER A 1033 32.45 -49.05 -15.52
CA SER A 1033 33.62 -49.21 -14.67
C SER A 1033 34.64 -48.10 -14.92
N MET B 1 36.82 -13.94 17.83
CA MET B 1 37.04 -12.58 17.27
C MET B 1 38.11 -11.81 18.05
N PRO B 2 38.00 -11.76 19.38
CA PRO B 2 38.99 -10.99 20.15
C PRO B 2 40.42 -11.41 19.89
N ASN B 3 40.67 -12.71 19.70
CA ASN B 3 42.01 -13.18 19.37
C ASN B 3 42.32 -13.05 17.90
N PHE B 4 41.35 -12.64 17.08
CA PHE B 4 41.59 -12.41 15.66
C PHE B 4 41.94 -10.95 15.38
N PHE B 5 41.25 -10.01 16.03
CA PHE B 5 41.55 -8.59 15.86
C PHE B 5 42.67 -8.11 16.78
N ILE B 6 43.07 -8.91 17.77
CA ILE B 6 44.09 -8.46 18.72
C ILE B 6 45.41 -8.20 18.00
N ASP B 7 45.79 -9.10 17.10
CA ASP B 7 46.98 -8.93 16.28
C ASP B 7 46.66 -8.26 14.95
N ARG B 8 45.45 -7.72 14.81
CA ARG B 8 45.00 -7.08 13.57
C ARG B 8 44.44 -5.71 13.90
N PRO B 9 45.24 -4.86 14.55
CA PRO B 9 44.69 -3.58 15.05
C PRO B 9 44.08 -2.71 13.96
N ILE B 10 44.70 -2.67 12.78
CA ILE B 10 44.20 -1.79 11.73
C ILE B 10 42.80 -2.21 11.30
N PHE B 11 42.57 -3.51 11.15
CA PHE B 11 41.26 -4.00 10.73
C PHE B 11 40.18 -3.67 11.76
N ALA B 12 40.56 -3.45 13.02
CA ALA B 12 39.58 -3.02 14.00
C ALA B 12 39.22 -1.55 13.81
N TRP B 13 40.21 -0.72 13.47
CA TRP B 13 39.95 0.71 13.26
C TRP B 13 39.02 0.91 12.08
N VAL B 14 39.21 0.15 11.00
CA VAL B 14 38.39 0.33 9.81
C VAL B 14 36.92 0.09 10.14
N ILE B 15 36.63 -0.99 10.86
CA ILE B 15 35.24 -1.26 11.24
C ILE B 15 34.74 -0.19 12.20
N ALA B 16 35.61 0.30 13.09
CA ALA B 16 35.23 1.40 13.95
C ALA B 16 34.98 2.67 13.15
N ILE B 17 35.81 2.93 12.15
CA ILE B 17 35.65 4.15 11.34
C ILE B 17 34.38 4.07 10.51
N ILE B 18 34.07 2.87 9.98
CA ILE B 18 32.85 2.72 9.20
C ILE B 18 31.63 2.96 10.08
N ILE B 19 31.64 2.43 11.30
CA ILE B 19 30.52 2.64 12.22
C ILE B 19 30.40 4.12 12.54
N MET B 20 31.51 4.79 12.81
CA MET B 20 31.46 6.21 13.14
C MET B 20 30.88 7.02 11.99
N LEU B 21 31.30 6.72 10.76
CA LEU B 21 30.77 7.45 9.61
C LEU B 21 29.28 7.20 9.44
N ALA B 22 28.84 5.96 9.69
CA ALA B 22 27.41 5.67 9.58
C ALA B 22 26.60 6.53 10.54
N GLY B 23 27.09 6.71 11.76
CA GLY B 23 26.39 7.58 12.70
C GLY B 23 26.40 9.03 12.25
N GLY B 24 27.54 9.51 11.76
CA GLY B 24 27.61 10.90 11.32
C GLY B 24 26.66 11.18 10.18
N LEU B 25 26.63 10.29 9.18
CA LEU B 25 25.73 10.49 8.05
C LEU B 25 24.28 10.41 8.49
N SER B 26 23.95 9.46 9.36
CA SER B 26 22.56 9.28 9.78
C SER B 26 22.11 10.32 10.80
N ILE B 27 23.05 11.02 11.44
CA ILE B 27 22.67 12.11 12.34
C ILE B 27 22.12 13.29 11.54
N LEU B 28 22.63 13.49 10.33
CA LEU B 28 22.19 14.59 9.49
C LEU B 28 20.91 14.29 8.73
N LYS B 29 20.38 13.07 8.85
CA LYS B 29 19.17 12.68 8.13
C LYS B 29 18.03 12.23 9.03
N LEU B 30 18.30 11.90 10.30
CA LEU B 30 17.26 11.40 11.17
C LEU B 30 16.23 12.49 11.46
N PRO B 31 14.94 12.18 11.42
CA PRO B 31 13.94 13.19 11.83
C PRO B 31 14.03 13.49 13.31
N VAL B 32 13.62 14.70 13.68
CA VAL B 32 13.59 15.14 15.07
C VAL B 32 12.17 15.61 15.37
N ALA B 33 11.56 15.01 16.39
CA ALA B 33 10.22 15.38 16.81
C ALA B 33 10.11 15.17 18.31
N GLN B 34 9.19 15.90 18.95
CA GLN B 34 9.05 15.81 20.39
C GLN B 34 8.67 14.40 20.82
N TYR B 35 7.74 13.76 20.12
CA TYR B 35 7.35 12.39 20.39
C TYR B 35 7.11 11.67 19.08
N PRO B 36 7.28 10.34 19.05
CA PRO B 36 6.92 9.59 17.84
C PRO B 36 5.43 9.32 17.77
N THR B 37 5.00 8.54 16.79
CA THR B 37 3.59 8.21 16.67
C THR B 37 3.19 7.26 17.79
N ILE B 38 2.28 7.71 18.65
CA ILE B 38 1.85 6.91 19.80
C ILE B 38 0.38 6.57 19.66
N ALA B 39 -0.47 7.59 19.56
CA ALA B 39 -1.90 7.37 19.52
C ALA B 39 -2.28 6.57 18.27
N PRO B 40 -3.31 5.72 18.36
CA PRO B 40 -3.74 5.00 17.17
C PRO B 40 -4.32 5.96 16.13
N PRO B 41 -4.23 5.62 14.85
CA PRO B 41 -4.75 6.55 13.83
C PRO B 41 -6.23 6.85 14.06
N ALA B 42 -6.60 8.10 13.83
CA ALA B 42 -7.97 8.55 14.00
C ALA B 42 -8.34 9.46 12.84
N ILE B 43 -9.52 9.24 12.28
CA ILE B 43 -10.02 9.99 11.13
C ILE B 43 -11.29 10.71 11.53
N SER B 44 -11.31 12.02 11.30
CA SER B 44 -12.44 12.88 11.68
C SER B 44 -13.21 13.27 10.43
N ILE B 45 -14.53 13.12 10.49
CA ILE B 45 -15.40 13.47 9.36
C ILE B 45 -16.30 14.62 9.79
N THR B 46 -15.87 15.85 9.52
CA THR B 46 -16.62 17.04 9.91
C THR B 46 -17.57 17.44 8.79
N ALA B 47 -18.80 17.78 9.16
CA ALA B 47 -19.81 18.22 8.21
C ALA B 47 -20.59 19.37 8.82
N MET B 48 -20.73 20.46 8.08
CA MET B 48 -21.38 21.67 8.56
C MET B 48 -22.76 21.79 7.93
N TYR B 49 -23.77 22.08 8.76
CA TYR B 49 -25.14 22.28 8.31
C TYR B 49 -25.62 23.59 8.96
N PRO B 50 -25.42 24.72 8.28
CA PRO B 50 -25.55 26.01 8.97
C PRO B 50 -26.92 26.21 9.60
N GLY B 51 -26.93 26.83 10.77
CA GLY B 51 -28.15 27.20 11.45
C GLY B 51 -29.06 26.03 11.72
N ALA B 52 -28.50 24.91 12.16
CA ALA B 52 -29.25 23.69 12.40
C ALA B 52 -29.25 23.36 13.89
N ASP B 53 -30.42 22.97 14.40
CA ASP B 53 -30.53 22.57 15.79
C ASP B 53 -29.74 21.28 16.03
N ALA B 54 -29.56 20.95 17.31
CA ALA B 54 -28.72 19.81 17.66
C ALA B 54 -29.29 18.51 17.11
N GLU B 55 -30.61 18.33 17.20
CA GLU B 55 -31.20 17.08 16.76
C GLU B 55 -31.02 16.88 15.26
N THR B 56 -31.15 17.95 14.48
CA THR B 56 -31.16 17.79 13.02
C THR B 56 -29.83 17.25 12.51
N VAL B 57 -28.72 17.74 13.05
CA VAL B 57 -27.42 17.24 12.62
C VAL B 57 -27.30 15.74 12.85
N GLN B 58 -28.13 15.19 13.73
CA GLN B 58 -28.08 13.77 14.05
C GLN B 58 -28.99 12.93 13.16
N ASN B 59 -30.21 13.40 12.89
CA ASN B 59 -31.19 12.60 12.18
C ASN B 59 -31.09 12.72 10.66
N THR B 60 -30.18 13.54 10.15
CA THR B 60 -30.01 13.69 8.70
C THR B 60 -28.56 13.64 8.24
N VAL B 61 -27.58 13.90 9.11
CA VAL B 61 -26.17 13.94 8.73
C VAL B 61 -25.38 12.83 9.39
N THR B 62 -25.31 12.83 10.74
CA THR B 62 -24.48 11.86 11.42
C THR B 62 -25.00 10.44 11.24
N GLN B 63 -26.32 10.24 11.36
CA GLN B 63 -26.87 8.89 11.24
C GLN B 63 -26.67 8.35 9.83
N VAL B 64 -26.88 9.17 8.81
CA VAL B 64 -26.78 8.69 7.43
C VAL B 64 -25.35 8.28 7.12
N ILE B 65 -24.37 9.06 7.59
CA ILE B 65 -22.97 8.70 7.37
C ILE B 65 -22.62 7.42 8.11
N GLU B 66 -23.11 7.28 9.34
CA GLU B 66 -22.80 6.09 10.13
C GLU B 66 -23.36 4.84 9.46
N GLN B 67 -24.58 4.91 8.93
CA GLN B 67 -25.19 3.74 8.30
C GLN B 67 -24.40 3.28 7.07
N ASN B 68 -23.76 4.22 6.37
CA ASN B 68 -23.06 3.90 5.13
C ASN B 68 -21.59 3.61 5.32
N MET B 69 -21.11 3.58 6.57
CA MET B 69 -19.69 3.28 6.84
C MET B 69 -19.54 1.78 7.02
N ASN B 70 -19.51 1.08 5.89
CA ASN B 70 -19.44 -0.38 5.86
C ASN B 70 -18.14 -0.82 5.20
N GLY B 71 -17.64 -1.97 5.64
CA GLY B 71 -16.49 -2.59 5.00
C GLY B 71 -15.20 -1.79 5.05
N ILE B 72 -14.87 -1.25 6.23
CA ILE B 72 -13.59 -0.58 6.45
C ILE B 72 -12.72 -1.50 7.28
N ASP B 73 -11.49 -1.72 6.83
CA ASP B 73 -10.59 -2.65 7.48
C ASP B 73 -9.93 -2.02 8.70
N HIS B 74 -9.81 -2.81 9.77
CA HIS B 74 -9.10 -2.38 10.97
C HIS B 74 -9.79 -1.19 11.63
N LEU B 75 -11.10 -1.30 11.82
CA LEU B 75 -11.88 -0.29 12.52
C LEU B 75 -12.11 -0.77 13.94
N MET B 76 -11.69 0.03 14.92
CA MET B 76 -11.70 -0.41 16.31
C MET B 76 -12.94 0.07 17.06
N TYR B 77 -13.33 1.32 16.84
CA TYR B 77 -14.61 1.82 17.33
C TYR B 77 -14.90 3.17 16.70
N MET B 78 -16.16 3.43 16.44
CA MET B 78 -16.61 4.66 15.79
C MET B 78 -17.45 5.46 16.76
N SER B 79 -17.06 6.73 16.97
CA SER B 79 -17.79 7.63 17.85
C SER B 79 -18.12 8.91 17.08
N SER B 80 -19.19 9.58 17.50
CA SER B 80 -19.64 10.77 16.80
C SER B 80 -20.47 11.62 17.75
N ASN B 81 -20.75 12.84 17.33
CA ASN B 81 -21.55 13.77 18.12
C ASN B 81 -21.92 14.96 17.27
N GLY B 82 -23.14 15.47 17.44
CA GLY B 82 -23.60 16.63 16.72
C GLY B 82 -24.04 17.74 17.65
N ASP B 83 -23.31 18.86 17.63
CA ASP B 83 -23.58 19.97 18.54
C ASP B 83 -24.71 20.83 17.97
N SER B 84 -24.94 21.99 18.59
CA SER B 84 -26.04 22.87 18.21
C SER B 84 -25.63 23.93 17.19
N THR B 85 -24.37 23.98 16.80
CA THR B 85 -23.91 24.94 15.80
C THR B 85 -23.93 24.37 14.39
N GLY B 86 -24.38 23.13 14.21
CA GLY B 86 -24.49 22.52 12.90
C GLY B 86 -23.33 21.62 12.53
N THR B 87 -22.37 21.41 13.42
CA THR B 87 -21.17 20.63 13.12
C THR B 87 -21.27 19.26 13.77
N ALA B 88 -21.04 18.21 12.98
CA ALA B 88 -20.98 16.84 13.47
C ALA B 88 -19.67 16.21 13.04
N THR B 89 -19.00 15.57 13.98
CA THR B 89 -17.75 14.86 13.73
C THR B 89 -17.93 13.38 14.03
N ILE B 90 -17.26 12.54 13.26
CA ILE B 90 -17.30 11.10 13.42
C ILE B 90 -15.86 10.62 13.44
N THR B 91 -15.30 10.44 14.63
CA THR B 91 -13.91 10.04 14.79
C THR B 91 -13.83 8.52 14.75
N LEU B 92 -13.20 7.98 13.70
CA LEU B 92 -12.98 6.55 13.57
C LEU B 92 -11.57 6.23 14.03
N THR B 93 -11.45 5.39 15.06
CA THR B 93 -10.16 4.98 15.59
C THR B 93 -9.84 3.59 15.08
N PHE B 94 -8.66 3.43 14.49
CA PHE B 94 -8.26 2.19 13.83
C PHE B 94 -7.28 1.41 14.69
N GLU B 95 -6.95 0.21 14.24
CA GLU B 95 -5.96 -0.61 14.91
C GLU B 95 -4.60 0.07 14.89
N SER B 96 -3.84 -0.12 15.97
CA SER B 96 -2.51 0.47 16.04
C SER B 96 -1.62 -0.09 14.94
N GLY B 97 -0.89 0.80 14.27
CA GLY B 97 0.06 0.41 13.26
C GLY B 97 -0.50 0.34 11.85
N THR B 98 -1.81 0.45 11.68
CA THR B 98 -2.39 0.41 10.34
C THR B 98 -1.94 1.63 9.55
N ASP B 99 -1.68 1.44 8.27
CA ASP B 99 -1.28 2.53 7.40
C ASP B 99 -2.34 3.63 7.45
N PRO B 100 -2.07 4.77 8.10
CA PRO B 100 -3.10 5.82 8.16
C PRO B 100 -3.50 6.34 6.79
N ASP B 101 -2.56 6.39 5.85
CA ASP B 101 -2.87 6.91 4.52
C ASP B 101 -3.92 6.04 3.83
N ILE B 102 -3.76 4.72 3.89
CA ILE B 102 -4.76 3.82 3.33
C ILE B 102 -6.05 3.88 4.13
N ALA B 103 -5.93 4.04 5.44
CA ALA B 103 -7.14 4.11 6.28
C ALA B 103 -7.96 5.34 5.92
N GLN B 104 -7.33 6.49 5.76
CA GLN B 104 -8.08 7.72 5.51
C GLN B 104 -8.82 7.67 4.18
N VAL B 105 -8.16 7.20 3.12
CA VAL B 105 -8.80 7.16 1.82
C VAL B 105 -9.99 6.19 1.84
N GLN B 106 -9.86 5.09 2.58
CA GLN B 106 -10.98 4.16 2.71
C GLN B 106 -12.16 4.83 3.40
N VAL B 107 -11.89 5.59 4.47
CA VAL B 107 -12.96 6.31 5.15
C VAL B 107 -13.56 7.36 4.22
N GLN B 108 -12.71 8.11 3.52
CA GLN B 108 -13.21 9.12 2.60
C GLN B 108 -14.06 8.50 1.50
N ASN B 109 -13.62 7.36 0.97
CA ASN B 109 -14.32 6.74 -0.15
C ASN B 109 -15.76 6.39 0.21
N LYS B 110 -15.96 5.80 1.39
CA LYS B 110 -17.32 5.46 1.81
C LYS B 110 -18.15 6.72 2.00
N LEU B 111 -17.54 7.79 2.52
CA LEU B 111 -18.25 9.05 2.61
C LEU B 111 -18.64 9.58 1.24
N ALA B 112 -17.76 9.41 0.25
CA ALA B 112 -18.03 9.93 -1.08
C ALA B 112 -19.28 9.28 -1.68
N LEU B 113 -19.47 7.99 -1.45
CA LEU B 113 -20.66 7.32 -1.97
C LEU B 113 -21.91 7.71 -1.18
N ALA B 114 -21.74 8.10 0.08
CA ALA B 114 -22.86 8.49 0.93
C ALA B 114 -23.16 9.98 0.88
N THR B 115 -22.32 10.76 0.18
CA THR B 115 -22.58 12.20 0.11
C THR B 115 -23.94 12.53 -0.51
N PRO B 116 -24.38 11.88 -1.59
CA PRO B 116 -25.69 12.22 -2.15
C PRO B 116 -26.84 12.04 -1.18
N LEU B 117 -26.73 11.11 -0.24
CA LEU B 117 -27.82 10.88 0.71
C LEU B 117 -28.01 12.06 1.65
N LEU B 118 -26.94 12.79 1.95
CA LEU B 118 -27.03 13.91 2.87
C LEU B 118 -27.81 15.05 2.23
N PRO B 119 -28.31 15.98 3.06
CA PRO B 119 -29.08 17.11 2.51
C PRO B 119 -28.24 17.93 1.54
N GLN B 120 -28.93 18.84 0.84
CA GLN B 120 -28.24 19.67 -0.15
C GLN B 120 -27.25 20.61 0.52
N GLU B 121 -27.62 21.19 1.66
CA GLU B 121 -26.77 22.19 2.29
C GLU B 121 -25.47 21.57 2.80
N VAL B 122 -25.54 20.34 3.33
CA VAL B 122 -24.33 19.69 3.82
C VAL B 122 -23.35 19.47 2.68
N GLN B 123 -23.85 18.99 1.53
CA GLN B 123 -22.98 18.77 0.39
C GLN B 123 -22.38 20.09 -0.10
N GLN B 124 -23.19 21.15 -0.13
CA GLN B 124 -22.69 22.44 -0.58
C GLN B 124 -21.57 22.94 0.33
N GLN B 125 -21.74 22.78 1.64
CA GLN B 125 -20.71 23.18 2.59
C GLN B 125 -19.52 22.23 2.61
N GLY B 126 -19.64 21.05 2.02
CA GLY B 126 -18.53 20.13 1.94
C GLY B 126 -18.27 19.37 3.22
N ILE B 127 -17.85 18.12 3.11
CA ILE B 127 -17.51 17.27 4.25
C ILE B 127 -16.01 17.03 4.21
N SER B 128 -15.33 17.30 5.32
CA SER B 128 -13.88 17.23 5.40
C SER B 128 -13.47 15.98 6.15
N VAL B 129 -12.56 15.20 5.56
CA VAL B 129 -12.00 14.01 6.18
C VAL B 129 -10.54 14.30 6.51
N GLU B 130 -10.22 14.35 7.80
CA GLU B 130 -8.90 14.74 8.27
C GLU B 130 -8.32 13.64 9.15
N LYS B 131 -7.11 13.88 9.63
CA LYS B 131 -6.44 13.00 10.59
C LYS B 131 -6.36 13.74 11.92
N ALA B 132 -6.92 13.14 12.97
CA ALA B 132 -7.00 13.79 14.26
C ALA B 132 -5.88 13.37 15.21
N SER B 133 -5.08 12.37 14.87
CA SER B 133 -4.03 11.91 15.77
C SER B 133 -2.90 12.93 15.86
N SER B 134 -2.56 13.57 14.76
CA SER B 134 -1.41 14.47 14.73
C SER B 134 -1.66 15.68 15.61
N SER B 135 -0.57 16.29 16.08
CA SER B 135 -0.61 17.46 16.94
C SER B 135 0.14 18.61 16.29
N PHE B 136 -0.23 19.83 16.67
CA PHE B 136 0.35 21.02 16.04
C PHE B 136 1.79 21.20 16.45
N LEU B 137 2.66 21.41 15.46
CA LEU B 137 4.04 21.78 15.75
C LEU B 137 4.11 23.14 16.43
N MET B 138 3.33 24.10 15.94
CA MET B 138 3.25 25.43 16.53
C MET B 138 1.98 26.08 16.05
N VAL B 139 1.60 27.18 16.71
CA VAL B 139 0.40 27.94 16.36
C VAL B 139 0.83 29.40 16.28
N VAL B 140 1.15 29.86 15.08
CA VAL B 140 1.53 31.25 14.86
C VAL B 140 0.28 32.11 14.79
N GLY B 141 0.23 33.15 15.60
CA GLY B 141 -0.93 34.03 15.68
C GLY B 141 -0.56 35.45 15.34
N VAL B 142 -1.42 36.10 14.56
CA VAL B 142 -1.24 37.49 14.15
C VAL B 142 -2.28 38.35 14.85
N ILE B 143 -1.85 39.52 15.31
CA ILE B 143 -2.70 40.41 16.09
C ILE B 143 -2.80 41.76 15.40
N ASN B 144 -3.52 42.70 16.02
CA ASN B 144 -3.73 44.03 15.47
C ASN B 144 -3.44 45.03 16.58
N THR B 145 -2.25 45.65 16.55
CA THR B 145 -1.87 46.58 17.60
C THR B 145 -2.76 47.82 17.59
N ASN B 146 -3.00 48.39 16.41
CA ASN B 146 -3.75 49.65 16.33
C ASN B 146 -5.26 49.46 16.45
N GLY B 147 -5.75 48.23 16.38
CA GLY B 147 -7.19 48.01 16.47
C GLY B 147 -7.98 48.72 15.39
N THR B 148 -7.43 48.79 14.18
CA THR B 148 -8.08 49.44 13.05
C THR B 148 -8.78 48.44 12.14
N MET B 149 -8.88 47.17 12.55
CA MET B 149 -9.50 46.14 11.73
C MET B 149 -9.78 44.90 12.56
N ASN B 150 -11.00 44.37 12.45
CA ASN B 150 -11.42 43.25 13.26
C ASN B 150 -10.69 41.98 12.84
N GLN B 151 -11.01 40.87 13.52
CA GLN B 151 -10.36 39.60 13.19
C GLN B 151 -10.65 39.17 11.76
N ASP B 152 -11.88 39.41 11.28
CA ASP B 152 -12.23 39.01 9.93
C ASP B 152 -11.26 39.57 8.91
N ASP B 153 -10.93 40.86 9.04
CA ASP B 153 -9.93 41.44 8.15
C ASP B 153 -8.57 40.76 8.32
N ILE B 154 -8.20 40.46 9.57
CA ILE B 154 -6.94 39.79 9.82
C ILE B 154 -6.98 38.36 9.30
N SER B 155 -8.09 37.66 9.53
CA SER B 155 -8.22 36.30 9.00
C SER B 155 -8.23 36.30 7.48
N ASP B 156 -8.92 37.26 6.86
CA ASP B 156 -8.94 37.32 5.41
C ASP B 156 -7.54 37.59 4.85
N TYR B 157 -6.79 38.47 5.48
CA TYR B 157 -5.43 38.74 5.03
C TYR B 157 -4.56 37.50 5.16
N VAL B 158 -4.69 36.78 6.27
CA VAL B 158 -3.85 35.60 6.49
C VAL B 158 -4.11 34.55 5.41
N ALA B 159 -5.38 34.32 5.09
CA ALA B 159 -5.72 33.31 4.09
C ALA B 159 -5.29 33.71 2.68
N ALA B 160 -4.89 34.96 2.47
CA ALA B 160 -4.58 35.45 1.14
C ALA B 160 -3.08 35.65 0.90
N ASN B 161 -2.32 36.05 1.93
CA ASN B 161 -0.93 36.43 1.74
C ASN B 161 0.01 35.84 2.79
N MET B 162 -0.46 34.91 3.63
CA MET B 162 0.40 34.32 4.64
C MET B 162 0.31 32.80 4.63
N LYS B 163 -0.83 32.27 4.17
CA LYS B 163 -1.01 30.82 4.17
C LYS B 163 -0.23 30.15 3.03
N ASP B 164 0.08 30.87 1.96
CA ASP B 164 0.78 30.26 0.84
C ASP B 164 2.25 30.05 1.17
N PRO B 165 3.01 31.09 1.52
CA PRO B 165 4.44 30.88 1.77
C PRO B 165 4.70 29.92 2.93
N ILE B 166 3.86 29.95 3.96
CA ILE B 166 4.05 29.06 5.09
C ILE B 166 3.85 27.62 4.68
N SER B 167 2.81 27.35 3.87
CA SER B 167 2.52 25.98 3.47
C SER B 167 3.52 25.44 2.46
N ARG B 168 4.29 26.31 1.82
CA ARG B 168 5.32 25.88 0.88
C ARG B 168 6.68 25.70 1.53
N THR B 169 6.80 25.98 2.83
CA THR B 169 8.07 25.83 3.51
C THR B 169 8.43 24.34 3.63
N SER B 170 9.70 24.08 3.85
CA SER B 170 10.19 22.71 3.91
C SER B 170 9.73 22.04 5.20
N GLY B 171 9.02 20.92 5.06
CA GLY B 171 8.61 20.11 6.18
C GLY B 171 7.24 20.44 6.75
N VAL B 172 6.59 21.51 6.29
CA VAL B 172 5.28 21.89 6.79
C VAL B 172 4.26 20.96 6.14
N GLY B 173 3.85 19.91 6.86
CA GLY B 173 2.97 18.91 6.30
C GLY B 173 1.53 19.32 6.19
N ASP B 174 1.09 20.28 7.01
CA ASP B 174 -0.29 20.72 6.97
C ASP B 174 -0.47 22.02 7.74
N VAL B 175 -1.12 23.00 7.11
CA VAL B 175 -1.40 24.30 7.71
C VAL B 175 -2.90 24.45 7.83
N GLN B 176 -3.37 24.69 9.05
CA GLN B 176 -4.78 24.97 9.32
C GLN B 176 -4.94 26.43 9.70
N LEU B 177 -6.09 27.00 9.33
CA LEU B 177 -6.39 28.39 9.58
C LEU B 177 -7.47 28.49 10.65
N PHE B 178 -7.22 29.30 11.68
CA PHE B 178 -8.18 29.52 12.76
C PHE B 178 -9.08 30.71 12.44
N GLY B 179 -9.69 30.68 11.27
CA GLY B 179 -10.55 31.77 10.85
C GLY B 179 -11.15 31.47 9.49
N SER B 180 -11.83 32.48 8.95
CA SER B 180 -12.48 32.36 7.64
C SER B 180 -12.26 33.64 6.85
N GLN B 181 -11.84 33.49 5.60
CA GLN B 181 -11.67 34.64 4.74
C GLN B 181 -12.99 35.37 4.56
N TYR B 182 -12.92 36.56 3.96
CA TYR B 182 -14.12 37.36 3.73
C TYR B 182 -15.18 36.56 3.01
N ALA B 183 -16.44 36.97 3.17
CA ALA B 183 -17.55 36.33 2.47
C ALA B 183 -18.68 37.35 2.41
N MET B 184 -19.02 37.80 1.20
CA MET B 184 -20.01 38.85 1.03
C MET B 184 -21.24 38.54 1.88
N ARG B 185 -21.49 39.39 2.87
CA ARG B 185 -22.55 39.19 3.84
C ARG B 185 -23.68 40.17 3.56
N ILE B 186 -24.89 39.66 3.40
CA ILE B 186 -26.06 40.48 3.10
C ILE B 186 -26.94 40.51 4.34
N TRP B 187 -27.07 41.69 4.94
CA TRP B 187 -27.90 41.88 6.12
C TRP B 187 -29.28 42.33 5.68
N MET B 188 -30.26 41.43 5.79
CA MET B 188 -31.61 41.71 5.31
C MET B 188 -32.32 42.66 6.28
N ASP B 189 -33.58 42.95 5.98
CA ASP B 189 -34.36 43.89 6.78
C ASP B 189 -35.84 43.58 6.66
N PRO B 190 -36.45 42.93 7.65
CA PRO B 190 -37.88 42.57 7.51
C PRO B 190 -38.79 43.77 7.34
N ASN B 191 -38.47 44.91 7.97
CA ASN B 191 -39.31 46.08 7.82
C ASN B 191 -39.33 46.57 6.38
N LYS B 192 -38.16 46.62 5.73
CA LYS B 192 -38.08 47.11 4.36
C LYS B 192 -38.68 46.11 3.38
N LEU B 193 -38.48 44.81 3.63
CA LEU B 193 -38.99 43.80 2.71
C LEU B 193 -40.51 43.86 2.61
N ASN B 194 -41.20 44.02 3.75
CA ASN B 194 -42.65 44.11 3.71
C ASN B 194 -43.12 45.36 2.99
N ASN B 195 -42.33 46.43 3.03
CA ASN B 195 -42.71 47.66 2.34
C ASN B 195 -42.78 47.44 0.83
N PHE B 196 -41.82 46.71 0.27
CA PHE B 196 -41.75 46.47 -1.16
C PHE B 196 -42.41 45.17 -1.58
N GLN B 197 -43.07 44.47 -0.66
CA GLN B 197 -43.78 43.23 -0.98
C GLN B 197 -42.83 42.18 -1.54
N LEU B 198 -41.76 41.93 -0.77
CA LEU B 198 -40.76 40.94 -1.12
C LEU B 198 -40.62 39.93 0.01
N THR B 199 -39.94 38.83 -0.29
CA THR B 199 -39.72 37.74 0.65
C THR B 199 -38.31 37.23 0.46
N PRO B 200 -37.73 36.59 1.48
CA PRO B 200 -36.36 36.09 1.33
C PRO B 200 -36.18 35.15 0.15
N VAL B 201 -37.23 34.43 -0.26
CA VAL B 201 -37.10 33.56 -1.42
C VAL B 201 -36.76 34.37 -2.66
N ASP B 202 -37.35 35.55 -2.80
CA ASP B 202 -37.03 36.41 -3.95
C ASP B 202 -35.57 36.84 -3.91
N VAL B 203 -35.05 37.18 -2.73
CA VAL B 203 -33.66 37.59 -2.61
C VAL B 203 -32.74 36.45 -3.02
N ILE B 204 -33.06 35.23 -2.60
CA ILE B 204 -32.23 34.08 -2.96
C ILE B 204 -32.25 33.88 -4.48
N SER B 205 -33.43 33.95 -5.09
CA SER B 205 -33.55 33.69 -6.52
C SER B 205 -32.72 34.67 -7.34
N ALA B 206 -32.79 35.97 -7.01
CA ALA B 206 -32.03 36.95 -7.75
C ALA B 206 -30.53 36.70 -7.65
N LEU B 207 -30.05 36.37 -6.45
CA LEU B 207 -28.62 36.15 -6.25
C LEU B 207 -28.14 34.92 -7.01
N LYS B 208 -28.95 33.86 -7.01
CA LYS B 208 -28.54 32.61 -7.66
C LYS B 208 -28.42 32.74 -9.17
N ALA B 209 -29.07 33.74 -9.76
CA ALA B 209 -29.09 33.91 -11.21
C ALA B 209 -28.26 35.06 -11.73
N GLN B 210 -28.02 36.09 -10.91
CA GLN B 210 -27.31 37.28 -11.35
C GLN B 210 -25.83 37.24 -11.02
N ASN B 211 -25.31 36.10 -10.56
CA ASN B 211 -23.89 35.97 -10.26
C ASN B 211 -23.38 34.62 -10.77
N ALA B 212 -23.88 34.21 -11.93
CA ALA B 212 -23.52 32.92 -12.50
C ALA B 212 -22.47 33.10 -13.59
N GLN B 213 -22.12 32.01 -14.28
CA GLN B 213 -21.15 32.04 -15.36
C GLN B 213 -21.70 31.22 -16.53
N VAL B 214 -21.22 31.55 -17.73
CA VAL B 214 -21.71 30.94 -18.96
C VAL B 214 -20.53 30.40 -19.75
N ALA B 215 -20.81 29.42 -20.59
CA ALA B 215 -19.84 28.82 -21.51
C ALA B 215 -20.22 29.28 -22.91
N ALA B 216 -19.72 30.46 -23.30
CA ALA B 216 -20.07 31.01 -24.60
C ALA B 216 -19.50 30.20 -25.75
N GLY B 217 -18.48 29.39 -25.51
CA GLY B 217 -17.92 28.55 -26.55
C GLY B 217 -16.80 29.26 -27.29
N GLN B 218 -16.91 29.31 -28.61
CA GLN B 218 -15.88 29.91 -29.45
C GLN B 218 -16.53 30.65 -30.61
N LEU B 219 -15.78 31.60 -31.16
CA LEU B 219 -16.18 32.30 -32.38
C LEU B 219 -15.44 31.65 -33.54
N GLY B 220 -16.17 30.89 -34.34
CA GLY B 220 -15.55 30.14 -35.42
C GLY B 220 -14.85 28.87 -34.97
N GLY B 221 -15.30 28.27 -33.87
CA GLY B 221 -14.75 26.99 -33.47
C GLY B 221 -15.14 25.88 -34.41
N THR B 222 -14.38 24.79 -34.37
CA THR B 222 -14.65 23.67 -35.26
C THR B 222 -16.06 23.14 -35.02
N PRO B 223 -16.78 22.73 -36.07
CA PRO B 223 -16.36 22.79 -37.48
C PRO B 223 -16.59 24.17 -38.09
N PRO B 224 -15.64 24.66 -38.90
CA PRO B 224 -15.79 25.97 -39.51
C PRO B 224 -16.44 25.91 -40.89
N VAL B 225 -16.81 27.08 -41.39
CA VAL B 225 -17.25 27.24 -42.76
C VAL B 225 -16.02 27.43 -43.63
N LYS B 226 -16.05 26.87 -44.84
CA LYS B 226 -14.88 26.91 -45.69
C LYS B 226 -14.43 28.35 -45.93
N GLY B 227 -13.13 28.59 -45.79
CA GLY B 227 -12.57 29.91 -46.01
C GLY B 227 -12.43 30.77 -44.76
N GLN B 228 -12.67 30.23 -43.58
CA GLN B 228 -12.56 31.02 -42.36
C GLN B 228 -11.13 31.46 -42.11
N GLN B 229 -10.98 32.61 -41.44
CA GLN B 229 -9.68 33.18 -41.17
C GLN B 229 -9.51 33.64 -39.73
N LEU B 230 -10.54 33.54 -38.90
CA LEU B 230 -10.49 34.04 -37.53
C LEU B 230 -10.99 32.98 -36.55
N ASN B 231 -10.46 33.03 -35.33
CA ASN B 231 -10.87 32.12 -34.28
C ASN B 231 -10.50 32.73 -32.94
N ALA B 232 -11.49 32.96 -32.09
CA ALA B 232 -11.26 33.56 -30.79
C ALA B 232 -12.35 33.11 -29.83
N SER B 233 -11.97 32.87 -28.58
CA SER B 233 -12.93 32.46 -27.56
C SER B 233 -13.85 33.62 -27.22
N ILE B 234 -15.04 33.28 -26.72
CA ILE B 234 -16.05 34.26 -26.33
C ILE B 234 -16.15 34.27 -24.81
N ILE B 235 -16.22 35.48 -24.24
CA ILE B 235 -16.37 35.67 -22.81
C ILE B 235 -17.73 36.30 -22.57
N ALA B 236 -18.61 35.58 -21.87
CA ALA B 236 -19.95 36.01 -21.55
C ALA B 236 -20.00 36.51 -20.10
N GLN B 237 -21.20 36.73 -19.60
CA GLN B 237 -21.42 37.21 -18.23
C GLN B 237 -20.44 36.56 -17.26
N THR B 238 -19.81 37.40 -16.43
CA THR B 238 -18.85 36.98 -15.43
C THR B 238 -19.29 37.47 -14.06
N ARG B 239 -18.90 36.73 -13.03
CA ARG B 239 -19.32 37.01 -11.67
C ARG B 239 -19.02 38.43 -11.24
N LEU B 240 -19.72 38.91 -10.21
CA LEU B 240 -19.50 40.23 -9.65
C LEU B 240 -18.44 40.18 -8.55
N THR B 241 -17.84 41.33 -8.29
CA THR B 241 -16.77 41.41 -7.28
C THR B 241 -17.02 42.48 -6.23
N ASN B 242 -17.51 43.65 -6.61
CA ASN B 242 -17.64 44.76 -5.68
C ASN B 242 -18.92 44.62 -4.86
N THR B 243 -18.86 45.10 -3.62
CA THR B 243 -20.06 45.15 -2.79
C THR B 243 -21.08 46.12 -3.36
N GLU B 244 -20.62 47.19 -4.01
CA GLU B 244 -21.54 48.11 -4.67
C GLU B 244 -22.26 47.41 -5.82
N GLU B 245 -21.54 46.59 -6.59
CA GLU B 245 -22.17 45.88 -7.70
C GLU B 245 -23.25 44.94 -7.20
N PHE B 246 -23.06 44.32 -6.03
CA PHE B 246 -24.11 43.49 -5.46
C PHE B 246 -25.34 44.31 -5.13
N GLY B 247 -25.13 45.54 -4.63
CA GLY B 247 -26.27 46.38 -4.28
C GLY B 247 -27.17 46.66 -5.47
N ASN B 248 -26.57 46.83 -6.65
CA ASN B 248 -27.35 47.17 -7.83
C ASN B 248 -28.21 46.02 -8.35
N ILE B 249 -28.07 44.83 -7.79
CA ILE B 249 -28.89 43.69 -8.23
C ILE B 249 -30.35 44.10 -8.19
N LEU B 250 -31.01 44.05 -9.35
CA LEU B 250 -32.41 44.45 -9.45
C LEU B 250 -33.30 43.34 -8.91
N LEU B 251 -34.10 43.66 -7.90
CA LEU B 251 -34.93 42.68 -7.21
C LEU B 251 -36.39 42.73 -7.64
N LYS B 252 -36.94 43.92 -7.85
CA LYS B 252 -38.34 44.06 -8.23
C LYS B 252 -38.53 45.40 -8.92
N VAL B 253 -39.46 45.42 -9.86
CA VAL B 253 -39.87 46.65 -10.54
C VAL B 253 -41.29 46.96 -10.10
N ASN B 254 -41.47 48.07 -9.39
CA ASN B 254 -42.78 48.42 -8.89
C ASN B 254 -43.73 48.72 -10.05
N GLN B 255 -45.03 48.49 -9.80
CA GLN B 255 -46.03 48.74 -10.83
C GLN B 255 -45.98 50.19 -11.31
N ASP B 256 -45.68 51.12 -10.40
CA ASP B 256 -45.60 52.53 -10.80
C ASP B 256 -44.50 52.74 -11.83
N GLY B 257 -43.34 52.11 -11.63
CA GLY B 257 -42.23 52.24 -12.56
C GLY B 257 -40.88 52.43 -11.89
N SER B 258 -40.86 52.48 -10.56
CA SER B 258 -39.62 52.66 -9.84
C SER B 258 -38.87 51.34 -9.73
N GLN B 259 -37.62 51.42 -9.27
CA GLN B 259 -36.74 50.27 -9.16
C GLN B 259 -36.54 49.92 -7.69
N VAL B 260 -36.50 48.62 -7.40
CA VAL B 260 -36.29 48.12 -6.05
C VAL B 260 -34.99 47.32 -6.08
N ARG B 261 -33.89 47.99 -5.77
CA ARG B 261 -32.57 47.35 -5.76
C ARG B 261 -32.29 46.74 -4.39
N LEU B 262 -31.34 45.80 -4.38
CA LEU B 262 -31.02 45.10 -3.14
C LEU B 262 -30.51 46.07 -2.08
N ARG B 263 -29.64 47.01 -2.47
CA ARG B 263 -29.07 47.94 -1.50
C ARG B 263 -30.13 48.75 -0.78
N ASP B 264 -31.33 48.87 -1.36
CA ASP B 264 -32.43 49.58 -0.72
C ASP B 264 -33.28 48.66 0.16
N VAL B 265 -32.92 47.39 0.28
CA VAL B 265 -33.72 46.44 1.05
C VAL B 265 -32.82 45.66 2.01
N ALA B 266 -31.51 45.87 1.93
CA ALA B 266 -30.59 45.13 2.77
C ALA B 266 -29.19 45.74 2.78
N LYS B 267 -28.64 45.95 3.97
CA LYS B 267 -27.25 46.39 4.08
C LYS B 267 -26.32 45.29 3.58
N ILE B 268 -25.27 45.70 2.88
CA ILE B 268 -24.29 44.78 2.31
C ILE B 268 -22.90 45.19 2.77
N GLU B 269 -22.13 44.22 3.24
CA GLU B 269 -20.78 44.48 3.72
C GLU B 269 -19.98 43.19 3.62
N LEU B 270 -18.66 43.33 3.68
CA LEU B 270 -17.75 42.18 3.67
C LEU B 270 -17.56 41.72 5.11
N GLY B 271 -18.15 40.58 5.46
CA GLY B 271 -18.05 40.02 6.79
C GLY B 271 -17.37 38.67 6.76
N GLY B 272 -17.43 38.00 7.91
CA GLY B 272 -16.85 36.68 8.03
C GLY B 272 -17.84 35.57 7.73
N GLU B 273 -17.29 34.39 7.41
CA GLU B 273 -18.14 33.24 7.15
C GLU B 273 -18.92 32.83 8.40
N SER B 274 -18.26 32.85 9.56
CA SER B 274 -18.88 32.42 10.80
C SER B 274 -18.42 33.30 11.94
N TYR B 275 -19.36 33.76 12.77
CA TYR B 275 -19.07 34.54 13.95
C TYR B 275 -19.14 33.70 15.22
N ASP B 276 -19.05 32.38 15.10
CA ASP B 276 -19.19 31.51 16.27
C ASP B 276 -18.08 31.76 17.28
N VAL B 277 -16.84 31.90 16.82
CA VAL B 277 -15.67 32.03 17.68
C VAL B 277 -15.09 33.42 17.50
N VAL B 278 -14.77 34.06 18.62
CA VAL B 278 -14.15 35.38 18.63
C VAL B 278 -12.83 35.25 19.37
N ALA B 279 -11.73 35.25 18.62
CA ALA B 279 -10.41 35.13 19.20
C ALA B 279 -9.90 36.50 19.66
N LYS B 280 -8.97 36.47 20.61
CA LYS B 280 -8.39 37.70 21.15
C LYS B 280 -7.00 37.39 21.67
N PHE B 281 -6.23 38.46 21.90
CA PHE B 281 -4.84 38.34 22.32
C PHE B 281 -4.52 39.52 23.22
N ASN B 282 -4.53 39.29 24.54
CA ASN B 282 -4.33 40.35 25.52
C ASN B 282 -5.38 41.44 25.37
N GLY B 283 -6.57 41.08 24.88
CA GLY B 283 -7.63 42.04 24.68
C GLY B 283 -7.67 42.69 23.31
N GLN B 284 -6.98 42.13 22.33
CA GLN B 284 -6.95 42.66 20.97
C GLN B 284 -7.36 41.58 20.00
N PRO B 285 -7.94 41.95 18.85
CA PRO B 285 -8.36 40.94 17.89
C PRO B 285 -7.16 40.22 17.29
N ALA B 286 -7.38 38.97 16.87
CA ALA B 286 -6.28 38.18 16.35
C ALA B 286 -6.83 36.98 15.60
N SER B 287 -5.95 36.38 14.79
CA SER B 287 -6.22 35.11 14.12
C SER B 287 -4.89 34.41 13.91
N GLY B 288 -4.94 33.09 13.77
CA GLY B 288 -3.72 32.31 13.73
C GLY B 288 -3.81 31.13 12.80
N LEU B 289 -2.64 30.57 12.49
CA LEU B 289 -2.50 29.39 11.66
C LEU B 289 -1.97 28.25 12.51
N GLY B 290 -2.63 27.09 12.43
CA GLY B 290 -2.15 25.92 13.12
C GLY B 290 -1.24 25.08 12.23
N ILE B 291 0.06 25.26 12.38
CA ILE B 291 1.03 24.59 11.53
C ILE B 291 1.32 23.20 12.10
N LYS B 292 1.20 22.19 11.26
CA LYS B 292 1.56 20.82 11.62
C LYS B 292 2.93 20.51 11.02
N LEU B 293 3.35 19.25 11.15
CA LEU B 293 4.67 18.83 10.70
C LEU B 293 4.55 17.64 9.77
N ALA B 294 5.26 17.69 8.66
CA ALA B 294 5.26 16.58 7.72
C ALA B 294 6.01 15.38 8.30
N THR B 295 5.66 14.20 7.82
CA THR B 295 6.28 12.97 8.31
C THR B 295 7.74 12.92 7.86
N GLY B 296 8.66 12.96 8.82
CA GLY B 296 10.07 12.86 8.52
C GLY B 296 10.71 14.19 8.18
N ALA B 297 10.58 15.16 9.09
CA ALA B 297 11.19 16.47 8.91
C ALA B 297 11.66 16.99 10.26
N ASN B 298 12.80 17.67 10.25
CA ASN B 298 13.37 18.19 11.49
C ASN B 298 12.42 19.21 12.11
N ALA B 299 11.88 18.88 13.30
CA ALA B 299 11.00 19.81 13.98
C ALA B 299 11.74 21.09 14.34
N LEU B 300 12.98 20.97 14.82
CA LEU B 300 13.77 22.15 15.13
C LEU B 300 14.03 22.98 13.86
N ASP B 301 14.34 22.31 12.75
CA ASP B 301 14.65 23.02 11.52
C ASP B 301 13.43 23.71 10.96
N THR B 302 12.30 23.00 10.87
CA THR B 302 11.12 23.58 10.25
C THR B 302 10.65 24.81 11.00
N ALA B 303 10.61 24.75 12.33
CA ALA B 303 10.25 25.92 13.11
C ALA B 303 11.26 27.06 12.93
N ASN B 304 12.50 26.73 12.54
CA ASN B 304 13.46 27.77 12.19
C ASN B 304 13.11 28.41 10.85
N ALA B 305 12.71 27.59 9.88
CA ALA B 305 12.34 28.13 8.56
C ALA B 305 11.10 29.00 8.65
N ILE B 306 10.08 28.54 9.38
CA ILE B 306 8.84 29.31 9.47
C ILE B 306 9.10 30.67 10.09
N ARG B 307 9.88 30.70 11.18
CA ARG B 307 10.22 31.96 11.81
C ARG B 307 11.14 32.81 10.93
N ALA B 308 11.72 32.23 9.89
CA ALA B 308 12.54 32.98 8.94
C ALA B 308 11.72 33.52 7.77
N GLU B 309 10.79 32.71 7.25
CA GLU B 309 9.93 33.19 6.18
C GLU B 309 9.06 34.35 6.65
N LEU B 310 8.51 34.25 7.86
CA LEU B 310 7.70 35.35 8.38
C LEU B 310 8.52 36.62 8.55
N ALA B 311 9.83 36.48 8.73
CA ALA B 311 10.70 37.66 8.78
C ALA B 311 10.79 38.32 7.42
N LYS B 312 10.66 37.54 6.34
CA LYS B 312 10.68 38.13 5.00
C LYS B 312 9.49 39.04 4.79
N MET B 313 8.31 38.65 5.26
CA MET B 313 7.09 39.39 5.04
C MET B 313 6.80 40.41 6.14
N GLU B 314 7.69 40.54 7.13
CA GLU B 314 7.45 41.50 8.21
C GLU B 314 7.23 42.91 7.69
N PRO B 315 8.05 43.45 6.78
CA PRO B 315 7.79 44.80 6.27
C PRO B 315 6.46 44.92 5.54
N PHE B 316 6.02 43.87 4.85
CA PHE B 316 4.84 43.95 4.00
C PHE B 316 3.53 43.93 4.79
N PHE B 317 3.56 43.61 6.08
CA PHE B 317 2.34 43.61 6.87
C PHE B 317 1.74 45.01 6.88
N PRO B 318 0.43 45.15 6.62
CA PRO B 318 -0.18 46.47 6.76
C PRO B 318 0.00 47.00 8.18
N SER B 319 0.16 48.32 8.29
CA SER B 319 0.47 48.93 9.58
C SER B 319 -0.55 48.50 10.64
N GLY B 320 -0.05 48.04 11.77
CA GLY B 320 -0.88 47.60 12.89
C GLY B 320 -0.79 46.11 13.18
N MET B 321 -0.26 45.31 12.26
CA MET B 321 -0.18 43.87 12.48
C MET B 321 1.14 43.51 13.16
N LYS B 322 1.17 42.29 13.70
CA LYS B 322 2.34 41.78 14.41
C LYS B 322 2.16 40.28 14.55
N ILE B 323 3.28 39.55 14.53
CA ILE B 323 3.28 38.10 14.60
C ILE B 323 3.67 37.67 16.01
N VAL B 324 2.83 36.84 16.63
CA VAL B 324 3.07 36.31 17.96
C VAL B 324 2.88 34.80 17.92
N TYR B 325 3.55 34.10 18.83
CA TYR B 325 3.57 32.64 18.86
C TYR B 325 3.09 32.18 20.24
N PRO B 326 1.78 32.13 20.46
CA PRO B 326 1.29 31.73 21.80
C PRO B 326 1.74 30.34 22.22
N TYR B 327 1.84 29.40 21.29
CA TYR B 327 2.15 28.02 21.61
C TYR B 327 3.15 27.47 20.62
N ASP B 328 4.30 27.01 21.11
CA ASP B 328 5.33 26.44 20.27
C ASP B 328 6.02 25.33 21.06
N THR B 329 6.33 24.23 20.38
CA THR B 329 6.90 23.05 21.02
C THR B 329 8.36 22.81 20.66
N THR B 330 8.95 23.61 19.78
CA THR B 330 10.34 23.39 19.42
C THR B 330 11.28 23.91 20.51
N PRO B 331 10.98 25.05 21.16
CA PRO B 331 11.86 25.46 22.27
C PRO B 331 11.96 24.41 23.35
N PHE B 332 10.86 23.73 23.67
CA PHE B 332 10.92 22.65 24.64
C PHE B 332 11.72 21.47 24.11
N VAL B 333 11.56 21.14 22.83
CA VAL B 333 12.34 20.05 22.24
C VAL B 333 13.82 20.38 22.28
N LYS B 334 14.17 21.65 22.07
CA LYS B 334 15.57 22.05 22.14
C LYS B 334 16.18 21.74 23.50
N ILE B 335 15.46 22.10 24.57
CA ILE B 335 15.95 21.84 25.92
C ILE B 335 15.97 20.33 26.18
N SER B 336 14.88 19.64 25.88
CA SER B 336 14.80 18.22 26.17
C SER B 336 15.83 17.41 25.39
N ILE B 337 16.39 17.97 24.33
CA ILE B 337 17.40 17.26 23.54
C ILE B 337 18.80 17.62 24.03
N HIS B 338 19.08 18.90 24.26
CA HIS B 338 20.40 19.30 24.73
C HIS B 338 20.69 18.74 26.11
N GLU B 339 19.68 18.72 26.99
CA GLU B 339 19.88 18.17 28.33
C GLU B 339 20.36 16.73 28.28
N VAL B 340 19.98 15.99 27.24
CA VAL B 340 20.46 14.62 27.09
C VAL B 340 21.91 14.61 26.66
N VAL B 341 22.26 15.41 25.66
CA VAL B 341 23.65 15.46 25.20
C VAL B 341 24.55 15.98 26.29
N LYS B 342 24.03 16.83 27.19
CA LYS B 342 24.79 17.25 28.34
C LYS B 342 25.06 16.10 29.30
N THR B 343 24.29 15.03 29.21
CA THR B 343 24.50 13.84 30.03
C THR B 343 25.37 12.81 29.34
N LEU B 344 25.19 12.62 28.03
CA LEU B 344 26.04 11.71 27.28
C LEU B 344 27.46 12.21 27.12
N VAL B 345 27.73 13.47 27.47
CA VAL B 345 29.07 14.03 27.39
C VAL B 345 29.64 14.15 28.80
N GLU B 346 28.75 14.26 29.79
CA GLU B 346 29.20 14.24 31.18
C GLU B 346 29.61 12.84 31.60
N ALA B 347 28.91 11.81 31.10
CA ALA B 347 29.29 10.44 31.40
C ALA B 347 30.67 10.13 30.87
N ILE B 348 30.98 10.57 29.66
CA ILE B 348 32.30 10.32 29.09
C ILE B 348 33.39 10.94 29.95
N ILE B 349 33.18 12.18 30.38
CA ILE B 349 34.16 12.82 31.26
C ILE B 349 34.26 12.08 32.58
N LEU B 350 33.12 11.69 33.16
CA LEU B 350 33.15 11.00 34.44
C LEU B 350 33.85 9.65 34.33
N VAL B 351 33.59 8.92 33.24
CA VAL B 351 34.27 7.65 33.05
C VAL B 351 35.78 7.87 32.92
N PHE B 352 36.17 8.96 32.24
CA PHE B 352 37.59 9.28 32.14
C PHE B 352 38.18 9.55 33.52
N LEU B 353 37.46 10.31 34.36
CA LEU B 353 37.98 10.64 35.68
C LEU B 353 37.89 9.45 36.62
N VAL B 354 36.82 8.67 36.53
CA VAL B 354 36.63 7.55 37.46
C VAL B 354 37.74 6.53 37.30
N MET B 355 38.01 6.12 36.06
CA MET B 355 39.09 5.17 35.82
C MET B 355 40.45 5.76 36.23
N TYR B 356 40.69 7.02 35.90
CA TYR B 356 41.95 7.65 36.28
C TYR B 356 42.12 7.66 37.79
N LEU B 357 41.04 7.55 38.55
CA LEU B 357 41.16 7.47 40.00
C LEU B 357 41.63 6.09 40.45
N PHE B 358 41.33 5.06 39.67
CA PHE B 358 41.63 3.68 40.04
C PHE B 358 42.89 3.13 39.40
N LEU B 359 43.11 3.40 38.11
CA LEU B 359 44.23 2.81 37.38
C LEU B 359 45.45 3.71 37.33
N GLN B 360 45.27 5.03 37.28
CA GLN B 360 46.38 5.99 37.29
C GLN B 360 47.29 5.79 36.08
N ASN B 361 46.69 5.94 34.90
CA ASN B 361 47.45 5.99 33.65
C ASN B 361 46.57 6.49 32.52
N PHE B 362 47.06 7.49 31.78
CA PHE B 362 46.22 8.13 30.77
C PHE B 362 45.82 7.15 29.68
N ARG B 363 46.76 6.30 29.24
CA ARG B 363 46.47 5.41 28.13
C ARG B 363 45.32 4.45 28.46
N ALA B 364 45.09 4.18 29.74
CA ALA B 364 43.98 3.30 30.12
C ALA B 364 42.64 3.99 29.98
N THR B 365 42.56 5.27 30.37
CA THR B 365 41.30 5.99 30.34
C THR B 365 40.90 6.47 28.96
N LEU B 366 41.79 6.37 27.98
CA LEU B 366 41.46 6.75 26.60
C LEU B 366 40.76 5.64 25.83
N ILE B 367 40.70 4.43 26.38
CA ILE B 367 40.14 3.29 25.65
C ILE B 367 38.62 3.36 25.67
N PRO B 368 37.98 3.67 26.81
CA PRO B 368 36.52 3.86 26.78
C PRO B 368 36.11 5.13 26.04
N THR B 369 36.89 6.21 26.18
CA THR B 369 36.54 7.46 25.53
C THR B 369 36.48 7.31 24.02
N ILE B 370 37.13 6.30 23.46
CA ILE B 370 37.03 6.01 22.03
C ILE B 370 36.07 4.85 21.76
N ALA B 371 35.73 4.05 22.77
CA ALA B 371 34.85 2.90 22.57
C ALA B 371 33.38 3.21 22.87
N VAL B 372 33.10 4.20 23.71
CA VAL B 372 31.73 4.55 24.05
C VAL B 372 31.13 5.39 22.93
N PRO B 373 31.81 6.45 22.45
CA PRO B 373 31.23 7.23 21.35
C PRO B 373 31.00 6.42 20.09
N VAL B 374 31.86 5.44 19.81
CA VAL B 374 31.69 4.63 18.61
C VAL B 374 30.35 3.91 18.65
N VAL B 375 29.96 3.41 19.84
CA VAL B 375 28.67 2.75 19.96
C VAL B 375 27.53 3.76 19.85
N LEU B 376 27.69 4.93 20.47
CA LEU B 376 26.63 5.94 20.41
C LEU B 376 26.39 6.39 18.98
N LEU B 377 27.46 6.63 18.20
CA LEU B 377 27.27 6.94 16.79
C LEU B 377 26.77 5.73 16.02
N GLY B 378 27.22 4.53 16.41
CA GLY B 378 26.78 3.33 15.72
C GLY B 378 25.29 3.07 15.89
N THR B 379 24.77 3.24 17.11
CA THR B 379 23.36 2.94 17.34
C THR B 379 22.46 3.84 16.53
N PHE B 380 22.90 5.05 16.22
CA PHE B 380 22.10 5.94 15.36
C PHE B 380 21.89 5.32 13.98
N ALA B 381 22.95 4.75 13.40
CA ALA B 381 22.82 4.09 12.11
C ALA B 381 21.84 2.93 12.19
N VAL B 382 21.95 2.10 13.23
CA VAL B 382 20.99 1.04 13.44
C VAL B 382 19.61 1.63 13.71
N LEU B 383 19.56 2.68 14.54
CA LEU B 383 18.28 3.34 14.81
C LEU B 383 17.69 3.91 13.53
N ALA B 384 18.51 4.53 12.70
CA ALA B 384 18.01 5.08 11.44
C ALA B 384 17.60 3.98 10.47
N ALA B 385 18.21 2.80 10.58
CA ALA B 385 17.84 1.69 9.70
C ALA B 385 16.39 1.29 9.88
N PHE B 386 15.92 1.28 11.13
CA PHE B 386 14.54 0.90 11.42
C PHE B 386 13.55 2.04 11.15
N GLY B 387 14.03 3.23 10.80
CA GLY B 387 13.17 4.35 10.51
C GLY B 387 12.82 5.22 11.69
N PHE B 388 13.30 4.90 12.89
CA PHE B 388 12.97 5.68 14.07
C PHE B 388 13.49 7.11 13.91
N SER B 389 13.06 7.97 14.83
CA SER B 389 13.42 9.38 14.80
C SER B 389 13.78 9.84 16.21
N ILE B 390 14.80 10.68 16.31
CA ILE B 390 15.17 11.24 17.61
C ILE B 390 13.96 11.91 18.22
N ASN B 391 13.81 11.77 19.53
CA ASN B 391 12.67 12.34 20.25
C ASN B 391 12.92 12.20 21.74
N THR B 392 11.96 12.68 22.54
CA THR B 392 12.11 12.62 23.99
C THR B 392 12.15 11.19 24.50
N LEU B 393 11.66 10.22 23.73
CA LEU B 393 11.63 8.84 24.20
C LEU B 393 12.95 8.13 23.92
N THR B 394 13.39 8.13 22.67
CA THR B 394 14.62 7.43 22.33
C THR B 394 15.81 8.01 23.06
N MET B 395 15.91 9.34 23.12
CA MET B 395 17.01 9.96 23.87
C MET B 395 17.01 9.51 25.32
N PHE B 396 15.87 9.63 26.00
CA PHE B 396 15.77 9.12 27.37
C PHE B 396 15.81 7.60 27.39
N GLY B 397 15.62 6.94 26.25
CA GLY B 397 15.91 5.53 26.12
C GLY B 397 17.35 5.23 25.82
N MET B 398 18.16 6.25 25.57
CA MET B 398 19.59 6.10 25.33
C MET B 398 20.44 6.55 26.51
N VAL B 399 19.95 7.50 27.32
CA VAL B 399 20.64 7.84 28.55
C VAL B 399 20.63 6.66 29.50
N LEU B 400 19.53 5.89 29.50
CA LEU B 400 19.50 4.66 30.28
C LEU B 400 20.51 3.64 29.77
N ALA B 401 20.79 3.65 28.46
CA ALA B 401 21.71 2.71 27.87
C ALA B 401 23.17 3.07 28.12
N ILE B 402 23.46 4.30 28.54
CA ILE B 402 24.85 4.67 28.80
C ILE B 402 25.44 3.80 29.90
N GLY B 403 24.61 3.36 30.84
CA GLY B 403 25.11 2.42 31.85
C GLY B 403 25.58 1.12 31.22
N LEU B 404 24.80 0.58 30.28
CA LEU B 404 25.20 -0.64 29.61
C LEU B 404 26.49 -0.44 28.82
N LEU B 405 26.60 0.68 28.11
CA LEU B 405 27.80 0.93 27.30
C LEU B 405 29.04 1.01 28.17
N VAL B 406 28.96 1.70 29.30
CA VAL B 406 30.14 1.89 30.14
C VAL B 406 30.60 0.55 30.70
N ASP B 407 29.69 -0.23 31.26
CA ASP B 407 30.08 -1.48 31.89
C ASP B 407 30.63 -2.49 30.90
N ASP B 408 30.34 -2.33 29.61
CA ASP B 408 30.95 -3.17 28.59
C ASP B 408 32.30 -2.64 28.12
N ALA B 409 32.71 -1.47 28.58
CA ALA B 409 34.04 -0.93 28.33
C ALA B 409 34.92 -0.94 29.56
N ILE B 410 34.35 -0.80 30.76
CA ILE B 410 35.14 -0.89 31.98
C ILE B 410 35.59 -2.32 32.20
N VAL B 411 34.68 -3.29 32.02
CA VAL B 411 35.01 -4.68 32.30
C VAL B 411 36.16 -5.16 31.42
N VAL B 412 36.11 -4.84 30.13
CA VAL B 412 37.14 -5.32 29.21
C VAL B 412 38.47 -4.66 29.53
N VAL B 413 38.48 -3.35 29.73
CA VAL B 413 39.72 -2.64 30.01
C VAL B 413 40.23 -2.98 31.40
N GLU B 414 39.34 -2.98 32.40
CA GLU B 414 39.77 -3.21 33.78
C GLU B 414 40.40 -4.59 33.93
N ASN B 415 39.77 -5.62 33.36
CA ASN B 415 40.30 -6.97 33.50
C ASN B 415 41.69 -7.06 32.88
N VAL B 416 41.88 -6.45 31.71
CA VAL B 416 43.21 -6.43 31.09
C VAL B 416 44.19 -5.69 32.00
N GLU B 417 43.75 -4.62 32.64
CA GLU B 417 44.63 -3.88 33.53
C GLU B 417 45.04 -4.71 34.73
N ARG B 418 44.12 -5.49 35.28
CA ARG B 418 44.45 -6.34 36.42
C ARG B 418 45.48 -7.40 36.04
N VAL B 419 45.29 -8.03 34.88
CA VAL B 419 46.18 -9.14 34.50
C VAL B 419 47.61 -8.64 34.33
N MET B 420 47.80 -7.50 33.67
CA MET B 420 49.16 -7.01 33.47
C MET B 420 49.88 -6.78 34.79
N ALA B 421 49.16 -6.32 35.82
CA ALA B 421 49.78 -6.04 37.10
C ALA B 421 49.93 -7.28 37.97
N GLU B 422 49.00 -8.24 37.87
CA GLU B 422 49.08 -9.44 38.68
C GLU B 422 50.03 -10.45 38.05
N GLU B 423 49.72 -10.90 36.84
CA GLU B 423 50.55 -11.90 36.17
C GLU B 423 51.83 -11.30 35.60
N GLY B 424 51.82 -10.02 35.27
CA GLY B 424 53.00 -9.39 34.68
C GLY B 424 53.15 -9.60 33.20
N LEU B 425 52.12 -10.09 32.52
CA LEU B 425 52.23 -10.41 31.11
C LEU B 425 52.28 -9.13 30.27
N PRO B 426 52.88 -9.19 29.08
CA PRO B 426 53.01 -7.98 28.26
C PRO B 426 51.67 -7.51 27.74
N PRO B 427 51.54 -6.25 27.35
CA PRO B 427 50.24 -5.74 26.90
C PRO B 427 49.65 -6.49 25.71
N LYS B 428 50.49 -6.89 24.75
CA LYS B 428 49.96 -7.56 23.57
C LYS B 428 49.49 -8.97 23.87
N GLU B 429 50.02 -9.58 24.93
CA GLU B 429 49.63 -10.94 25.30
C GLU B 429 48.65 -10.95 26.46
N ALA B 430 48.66 -9.91 27.30
CA ALA B 430 47.70 -9.84 28.40
C ALA B 430 46.26 -9.79 27.88
N THR B 431 46.04 -9.03 26.81
CA THR B 431 44.70 -8.97 26.23
C THR B 431 44.25 -10.34 25.73
N ARG B 432 45.18 -11.12 25.17
CA ARG B 432 44.83 -12.46 24.70
C ARG B 432 44.36 -13.33 25.86
N LYS B 433 45.05 -13.28 26.99
CA LYS B 433 44.63 -14.06 28.15
C LYS B 433 43.40 -13.44 28.81
N SER B 434 43.36 -12.12 28.95
CA SER B 434 42.25 -11.47 29.63
C SER B 434 40.94 -11.75 28.90
N MET B 435 40.92 -11.54 27.58
CA MET B 435 39.71 -11.81 26.81
C MET B 435 39.38 -13.29 26.77
N GLY B 436 40.31 -14.17 27.12
CA GLY B 436 40.00 -15.58 27.23
C GLY B 436 39.19 -15.93 28.46
N GLN B 437 38.99 -14.97 29.36
CA GLN B 437 38.24 -15.20 30.59
C GLN B 437 36.82 -14.66 30.53
N ILE B 438 36.53 -13.72 29.62
CA ILE B 438 35.23 -13.07 29.57
C ILE B 438 34.63 -13.03 28.18
N GLN B 439 35.29 -13.62 27.17
CA GLN B 439 34.69 -13.64 25.84
C GLN B 439 33.39 -14.43 25.84
N GLY B 440 33.36 -15.55 26.58
CA GLY B 440 32.12 -16.30 26.69
C GLY B 440 31.05 -15.54 27.44
N ALA B 441 31.41 -14.89 28.55
CA ALA B 441 30.42 -14.17 29.35
C ALA B 441 29.79 -13.03 28.57
N LEU B 442 30.62 -12.25 27.87
CA LEU B 442 30.09 -11.08 27.17
C LEU B 442 29.08 -11.48 26.09
N VAL B 443 29.38 -12.54 25.35
CA VAL B 443 28.41 -13.02 24.37
C VAL B 443 27.13 -13.46 25.07
N GLY B 444 27.26 -14.08 26.24
CA GLY B 444 26.08 -14.45 27.00
C GLY B 444 25.28 -13.26 27.46
N ILE B 445 25.96 -12.18 27.87
CA ILE B 445 25.26 -10.98 28.31
C ILE B 445 24.40 -10.42 27.18
N ALA B 446 24.90 -10.50 25.95
CA ALA B 446 24.13 -9.99 24.81
C ALA B 446 22.80 -10.73 24.69
N MET B 447 22.81 -12.06 24.88
CA MET B 447 21.58 -12.82 24.75
C MET B 447 20.66 -12.60 25.95
N VAL B 448 21.23 -12.58 27.16
CA VAL B 448 20.40 -12.41 28.36
C VAL B 448 19.71 -11.06 28.34
N LEU B 449 20.48 -9.99 28.09
CA LEU B 449 19.88 -8.66 28.00
C LEU B 449 18.90 -8.59 26.83
N SER B 450 19.26 -9.18 25.69
CA SER B 450 18.35 -9.23 24.57
C SER B 450 17.06 -9.98 24.89
N ALA B 451 17.10 -10.86 25.88
CA ALA B 451 15.92 -11.61 26.29
C ALA B 451 15.10 -10.89 27.36
N VAL B 452 15.57 -9.75 27.85
CA VAL B 452 14.83 -8.97 28.82
C VAL B 452 14.19 -7.72 28.20
N PHE B 453 14.81 -7.13 27.18
CA PHE B 453 14.28 -5.93 26.54
C PHE B 453 13.41 -6.25 25.34
N ILE B 454 13.73 -7.31 24.59
CA ILE B 454 12.93 -7.66 23.41
C ILE B 454 11.49 -7.92 23.78
N PRO B 455 11.16 -8.67 24.83
CA PRO B 455 9.74 -8.90 25.16
C PRO B 455 8.97 -7.62 25.38
N MET B 456 9.61 -6.58 25.92
CA MET B 456 8.92 -5.30 26.09
C MET B 456 8.37 -4.77 24.78
N ALA B 457 9.08 -4.99 23.68
CA ALA B 457 8.71 -4.43 22.40
C ALA B 457 7.46 -5.09 21.80
N PHE B 458 6.96 -6.17 22.39
CA PHE B 458 5.83 -6.90 21.84
C PHE B 458 4.51 -6.55 22.53
N PHE B 459 4.47 -5.47 23.30
CA PHE B 459 3.23 -5.03 23.90
C PHE B 459 2.27 -4.54 22.81
N GLY B 460 1.07 -4.13 23.23
CA GLY B 460 0.07 -3.66 22.31
C GLY B 460 -0.51 -2.33 22.76
N GLY B 461 -1.16 -1.66 21.82
CA GLY B 461 -1.79 -0.39 22.11
C GLY B 461 -0.79 0.75 22.20
N SER B 462 -1.24 1.84 22.84
CA SER B 462 -0.39 3.01 22.98
C SER B 462 0.87 2.68 23.78
N THR B 463 0.73 1.90 24.87
CA THR B 463 1.89 1.55 25.67
C THR B 463 2.93 0.80 24.84
N GLY B 464 2.48 -0.12 23.98
CA GLY B 464 3.41 -0.83 23.12
C GLY B 464 4.18 0.10 22.22
N ALA B 465 3.54 1.20 21.79
CA ALA B 465 4.24 2.17 20.95
C ALA B 465 5.34 2.88 21.73
N ILE B 466 5.07 3.24 22.99
CA ILE B 466 6.10 3.88 23.81
C ILE B 466 7.19 2.89 24.17
N TYR B 467 6.80 1.67 24.57
CA TYR B 467 7.79 0.68 24.96
C TYR B 467 8.69 0.31 23.78
N ARG B 468 8.11 0.18 22.59
CA ARG B 468 8.89 -0.20 21.43
C ARG B 468 10.03 0.77 21.16
N GLN B 469 9.87 2.03 21.58
CA GLN B 469 10.94 3.00 21.38
C GLN B 469 12.11 2.72 22.30
N PHE B 470 11.84 2.44 23.58
CA PHE B 470 12.91 2.18 24.52
C PHE B 470 13.62 0.86 24.20
N SER B 471 12.84 -0.21 23.95
CA SER B 471 13.43 -1.53 23.78
C SER B 471 14.38 -1.57 22.60
N ILE B 472 13.98 -1.00 21.47
CA ILE B 472 14.82 -1.06 20.28
C ILE B 472 16.08 -0.22 20.46
N THR B 473 15.95 0.92 21.13
CA THR B 473 17.12 1.77 21.38
C THR B 473 18.11 1.08 22.32
N ILE B 474 17.61 0.55 23.44
CA ILE B 474 18.48 -0.12 24.39
C ILE B 474 19.08 -1.37 23.78
N VAL B 475 18.26 -2.18 23.09
CA VAL B 475 18.75 -3.41 22.50
C VAL B 475 19.80 -3.11 21.44
N SER B 476 19.53 -2.13 20.58
CA SER B 476 20.49 -1.77 19.54
C SER B 476 21.80 -1.28 20.17
N ALA B 477 21.70 -0.40 21.16
CA ALA B 477 22.90 0.08 21.84
C ALA B 477 23.62 -1.06 22.55
N MET B 478 22.87 -1.91 23.24
CA MET B 478 23.49 -3.02 23.97
C MET B 478 24.12 -4.02 23.02
N ALA B 479 23.45 -4.33 21.91
CA ALA B 479 24.00 -5.29 20.96
C ALA B 479 25.30 -4.78 20.35
N LEU B 480 25.34 -3.51 19.97
CA LEU B 480 26.56 -2.93 19.41
C LEU B 480 27.69 -2.94 20.43
N SER B 481 27.37 -2.62 21.68
CA SER B 481 28.41 -2.51 22.70
C SER B 481 29.17 -3.83 22.86
N VAL B 482 28.45 -4.94 22.92
CA VAL B 482 29.11 -6.24 23.03
C VAL B 482 29.97 -6.48 21.79
N LEU B 483 29.43 -6.19 20.61
CA LEU B 483 30.20 -6.36 19.39
C LEU B 483 31.42 -5.44 19.38
N VAL B 484 31.24 -4.18 19.78
CA VAL B 484 32.37 -3.25 19.81
C VAL B 484 33.29 -3.56 20.98
N ALA B 485 32.83 -4.35 21.95
CA ALA B 485 33.68 -4.80 23.05
C ALA B 485 34.41 -6.10 22.72
N LEU B 486 34.07 -6.76 21.61
CA LEU B 486 34.74 -7.97 21.19
C LEU B 486 35.62 -7.76 19.96
N ILE B 487 35.58 -6.59 19.34
CA ILE B 487 36.26 -6.32 18.09
C ILE B 487 37.23 -5.15 18.20
N LEU B 488 36.81 -4.05 18.82
CA LEU B 488 37.58 -2.82 18.87
C LEU B 488 38.36 -2.66 20.17
N THR B 489 37.68 -2.80 21.32
CA THR B 489 38.36 -2.57 22.59
C THR B 489 39.57 -3.47 22.78
N PRO B 490 39.53 -4.77 22.47
CA PRO B 490 40.76 -5.56 22.57
C PRO B 490 41.90 -5.01 21.73
N ALA B 491 41.60 -4.52 20.53
CA ALA B 491 42.65 -3.97 19.67
C ALA B 491 43.27 -2.73 20.30
N LEU B 492 42.44 -1.83 20.82
CA LEU B 492 42.97 -0.64 21.47
C LEU B 492 43.73 -0.98 22.74
N CYS B 493 43.24 -1.96 23.51
CA CYS B 493 43.87 -2.27 24.79
C CYS B 493 45.33 -2.66 24.59
N ALA B 494 45.60 -3.62 23.70
CA ALA B 494 46.97 -4.08 23.52
C ALA B 494 47.84 -3.00 22.88
N THR B 495 47.32 -2.34 21.84
CA THR B 495 48.13 -1.36 21.12
C THR B 495 48.47 -0.17 22.01
N MET B 496 47.50 0.32 22.79
CA MET B 496 47.68 1.54 23.57
C MET B 496 48.34 1.28 24.91
N LEU B 497 47.87 0.28 25.66
CA LEU B 497 48.38 0.04 27.00
C LEU B 497 49.89 -0.21 26.96
N LYS B 498 50.52 -0.03 28.11
CA LYS B 498 51.95 -0.23 28.27
C LYS B 498 52.24 -1.13 29.46
N PRO B 499 53.34 -1.88 29.43
CA PRO B 499 53.64 -2.78 30.54
C PRO B 499 53.94 -2.02 31.82
N ILE B 500 53.64 -2.66 32.95
CA ILE B 500 53.89 -2.08 34.26
C ILE B 500 54.89 -2.93 35.01
N THR B 509 52.33 8.37 46.58
CA THR B 509 52.26 9.44 47.56
C THR B 509 51.13 10.41 47.22
N GLY B 510 51.09 11.54 47.92
CA GLY B 510 50.03 12.51 47.66
C GLY B 510 48.66 11.91 47.93
N PHE B 511 47.75 12.11 46.98
CA PHE B 511 46.39 11.60 47.11
C PHE B 511 46.25 10.22 46.52
N PHE B 512 46.71 10.02 45.28
CA PHE B 512 46.55 8.72 44.63
C PHE B 512 47.25 7.63 45.42
N GLY B 513 48.45 7.91 45.93
CA GLY B 513 49.12 6.94 46.78
C GLY B 513 48.31 6.59 48.01
N TRP B 514 47.72 7.60 48.65
CA TRP B 514 46.86 7.33 49.80
C TRP B 514 45.63 6.55 49.39
N PHE B 515 45.02 6.91 48.26
CA PHE B 515 43.79 6.24 47.83
C PHE B 515 44.04 4.75 47.61
N ASN B 516 45.13 4.41 46.93
CA ASN B 516 45.45 3.01 46.70
C ASN B 516 45.67 2.28 48.02
N ARG B 517 46.35 2.92 48.97
CA ARG B 517 46.56 2.30 50.27
C ARG B 517 45.23 2.04 50.97
N MET B 518 44.31 3.01 50.92
CA MET B 518 43.01 2.82 51.57
C MET B 518 42.17 1.79 50.83
N PHE B 519 42.16 1.85 49.50
CA PHE B 519 41.37 0.89 48.73
C PHE B 519 41.89 -0.53 48.95
N ASP B 520 43.20 -0.71 48.96
CA ASP B 520 43.76 -2.04 49.19
C ASP B 520 43.34 -2.58 50.54
N LYS B 521 43.34 -1.72 51.57
CA LYS B 521 42.86 -2.14 52.89
C LYS B 521 41.39 -2.52 52.83
N SER B 522 40.59 -1.73 52.11
CA SER B 522 39.16 -2.00 52.04
C SER B 522 38.88 -3.35 51.38
N THR B 523 39.46 -3.58 50.20
CA THR B 523 39.19 -4.83 49.48
C THR B 523 39.62 -6.04 50.30
N HIS B 524 40.73 -5.93 51.03
CA HIS B 524 41.12 -7.01 51.93
C HIS B 524 40.08 -7.21 53.02
N HIS B 525 39.55 -6.11 53.57
CA HIS B 525 38.50 -6.23 54.58
C HIS B 525 37.21 -6.77 53.96
N TYR B 526 36.91 -6.38 52.73
CA TYR B 526 35.69 -6.86 52.08
C TYR B 526 35.71 -8.37 51.94
N THR B 527 36.85 -8.93 51.51
CA THR B 527 36.96 -10.38 51.42
C THR B 527 36.80 -11.04 52.77
N ASP B 528 37.24 -10.37 53.85
CA ASP B 528 37.04 -10.91 55.19
C ASP B 528 35.56 -10.98 55.54
N SER B 529 34.81 -9.94 55.18
CA SER B 529 33.38 -9.93 55.51
C SER B 529 32.64 -11.05 54.79
N VAL B 530 32.94 -11.25 53.50
CA VAL B 530 32.28 -12.32 52.76
C VAL B 530 32.68 -13.68 53.31
N GLY B 531 33.93 -13.82 53.73
CA GLY B 531 34.35 -15.07 54.36
C GLY B 531 33.55 -15.39 55.59
N ASN B 532 33.29 -14.38 56.43
CA ASN B 532 32.46 -14.60 57.62
C ASN B 532 31.05 -15.01 57.24
N ILE B 533 30.48 -14.37 56.22
CA ILE B 533 29.11 -14.67 55.81
C ILE B 533 29.02 -16.11 55.32
N LEU B 534 29.97 -16.54 54.48
CA LEU B 534 29.87 -17.84 53.84
C LEU B 534 29.96 -18.98 54.83
N ARG B 535 30.41 -18.74 56.06
CA ARG B 535 30.42 -19.77 57.09
C ARG B 535 29.08 -19.89 57.80
N SER B 536 28.17 -18.94 57.60
CA SER B 536 26.85 -18.96 58.22
C SER B 536 25.78 -18.60 57.17
N THR B 537 25.86 -19.27 56.01
CA THR B 537 24.95 -18.93 54.92
C THR B 537 23.49 -19.07 55.33
N GLY B 538 23.20 -19.91 56.33
CA GLY B 538 21.82 -20.11 56.75
C GLY B 538 21.17 -18.83 57.25
N ARG B 539 21.90 -18.07 58.09
CA ARG B 539 21.31 -16.88 58.69
C ARG B 539 20.95 -15.85 57.63
N TYR B 540 21.84 -15.62 56.66
CA TYR B 540 21.64 -14.54 55.70
C TYR B 540 20.61 -14.88 54.64
N LEU B 541 20.30 -16.15 54.43
CA LEU B 541 19.20 -16.49 53.53
C LEU B 541 17.88 -15.94 54.04
N VAL B 542 17.73 -15.83 55.36
CA VAL B 542 16.53 -15.20 55.92
C VAL B 542 16.43 -13.75 55.46
N LEU B 543 17.56 -13.03 55.46
CA LEU B 543 17.54 -11.65 55.02
C LEU B 543 17.11 -11.53 53.57
N TYR B 544 17.39 -12.54 52.75
CA TYR B 544 16.94 -12.50 51.36
C TYR B 544 15.43 -12.60 51.24
N LEU B 545 14.76 -13.20 52.23
CA LEU B 545 13.31 -13.22 52.24
C LEU B 545 12.73 -11.95 52.84
N ILE B 546 13.42 -11.35 53.81
CA ILE B 546 12.94 -10.10 54.40
C ILE B 546 13.15 -8.93 53.44
N ILE B 547 13.89 -9.13 52.36
CA ILE B 547 14.14 -8.07 51.39
C ILE B 547 13.20 -8.24 50.21
N VAL B 548 12.87 -9.49 49.87
CA VAL B 548 11.95 -9.73 48.77
C VAL B 548 10.53 -9.29 49.13
N VAL B 549 10.09 -9.60 50.36
CA VAL B 549 8.78 -9.14 50.80
C VAL B 549 8.73 -7.62 50.82
N GLY B 550 9.82 -6.99 51.23
CA GLY B 550 9.88 -5.53 51.16
C GLY B 550 9.67 -5.02 49.74
N MET B 551 10.25 -5.70 48.76
CA MET B 551 10.02 -5.33 47.37
C MET B 551 8.55 -5.49 47.01
N ALA B 552 7.96 -6.64 47.35
CA ALA B 552 6.56 -6.86 47.04
C ALA B 552 5.67 -5.89 47.79
N TRP B 553 5.97 -5.65 49.07
CA TRP B 553 5.13 -4.75 49.86
C TRP B 553 5.16 -3.34 49.30
N LEU B 554 6.33 -2.86 48.90
CA LEU B 554 6.45 -1.50 48.36
C LEU B 554 5.93 -1.40 46.93
N PHE B 555 6.11 -2.46 46.13
CA PHE B 555 5.69 -2.39 44.74
C PHE B 555 4.20 -2.15 44.62
N VAL B 556 3.39 -2.87 45.40
CA VAL B 556 1.95 -2.70 45.34
C VAL B 556 1.56 -1.31 45.83
N ARG B 557 2.28 -0.79 46.83
CA ARG B 557 1.96 0.52 47.40
C ARG B 557 2.28 1.68 46.47
N LEU B 558 2.99 1.42 45.37
CA LEU B 558 3.40 2.50 44.48
C LEU B 558 2.27 2.84 43.51
N PRO B 559 1.77 4.08 43.49
CA PRO B 559 0.73 4.43 42.51
C PRO B 559 1.22 4.26 41.08
N SER B 560 0.28 3.94 40.20
CA SER B 560 0.57 3.72 38.79
C SER B 560 0.11 4.92 37.97
N SER B 561 1.04 5.48 37.20
CA SER B 561 0.76 6.61 36.31
C SER B 561 1.22 6.24 34.90
N PHE B 562 0.98 7.14 33.95
CA PHE B 562 1.35 6.91 32.56
C PHE B 562 2.61 7.66 32.18
N LEU B 563 2.62 8.98 32.34
CA LEU B 563 3.78 9.80 32.01
C LEU B 563 3.76 11.02 32.91
N PRO B 564 4.92 11.47 33.39
CA PRO B 564 4.94 12.66 34.25
C PRO B 564 4.58 13.92 33.48
N ASP B 565 3.96 14.86 34.20
CA ASP B 565 3.63 16.15 33.61
C ASP B 565 4.84 17.07 33.70
N GLU B 566 5.06 17.86 32.64
CA GLU B 566 6.22 18.72 32.53
C GLU B 566 5.77 20.16 32.28
N ASP B 567 6.59 21.09 32.77
CA ASP B 567 6.32 22.52 32.61
C ASP B 567 6.65 22.90 31.17
N GLN B 568 5.64 22.78 30.30
CA GLN B 568 5.82 23.06 28.88
C GLN B 568 5.71 24.55 28.55
N GLY B 569 5.42 25.40 29.53
CA GLY B 569 5.31 26.82 29.31
C GLY B 569 3.92 27.29 28.90
N VAL B 570 2.99 26.38 28.66
CA VAL B 570 1.63 26.73 28.25
C VAL B 570 0.66 25.87 29.03
N PHE B 571 -0.41 26.48 29.53
CA PHE B 571 -1.45 25.77 30.26
C PHE B 571 -2.80 26.36 29.90
N LEU B 572 -3.78 25.49 29.70
CA LEU B 572 -5.11 25.90 29.26
C LEU B 572 -5.90 26.48 30.44
N SER B 573 -7.06 27.05 30.11
CA SER B 573 -7.97 27.58 31.12
C SER B 573 -9.39 27.51 30.56
N MET B 574 -10.12 26.49 30.96
CA MET B 574 -11.51 26.35 30.54
C MET B 574 -12.35 27.48 31.09
N ALA B 575 -13.56 27.63 30.54
CA ALA B 575 -14.52 28.61 31.06
C ALA B 575 -15.90 28.18 30.58
N GLN B 576 -16.76 27.81 31.52
CA GLN B 576 -18.11 27.34 31.23
C GLN B 576 -19.11 28.25 31.92
N LEU B 577 -20.12 28.68 31.18
CA LEU B 577 -21.16 29.55 31.69
C LEU B 577 -22.49 28.80 31.77
N PRO B 578 -23.44 29.30 32.55
CA PRO B 578 -24.72 28.60 32.69
C PRO B 578 -25.41 28.41 31.35
N ALA B 579 -26.46 27.59 31.37
CA ALA B 579 -27.16 27.26 30.14
C ALA B 579 -27.73 28.52 29.48
N GLY B 580 -27.49 28.66 28.18
CA GLY B 580 -28.06 29.76 27.43
C GLY B 580 -27.32 31.07 27.52
N ALA B 581 -26.15 31.10 28.14
CA ALA B 581 -25.39 32.33 28.25
C ALA B 581 -24.89 32.76 26.87
N THR B 582 -25.14 34.02 26.52
CA THR B 582 -24.82 34.52 25.19
C THR B 582 -23.33 34.77 25.05
N GLN B 583 -22.93 35.26 23.88
CA GLN B 583 -21.52 35.53 23.62
C GLN B 583 -21.02 36.71 24.46
N GLU B 584 -21.84 37.74 24.63
CA GLU B 584 -21.40 38.91 25.38
C GLU B 584 -21.06 38.56 26.81
N ARG B 585 -21.89 37.75 27.46
CA ARG B 585 -21.64 37.40 28.86
C ARG B 585 -20.35 36.59 28.98
N THR B 586 -20.11 35.65 28.06
CA THR B 586 -18.88 34.87 28.13
C THR B 586 -17.65 35.75 27.96
N GLN B 587 -17.70 36.68 27.00
CA GLN B 587 -16.56 37.57 26.78
C GLN B 587 -16.29 38.46 27.99
N LYS B 588 -17.28 38.64 28.87
CA LYS B 588 -17.04 39.38 30.10
C LYS B 588 -16.23 38.55 31.09
N VAL B 589 -16.51 37.24 31.15
CA VAL B 589 -15.73 36.36 32.01
C VAL B 589 -14.32 36.18 31.45
N LEU B 590 -14.20 36.00 30.13
CA LEU B 590 -12.90 35.82 29.51
C LEU B 590 -12.03 37.06 29.59
N ASP B 591 -12.60 38.23 29.93
CA ASP B 591 -11.83 39.44 30.08
C ASP B 591 -11.31 39.61 31.51
N GLU B 592 -12.17 39.32 32.50
CA GLU B 592 -11.70 39.31 33.88
C GLU B 592 -10.84 38.09 34.16
N MET B 593 -10.94 37.05 33.34
CA MET B 593 -10.01 35.93 33.44
C MET B 593 -8.65 36.30 32.86
N THR B 594 -8.63 37.05 31.77
CA THR B 594 -7.37 37.51 31.20
C THR B 594 -6.76 38.64 32.00
N ASN B 595 -7.58 39.42 32.71
CA ASN B 595 -7.04 40.50 33.53
C ASN B 595 -6.27 39.95 34.72
N TYR B 596 -6.75 38.85 35.31
CA TYR B 596 -6.06 38.27 36.45
C TYR B 596 -4.67 37.79 36.08
N TYR B 597 -4.54 37.13 34.93
CA TYR B 597 -3.24 36.61 34.52
C TYR B 597 -2.25 37.73 34.30
N LEU B 598 -2.67 38.83 33.70
CA LEU B 598 -1.79 39.95 33.39
C LEU B 598 -1.68 40.94 34.54
N THR B 599 -2.34 40.70 35.66
CA THR B 599 -2.25 41.58 36.83
C THR B 599 -1.60 40.91 38.02
N LYS B 600 -2.08 39.73 38.41
CA LYS B 600 -1.52 38.99 39.54
C LYS B 600 -0.35 38.11 39.15
N GLU B 601 -0.10 37.93 37.85
CA GLU B 601 0.98 37.07 37.38
C GLU B 601 1.72 37.74 36.22
N LYS B 602 1.86 39.07 36.29
CA LYS B 602 2.50 39.80 35.20
C LYS B 602 3.93 39.35 34.96
N ASP B 603 4.58 38.74 35.95
CA ASP B 603 5.97 38.35 35.83
C ASP B 603 6.16 36.93 35.33
N ASN B 604 5.09 36.21 35.04
CA ASN B 604 5.18 34.85 34.51
C ASN B 604 4.39 34.64 33.23
N VAL B 605 3.24 35.30 33.08
CA VAL B 605 2.37 35.09 31.93
C VAL B 605 2.80 36.03 30.82
N GLU B 606 2.99 35.46 29.62
CA GLU B 606 3.40 36.23 28.46
C GLU B 606 2.20 36.73 27.66
N SER B 607 1.22 35.86 27.41
CA SER B 607 0.08 36.23 26.59
C SER B 607 -1.10 35.32 26.95
N VAL B 608 -2.28 35.73 26.52
CA VAL B 608 -3.51 34.98 26.76
C VAL B 608 -4.34 34.96 25.49
N PHE B 609 -4.32 33.84 24.77
CA PHE B 609 -5.10 33.68 23.55
C PHE B 609 -6.54 33.37 23.94
N ALA B 610 -7.26 34.43 24.29
CA ALA B 610 -8.59 34.28 24.87
C ALA B 610 -9.63 33.89 23.82
N VAL B 611 -9.57 32.65 23.34
CA VAL B 611 -10.59 32.18 22.42
C VAL B 611 -11.95 32.25 23.11
N ASN B 612 -13.00 32.36 22.31
CA ASN B 612 -14.36 32.44 22.83
C ASN B 612 -15.26 31.54 22.00
N GLY B 613 -16.33 31.06 22.63
CA GLY B 613 -17.29 30.22 21.95
C GLY B 613 -16.77 28.90 21.46
N PHE B 614 -15.64 28.42 22.00
CA PHE B 614 -15.07 27.14 21.60
C PHE B 614 -14.65 26.38 22.85
N GLY B 615 -14.90 25.08 22.86
CA GLY B 615 -14.56 24.25 24.01
C GLY B 615 -14.34 22.82 23.60
N PHE B 616 -13.54 22.10 24.39
CA PHE B 616 -13.28 20.71 24.11
C PHE B 616 -14.50 19.85 24.43
N ALA B 617 -15.14 20.09 25.57
CA ALA B 617 -16.33 19.31 25.93
C ALA B 617 -17.45 19.54 24.93
N GLY B 618 -17.65 20.79 24.51
CA GLY B 618 -18.70 21.10 23.56
C GLY B 618 -18.42 22.43 22.89
N ARG B 619 -19.38 22.87 22.08
CA ARG B 619 -19.28 24.12 21.35
C ARG B 619 -20.55 24.92 21.52
N GLY B 620 -20.41 26.23 21.56
CA GLY B 620 -21.56 27.11 21.73
C GLY B 620 -21.10 28.50 22.07
N GLN B 621 -22.06 29.31 22.53
CA GLN B 621 -21.78 30.68 22.96
C GLN B 621 -21.54 30.78 24.46
N ASN B 622 -21.62 29.68 25.20
CA ASN B 622 -21.45 29.66 26.64
C ASN B 622 -20.21 28.87 27.03
N THR B 623 -19.13 29.04 26.29
CA THR B 623 -17.89 28.31 26.55
C THR B 623 -16.73 29.17 26.06
N GLY B 624 -15.55 28.90 26.61
CA GLY B 624 -14.37 29.64 26.23
C GLY B 624 -13.11 28.91 26.64
N ILE B 625 -12.00 29.33 26.04
CA ILE B 625 -10.68 28.78 26.32
C ILE B 625 -9.68 29.92 26.28
N ALA B 626 -8.53 29.71 26.92
CA ALA B 626 -7.46 30.71 26.92
C ALA B 626 -6.14 29.96 27.02
N PHE B 627 -5.45 29.80 25.89
CA PHE B 627 -4.14 29.18 25.91
C PHE B 627 -3.12 30.15 26.49
N VAL B 628 -2.90 30.07 27.80
CA VAL B 628 -2.00 30.99 28.48
C VAL B 628 -0.56 30.57 28.18
N SER B 629 0.23 31.50 27.68
CA SER B 629 1.64 31.27 27.36
C SER B 629 2.51 31.94 28.42
N LEU B 630 3.38 31.17 29.03
CA LEU B 630 4.23 31.65 30.12
C LEU B 630 5.58 32.10 29.60
N LYS B 631 6.24 32.92 30.40
CA LYS B 631 7.58 33.40 30.05
C LYS B 631 8.54 32.22 29.93
N ASP B 632 9.71 32.50 29.36
CA ASP B 632 10.71 31.45 29.18
C ASP B 632 11.19 30.92 30.53
N TRP B 633 11.65 29.68 30.52
CA TRP B 633 12.02 29.02 31.78
C TRP B 633 13.07 29.83 32.53
N SER B 634 14.02 30.41 31.82
CA SER B 634 15.10 31.14 32.49
C SER B 634 14.59 32.30 33.32
N GLN B 635 13.38 32.80 33.04
CA GLN B 635 12.80 33.92 33.77
C GLN B 635 11.85 33.48 34.87
N ARG B 636 11.84 32.19 35.22
CA ARG B 636 10.95 31.65 36.25
C ARG B 636 11.76 30.83 37.24
N PRO B 637 12.58 31.49 38.07
CA PRO B 637 13.38 30.75 39.05
C PRO B 637 12.50 30.15 40.14
N GLY B 638 12.96 29.02 40.69
CA GLY B 638 12.29 28.38 41.80
C GLY B 638 11.07 27.60 41.37
N GLU B 639 10.51 26.86 42.33
CA GLU B 639 9.30 26.09 42.11
C GLU B 639 8.03 26.90 42.27
N GLU B 640 8.12 28.10 42.84
CA GLU B 640 6.93 28.93 43.04
C GLU B 640 6.35 29.43 41.73
N ASN B 641 7.11 29.37 40.64
CA ASN B 641 6.67 29.89 39.34
C ASN B 641 6.63 28.80 38.28
N LYS B 642 6.33 27.57 38.68
CA LYS B 642 6.13 26.49 37.75
C LYS B 642 4.64 26.34 37.42
N VAL B 643 4.36 25.57 36.36
CA VAL B 643 2.98 25.42 35.92
C VAL B 643 2.13 24.80 37.01
N GLU B 644 2.69 23.85 37.76
CA GLU B 644 1.93 23.22 38.84
C GLU B 644 1.52 24.24 39.89
N ALA B 645 2.44 25.12 40.27
CA ALA B 645 2.12 26.11 41.30
C ALA B 645 1.16 27.17 40.76
N ILE B 646 1.40 27.64 39.53
CA ILE B 646 0.55 28.69 38.96
C ILE B 646 -0.89 28.22 38.85
N THR B 647 -1.09 26.99 38.37
CA THR B 647 -2.45 26.47 38.22
C THR B 647 -3.16 26.40 39.56
N ALA B 648 -2.45 25.98 40.61
CA ALA B 648 -3.07 25.89 41.93
C ALA B 648 -3.53 27.27 42.41
N ARG B 649 -2.70 28.30 42.21
CA ARG B 649 -3.10 29.64 42.61
C ARG B 649 -4.31 30.10 41.81
N ALA B 650 -4.30 29.89 40.49
CA ALA B 650 -5.42 30.32 39.67
C ALA B 650 -6.70 29.59 40.05
N MET B 651 -6.61 28.28 40.33
CA MET B 651 -7.79 27.53 40.73
C MET B 651 -8.38 28.10 42.01
N GLY B 652 -7.52 28.50 42.95
CA GLY B 652 -8.02 29.09 44.18
C GLY B 652 -8.76 30.39 43.97
N TYR B 653 -8.26 31.22 43.05
CA TYR B 653 -8.89 32.51 42.80
C TYR B 653 -10.20 32.36 42.03
N PHE B 654 -10.22 31.47 41.02
CA PHE B 654 -11.41 31.32 40.19
C PHE B 654 -12.57 30.68 40.93
N SER B 655 -12.33 30.10 42.11
CA SER B 655 -13.44 29.59 42.91
C SER B 655 -14.36 30.70 43.38
N GLN B 656 -13.90 31.94 43.36
CA GLN B 656 -14.71 33.08 43.78
C GLN B 656 -15.55 33.67 42.66
N ILE B 657 -15.37 33.21 41.42
CA ILE B 657 -16.13 33.76 40.30
C ILE B 657 -17.56 33.24 40.34
N LYS B 658 -18.51 34.14 40.11
CA LYS B 658 -19.92 33.80 40.05
C LYS B 658 -20.36 33.64 38.60
N ASP B 659 -21.34 32.76 38.40
CA ASP B 659 -21.92 32.53 37.07
C ASP B 659 -20.87 32.08 36.07
N ALA B 660 -19.95 31.22 36.51
CA ALA B 660 -18.98 30.60 35.61
C ALA B 660 -18.26 29.46 36.29
N MET B 661 -18.21 28.30 35.65
CA MET B 661 -17.51 27.13 36.19
C MET B 661 -16.08 27.08 35.64
N VAL B 662 -15.37 28.19 35.86
CA VAL B 662 -14.00 28.31 35.37
C VAL B 662 -13.09 27.35 36.13
N PHE B 663 -12.12 26.77 35.44
CA PHE B 663 -11.11 25.93 36.08
C PHE B 663 -9.96 25.73 35.11
N ALA B 664 -8.74 25.94 35.59
CA ALA B 664 -7.55 25.80 34.76
C ALA B 664 -6.85 24.47 35.03
N PHE B 665 -6.06 24.02 34.05
CA PHE B 665 -5.38 22.74 34.15
C PHE B 665 -4.27 22.68 33.12
N ASN B 666 -3.18 22.01 33.48
CA ASN B 666 -2.01 21.90 32.62
C ASN B 666 -2.26 20.94 31.47
N LEU B 667 -1.45 21.07 30.41
CA LEU B 667 -1.55 20.16 29.29
C LEU B 667 -1.09 18.77 29.69
N PRO B 668 -1.55 17.73 28.99
CA PRO B 668 -0.99 16.39 29.20
C PRO B 668 0.44 16.32 28.68
N ALA B 669 1.16 15.29 29.15
CA ALA B 669 2.55 15.11 28.73
C ALA B 669 2.64 14.88 27.23
N ILE B 670 1.75 14.05 26.69
CA ILE B 670 1.68 13.78 25.26
C ILE B 670 0.33 14.30 24.79
N VAL B 671 0.32 15.51 24.24
CA VAL B 671 -0.93 16.19 23.91
C VAL B 671 -1.72 15.44 22.84
N GLU B 672 -1.08 14.56 22.07
CA GLU B 672 -1.82 13.81 21.06
C GLU B 672 -2.92 12.98 21.69
N LEU B 673 -2.64 12.32 22.80
CA LEU B 673 -3.66 11.64 23.57
C LEU B 673 -4.39 12.62 24.46
N GLY B 674 -5.45 12.13 25.11
CA GLY B 674 -6.21 12.93 26.06
C GLY B 674 -5.50 13.01 27.39
N THR B 675 -6.28 13.05 28.47
CA THR B 675 -5.70 13.05 29.80
C THR B 675 -4.96 11.75 30.08
N ALA B 676 -5.51 10.63 29.62
CA ALA B 676 -4.90 9.31 29.84
C ALA B 676 -4.76 9.01 31.32
N THR B 677 -5.68 9.50 32.13
CA THR B 677 -5.69 9.25 33.57
C THR B 677 -7.13 9.05 34.01
N GLY B 678 -7.46 7.85 34.46
CA GLY B 678 -8.81 7.50 34.87
C GLY B 678 -9.40 6.43 33.97
N PHE B 679 -10.72 6.51 33.79
CA PHE B 679 -11.45 5.56 32.96
C PHE B 679 -12.43 6.31 32.09
N ASP B 680 -12.82 5.66 30.99
CA ASP B 680 -13.76 6.21 30.02
C ASP B 680 -14.93 5.25 29.85
N PHE B 681 -16.15 5.76 30.01
CA PHE B 681 -17.35 4.93 30.04
C PHE B 681 -18.38 5.46 29.05
N GLU B 682 -19.03 4.54 28.34
CA GLU B 682 -20.10 4.86 27.41
C GLU B 682 -21.39 4.20 27.90
N LEU B 683 -22.45 5.00 28.02
CA LEU B 683 -23.76 4.49 28.43
C LEU B 683 -24.63 4.36 27.18
N ILE B 684 -24.45 3.24 26.47
CA ILE B 684 -25.15 3.03 25.21
C ILE B 684 -26.64 2.88 25.45
N ASP B 685 -27.42 3.11 24.40
CA ASP B 685 -28.87 2.91 24.38
C ASP B 685 -29.13 1.82 23.35
N GLN B 686 -29.08 0.57 23.79
CA GLN B 686 -29.17 -0.55 22.84
C GLN B 686 -30.60 -0.75 22.35
N GLY B 687 -31.59 -0.56 23.23
CA GLY B 687 -32.96 -0.88 22.91
C GLY B 687 -33.73 0.18 22.15
N GLY B 688 -33.09 1.27 21.75
CA GLY B 688 -33.79 2.35 21.09
C GLY B 688 -34.81 3.03 21.98
N LEU B 689 -34.49 3.18 23.27
CA LEU B 689 -35.43 3.78 24.20
C LEU B 689 -35.64 5.27 23.92
N GLY B 690 -34.64 5.93 23.37
CA GLY B 690 -34.68 7.37 23.14
C GLY B 690 -33.76 8.12 24.09
N HIS B 691 -33.47 9.36 23.72
CA HIS B 691 -32.53 10.16 24.51
C HIS B 691 -33.09 10.44 25.91
N GLU B 692 -34.37 10.78 26.01
CA GLU B 692 -34.92 11.17 27.30
C GLU B 692 -34.86 10.02 28.30
N LYS B 693 -35.18 8.80 27.86
CA LYS B 693 -35.09 7.65 28.75
C LYS B 693 -33.63 7.35 29.11
N LEU B 694 -32.72 7.56 28.17
CA LEU B 694 -31.31 7.30 28.44
C LEU B 694 -30.79 8.19 29.55
N THR B 695 -31.14 9.48 29.53
CA THR B 695 -30.69 10.37 30.59
C THR B 695 -31.22 9.93 31.94
N GLN B 696 -32.48 9.47 31.99
CA GLN B 696 -33.03 8.94 33.24
C GLN B 696 -32.17 7.81 33.77
N ALA B 697 -31.57 7.02 32.86
CA ALA B 697 -30.70 5.93 33.30
C ALA B 697 -29.37 6.46 33.82
N ARG B 698 -28.80 7.44 33.13
CA ARG B 698 -27.53 8.02 33.59
C ARG B 698 -27.70 8.66 34.96
N ASN B 699 -28.80 9.38 35.17
CA ASN B 699 -29.06 9.95 36.49
C ASN B 699 -29.20 8.86 37.54
N GLN B 700 -29.79 7.73 37.16
CA GLN B 700 -29.87 6.60 38.09
C GLN B 700 -28.48 6.08 38.43
N LEU B 701 -27.60 5.99 37.43
CA LEU B 701 -26.23 5.54 37.69
C LEU B 701 -25.49 6.54 38.55
N PHE B 702 -25.62 7.84 38.27
CA PHE B 702 -24.94 8.85 39.06
C PHE B 702 -25.43 8.84 40.50
N GLY B 703 -26.73 8.69 40.70
CA GLY B 703 -27.27 8.60 42.05
C GLY B 703 -26.92 7.31 42.77
N MET B 704 -26.28 6.37 42.08
CA MET B 704 -25.91 5.10 42.67
C MET B 704 -24.41 4.90 42.82
N VAL B 705 -23.59 5.66 42.09
CA VAL B 705 -22.15 5.66 42.37
C VAL B 705 -21.83 6.42 43.64
N ALA B 706 -22.75 7.29 44.09
CA ALA B 706 -22.54 8.01 45.34
C ALA B 706 -22.42 7.07 46.53
N GLN B 707 -22.94 5.84 46.42
CA GLN B 707 -22.80 4.87 47.49
C GLN B 707 -21.39 4.33 47.62
N HIS B 708 -20.50 4.64 46.67
CA HIS B 708 -19.14 4.11 46.65
C HIS B 708 -18.16 5.27 46.51
N PRO B 709 -18.07 6.16 47.50
CA PRO B 709 -17.13 7.27 47.41
C PRO B 709 -15.68 6.87 47.61
N ASP B 710 -15.41 5.66 48.11
CA ASP B 710 -14.05 5.23 48.39
C ASP B 710 -13.39 4.50 47.22
N VAL B 711 -14.15 4.22 46.15
CA VAL B 711 -13.61 3.58 44.96
C VAL B 711 -13.68 4.51 43.75
N LEU B 712 -14.87 5.01 43.43
CA LEU B 712 -15.07 5.91 42.31
C LEU B 712 -15.13 7.35 42.83
N THR B 713 -14.25 8.19 42.30
CA THR B 713 -14.18 9.59 42.71
C THR B 713 -14.20 10.48 41.48
N GLY B 714 -14.87 11.63 41.61
CA GLY B 714 -14.92 12.59 40.52
C GLY B 714 -15.56 12.05 39.27
N VAL B 715 -16.64 11.28 39.41
CA VAL B 715 -17.38 10.78 38.25
C VAL B 715 -18.32 11.89 37.79
N ARG B 716 -18.12 12.35 36.56
CA ARG B 716 -18.85 13.49 36.02
C ARG B 716 -19.23 13.20 34.58
N PRO B 717 -20.24 13.89 34.05
CA PRO B 717 -20.54 13.76 32.62
C PRO B 717 -19.53 14.52 31.78
N ASN B 718 -19.55 14.25 30.48
CA ASN B 718 -18.71 14.95 29.53
C ASN B 718 -19.51 15.73 28.49
N GLY B 719 -20.81 15.49 28.38
CA GLY B 719 -21.65 16.19 27.44
C GLY B 719 -22.18 17.48 28.01
N LEU B 720 -23.30 17.94 27.45
CA LEU B 720 -23.96 19.16 27.86
C LEU B 720 -25.39 18.85 28.27
N GLU B 721 -25.79 19.36 29.43
CA GLU B 721 -27.14 19.12 29.93
C GLU B 721 -28.16 19.82 29.03
N ASP B 722 -29.36 19.25 28.97
CA ASP B 722 -30.41 19.82 28.14
C ASP B 722 -30.76 21.22 28.62
N THR B 723 -31.09 22.09 27.67
CA THR B 723 -31.35 23.49 27.91
C THR B 723 -32.62 23.91 27.19
N PRO B 724 -33.24 25.02 27.61
CA PRO B 724 -34.45 25.48 26.91
C PRO B 724 -34.15 25.82 25.46
N GLN B 725 -35.15 25.62 24.60
CA GLN B 725 -35.01 25.89 23.18
C GLN B 725 -36.35 26.28 22.60
N PHE B 726 -36.37 27.33 21.80
CA PHE B 726 -37.60 27.81 21.20
C PHE B 726 -38.15 26.79 20.21
N LYS B 727 -39.48 26.63 20.21
CA LYS B 727 -40.16 25.70 19.33
C LYS B 727 -41.23 26.46 18.56
N ILE B 728 -41.15 26.41 17.23
CA ILE B 728 -42.13 27.06 16.36
C ILE B 728 -42.91 25.96 15.64
N ASP B 729 -44.23 26.00 15.76
CA ASP B 729 -45.12 25.02 15.14
C ASP B 729 -45.89 25.70 14.02
N ILE B 730 -45.67 25.25 12.78
CA ILE B 730 -46.41 25.77 11.64
C ILE B 730 -47.73 25.02 11.55
N ASP B 731 -48.84 25.75 11.73
CA ASP B 731 -50.16 25.13 11.63
C ASP B 731 -50.45 24.81 10.18
N GLN B 732 -50.42 23.53 9.82
CA GLN B 732 -50.53 23.14 8.42
C GLN B 732 -51.86 23.58 7.83
N GLU B 733 -52.96 23.39 8.56
CA GLU B 733 -54.27 23.76 8.03
C GLU B 733 -54.36 25.25 7.77
N LYS B 734 -53.88 26.07 8.70
CA LYS B 734 -53.96 27.52 8.53
C LYS B 734 -53.14 27.97 7.32
N ALA B 735 -51.96 27.38 7.12
CA ALA B 735 -51.09 27.79 6.02
C ALA B 735 -51.78 27.62 4.68
N GLN B 736 -52.45 26.48 4.47
CA GLN B 736 -53.15 26.26 3.21
C GLN B 736 -54.30 27.24 3.03
N ALA B 737 -55.00 27.55 4.12
CA ALA B 737 -56.12 28.48 4.03
C ALA B 737 -55.66 29.85 3.55
N LEU B 738 -54.53 30.32 4.04
CA LEU B 738 -53.98 31.61 3.63
C LEU B 738 -53.17 31.52 2.33
N GLY B 739 -53.04 30.33 1.76
CA GLY B 739 -52.33 30.18 0.50
C GLY B 739 -50.85 30.48 0.57
N VAL B 740 -50.16 29.98 1.59
CA VAL B 740 -48.71 30.11 1.73
C VAL B 740 -48.11 28.71 1.68
N SER B 741 -47.19 28.49 0.75
CA SER B 741 -46.57 27.19 0.59
C SER B 741 -45.65 26.89 1.78
N ILE B 742 -45.78 25.69 2.34
CA ILE B 742 -44.95 25.32 3.48
C ILE B 742 -43.48 25.33 3.10
N SER B 743 -43.17 25.10 1.82
CA SER B 743 -41.79 25.17 1.36
C SER B 743 -41.25 26.59 1.35
N ASP B 744 -42.10 27.60 1.50
CA ASP B 744 -41.66 28.98 1.58
C ASP B 744 -41.42 29.42 3.01
N ILE B 745 -42.26 28.96 3.94
CA ILE B 745 -42.05 29.28 5.36
C ILE B 745 -40.74 28.66 5.84
N ASN B 746 -40.48 27.42 5.44
CA ASN B 746 -39.25 26.74 5.85
C ASN B 746 -38.01 27.47 5.37
N THR B 747 -38.11 28.27 4.32
CA THR B 747 -36.97 29.02 3.81
C THR B 747 -36.86 30.39 4.47
N THR B 748 -37.95 31.13 4.54
CA THR B 748 -37.92 32.42 5.22
C THR B 748 -37.54 32.26 6.68
N LEU B 749 -38.15 31.28 7.37
CA LEU B 749 -37.78 31.01 8.75
C LEU B 749 -36.35 30.47 8.84
N GLY B 750 -35.95 29.62 7.90
CA GLY B 750 -34.63 29.02 7.96
C GLY B 750 -33.53 29.88 7.40
N ALA B 751 -33.86 30.83 6.52
CA ALA B 751 -32.85 31.71 5.93
C ALA B 751 -32.72 33.01 6.70
N ALA B 752 -33.82 33.56 7.19
CA ALA B 752 -33.76 34.82 7.94
C ALA B 752 -32.98 34.65 9.23
N TRP B 753 -33.23 33.56 9.96
CA TRP B 753 -32.66 33.36 11.28
C TRP B 753 -31.38 32.52 11.26
N GLY B 754 -31.38 31.42 10.51
CA GLY B 754 -30.21 30.56 10.47
C GLY B 754 -29.15 30.94 9.47
N GLY B 755 -29.45 31.87 8.57
CA GLY B 755 -28.49 32.25 7.55
C GLY B 755 -28.41 31.20 6.46
N SER B 756 -28.20 31.65 5.22
CA SER B 756 -28.14 30.75 4.08
C SER B 756 -26.94 31.10 3.22
N TYR B 757 -26.46 30.11 2.47
CA TYR B 757 -25.30 30.25 1.60
C TYR B 757 -25.78 30.09 0.17
N VAL B 758 -25.90 31.22 -0.54
CA VAL B 758 -26.58 31.22 -1.83
C VAL B 758 -25.65 30.70 -2.94
N ASN B 759 -24.48 31.31 -3.09
CA ASN B 759 -23.55 30.94 -4.17
C ASN B 759 -22.20 31.58 -3.86
N ASP B 760 -21.30 31.49 -4.83
CA ASP B 760 -19.93 32.01 -4.71
C ASP B 760 -19.77 33.26 -5.56
N PHE B 761 -18.63 33.92 -5.39
CA PHE B 761 -18.25 35.05 -6.22
C PHE B 761 -16.74 35.17 -6.19
N ILE B 762 -16.19 35.83 -7.20
CA ILE B 762 -14.75 35.96 -7.39
C ILE B 762 -14.31 37.34 -6.94
N ASP B 763 -13.31 37.39 -6.07
CA ASP B 763 -12.80 38.66 -5.56
C ASP B 763 -11.30 38.55 -5.33
N ARG B 764 -10.55 39.51 -5.88
CA ARG B 764 -9.10 39.59 -5.69
C ARG B 764 -8.43 38.25 -6.00
N GLY B 765 -8.86 37.62 -7.08
CA GLY B 765 -8.24 36.38 -7.52
C GLY B 765 -8.58 35.18 -6.68
N ARG B 766 -9.66 35.23 -5.90
CA ARG B 766 -10.09 34.11 -5.07
C ARG B 766 -11.60 34.01 -5.10
N VAL B 767 -12.10 32.83 -4.77
CA VAL B 767 -13.54 32.56 -4.74
C VAL B 767 -14.00 32.62 -3.30
N LYS B 768 -15.06 33.40 -3.05
CA LYS B 768 -15.58 33.60 -1.71
C LYS B 768 -17.09 33.41 -1.71
N LYS B 769 -17.61 32.98 -0.57
CA LYS B 769 -19.02 32.64 -0.45
C LYS B 769 -19.86 33.90 -0.28
N VAL B 770 -21.18 33.75 -0.50
CA VAL B 770 -22.15 34.80 -0.27
C VAL B 770 -23.18 34.27 0.72
N TYR B 771 -23.36 34.97 1.83
CA TYR B 771 -24.31 34.58 2.86
C TYR B 771 -25.40 35.62 3.00
N ILE B 772 -26.65 35.17 3.08
CA ILE B 772 -27.78 36.02 3.39
C ILE B 772 -28.25 35.68 4.79
N MET B 773 -28.60 36.69 5.57
CA MET B 773 -28.98 36.49 6.94
C MET B 773 -29.60 37.77 7.47
N SER B 774 -30.57 37.63 8.36
CA SER B 774 -31.29 38.80 8.86
C SER B 774 -30.35 39.69 9.68
N GLU B 775 -30.69 40.98 9.72
CA GLU B 775 -29.90 41.91 10.49
C GLU B 775 -29.94 41.53 11.97
N ALA B 776 -28.83 41.80 12.67
CA ALA B 776 -28.68 41.30 14.02
C ALA B 776 -29.80 41.76 14.94
N LYS B 777 -30.40 42.92 14.66
CA LYS B 777 -31.37 43.51 15.57
C LYS B 777 -32.80 43.03 15.33
N TYR B 778 -33.03 42.13 14.37
CA TYR B 778 -34.37 41.68 14.04
C TYR B 778 -34.60 40.20 14.29
N ARG B 779 -33.62 39.50 14.86
CA ARG B 779 -33.72 38.05 15.08
C ARG B 779 -33.23 37.70 16.48
N MET B 780 -33.69 38.43 17.49
CA MET B 780 -33.19 38.29 18.85
C MET B 780 -34.22 37.68 19.78
N LEU B 781 -35.40 38.27 19.89
CA LEU B 781 -36.39 37.85 20.87
C LEU B 781 -37.54 37.11 20.19
N PRO B 782 -38.34 36.37 20.96
CA PRO B 782 -39.51 35.70 20.36
C PRO B 782 -40.47 36.68 19.69
N GLU B 783 -40.56 37.91 20.20
CA GLU B 783 -41.44 38.90 19.60
C GLU B 783 -41.08 39.21 18.16
N ASP B 784 -39.84 38.92 17.76
CA ASP B 784 -39.39 39.21 16.40
C ASP B 784 -39.95 38.23 15.36
N ILE B 785 -40.44 37.07 15.78
CA ILE B 785 -41.05 36.15 14.83
C ILE B 785 -42.23 36.82 14.13
N GLY B 786 -43.06 37.53 14.88
CA GLY B 786 -44.18 38.24 14.29
C GLY B 786 -43.79 39.41 13.42
N LYS B 787 -42.50 39.76 13.37
CA LYS B 787 -42.03 40.87 12.56
C LYS B 787 -41.69 40.47 11.14
N TRP B 788 -41.85 39.19 10.78
CA TRP B 788 -41.49 38.68 9.47
C TRP B 788 -42.73 38.36 8.65
N TYR B 789 -42.71 38.74 7.38
CA TYR B 789 -43.84 38.58 6.48
C TYR B 789 -43.45 37.70 5.30
N VAL B 790 -44.42 36.93 4.83
CA VAL B 790 -44.24 36.01 3.72
C VAL B 790 -45.37 36.21 2.73
N ARG B 791 -45.06 36.17 1.43
CA ARG B 791 -46.06 36.40 0.41
C ARG B 791 -47.06 35.24 0.36
N GLY B 792 -48.34 35.57 0.19
CA GLY B 792 -49.36 34.57 0.00
C GLY B 792 -49.58 34.23 -1.46
N SER B 793 -50.58 33.40 -1.70
CA SER B 793 -50.90 33.00 -3.08
C SER B 793 -51.34 34.20 -3.90
N ASP B 794 -52.14 35.09 -3.31
CA ASP B 794 -52.68 36.25 -4.02
C ASP B 794 -51.77 37.45 -3.97
N GLY B 795 -50.57 37.33 -3.40
CA GLY B 795 -49.64 38.43 -3.29
C GLY B 795 -49.75 39.25 -2.02
N GLN B 796 -50.74 38.97 -1.18
CA GLN B 796 -50.89 39.67 0.09
C GLN B 796 -50.08 38.96 1.15
N MET B 797 -49.21 39.70 1.83
CA MET B 797 -48.33 39.12 2.83
C MET B 797 -49.11 38.75 4.09
N VAL B 798 -48.55 37.81 4.84
CA VAL B 798 -49.10 37.37 6.12
C VAL B 798 -47.97 37.30 7.13
N PRO B 799 -48.24 37.52 8.42
CA PRO B 799 -47.18 37.40 9.43
C PRO B 799 -47.10 36.00 10.03
N PHE B 800 -45.94 35.68 10.57
CA PHE B 800 -45.75 34.39 11.22
C PHE B 800 -46.74 34.19 12.37
N SER B 801 -47.13 35.28 13.03
CA SER B 801 -48.09 35.17 14.13
C SER B 801 -49.44 34.66 13.66
N ALA B 802 -49.75 34.78 12.37
CA ALA B 802 -51.04 34.37 11.86
C ALA B 802 -51.19 32.86 11.77
N PHE B 803 -50.09 32.14 11.50
CA PHE B 803 -50.18 30.71 11.25
C PHE B 803 -49.05 29.94 11.94
N SER B 804 -48.49 30.50 13.01
CA SER B 804 -47.42 29.85 13.74
C SER B 804 -47.69 29.93 15.23
N THR B 805 -47.60 28.79 15.92
CA THR B 805 -47.71 28.70 17.36
C THR B 805 -46.34 28.38 17.94
N SER B 806 -45.96 29.10 18.98
CA SER B 806 -44.62 28.96 19.57
C SER B 806 -44.73 28.65 21.06
N ARG B 807 -43.77 27.85 21.53
CA ARG B 807 -43.71 27.47 22.94
C ARG B 807 -42.28 27.07 23.26
N TRP B 808 -41.96 27.08 24.56
CA TRP B 808 -40.63 26.75 25.04
C TRP B 808 -40.61 25.31 25.56
N GLU B 809 -39.60 24.56 25.15
CA GLU B 809 -39.42 23.18 25.61
C GLU B 809 -37.93 22.95 25.84
N TYR B 810 -37.59 21.73 26.24
CA TYR B 810 -36.22 21.37 26.58
C TYR B 810 -35.64 20.43 25.54
N GLY B 811 -34.34 20.54 25.31
CA GLY B 811 -33.63 19.66 24.40
C GLY B 811 -32.15 19.67 24.72
N SER B 812 -31.42 18.79 24.03
CA SER B 812 -30.00 18.61 24.28
C SER B 812 -29.20 19.39 23.24
N PRO B 813 -28.42 20.40 23.63
CA PRO B 813 -27.63 21.12 22.64
C PRO B 813 -26.56 20.29 21.96
N ARG B 814 -26.17 19.15 22.55
CA ARG B 814 -25.10 18.31 22.00
C ARG B 814 -25.50 16.85 22.17
N LEU B 815 -26.11 16.28 21.13
CA LEU B 815 -26.38 14.85 21.09
C LEU B 815 -25.09 14.10 20.80
N GLU B 816 -25.04 12.85 21.23
CA GLU B 816 -23.85 12.02 21.08
C GLU B 816 -24.25 10.62 20.66
N ARG B 817 -23.32 9.94 20.00
CA ARG B 817 -23.53 8.56 19.55
C ARG B 817 -22.25 7.77 19.80
N TYR B 818 -22.35 6.47 19.61
CA TYR B 818 -21.19 5.59 19.74
C TYR B 818 -21.51 4.27 19.04
N ASN B 819 -20.68 3.89 18.07
CA ASN B 819 -20.87 2.66 17.31
C ASN B 819 -22.23 2.65 16.60
N GLY B 820 -22.80 3.83 16.37
CA GLY B 820 -24.07 3.96 15.70
C GLY B 820 -25.26 4.09 16.62
N LEU B 821 -25.09 3.88 17.93
CA LEU B 821 -26.18 3.96 18.89
C LEU B 821 -25.97 5.13 19.83
N PRO B 822 -27.05 5.72 20.37
CA PRO B 822 -26.88 6.86 21.27
C PRO B 822 -26.14 6.47 22.54
N SER B 823 -25.46 7.45 23.12
CA SER B 823 -24.68 7.21 24.34
C SER B 823 -24.61 8.50 25.14
N LEU B 824 -23.95 8.41 26.29
CA LEU B 824 -23.72 9.55 27.17
C LEU B 824 -22.33 9.38 27.79
N GLU B 825 -21.35 10.06 27.22
CA GLU B 825 -19.98 10.00 27.71
C GLU B 825 -19.93 10.23 29.22
N ILE B 826 -19.30 9.31 29.94
CA ILE B 826 -19.10 9.43 31.38
C ILE B 826 -17.61 9.24 31.67
N LEU B 827 -17.02 10.23 32.34
CA LEU B 827 -15.60 10.20 32.67
C LEU B 827 -15.43 10.13 34.19
N GLY B 828 -14.23 9.74 34.61
CA GLY B 828 -13.95 9.63 36.02
C GLY B 828 -12.57 9.06 36.24
N GLN B 829 -12.30 8.72 37.51
CA GLN B 829 -11.02 8.12 37.88
C GLN B 829 -11.20 7.32 39.15
N ALA B 830 -10.28 6.39 39.37
CA ALA B 830 -10.32 5.57 40.57
C ALA B 830 -9.98 6.39 41.80
N ALA B 831 -10.53 5.98 42.94
CA ALA B 831 -10.26 6.67 44.18
C ALA B 831 -8.81 6.45 44.61
N PRO B 832 -8.25 7.36 45.41
CA PRO B 832 -6.86 7.19 45.84
C PRO B 832 -6.68 5.88 46.58
N GLY B 833 -5.56 5.21 46.30
CA GLY B 833 -5.25 3.93 46.90
C GLY B 833 -5.94 2.74 46.28
N LYS B 834 -6.71 2.94 45.21
CA LYS B 834 -7.41 1.86 44.53
C LYS B 834 -7.02 1.86 43.06
N SER B 835 -6.68 0.68 42.55
CA SER B 835 -6.26 0.57 41.16
C SER B 835 -7.44 0.78 40.22
N THR B 836 -7.14 1.32 39.04
CA THR B 836 -8.18 1.53 38.04
C THR B 836 -8.85 0.24 37.64
N GLY B 837 -8.14 -0.89 37.75
CA GLY B 837 -8.74 -2.17 37.41
C GLY B 837 -9.95 -2.49 38.26
N GLU B 838 -9.87 -2.23 39.57
CA GLU B 838 -11.01 -2.47 40.44
C GLU B 838 -12.09 -1.42 40.22
N ALA B 839 -11.69 -0.15 40.08
CA ALA B 839 -12.66 0.89 39.79
C ALA B 839 -13.33 0.65 38.45
N MET B 840 -12.56 0.25 37.43
CA MET B 840 -13.14 -0.05 36.13
C MET B 840 -14.13 -1.20 36.23
N ALA B 841 -13.77 -2.25 36.97
CA ALA B 841 -14.65 -3.42 37.06
C ALA B 841 -15.89 -3.11 37.90
N LEU B 842 -15.77 -2.19 38.86
CA LEU B 842 -16.92 -1.85 39.69
C LEU B 842 -18.03 -1.20 38.85
N MET B 843 -17.64 -0.34 37.90
CA MET B 843 -18.64 0.32 37.06
C MET B 843 -19.44 -0.69 36.25
N GLU B 844 -18.79 -1.72 35.73
CA GLU B 844 -19.50 -2.76 34.99
C GLU B 844 -20.63 -3.33 35.83
N GLU B 845 -20.34 -3.65 37.10
CA GLU B 845 -21.39 -4.16 37.98
C GLU B 845 -22.48 -3.12 38.19
N LEU B 846 -22.09 -1.86 38.42
CA LEU B 846 -23.08 -0.81 38.64
C LEU B 846 -23.93 -0.61 37.39
N ALA B 847 -23.30 -0.57 36.22
CA ALA B 847 -24.04 -0.40 34.97
C ALA B 847 -24.85 -1.64 34.60
N GLY B 848 -24.62 -2.76 35.26
CA GLY B 848 -25.34 -3.99 34.93
C GLY B 848 -26.71 -4.12 35.55
N LYS B 849 -27.10 -3.21 36.42
CA LYS B 849 -28.41 -3.23 37.05
C LYS B 849 -29.30 -2.08 36.58
N LEU B 850 -28.92 -1.39 35.51
CA LEU B 850 -29.75 -0.34 34.94
C LEU B 850 -30.90 -0.93 34.15
N PRO B 851 -31.93 -0.13 33.85
CA PRO B 851 -33.08 -0.67 33.11
C PRO B 851 -32.69 -1.46 31.88
N SER B 852 -33.60 -2.31 31.41
CA SER B 852 -33.28 -3.20 30.29
C SER B 852 -33.01 -2.40 29.03
N GLY B 853 -32.16 -2.95 28.17
CA GLY B 853 -31.84 -2.32 26.91
C GLY B 853 -30.86 -1.18 26.97
N ILE B 854 -30.15 -1.02 28.08
CA ILE B 854 -29.18 0.05 28.25
C ILE B 854 -27.85 -0.62 28.61
N GLY B 855 -27.03 -0.87 27.60
CA GLY B 855 -25.73 -1.48 27.79
C GLY B 855 -24.66 -0.46 28.08
N TYR B 856 -23.41 -0.85 27.82
CA TYR B 856 -22.28 0.02 28.04
C TYR B 856 -21.13 -0.44 27.16
N ASP B 857 -20.04 0.34 27.17
CA ASP B 857 -18.85 0.00 26.42
C ASP B 857 -17.73 0.94 26.83
N TRP B 858 -16.52 0.42 26.90
CA TRP B 858 -15.34 1.19 27.26
C TRP B 858 -14.65 1.69 26.00
N THR B 859 -14.25 2.96 26.02
CA THR B 859 -13.62 3.60 24.88
C THR B 859 -12.36 4.32 25.33
N GLY B 860 -11.68 4.96 24.38
CA GLY B 860 -10.50 5.72 24.72
C GLY B 860 -9.43 4.85 25.37
N MET B 861 -8.82 5.39 26.43
CA MET B 861 -7.73 4.68 27.09
C MET B 861 -8.20 3.37 27.70
N SER B 862 -9.39 3.37 28.31
CA SER B 862 -9.87 2.16 28.96
C SER B 862 -9.99 1.01 27.99
N TYR B 863 -10.46 1.27 26.77
CA TYR B 863 -10.54 0.22 25.77
C TYR B 863 -9.16 -0.35 25.46
N GLN B 864 -8.13 0.49 25.47
CA GLN B 864 -6.77 0.01 25.28
C GLN B 864 -6.27 -0.74 26.50
N GLU B 865 -6.54 -0.21 27.70
CA GLU B 865 -6.12 -0.88 28.93
C GLU B 865 -6.83 -2.22 29.11
N ARG B 866 -8.01 -2.39 28.52
CA ARG B 866 -8.69 -3.67 28.58
C ARG B 866 -8.01 -4.73 27.73
N LEU B 867 -7.03 -4.35 26.92
CA LEU B 867 -6.27 -5.28 26.09
C LEU B 867 -4.82 -5.42 26.52
N SER B 868 -4.15 -4.30 26.83
CA SER B 868 -2.75 -4.36 27.23
C SER B 868 -2.57 -5.09 28.55
N GLY B 869 -3.50 -4.91 29.49
CA GLY B 869 -3.34 -5.51 30.80
C GLY B 869 -3.22 -7.02 30.77
N ASN B 870 -3.73 -7.65 29.71
CA ASN B 870 -3.65 -9.11 29.61
C ASN B 870 -2.21 -9.57 29.49
N GLN B 871 -1.38 -8.82 28.75
CA GLN B 871 -0.03 -9.27 28.43
C GLN B 871 0.98 -8.97 29.53
N ALA B 872 0.58 -8.33 30.62
CA ALA B 872 1.56 -7.94 31.63
C ALA B 872 2.30 -9.12 32.22
N PRO B 873 1.64 -10.20 32.68
CA PRO B 873 2.39 -11.34 33.23
C PRO B 873 2.91 -12.28 32.15
N ALA B 874 2.18 -12.37 31.03
CA ALA B 874 2.55 -13.32 29.99
C ALA B 874 3.90 -13.00 29.36
N LEU B 875 4.17 -11.72 29.08
CA LEU B 875 5.44 -11.36 28.46
C LEU B 875 6.63 -11.63 29.38
N TYR B 876 6.45 -11.48 30.69
CA TYR B 876 7.52 -11.75 31.64
C TYR B 876 7.62 -13.22 32.01
N ALA B 877 6.65 -14.04 31.62
CA ALA B 877 6.83 -15.49 31.71
C ALA B 877 7.74 -15.99 30.60
N ILE B 878 7.62 -15.40 29.41
CA ILE B 878 8.53 -15.73 28.32
C ILE B 878 9.92 -15.16 28.61
N SER B 879 9.98 -13.92 29.12
CA SER B 879 11.27 -13.29 29.38
C SER B 879 12.05 -14.06 30.43
N LEU B 880 11.39 -14.45 31.52
CA LEU B 880 12.10 -15.13 32.60
C LEU B 880 12.62 -16.50 32.15
N ILE B 881 11.81 -17.24 31.40
CA ILE B 881 12.22 -18.57 30.98
C ILE B 881 13.37 -18.49 29.98
N VAL B 882 13.25 -17.61 28.98
CA VAL B 882 14.29 -17.49 27.97
C VAL B 882 15.60 -17.04 28.59
N VAL B 883 15.53 -16.14 29.57
CA VAL B 883 16.74 -15.71 30.26
C VAL B 883 17.39 -16.89 30.98
N PHE B 884 16.58 -17.72 31.63
CA PHE B 884 17.13 -18.88 32.32
C PHE B 884 17.80 -19.84 31.34
N LEU B 885 17.17 -20.05 30.17
CA LEU B 885 17.79 -20.93 29.17
C LEU B 885 19.12 -20.38 28.71
N CYS B 886 19.20 -19.07 28.48
CA CYS B 886 20.47 -18.47 28.09
C CYS B 886 21.52 -18.65 29.18
N LEU B 887 21.15 -18.43 30.44
CA LEU B 887 22.09 -18.59 31.54
C LEU B 887 22.53 -20.04 31.68
N ALA B 888 21.58 -20.98 31.59
CA ALA B 888 21.94 -22.39 31.70
C ALA B 888 22.95 -22.77 30.63
N ALA B 889 22.80 -22.22 29.42
CA ALA B 889 23.78 -22.45 28.37
C ALA B 889 25.14 -21.90 28.75
N LEU B 890 25.17 -20.69 29.29
CA LEU B 890 26.45 -20.03 29.58
C LEU B 890 27.24 -20.79 30.65
N TYR B 891 26.57 -21.23 31.71
CA TYR B 891 27.23 -21.92 32.80
C TYR B 891 27.31 -23.42 32.61
N GLU B 892 26.61 -23.97 31.61
CA GLU B 892 26.65 -25.40 31.32
C GLU B 892 26.14 -26.20 32.52
N SER B 893 24.92 -25.87 32.95
CA SER B 893 24.29 -26.54 34.08
C SER B 893 22.89 -26.01 34.26
N TRP B 894 22.08 -26.73 35.03
CA TRP B 894 20.72 -26.33 35.35
C TRP B 894 20.60 -25.56 36.65
N SER B 895 21.42 -25.88 37.65
CA SER B 895 21.24 -25.29 38.97
C SER B 895 21.92 -23.92 39.10
N ILE B 896 23.05 -23.72 38.41
CA ILE B 896 23.81 -22.48 38.59
C ILE B 896 22.97 -21.26 38.25
N PRO B 897 22.19 -21.24 37.17
CA PRO B 897 21.47 -20.00 36.81
C PRO B 897 20.57 -19.46 37.90
N PHE B 898 20.23 -20.26 38.91
CA PHE B 898 19.41 -19.73 40.00
C PHE B 898 20.14 -18.59 40.72
N SER B 899 21.45 -18.74 40.95
CA SER B 899 22.20 -17.71 41.64
C SER B 899 22.10 -16.38 40.90
N VAL B 900 22.20 -16.42 39.57
CA VAL B 900 22.13 -15.19 38.78
C VAL B 900 20.74 -14.58 38.85
N MET B 901 19.70 -15.40 38.69
CA MET B 901 18.35 -14.85 38.66
C MET B 901 17.94 -14.26 40.01
N LEU B 902 18.40 -14.85 41.11
CA LEU B 902 17.91 -14.45 42.43
C LEU B 902 18.37 -13.06 42.85
N VAL B 903 19.29 -12.42 42.12
CA VAL B 903 19.68 -11.05 42.48
C VAL B 903 18.72 -10.02 41.93
N VAL B 904 17.72 -10.42 41.15
CA VAL B 904 16.79 -9.46 40.58
C VAL B 904 16.06 -8.67 41.65
N PRO B 905 15.53 -9.28 42.71
CA PRO B 905 14.91 -8.48 43.78
C PRO B 905 15.85 -7.48 44.41
N LEU B 906 17.16 -7.76 44.45
CA LEU B 906 18.09 -6.82 45.05
C LEU B 906 18.10 -5.50 44.29
N GLY B 907 18.11 -5.55 42.95
CA GLY B 907 18.15 -4.32 42.18
C GLY B 907 16.87 -3.50 42.32
N VAL B 908 15.71 -4.16 42.28
CA VAL B 908 14.45 -3.43 42.29
C VAL B 908 14.24 -2.70 43.61
N VAL B 909 14.70 -3.29 44.72
CA VAL B 909 14.41 -2.71 46.04
C VAL B 909 14.91 -1.28 46.12
N GLY B 910 16.10 -1.02 45.58
CA GLY B 910 16.64 0.33 45.63
C GLY B 910 15.78 1.33 44.89
N ALA B 911 15.28 0.94 43.71
CA ALA B 911 14.48 1.87 42.91
C ALA B 911 13.17 2.21 43.62
N LEU B 912 12.47 1.19 44.12
CA LEU B 912 11.19 1.44 44.78
C LEU B 912 11.37 2.28 46.02
N LEU B 913 12.39 2.00 46.82
CA LEU B 913 12.61 2.78 48.04
C LEU B 913 12.87 4.25 47.72
N ALA B 914 13.70 4.51 46.70
CA ALA B 914 13.97 5.90 46.32
C ALA B 914 12.72 6.57 45.76
N ALA B 915 11.99 5.87 44.89
CA ALA B 915 10.80 6.46 44.29
C ALA B 915 9.75 6.75 45.35
N THR B 916 9.52 5.81 46.27
CA THR B 916 8.51 6.02 47.30
C THR B 916 8.86 7.20 48.19
N PHE B 917 10.13 7.28 48.61
CA PHE B 917 10.54 8.39 49.47
C PHE B 917 10.42 9.73 48.74
N ARG B 918 10.76 9.75 47.46
CA ARG B 918 10.61 10.97 46.67
C ARG B 918 9.19 11.20 46.21
N GLY B 919 8.28 10.27 46.46
CA GLY B 919 6.88 10.44 46.09
C GLY B 919 6.64 10.43 44.60
N LEU B 920 7.37 9.60 43.85
CA LEU B 920 7.15 9.44 42.44
C LEU B 920 6.08 8.37 42.21
N THR B 921 5.91 7.93 40.96
CA THR B 921 4.89 6.96 40.61
C THR B 921 5.46 5.92 39.67
N ASN B 922 4.75 4.80 39.55
CA ASN B 922 5.17 3.69 38.70
C ASN B 922 4.81 3.98 37.25
N ASP B 923 5.35 5.08 36.74
CA ASP B 923 5.05 5.53 35.39
C ASP B 923 5.84 4.72 34.37
N VAL B 924 5.73 5.11 33.09
CA VAL B 924 6.41 4.38 32.03
C VAL B 924 7.92 4.50 32.17
N TYR B 925 8.41 5.69 32.49
CA TYR B 925 9.85 5.88 32.63
C TYR B 925 10.40 5.00 33.76
N PHE B 926 9.68 4.93 34.88
CA PHE B 926 10.15 4.12 36.00
C PHE B 926 10.21 2.65 35.62
N GLN B 927 9.21 2.15 34.89
CA GLN B 927 9.21 0.75 34.51
C GLN B 927 10.43 0.39 33.69
N VAL B 928 10.80 1.25 32.72
CA VAL B 928 12.03 1.03 31.98
C VAL B 928 13.23 1.25 32.89
N GLY B 929 13.12 2.16 33.86
CA GLY B 929 14.21 2.38 34.78
C GLY B 929 14.61 1.13 35.55
N LEU B 930 13.61 0.33 35.93
CA LEU B 930 13.91 -0.92 36.63
C LEU B 930 14.69 -1.87 35.74
N LEU B 931 14.33 -1.94 34.46
CA LEU B 931 14.90 -2.97 33.59
C LEU B 931 16.41 -2.82 33.46
N THR B 932 16.90 -1.59 33.27
CA THR B 932 18.34 -1.39 33.20
C THR B 932 19.01 -1.74 34.52
N THR B 933 18.39 -1.37 35.64
CA THR B 933 18.90 -1.78 36.94
C THR B 933 18.91 -3.30 37.05
N ILE B 934 17.81 -3.95 36.65
CA ILE B 934 17.78 -5.41 36.62
C ILE B 934 18.78 -5.94 35.60
N GLY B 935 18.86 -5.30 34.44
CA GLY B 935 19.81 -5.74 33.43
C GLY B 935 21.25 -5.54 33.88
N LEU B 936 21.54 -4.41 34.50
CA LEU B 936 22.88 -4.10 34.98
C LEU B 936 23.14 -4.61 36.39
N SER B 937 22.14 -5.19 37.05
CA SER B 937 22.37 -5.87 38.31
C SER B 937 22.81 -7.31 38.10
N ALA B 938 22.34 -7.94 37.01
CA ALA B 938 22.79 -9.29 36.68
C ALA B 938 24.12 -9.28 35.94
N LYS B 939 24.35 -8.27 35.11
CA LYS B 939 25.63 -8.18 34.42
C LYS B 939 26.80 -8.16 35.40
N ASN B 940 26.60 -7.59 36.58
CA ASN B 940 27.63 -7.64 37.61
C ASN B 940 27.65 -8.98 38.33
N ALA B 941 26.53 -9.72 38.29
CA ALA B 941 26.48 -11.02 38.94
C ALA B 941 26.89 -12.14 38.01
N ILE B 942 26.61 -12.02 36.71
CA ILE B 942 26.95 -13.08 35.77
C ILE B 942 28.47 -13.24 35.70
N LEU B 943 29.22 -12.18 35.96
CA LEU B 943 30.67 -12.27 35.91
C LEU B 943 31.25 -12.78 37.22
N ILE B 944 30.61 -12.50 38.36
CA ILE B 944 31.08 -13.05 39.62
C ILE B 944 30.96 -14.57 39.60
N VAL B 945 29.83 -15.09 39.12
CA VAL B 945 29.65 -16.53 39.06
C VAL B 945 30.58 -17.16 38.04
N GLU B 946 30.64 -16.57 36.84
CA GLU B 946 31.45 -17.18 35.78
C GLU B 946 32.92 -17.20 36.15
N PHE B 947 33.39 -16.20 36.90
CA PHE B 947 34.76 -16.24 37.40
C PHE B 947 34.93 -17.34 38.44
N ALA B 948 33.97 -17.46 39.37
CA ALA B 948 34.06 -18.50 40.38
C ALA B 948 34.02 -19.89 39.74
N LYS B 949 33.14 -20.08 38.77
CA LYS B 949 33.09 -21.36 38.05
C LYS B 949 34.39 -21.59 37.30
N ASP B 950 34.93 -20.55 36.65
CA ASP B 950 36.17 -20.70 35.91
C ASP B 950 37.31 -21.11 36.84
N LEU B 951 37.50 -20.38 37.94
CA LEU B 951 38.55 -20.71 38.88
C LEU B 951 38.37 -22.12 39.42
N MET B 952 37.15 -22.46 39.84
CA MET B 952 36.90 -23.76 40.46
C MET B 952 37.13 -24.89 39.45
N GLU B 953 36.68 -24.71 38.21
CA GLU B 953 36.76 -25.79 37.24
C GLU B 953 38.19 -26.03 36.77
N LYS B 954 38.91 -24.95 36.45
CA LYS B 954 40.24 -25.10 35.86
C LYS B 954 41.30 -25.33 36.94
N GLU B 955 41.48 -24.36 37.83
CA GLU B 955 42.48 -24.46 38.88
C GLU B 955 42.09 -25.44 39.98
N GLY B 956 40.83 -25.87 40.03
CA GLY B 956 40.42 -26.87 41.00
C GLY B 956 40.29 -26.38 42.42
N LYS B 957 40.34 -25.07 42.65
CA LYS B 957 40.22 -24.55 44.00
C LYS B 957 38.87 -24.91 44.59
N GLY B 958 38.85 -25.15 45.90
CA GLY B 958 37.61 -25.48 46.59
C GLY B 958 36.54 -24.43 46.35
N LEU B 959 35.29 -24.77 46.66
CA LEU B 959 34.18 -23.86 46.39
C LEU B 959 34.33 -22.56 47.18
N ILE B 960 34.51 -22.66 48.50
CA ILE B 960 34.59 -21.47 49.33
C ILE B 960 35.78 -20.62 48.93
N GLU B 961 36.93 -21.26 48.67
CA GLU B 961 38.12 -20.51 48.27
C GLU B 961 37.92 -19.86 46.91
N ALA B 962 37.22 -20.55 45.99
CA ALA B 962 37.04 -19.99 44.65
C ALA B 962 36.16 -18.75 44.70
N THR B 963 35.07 -18.78 45.47
CA THR B 963 34.18 -17.63 45.52
C THR B 963 34.88 -16.42 46.13
N LEU B 964 35.69 -16.64 47.18
CA LEU B 964 36.41 -15.52 47.78
C LEU B 964 37.33 -14.85 46.78
N GLU B 965 38.04 -15.64 45.96
CA GLU B 965 38.86 -15.05 44.91
C GLU B 965 38.01 -14.32 43.89
N ALA B 966 36.86 -14.91 43.53
CA ALA B 966 36.03 -14.30 42.49
C ALA B 966 35.54 -12.92 42.91
N VAL B 967 35.10 -12.78 44.15
CA VAL B 967 34.60 -11.49 44.61
C VAL B 967 35.74 -10.48 44.70
N ARG B 968 36.92 -10.93 45.12
CA ARG B 968 38.07 -10.02 45.18
C ARG B 968 38.44 -9.53 43.78
N MET B 969 38.41 -10.43 42.79
CA MET B 969 38.75 -10.02 41.43
C MET B 969 37.78 -8.97 40.90
N ARG B 970 36.49 -9.14 41.17
CA ARG B 970 35.45 -8.29 40.60
C ARG B 970 34.94 -7.24 41.58
N LEU B 971 35.79 -6.72 42.46
CA LEU B 971 35.38 -5.63 43.33
C LEU B 971 35.64 -4.28 42.69
N ARG B 972 36.67 -4.17 41.87
CA ARG B 972 37.00 -2.90 41.23
C ARG B 972 36.05 -2.62 40.09
N PRO B 973 35.88 -3.53 39.13
CA PRO B 973 34.98 -3.23 38.00
C PRO B 973 33.53 -3.02 38.39
N ILE B 974 33.09 -3.53 39.54
CA ILE B 974 31.74 -3.24 39.99
C ILE B 974 31.64 -1.79 40.48
N LEU B 975 32.63 -1.35 41.26
CA LEU B 975 32.54 -0.01 41.84
C LEU B 975 32.64 1.07 40.77
N MET B 976 33.59 0.93 39.83
CA MET B 976 33.75 1.97 38.82
C MET B 976 32.54 2.05 37.90
N THR B 977 31.83 0.93 37.72
CA THR B 977 30.59 0.98 36.95
C THR B 977 29.49 1.68 37.73
N SER B 978 29.35 1.35 39.01
CA SER B 978 28.32 2.00 39.83
C SER B 978 28.69 3.44 40.16
N LEU B 979 29.94 3.68 40.53
CA LEU B 979 30.36 5.04 40.89
C LEU B 979 30.28 5.98 39.70
N ALA B 980 30.67 5.51 38.52
CA ALA B 980 30.61 6.36 37.34
C ALA B 980 29.18 6.56 36.86
N PHE B 981 28.38 5.49 36.85
CA PHE B 981 27.02 5.59 36.36
C PHE B 981 26.15 6.44 37.28
N ILE B 982 26.28 6.24 38.60
CA ILE B 982 25.48 7.03 39.53
C ILE B 982 25.84 8.50 39.44
N LEU B 983 27.14 8.81 39.40
CA LEU B 983 27.56 10.20 39.22
C LEU B 983 27.14 10.73 37.86
N GLY B 984 27.11 9.87 36.84
CA GLY B 984 26.69 10.31 35.52
C GLY B 984 25.22 10.70 35.47
N VAL B 985 24.37 10.02 36.24
CA VAL B 985 22.94 10.25 36.20
C VAL B 985 22.47 11.03 37.43
N MET B 986 23.37 11.71 38.11
CA MET B 986 22.98 12.50 39.28
C MET B 986 22.35 13.81 38.80
N PRO B 987 22.92 14.48 37.80
CA PRO B 987 22.26 15.67 37.25
C PRO B 987 20.79 15.43 36.89
N LEU B 988 20.46 14.25 36.37
CA LEU B 988 19.09 13.97 35.96
C LEU B 988 18.13 13.96 37.14
N VAL B 989 18.63 13.80 38.35
CA VAL B 989 17.78 13.79 39.54
C VAL B 989 17.65 15.19 40.14
N ILE B 990 18.77 15.92 40.25
CA ILE B 990 18.74 17.27 40.79
C ILE B 990 18.04 18.23 39.84
N SER B 991 17.88 17.86 38.57
CA SER B 991 17.29 18.77 37.59
C SER B 991 15.89 19.18 38.00
N SER B 992 15.60 20.48 37.88
CA SER B 992 14.28 21.00 38.20
C SER B 992 13.79 21.99 37.15
N GLY B 993 14.44 22.09 36.00
CA GLY B 993 14.06 23.02 34.96
C GLY B 993 13.10 22.43 33.96
N ALA B 994 13.20 22.89 32.72
CA ALA B 994 12.31 22.40 31.67
C ALA B 994 12.56 20.91 31.42
N GLY B 995 11.49 20.19 31.14
CA GLY B 995 11.60 18.76 30.90
C GLY B 995 12.18 18.01 32.08
N SER B 996 11.81 18.42 33.30
CA SER B 996 12.31 17.77 34.51
C SER B 996 11.42 16.63 34.98
N GLY B 997 10.15 16.62 34.57
CA GLY B 997 9.27 15.54 34.97
C GLY B 997 9.74 14.18 34.48
N ALA B 998 10.21 14.14 33.23
CA ALA B 998 10.73 12.88 32.69
C ALA B 998 12.10 12.56 33.27
N GLN B 999 12.95 13.58 33.42
CA GLN B 999 14.29 13.35 33.95
C GLN B 999 14.24 12.78 35.37
N ASN B 1000 13.38 13.36 36.22
CA ASN B 1000 13.31 12.90 37.60
C ASN B 1000 12.83 11.45 37.68
N ALA B 1001 11.84 11.08 36.86
CA ALA B 1001 11.34 9.71 36.89
C ALA B 1001 12.43 8.72 36.50
N VAL B 1002 13.19 9.03 35.46
CA VAL B 1002 14.27 8.15 35.03
C VAL B 1002 15.41 8.18 36.04
N GLY B 1003 15.80 9.39 36.48
CA GLY B 1003 16.95 9.51 37.35
C GLY B 1003 16.74 8.85 38.70
N THR B 1004 15.60 9.09 39.33
CA THR B 1004 15.36 8.56 40.66
C THR B 1004 15.29 7.04 40.64
N GLY B 1005 14.62 6.47 39.64
CA GLY B 1005 14.51 5.02 39.57
C GLY B 1005 15.84 4.33 39.39
N VAL B 1006 16.77 4.97 38.68
CA VAL B 1006 18.06 4.34 38.39
C VAL B 1006 19.02 4.53 39.54
N MET B 1007 19.21 5.77 40.00
CA MET B 1007 20.16 6.04 41.06
C MET B 1007 19.80 5.28 42.33
N GLY B 1008 18.51 5.26 42.68
CA GLY B 1008 18.09 4.50 43.85
C GLY B 1008 18.30 3.02 43.69
N GLY B 1009 17.94 2.48 42.54
CA GLY B 1009 18.11 1.05 42.31
C GLY B 1009 19.57 0.65 42.23
N MET B 1010 20.39 1.48 41.59
CA MET B 1010 21.80 1.12 41.43
C MET B 1010 22.51 1.04 42.78
N VAL B 1011 22.19 1.94 43.71
CA VAL B 1011 22.90 1.97 44.98
C VAL B 1011 22.72 0.68 45.74
N THR B 1012 21.47 0.22 45.88
CA THR B 1012 21.22 -1.01 46.62
C THR B 1012 21.55 -2.25 45.79
N ALA B 1013 21.57 -2.12 44.45
CA ALA B 1013 22.02 -3.22 43.62
C ALA B 1013 23.50 -3.48 43.83
N THR B 1014 24.31 -2.43 43.90
CA THR B 1014 25.74 -2.60 44.08
C THR B 1014 26.07 -3.11 45.48
N ILE B 1015 25.48 -2.49 46.50
CA ILE B 1015 25.84 -2.84 47.87
C ILE B 1015 25.42 -4.27 48.19
N LEU B 1016 24.18 -4.63 47.85
CA LEU B 1016 23.68 -5.95 48.22
C LEU B 1016 24.26 -7.05 47.34
N ALA B 1017 24.43 -6.79 46.05
CA ALA B 1017 24.88 -7.84 45.14
C ALA B 1017 26.26 -8.36 45.53
N ILE B 1018 27.19 -7.46 45.86
CA ILE B 1018 28.53 -7.88 46.21
C ILE B 1018 28.60 -8.63 47.53
N PHE B 1019 27.51 -8.63 48.31
CA PHE B 1019 27.42 -9.41 49.53
C PHE B 1019 26.54 -10.64 49.40
N PHE B 1020 25.77 -10.75 48.33
CA PHE B 1020 24.78 -11.82 48.19
C PHE B 1020 25.09 -12.82 47.09
N VAL B 1021 25.55 -12.35 45.93
CA VAL B 1021 25.91 -13.29 44.85
C VAL B 1021 26.88 -14.36 45.34
N PRO B 1022 27.95 -14.03 46.06
CA PRO B 1022 28.78 -15.10 46.63
C PRO B 1022 28.00 -16.02 47.56
N VAL B 1023 26.99 -15.49 48.26
CA VAL B 1023 26.17 -16.35 49.11
C VAL B 1023 25.30 -17.27 48.26
N PHE B 1024 24.70 -16.72 47.20
CA PHE B 1024 23.84 -17.54 46.34
C PHE B 1024 24.62 -18.65 45.67
N PHE B 1025 25.79 -18.32 45.12
CA PHE B 1025 26.55 -19.31 44.36
C PHE B 1025 26.95 -20.48 45.24
N VAL B 1026 27.39 -20.21 46.46
CA VAL B 1026 27.81 -21.30 47.35
C VAL B 1026 26.62 -22.14 47.79
N VAL B 1027 25.52 -21.48 48.17
CA VAL B 1027 24.35 -22.22 48.64
C VAL B 1027 23.78 -23.08 47.52
N VAL B 1028 23.63 -22.50 46.33
CA VAL B 1028 23.10 -23.26 45.20
C VAL B 1028 24.04 -24.42 44.87
N ARG B 1029 25.35 -24.15 44.85
CA ARG B 1029 26.31 -25.21 44.54
C ARG B 1029 26.29 -26.28 45.63
N ARG B 1030 26.21 -25.88 46.89
CA ARG B 1030 26.21 -26.84 47.99
C ARG B 1030 25.01 -27.79 47.89
N ARG B 1031 23.81 -27.23 47.78
CA ARG B 1031 22.61 -28.06 47.78
C ARG B 1031 22.54 -28.95 46.55
N PHE B 1032 22.86 -28.41 45.39
CA PHE B 1032 22.83 -29.17 44.13
C PHE B 1032 24.23 -29.73 43.83
N SER B 1033 24.68 -30.61 44.71
CA SER B 1033 26.01 -31.20 44.62
C SER B 1033 26.32 -31.68 43.21
N MET C 1 39.15 -24.51 1.35
CA MET C 1 38.04 -24.62 0.35
C MET C 1 38.55 -25.11 -1.00
N PRO C 2 39.56 -24.45 -1.58
CA PRO C 2 40.12 -24.97 -2.84
C PRO C 2 40.71 -26.36 -2.68
N ASN C 3 41.56 -26.57 -1.68
CA ASN C 3 42.14 -27.89 -1.45
C ASN C 3 41.06 -28.94 -1.25
N PHE C 4 39.90 -28.53 -0.74
CA PHE C 4 38.77 -29.45 -0.59
C PHE C 4 38.18 -29.86 -1.93
N PHE C 5 38.53 -29.17 -3.02
CA PHE C 5 38.01 -29.50 -4.35
C PHE C 5 39.04 -30.14 -5.27
N ILE C 6 40.34 -29.91 -5.04
CA ILE C 6 41.35 -30.50 -5.91
C ILE C 6 41.24 -32.01 -5.89
N ASP C 7 41.04 -32.59 -4.71
CA ASP C 7 40.81 -34.03 -4.61
C ASP C 7 39.45 -34.45 -5.14
N ARG C 8 38.56 -33.49 -5.43
CA ARG C 8 37.16 -33.75 -5.75
C ARG C 8 36.78 -32.98 -7.01
N PRO C 9 37.38 -33.35 -8.16
CA PRO C 9 37.08 -32.59 -9.40
C PRO C 9 35.61 -32.62 -9.79
N ILE C 10 34.91 -33.73 -9.54
CA ILE C 10 33.52 -33.84 -9.98
C ILE C 10 32.64 -32.88 -9.20
N PHE C 11 32.91 -32.70 -7.91
CA PHE C 11 32.08 -31.83 -7.09
C PHE C 11 32.14 -30.39 -7.60
N ALA C 12 33.31 -29.95 -8.07
CA ALA C 12 33.42 -28.60 -8.59
C ALA C 12 32.52 -28.38 -9.80
N TRP C 13 32.48 -29.36 -10.71
CA TRP C 13 31.66 -29.21 -11.90
C TRP C 13 30.18 -29.11 -11.55
N VAL C 14 29.74 -29.84 -10.53
CA VAL C 14 28.33 -29.80 -10.15
C VAL C 14 27.95 -28.39 -9.73
N ILE C 15 28.79 -27.73 -8.94
CA ILE C 15 28.51 -26.34 -8.57
C ILE C 15 28.50 -25.45 -9.81
N ALA C 16 29.47 -25.65 -10.70
CA ALA C 16 29.52 -24.84 -11.92
C ALA C 16 28.32 -25.13 -12.81
N ILE C 17 27.94 -26.40 -12.96
CA ILE C 17 26.82 -26.74 -13.81
C ILE C 17 25.52 -26.18 -13.25
N ILE C 18 25.32 -26.31 -11.94
CA ILE C 18 24.06 -25.85 -11.35
C ILE C 18 23.92 -24.34 -11.52
N ILE C 19 25.02 -23.60 -11.45
CA ILE C 19 24.97 -22.16 -11.66
C ILE C 19 24.49 -21.86 -13.07
N MET C 20 24.98 -22.61 -14.06
CA MET C 20 24.61 -22.33 -15.45
C MET C 20 23.12 -22.55 -15.67
N LEU C 21 22.56 -23.61 -15.10
CA LEU C 21 21.12 -23.84 -15.26
C LEU C 21 20.31 -22.71 -14.64
N ALA C 22 20.73 -22.20 -13.49
CA ALA C 22 20.02 -21.07 -12.90
C ALA C 22 20.01 -19.88 -13.85
N GLY C 23 21.15 -19.57 -14.46
CA GLY C 23 21.18 -18.54 -15.48
C GLY C 23 20.40 -18.93 -16.72
N GLY C 24 20.55 -20.16 -17.17
CA GLY C 24 19.85 -20.59 -18.36
C GLY C 24 18.34 -20.54 -18.20
N LEU C 25 17.83 -20.93 -17.03
CA LEU C 25 16.40 -20.86 -16.77
C LEU C 25 15.95 -19.44 -16.50
N SER C 26 16.80 -18.62 -15.87
CA SER C 26 16.42 -17.25 -15.56
C SER C 26 16.21 -16.43 -16.84
N ILE C 27 17.07 -16.63 -17.84
CA ILE C 27 16.97 -15.84 -19.06
C ILE C 27 15.60 -16.03 -19.72
N LEU C 28 15.09 -17.26 -19.69
CA LEU C 28 13.79 -17.54 -20.28
C LEU C 28 12.64 -16.88 -19.51
N LYS C 29 12.89 -16.37 -18.31
CA LYS C 29 11.86 -15.76 -17.48
C LYS C 29 12.03 -14.26 -17.30
N LEU C 30 13.25 -13.75 -17.34
CA LEU C 30 13.48 -12.34 -17.04
C LEU C 30 12.83 -11.45 -18.09
N PRO C 31 12.15 -10.38 -17.69
CA PRO C 31 11.60 -9.45 -18.67
C PRO C 31 12.69 -8.58 -19.27
N VAL C 32 12.42 -8.11 -20.49
CA VAL C 32 13.37 -7.31 -21.26
C VAL C 32 12.85 -5.89 -21.37
N ALA C 33 13.74 -4.92 -21.18
CA ALA C 33 13.39 -3.51 -21.30
C ALA C 33 14.65 -2.74 -21.64
N GLN C 34 14.48 -1.62 -22.35
CA GLN C 34 15.63 -0.82 -22.74
C GLN C 34 16.22 -0.06 -21.56
N TYR C 35 15.39 0.34 -20.61
CA TYR C 35 15.82 0.96 -19.37
C TYR C 35 14.95 0.46 -18.24
N PRO C 36 15.47 0.44 -17.01
CA PRO C 36 14.62 0.09 -15.86
C PRO C 36 13.73 1.26 -15.47
N THR C 37 12.97 1.10 -14.38
CA THR C 37 12.10 2.17 -13.90
C THR C 37 12.99 3.24 -13.27
N ILE C 38 13.47 4.16 -14.11
CA ILE C 38 14.35 5.22 -13.64
C ILE C 38 13.65 6.57 -13.59
N ALA C 39 12.59 6.78 -14.39
CA ALA C 39 11.90 8.05 -14.36
C ALA C 39 11.18 8.23 -13.02
N PRO C 40 11.00 9.48 -12.57
CA PRO C 40 10.30 9.72 -11.32
C PRO C 40 8.80 9.62 -11.51
N PRO C 41 8.09 8.87 -10.68
CA PRO C 41 6.64 8.75 -10.85
C PRO C 41 5.95 10.09 -10.68
N ALA C 42 4.88 10.28 -11.44
CA ALA C 42 4.14 11.54 -11.44
C ALA C 42 2.65 11.27 -11.37
N ILE C 43 1.91 12.24 -10.83
CA ILE C 43 0.46 12.17 -10.72
C ILE C 43 -0.11 13.40 -11.44
N SER C 44 -1.33 13.26 -11.94
CA SER C 44 -1.98 14.30 -12.73
C SER C 44 -3.39 14.51 -12.21
N ILE C 45 -3.69 15.74 -11.80
CA ILE C 45 -5.01 16.12 -11.30
C ILE C 45 -5.62 17.04 -12.35
N THR C 46 -6.61 16.54 -13.08
CA THR C 46 -7.29 17.32 -14.12
C THR C 46 -8.65 17.75 -13.59
N ALA C 47 -8.93 19.05 -13.67
CA ALA C 47 -10.17 19.63 -13.21
C ALA C 47 -10.80 20.43 -14.35
N MET C 48 -12.09 20.21 -14.58
CA MET C 48 -12.82 20.89 -15.65
C MET C 48 -13.77 21.91 -15.03
N TYR C 49 -13.68 23.15 -15.49
CA TYR C 49 -14.55 24.24 -15.04
C TYR C 49 -15.11 24.89 -16.31
N PRO C 50 -16.17 24.32 -16.88
CA PRO C 50 -16.61 24.74 -18.22
C PRO C 50 -16.94 26.22 -18.27
N GLY C 51 -16.64 26.84 -19.41
CA GLY C 51 -16.95 28.24 -19.62
C GLY C 51 -16.19 29.18 -18.72
N ALA C 52 -14.89 28.95 -18.54
CA ALA C 52 -14.05 29.79 -17.70
C ALA C 52 -12.82 30.22 -18.48
N ASP C 53 -12.52 31.51 -18.46
CA ASP C 53 -11.33 32.02 -19.10
C ASP C 53 -10.08 31.45 -18.43
N ALA C 54 -8.94 31.63 -19.10
CA ALA C 54 -7.68 31.13 -18.55
C ALA C 54 -7.35 31.81 -17.23
N GLU C 55 -7.57 33.12 -17.14
CA GLU C 55 -7.26 33.84 -15.90
C GLU C 55 -8.16 33.38 -14.76
N THR C 56 -9.46 33.21 -15.04
CA THR C 56 -10.38 32.86 -13.96
C THR C 56 -10.16 31.43 -13.46
N VAL C 57 -9.95 30.49 -14.38
CA VAL C 57 -9.72 29.10 -13.96
C VAL C 57 -8.43 29.00 -13.17
N GLN C 58 -7.42 29.79 -13.54
CA GLN C 58 -6.15 29.76 -12.82
C GLN C 58 -6.32 30.28 -11.39
N ASN C 59 -7.12 31.32 -11.21
CA ASN C 59 -7.24 31.94 -9.90
C ASN C 59 -8.10 31.11 -8.96
N THR C 60 -9.15 30.46 -9.49
CA THR C 60 -10.11 29.77 -8.65
C THR C 60 -9.75 28.31 -8.42
N VAL C 61 -9.53 27.55 -9.49
CA VAL C 61 -9.35 26.10 -9.36
C VAL C 61 -7.91 25.76 -9.04
N THR C 62 -6.98 26.13 -9.93
CA THR C 62 -5.60 25.70 -9.76
C THR C 62 -4.99 26.26 -8.47
N GLN C 63 -5.27 27.53 -8.16
CA GLN C 63 -4.70 28.11 -6.96
C GLN C 63 -5.15 27.38 -5.71
N VAL C 64 -6.44 27.03 -5.64
CA VAL C 64 -6.96 26.36 -4.45
C VAL C 64 -6.33 24.98 -4.29
N ILE C 65 -6.32 24.20 -5.38
CA ILE C 65 -5.77 22.85 -5.29
C ILE C 65 -4.28 22.89 -4.98
N GLU C 66 -3.55 23.79 -5.65
CA GLU C 66 -2.09 23.80 -5.50
C GLU C 66 -1.70 24.21 -4.09
N GLN C 67 -2.51 25.05 -3.44
CA GLN C 67 -2.25 25.39 -2.05
C GLN C 67 -2.36 24.16 -1.15
N ASN C 68 -3.42 23.38 -1.32
CA ASN C 68 -3.70 22.24 -0.45
C ASN C 68 -3.04 20.95 -0.92
N MET C 69 -1.97 21.05 -1.72
CA MET C 69 -1.24 19.89 -2.17
C MET C 69 0.23 19.92 -1.77
N ASN C 70 0.73 21.02 -1.22
CA ASN C 70 2.08 21.06 -0.71
C ASN C 70 2.17 20.27 0.60
N GLY C 71 3.32 19.61 0.79
CA GLY C 71 3.55 18.80 1.97
C GLY C 71 3.42 17.31 1.75
N ILE C 72 3.12 16.87 0.53
CA ILE C 72 3.07 15.43 0.27
C ILE C 72 4.44 14.83 0.53
N ASP C 73 4.45 13.53 0.84
CA ASP C 73 5.71 12.82 1.02
C ASP C 73 6.41 12.66 -0.33
N HIS C 74 7.70 12.99 -0.36
CA HIS C 74 8.51 12.85 -1.56
C HIS C 74 7.94 13.67 -2.72
N LEU C 75 7.91 14.98 -2.54
CA LEU C 75 7.49 15.91 -3.58
C LEU C 75 8.73 16.61 -4.11
N MET C 76 8.96 16.50 -5.43
CA MET C 76 10.13 17.08 -6.06
C MET C 76 9.84 18.44 -6.69
N TYR C 77 8.87 18.50 -7.59
CA TYR C 77 8.40 19.78 -8.12
C TYR C 77 6.96 19.60 -8.59
N MET C 78 6.25 20.72 -8.67
CA MET C 78 4.83 20.72 -9.00
C MET C 78 4.57 21.71 -10.12
N SER C 79 3.98 21.23 -11.21
CA SER C 79 3.65 22.06 -12.36
C SER C 79 2.14 22.03 -12.58
N SER C 80 1.60 23.14 -13.07
CA SER C 80 0.16 23.27 -13.28
C SER C 80 -0.10 24.31 -14.35
N ASN C 81 -1.30 24.27 -14.91
CA ASN C 81 -1.69 25.22 -15.95
C ASN C 81 -3.17 25.05 -16.25
N GLY C 82 -3.79 26.16 -16.66
CA GLY C 82 -5.17 26.14 -17.09
C GLY C 82 -5.36 26.91 -18.37
N ASP C 83 -6.14 26.36 -19.31
CA ASP C 83 -6.31 26.94 -20.63
C ASP C 83 -7.75 27.40 -20.84
N SER C 84 -7.95 28.16 -21.92
CA SER C 84 -9.24 28.78 -22.18
C SER C 84 -10.38 27.76 -22.26
N THR C 85 -10.08 26.52 -22.62
CA THR C 85 -11.13 25.50 -22.67
C THR C 85 -11.72 25.23 -21.29
N GLY C 86 -11.04 25.65 -20.23
CA GLY C 86 -11.50 25.43 -18.87
C GLY C 86 -10.85 24.28 -18.16
N THR C 87 -9.95 23.55 -18.81
CA THR C 87 -9.25 22.43 -18.20
C THR C 87 -8.05 22.95 -17.44
N ALA C 88 -7.96 22.60 -16.16
CA ALA C 88 -6.84 22.99 -15.30
C ALA C 88 -6.20 21.72 -14.76
N THR C 89 -5.05 21.35 -15.32
CA THR C 89 -4.37 20.11 -14.96
C THR C 89 -3.12 20.42 -14.14
N ILE C 90 -2.94 19.71 -13.04
CA ILE C 90 -1.80 19.85 -12.15
C ILE C 90 -1.03 18.55 -12.17
N THR C 91 0.27 18.62 -12.45
CA THR C 91 1.12 17.44 -12.55
C THR C 91 2.17 17.51 -11.45
N LEU C 92 2.18 16.52 -10.57
CA LEU C 92 3.17 16.42 -9.51
C LEU C 92 4.20 15.35 -9.90
N THR C 93 5.47 15.63 -9.61
CA THR C 93 6.56 14.70 -9.87
C THR C 93 7.22 14.35 -8.54
N PHE C 94 7.11 13.09 -8.15
CA PHE C 94 7.63 12.63 -6.87
C PHE C 94 9.08 12.18 -7.02
N GLU C 95 9.78 12.11 -5.88
CA GLU C 95 11.17 11.70 -5.88
C GLU C 95 11.29 10.29 -6.46
N SER C 96 12.31 10.10 -7.30
CA SER C 96 12.52 8.80 -7.93
C SER C 96 12.64 7.71 -6.87
N GLY C 97 11.71 6.76 -6.91
CA GLY C 97 11.67 5.66 -5.95
C GLY C 97 10.39 5.60 -5.14
N THR C 98 9.64 6.70 -5.04
CA THR C 98 8.39 6.69 -4.31
C THR C 98 7.42 5.69 -4.95
N ASP C 99 6.77 4.89 -4.10
CA ASP C 99 5.79 3.93 -4.59
C ASP C 99 4.68 4.69 -5.30
N PRO C 100 4.56 4.60 -6.62
CA PRO C 100 3.57 5.44 -7.32
C PRO C 100 2.15 5.18 -6.86
N ASP C 101 1.80 3.94 -6.54
CA ASP C 101 0.44 3.65 -6.11
C ASP C 101 0.11 4.36 -4.81
N ILE C 102 1.04 4.37 -3.86
CA ILE C 102 0.80 5.04 -2.59
C ILE C 102 0.76 6.55 -2.79
N ALA C 103 1.60 7.07 -3.68
CA ALA C 103 1.61 8.51 -3.92
C ALA C 103 0.24 9.01 -4.35
N GLN C 104 -0.46 8.25 -5.20
CA GLN C 104 -1.79 8.65 -5.64
C GLN C 104 -2.74 8.74 -4.45
N VAL C 105 -2.62 7.82 -3.50
CA VAL C 105 -3.50 7.84 -2.34
C VAL C 105 -3.31 9.14 -1.56
N GLN C 106 -2.06 9.55 -1.35
CA GLN C 106 -1.80 10.80 -0.64
C GLN C 106 -2.33 11.98 -1.42
N VAL C 107 -2.09 12.01 -2.73
CA VAL C 107 -2.59 13.11 -3.56
C VAL C 107 -4.12 13.10 -3.58
N GLN C 108 -4.71 11.93 -3.77
CA GLN C 108 -6.17 11.83 -3.74
C GLN C 108 -6.70 12.17 -2.36
N ASN C 109 -6.01 11.74 -1.31
CA ASN C 109 -6.46 12.02 0.05
C ASN C 109 -6.47 13.52 0.33
N LYS C 110 -5.41 14.22 -0.07
CA LYS C 110 -5.32 15.65 0.21
C LYS C 110 -6.36 16.43 -0.60
N LEU C 111 -6.63 16.00 -1.83
CA LEU C 111 -7.57 16.72 -2.68
C LEU C 111 -8.93 16.85 -2.03
N ALA C 112 -9.30 15.90 -1.15
CA ALA C 112 -10.61 15.94 -0.54
C ALA C 112 -10.80 17.18 0.32
N LEU C 113 -9.75 17.57 1.05
CA LEU C 113 -9.81 18.78 1.86
C LEU C 113 -9.87 20.05 1.01
N ALA C 114 -9.61 19.94 -0.29
CA ALA C 114 -9.65 21.08 -1.20
C ALA C 114 -10.88 21.12 -2.09
N THR C 115 -11.53 19.98 -2.32
CA THR C 115 -12.69 19.97 -3.20
C THR C 115 -13.78 20.94 -2.77
N PRO C 116 -14.13 21.06 -1.48
CA PRO C 116 -15.20 22.00 -1.11
C PRO C 116 -14.92 23.43 -1.52
N LEU C 117 -13.66 23.87 -1.48
CA LEU C 117 -13.36 25.27 -1.75
C LEU C 117 -13.48 25.63 -3.22
N LEU C 118 -13.49 24.64 -4.12
CA LEU C 118 -13.59 24.92 -5.54
C LEU C 118 -15.00 25.37 -5.90
N PRO C 119 -15.16 26.03 -7.05
CA PRO C 119 -16.50 26.48 -7.44
C PRO C 119 -17.48 25.32 -7.55
N GLN C 120 -18.74 25.61 -7.24
CA GLN C 120 -19.76 24.55 -7.20
C GLN C 120 -19.82 23.78 -8.51
N GLU C 121 -19.57 24.45 -9.64
CA GLU C 121 -19.64 23.78 -10.93
C GLU C 121 -18.58 22.69 -11.05
N VAL C 122 -17.39 22.90 -10.50
CA VAL C 122 -16.30 21.94 -10.67
C VAL C 122 -16.67 20.60 -10.04
N GLN C 123 -17.29 20.62 -8.86
CA GLN C 123 -17.64 19.37 -8.19
C GLN C 123 -18.50 18.49 -9.09
N GLN C 124 -19.47 19.08 -9.79
CA GLN C 124 -20.34 18.28 -10.64
C GLN C 124 -19.55 17.58 -11.74
N GLN C 125 -18.60 18.28 -12.36
CA GLN C 125 -17.81 17.67 -13.43
C GLN C 125 -16.98 16.51 -12.91
N GLY C 126 -16.41 16.66 -11.73
CA GLY C 126 -15.55 15.63 -11.15
C GLY C 126 -14.09 15.93 -11.41
N ILE C 127 -13.24 15.41 -10.52
CA ILE C 127 -11.80 15.62 -10.58
C ILE C 127 -11.13 14.26 -10.69
N SER C 128 -10.24 14.11 -11.67
CA SER C 128 -9.59 12.84 -11.97
C SER C 128 -8.14 12.87 -11.50
N VAL C 129 -7.73 11.82 -10.78
CA VAL C 129 -6.36 11.66 -10.32
C VAL C 129 -5.85 10.32 -10.83
N GLU C 130 -4.82 10.35 -11.65
CA GLU C 130 -4.25 9.13 -12.21
C GLU C 130 -2.82 9.37 -12.63
N LYS C 131 -1.98 8.35 -12.46
CA LYS C 131 -0.59 8.46 -12.87
C LYS C 131 -0.50 8.79 -14.35
N ALA C 132 0.37 9.73 -14.69
CA ALA C 132 0.46 10.26 -16.04
C ALA C 132 1.85 10.01 -16.63
N SER C 133 1.88 9.78 -17.94
CA SER C 133 3.10 9.60 -18.69
C SER C 133 3.16 10.67 -19.79
N SER C 134 4.36 11.22 -20.00
CA SER C 134 4.49 12.37 -20.89
C SER C 134 4.36 11.98 -22.36
N SER C 135 4.98 10.87 -22.76
CA SER C 135 5.10 10.52 -24.17
C SER C 135 4.42 9.19 -24.46
N PHE C 136 4.00 9.01 -25.71
CA PHE C 136 3.28 7.83 -26.14
C PHE C 136 4.22 6.63 -26.26
N LEU C 137 3.74 5.48 -25.81
CA LEU C 137 4.46 4.23 -26.06
C LEU C 137 4.44 3.89 -27.54
N MET C 138 3.30 4.11 -28.20
CA MET C 138 3.17 3.83 -29.63
C MET C 138 1.91 4.53 -30.12
N VAL C 139 1.63 4.36 -31.41
CA VAL C 139 0.41 4.86 -32.03
C VAL C 139 -0.12 3.77 -32.95
N VAL C 140 -1.43 3.55 -32.91
CA VAL C 140 -2.06 2.53 -33.75
C VAL C 140 -2.95 3.21 -34.78
N GLY C 141 -2.38 3.47 -35.96
CA GLY C 141 -3.14 4.15 -37.00
C GLY C 141 -4.09 3.20 -37.70
N VAL C 142 -5.28 3.70 -38.01
CA VAL C 142 -6.29 2.96 -38.74
C VAL C 142 -6.68 3.77 -39.97
N ILE C 143 -6.66 3.13 -41.14
CA ILE C 143 -6.98 3.79 -42.40
C ILE C 143 -8.01 2.94 -43.14
N ASN C 144 -8.52 3.50 -44.23
CA ASN C 144 -9.43 2.80 -45.12
C ASN C 144 -8.83 2.78 -46.51
N THR C 145 -8.61 1.57 -47.04
CA THR C 145 -8.00 1.44 -48.35
C THR C 145 -8.97 1.76 -49.49
N ASN C 146 -10.26 1.48 -49.30
CA ASN C 146 -11.24 1.70 -50.36
C ASN C 146 -11.68 3.16 -50.45
N GLY C 147 -11.43 3.96 -49.42
CA GLY C 147 -11.84 5.35 -49.44
C GLY C 147 -13.33 5.57 -49.27
N THR C 148 -14.08 4.55 -48.86
CA THR C 148 -15.53 4.64 -48.72
C THR C 148 -15.96 5.10 -47.34
N MET C 149 -15.03 5.42 -46.45
CA MET C 149 -15.33 5.86 -45.10
C MET C 149 -14.78 7.25 -44.88
N ASN C 150 -15.60 8.12 -44.30
CA ASN C 150 -15.20 9.50 -44.06
C ASN C 150 -14.11 9.55 -42.99
N GLN C 151 -13.48 10.73 -42.86
CA GLN C 151 -12.45 10.90 -41.85
C GLN C 151 -12.99 10.66 -40.45
N ASP C 152 -14.31 10.78 -40.27
CA ASP C 152 -14.92 10.60 -38.96
C ASP C 152 -15.48 9.19 -38.76
N ASP C 153 -15.86 8.51 -39.84
CA ASP C 153 -16.42 7.17 -39.71
C ASP C 153 -15.40 6.21 -39.11
N ILE C 154 -14.14 6.31 -39.54
CA ILE C 154 -13.10 5.44 -39.01
C ILE C 154 -12.90 5.69 -37.53
N SER C 155 -13.03 6.96 -37.11
CA SER C 155 -12.85 7.29 -35.70
C SER C 155 -13.87 6.57 -34.83
N ASP C 156 -15.13 6.53 -35.27
CA ASP C 156 -16.16 5.90 -34.46
C ASP C 156 -15.88 4.41 -34.26
N TYR C 157 -15.49 3.72 -35.33
CA TYR C 157 -15.21 2.29 -35.21
C TYR C 157 -14.04 2.05 -34.27
N VAL C 158 -13.02 2.90 -34.33
CA VAL C 158 -11.89 2.76 -33.41
C VAL C 158 -12.35 2.93 -31.97
N ALA C 159 -13.19 3.93 -31.71
CA ALA C 159 -13.69 4.17 -30.36
C ALA C 159 -14.74 3.17 -29.95
N ALA C 160 -15.54 2.67 -30.90
CA ALA C 160 -16.65 1.79 -30.56
C ALA C 160 -16.17 0.38 -30.25
N ASN C 161 -15.13 -0.10 -30.93
CA ASN C 161 -14.74 -1.50 -30.86
C ASN C 161 -13.29 -1.75 -30.49
N MET C 162 -12.42 -0.75 -30.56
CA MET C 162 -10.99 -0.95 -30.32
C MET C 162 -10.46 -0.19 -29.13
N LYS C 163 -10.91 1.05 -28.92
CA LYS C 163 -10.34 1.86 -27.84
C LYS C 163 -10.60 1.24 -26.47
N ASP C 164 -11.81 0.71 -26.26
CA ASP C 164 -12.16 0.21 -24.92
C ASP C 164 -11.34 -1.01 -24.55
N PRO C 165 -11.37 -2.11 -25.31
CA PRO C 165 -10.53 -3.26 -24.93
C PRO C 165 -9.05 -2.93 -24.86
N ILE C 166 -8.55 -2.06 -25.73
CA ILE C 166 -7.14 -1.70 -25.71
C ILE C 166 -6.79 -1.01 -24.39
N SER C 167 -7.64 -0.09 -23.94
CA SER C 167 -7.37 0.66 -22.72
C SER C 167 -7.40 -0.20 -21.47
N ARG C 168 -7.93 -1.43 -21.55
CA ARG C 168 -7.95 -2.34 -20.42
C ARG C 168 -6.79 -3.33 -20.43
N THR C 169 -6.04 -3.41 -21.54
CA THR C 169 -4.93 -4.35 -21.61
C THR C 169 -3.89 -4.00 -20.55
N SER C 170 -3.29 -5.04 -19.97
CA SER C 170 -2.36 -4.85 -18.87
C SER C 170 -1.20 -3.95 -19.30
N GLY C 171 -0.87 -2.99 -18.44
CA GLY C 171 0.25 -2.10 -18.68
C GLY C 171 -0.03 -0.90 -19.53
N VAL C 172 -1.30 -0.63 -19.84
CA VAL C 172 -1.69 0.50 -20.69
C VAL C 172 -2.38 1.53 -19.83
N GLY C 173 -1.93 2.78 -19.91
CA GLY C 173 -2.55 3.87 -19.18
C GLY C 173 -3.51 4.66 -20.02
N ASP C 174 -3.35 5.98 -20.04
CA ASP C 174 -4.22 6.82 -20.85
C ASP C 174 -4.14 6.41 -22.31
N VAL C 175 -5.31 6.31 -22.96
CA VAL C 175 -5.39 5.94 -24.37
C VAL C 175 -6.09 7.10 -25.08
N GLN C 176 -5.30 8.04 -25.60
CA GLN C 176 -5.86 9.16 -26.33
C GLN C 176 -6.41 8.68 -27.67
N LEU C 177 -7.52 9.28 -28.09
CA LEU C 177 -8.16 8.96 -29.36
C LEU C 177 -8.01 10.16 -30.29
N PHE C 178 -7.35 9.94 -31.42
CA PHE C 178 -7.13 11.01 -32.41
C PHE C 178 -8.33 11.11 -33.34
N GLY C 179 -9.49 11.30 -32.74
CA GLY C 179 -10.72 11.41 -33.48
C GLY C 179 -11.89 11.83 -32.60
N SER C 180 -13.07 11.30 -32.88
CA SER C 180 -14.27 11.65 -32.11
C SER C 180 -15.34 10.62 -32.36
N GLN C 181 -15.82 9.98 -31.30
CA GLN C 181 -16.89 9.00 -31.43
C GLN C 181 -18.16 9.68 -31.92
N TYR C 182 -19.00 8.92 -32.61
CA TYR C 182 -20.26 9.45 -33.11
C TYR C 182 -21.08 10.06 -31.98
N ALA C 183 -21.87 11.08 -32.34
CA ALA C 183 -22.80 11.71 -31.41
C ALA C 183 -23.78 12.51 -32.25
N MET C 184 -25.08 12.25 -32.07
CA MET C 184 -26.09 12.80 -32.96
C MET C 184 -26.14 14.30 -32.79
N ARG C 185 -25.60 15.02 -33.77
CA ARG C 185 -25.57 16.48 -33.73
C ARG C 185 -26.89 17.05 -34.22
N ILE C 186 -27.40 18.06 -33.51
CA ILE C 186 -28.61 18.75 -33.91
C ILE C 186 -28.22 20.14 -34.39
N TRP C 187 -27.98 20.30 -35.68
CA TRP C 187 -27.63 21.60 -36.26
C TRP C 187 -28.89 22.45 -36.32
N MET C 188 -28.91 23.53 -35.55
CA MET C 188 -30.06 24.42 -35.50
C MET C 188 -30.03 25.40 -36.66
N ASP C 189 -30.98 26.32 -36.69
CA ASP C 189 -31.08 27.33 -37.74
C ASP C 189 -31.78 28.55 -37.16
N PRO C 190 -31.03 29.60 -36.79
CA PRO C 190 -31.67 30.75 -36.13
C PRO C 190 -32.75 31.39 -36.98
N ASN C 191 -32.59 31.42 -38.30
CA ASN C 191 -33.63 31.99 -39.15
C ASN C 191 -34.93 31.20 -39.04
N LYS C 192 -34.83 29.87 -39.03
CA LYS C 192 -36.04 29.04 -38.93
C LYS C 192 -36.64 29.11 -37.54
N LEU C 193 -35.80 29.02 -36.50
CA LEU C 193 -36.30 29.03 -35.13
C LEU C 193 -37.09 30.31 -34.85
N ASN C 194 -36.50 31.46 -35.18
CA ASN C 194 -37.19 32.73 -34.94
C ASN C 194 -38.49 32.81 -35.72
N ASN C 195 -38.57 32.12 -36.87
CA ASN C 195 -39.79 32.15 -37.66
C ASN C 195 -40.95 31.53 -36.89
N PHE C 196 -40.70 30.44 -36.18
CA PHE C 196 -41.74 29.73 -35.43
C PHE C 196 -41.89 30.26 -34.01
N GLN C 197 -41.16 31.31 -33.64
CA GLN C 197 -41.22 31.87 -32.29
C GLN C 197 -40.75 30.83 -31.26
N LEU C 198 -39.55 30.32 -31.50
CA LEU C 198 -38.93 29.32 -30.62
C LEU C 198 -37.56 29.81 -30.17
N THR C 199 -36.86 28.96 -29.43
CA THR C 199 -35.56 29.29 -28.88
C THR C 199 -34.87 27.98 -28.53
N PRO C 200 -33.53 27.98 -28.40
CA PRO C 200 -32.84 26.71 -28.12
C PRO C 200 -33.29 26.04 -26.84
N VAL C 201 -33.79 26.80 -25.87
CA VAL C 201 -34.32 26.20 -24.65
C VAL C 201 -35.44 25.23 -24.98
N ASP C 202 -36.31 25.61 -25.92
CA ASP C 202 -37.40 24.71 -26.32
C ASP C 202 -36.86 23.40 -26.88
N VAL C 203 -35.82 23.48 -27.72
CA VAL C 203 -35.25 22.26 -28.29
C VAL C 203 -34.65 21.40 -27.18
N ILE C 204 -33.95 22.02 -26.24
CA ILE C 204 -33.37 21.27 -25.12
C ILE C 204 -34.47 20.65 -24.28
N SER C 205 -35.55 21.40 -24.03
CA SER C 205 -36.65 20.86 -23.22
C SER C 205 -37.29 19.66 -23.90
N ALA C 206 -37.52 19.74 -25.21
CA ALA C 206 -38.14 18.62 -25.91
C ALA C 206 -37.22 17.40 -25.90
N LEU C 207 -35.92 17.60 -26.11
CA LEU C 207 -35.01 16.46 -26.17
C LEU C 207 -34.93 15.73 -24.83
N LYS C 208 -35.21 16.42 -23.73
CA LYS C 208 -35.17 15.79 -22.41
C LYS C 208 -36.48 15.13 -22.03
N ALA C 209 -37.52 15.23 -22.86
CA ALA C 209 -38.81 14.60 -22.60
C ALA C 209 -39.15 13.54 -23.63
N GLN C 210 -38.96 13.82 -24.92
CA GLN C 210 -39.23 12.83 -25.96
C GLN C 210 -38.11 11.81 -26.10
N ASN C 211 -36.98 12.03 -25.43
CA ASN C 211 -35.84 11.10 -25.47
C ASN C 211 -35.40 10.85 -24.03
N ALA C 212 -35.98 9.82 -23.40
CA ALA C 212 -35.62 9.49 -22.03
C ALA C 212 -35.91 8.02 -21.78
N GLN C 213 -35.07 7.40 -20.96
CA GLN C 213 -35.26 6.02 -20.50
C GLN C 213 -35.87 6.10 -19.10
N VAL C 214 -37.15 5.80 -18.99
CA VAL C 214 -37.92 5.99 -17.76
C VAL C 214 -38.35 4.63 -17.25
N ALA C 215 -38.06 4.37 -15.98
CA ALA C 215 -38.50 3.14 -15.34
C ALA C 215 -40.01 3.18 -15.09
N ALA C 216 -40.66 2.02 -15.24
CA ALA C 216 -42.10 1.93 -15.09
C ALA C 216 -42.50 0.73 -14.23
N GLY C 217 -41.62 0.32 -13.32
CA GLY C 217 -41.99 -0.71 -12.36
C GLY C 217 -42.26 -2.05 -13.01
N GLN C 218 -43.20 -2.78 -12.41
CA GLN C 218 -43.52 -4.14 -12.82
C GLN C 218 -45.03 -4.33 -12.82
N LEU C 219 -45.48 -5.35 -13.57
CA LEU C 219 -46.87 -5.75 -13.60
C LEU C 219 -47.06 -6.92 -12.64
N GLY C 220 -47.82 -6.69 -11.57
CA GLY C 220 -47.98 -7.72 -10.56
C GLY C 220 -46.78 -7.90 -9.67
N GLY C 221 -45.89 -6.91 -9.59
CA GLY C 221 -44.70 -7.05 -8.79
C GLY C 221 -45.01 -7.15 -7.31
N THR C 222 -44.04 -7.65 -6.56
CA THR C 222 -44.23 -7.86 -5.14
C THR C 222 -44.38 -6.52 -4.42
N PRO C 223 -45.22 -6.47 -3.37
CA PRO C 223 -46.03 -7.56 -2.81
C PRO C 223 -47.30 -7.82 -3.61
N PRO C 224 -47.58 -9.07 -3.94
CA PRO C 224 -48.77 -9.39 -4.73
C PRO C 224 -49.97 -9.73 -3.84
N VAL C 225 -51.13 -9.77 -4.48
CA VAL C 225 -52.34 -10.27 -3.84
C VAL C 225 -52.45 -11.76 -4.13
N LYS C 226 -53.11 -12.49 -3.24
CA LYS C 226 -53.20 -13.94 -3.38
C LYS C 226 -53.82 -14.30 -4.72
N GLY C 227 -53.21 -15.26 -5.42
CA GLY C 227 -53.78 -15.77 -6.65
C GLY C 227 -53.30 -15.08 -7.91
N GLN C 228 -51.99 -15.03 -8.13
CA GLN C 228 -51.42 -14.44 -9.34
C GLN C 228 -50.67 -15.51 -10.12
N GLN C 229 -50.69 -15.36 -11.46
CA GLN C 229 -50.08 -16.35 -12.34
C GLN C 229 -49.23 -15.70 -13.43
N LEU C 230 -48.74 -14.49 -13.21
CA LEU C 230 -47.89 -13.84 -14.21
C LEU C 230 -47.18 -12.66 -13.57
N ASN C 231 -46.00 -12.34 -14.09
CA ASN C 231 -45.20 -11.22 -13.59
C ASN C 231 -44.33 -10.75 -14.74
N ALA C 232 -44.71 -9.63 -15.35
CA ALA C 232 -44.01 -9.08 -16.51
C ALA C 232 -43.61 -7.64 -16.25
N SER C 233 -42.41 -7.27 -16.66
CA SER C 233 -41.94 -5.90 -16.48
C SER C 233 -42.64 -4.96 -17.44
N ILE C 234 -42.92 -3.74 -16.96
CA ILE C 234 -43.49 -2.70 -17.81
C ILE C 234 -42.36 -2.04 -18.61
N ILE C 235 -42.73 -1.46 -19.75
CA ILE C 235 -41.79 -0.73 -20.59
C ILE C 235 -42.47 0.55 -21.06
N ALA C 236 -41.95 1.69 -20.62
CA ALA C 236 -42.41 2.98 -21.10
C ALA C 236 -41.50 3.42 -22.27
N GLN C 237 -41.58 4.69 -22.64
CA GLN C 237 -40.78 5.19 -23.74
C GLN C 237 -39.30 4.95 -23.48
N THR C 238 -38.56 4.62 -24.54
CA THR C 238 -37.14 4.33 -24.47
C THR C 238 -36.37 5.31 -25.34
N ARG C 239 -35.04 5.29 -25.19
CA ARG C 239 -34.19 6.22 -25.92
C ARG C 239 -34.27 5.95 -27.42
N LEU C 240 -34.31 7.03 -28.20
CA LEU C 240 -34.31 6.91 -29.65
C LEU C 240 -32.93 6.52 -30.14
N THR C 241 -32.90 5.89 -31.31
CA THR C 241 -31.64 5.43 -31.90
C THR C 241 -31.41 5.96 -33.31
N ASN C 242 -32.46 6.00 -34.13
CA ASN C 242 -32.30 6.42 -35.52
C ASN C 242 -32.20 7.93 -35.63
N THR C 243 -31.61 8.39 -36.73
CA THR C 243 -31.60 9.82 -37.03
C THR C 243 -32.97 10.29 -37.48
N GLU C 244 -33.76 9.40 -38.08
CA GLU C 244 -35.11 9.78 -38.51
C GLU C 244 -36.03 9.96 -37.32
N GLU C 245 -35.90 9.12 -36.29
CA GLU C 245 -36.74 9.23 -35.12
C GLU C 245 -36.55 10.58 -34.42
N PHE C 246 -35.31 11.05 -34.34
CA PHE C 246 -35.05 12.36 -33.75
C PHE C 246 -35.75 13.45 -34.55
N GLY C 247 -35.70 13.37 -35.88
CA GLY C 247 -36.35 14.37 -36.70
C GLY C 247 -37.84 14.46 -36.50
N ASN C 248 -38.46 13.42 -35.95
CA ASN C 248 -39.90 13.41 -35.70
C ASN C 248 -40.27 14.00 -34.35
N ILE C 249 -39.28 14.41 -33.54
CA ILE C 249 -39.58 15.02 -32.25
C ILE C 249 -40.47 16.25 -32.47
N LEU C 250 -41.34 16.51 -31.51
CA LEU C 250 -42.30 17.61 -31.58
C LEU C 250 -41.87 18.73 -30.64
N LEU C 251 -41.82 19.95 -31.16
CA LEU C 251 -41.49 21.13 -30.37
C LEU C 251 -42.73 21.91 -29.96
N LYS C 252 -43.63 22.17 -30.91
CA LYS C 252 -44.91 22.81 -30.59
C LYS C 252 -45.87 22.57 -31.74
N VAL C 253 -47.16 22.76 -31.46
CA VAL C 253 -48.22 22.61 -32.45
C VAL C 253 -48.89 23.96 -32.63
N ASN C 254 -49.01 24.41 -33.88
CA ASN C 254 -49.64 25.69 -34.16
C ASN C 254 -51.14 25.62 -33.87
N GLN C 255 -51.72 26.79 -33.59
CA GLN C 255 -53.14 26.87 -33.28
C GLN C 255 -54.01 26.40 -34.43
N ASP C 256 -53.47 26.37 -35.65
CA ASP C 256 -54.23 25.91 -36.82
C ASP C 256 -54.17 24.39 -37.00
N GLY C 257 -53.47 23.68 -36.13
CA GLY C 257 -53.38 22.25 -36.18
C GLY C 257 -52.09 21.70 -36.78
N SER C 258 -51.34 22.53 -37.50
CA SER C 258 -50.09 22.08 -38.07
C SER C 258 -49.07 21.81 -36.97
N GLN C 259 -48.24 20.79 -37.20
CA GLN C 259 -47.24 20.36 -36.23
C GLN C 259 -45.86 20.87 -36.64
N VAL C 260 -45.11 21.37 -35.65
CA VAL C 260 -43.76 21.86 -35.89
C VAL C 260 -42.76 20.85 -35.33
N ARG C 261 -42.31 19.93 -36.17
CA ARG C 261 -41.36 18.92 -35.74
C ARG C 261 -39.97 19.55 -35.57
N LEU C 262 -39.01 18.72 -35.15
CA LEU C 262 -37.65 19.20 -34.97
C LEU C 262 -36.92 19.35 -36.31
N ARG C 263 -37.27 18.54 -37.30
CA ARG C 263 -36.60 18.60 -38.58
C ARG C 263 -36.87 19.90 -39.34
N ASP C 264 -37.87 20.68 -38.91
CA ASP C 264 -38.20 21.92 -39.59
C ASP C 264 -37.44 23.13 -39.04
N VAL C 265 -36.70 22.97 -37.94
CA VAL C 265 -35.94 24.07 -37.38
C VAL C 265 -34.51 23.63 -37.08
N ALA C 266 -34.10 22.50 -37.66
CA ALA C 266 -32.76 21.99 -37.42
C ALA C 266 -32.45 20.91 -38.44
N LYS C 267 -31.17 20.64 -38.63
CA LYS C 267 -30.69 19.57 -39.50
C LYS C 267 -29.98 18.52 -38.65
N ILE C 268 -30.41 17.28 -38.78
CA ILE C 268 -29.93 16.18 -37.94
C ILE C 268 -29.07 15.26 -38.77
N GLU C 269 -27.90 14.90 -38.23
CA GLU C 269 -27.00 13.97 -38.91
C GLU C 269 -25.95 13.51 -37.89
N LEU C 270 -25.62 12.23 -37.97
CA LEU C 270 -24.60 11.68 -37.08
C LEU C 270 -23.27 12.37 -37.36
N GLY C 271 -22.57 12.76 -36.30
CA GLY C 271 -21.30 13.44 -36.43
C GLY C 271 -20.44 13.21 -35.22
N GLY C 272 -19.21 13.72 -35.30
CA GLY C 272 -18.27 13.55 -34.22
C GLY C 272 -18.64 14.37 -32.99
N GLU C 273 -18.16 13.90 -31.84
CA GLU C 273 -18.38 14.65 -30.60
C GLU C 273 -17.69 16.01 -30.67
N SER C 274 -16.45 16.04 -31.18
CA SER C 274 -15.70 17.27 -31.33
C SER C 274 -14.86 17.18 -32.59
N TYR C 275 -14.84 18.26 -33.36
CA TYR C 275 -14.10 18.33 -34.61
C TYR C 275 -12.72 18.96 -34.42
N ASP C 276 -12.28 19.16 -33.17
CA ASP C 276 -10.99 19.80 -32.94
C ASP C 276 -9.85 19.00 -33.53
N VAL C 277 -9.85 17.68 -33.33
CA VAL C 277 -8.78 16.81 -33.77
C VAL C 277 -9.16 16.16 -35.09
N VAL C 278 -8.29 16.30 -36.09
CA VAL C 278 -8.50 15.66 -37.39
C VAL C 278 -7.19 15.02 -37.81
N ALA C 279 -7.04 13.72 -37.57
CA ALA C 279 -5.82 13.02 -37.89
C ALA C 279 -5.73 12.74 -39.38
N LYS C 280 -4.52 12.41 -39.83
CA LYS C 280 -4.24 12.07 -41.22
C LYS C 280 -3.17 10.99 -41.24
N PHE C 281 -2.83 10.55 -42.45
CA PHE C 281 -1.81 9.53 -42.63
C PHE C 281 -1.30 9.62 -44.06
N ASN C 282 -0.04 9.99 -44.23
CA ASN C 282 0.55 10.14 -45.57
C ASN C 282 -0.35 10.98 -46.47
N GLY C 283 -1.03 11.97 -45.88
CA GLY C 283 -1.97 12.78 -46.63
C GLY C 283 -3.30 12.13 -46.89
N GLN C 284 -3.60 11.02 -46.22
CA GLN C 284 -4.84 10.28 -46.42
C GLN C 284 -5.65 10.23 -45.12
N PRO C 285 -6.97 10.40 -45.18
CA PRO C 285 -7.76 10.38 -43.94
C PRO C 285 -7.55 9.09 -43.18
N ALA C 286 -7.52 9.19 -41.85
CA ALA C 286 -7.22 8.05 -41.00
C ALA C 286 -7.60 8.40 -39.57
N SER C 287 -7.26 7.52 -38.64
CA SER C 287 -7.47 7.73 -37.22
C SER C 287 -6.60 6.74 -36.47
N GLY C 288 -6.57 6.86 -35.14
CA GLY C 288 -5.75 5.96 -34.36
C GLY C 288 -5.83 6.30 -32.88
N LEU C 289 -5.02 5.60 -32.11
CA LEU C 289 -4.96 5.74 -30.67
C LEU C 289 -3.57 6.15 -30.23
N GLY C 290 -3.50 7.05 -29.26
CA GLY C 290 -2.23 7.36 -28.61
C GLY C 290 -2.10 6.60 -27.31
N ILE C 291 -1.36 5.52 -27.31
CA ILE C 291 -1.28 4.61 -26.17
C ILE C 291 -0.15 5.06 -25.26
N LYS C 292 -0.46 5.24 -23.98
CA LYS C 292 0.50 5.63 -22.96
C LYS C 292 0.87 4.42 -22.12
N LEU C 293 2.15 4.16 -21.96
CA LEU C 293 2.60 3.07 -21.11
C LEU C 293 2.30 3.38 -19.66
N ALA C 294 1.72 2.42 -18.95
CA ALA C 294 1.42 2.61 -17.54
C ALA C 294 2.71 2.69 -16.74
N THR C 295 2.73 3.59 -15.76
CA THR C 295 3.92 3.79 -14.95
C THR C 295 4.33 2.48 -14.28
N GLY C 296 5.55 2.03 -14.58
CA GLY C 296 6.08 0.82 -13.98
C GLY C 296 5.90 -0.44 -14.80
N ALA C 297 5.04 -0.41 -15.82
CA ALA C 297 4.80 -1.58 -16.65
C ALA C 297 5.92 -1.76 -17.66
N ASN C 298 6.16 -3.01 -18.07
CA ASN C 298 7.21 -3.31 -19.02
C ASN C 298 6.90 -2.70 -20.37
N ALA C 299 7.94 -2.21 -21.05
CA ALA C 299 7.76 -1.56 -22.34
C ALA C 299 7.46 -2.58 -23.44
N LEU C 300 8.13 -3.73 -23.40
CA LEU C 300 7.97 -4.71 -24.47
C LEU C 300 6.73 -5.56 -24.29
N ASP C 301 6.45 -6.01 -23.07
CA ASP C 301 5.30 -6.88 -22.85
C ASP C 301 4.01 -6.16 -23.21
N THR C 302 3.89 -4.88 -22.85
CA THR C 302 2.68 -4.13 -23.19
C THR C 302 2.46 -4.08 -24.70
N ALA C 303 3.54 -3.84 -25.46
CA ALA C 303 3.40 -3.82 -26.91
C ALA C 303 2.99 -5.18 -27.44
N ASN C 304 3.56 -6.26 -26.90
CA ASN C 304 3.16 -7.59 -27.32
C ASN C 304 1.71 -7.87 -26.95
N ALA C 305 1.28 -7.41 -25.78
CA ALA C 305 -0.11 -7.59 -25.39
C ALA C 305 -1.05 -6.84 -26.34
N ILE C 306 -0.69 -5.61 -26.70
CA ILE C 306 -1.53 -4.84 -27.61
C ILE C 306 -1.53 -5.47 -29.01
N ARG C 307 -0.35 -5.83 -29.50
CA ARG C 307 -0.27 -6.41 -30.84
C ARG C 307 -1.04 -7.72 -30.91
N ALA C 308 -0.95 -8.54 -29.85
CA ALA C 308 -1.77 -9.74 -29.79
C ALA C 308 -3.23 -9.40 -29.59
N GLU C 309 -3.52 -8.31 -28.86
CA GLU C 309 -4.90 -7.91 -28.64
C GLU C 309 -5.57 -7.51 -29.95
N LEU C 310 -4.87 -6.76 -30.80
CA LEU C 310 -5.45 -6.36 -32.08
C LEU C 310 -5.69 -7.54 -32.99
N ALA C 311 -4.96 -8.64 -32.83
CA ALA C 311 -5.16 -9.81 -33.67
C ALA C 311 -6.55 -10.42 -33.48
N LYS C 312 -7.19 -10.16 -32.34
CA LYS C 312 -8.54 -10.67 -32.11
C LYS C 312 -9.61 -9.83 -32.79
N MET C 313 -9.27 -8.61 -33.22
CA MET C 313 -10.22 -7.71 -33.86
C MET C 313 -10.10 -7.69 -35.39
N GLU C 314 -9.01 -8.20 -35.94
CA GLU C 314 -8.83 -8.18 -37.38
C GLU C 314 -9.99 -8.83 -38.13
N PRO C 315 -10.51 -9.99 -37.72
CA PRO C 315 -11.59 -10.62 -38.50
C PRO C 315 -12.83 -9.76 -38.64
N PHE C 316 -13.15 -8.93 -37.66
CA PHE C 316 -14.39 -8.17 -37.63
C PHE C 316 -14.28 -6.79 -38.28
N PHE C 317 -13.12 -6.43 -38.81
CA PHE C 317 -12.98 -5.13 -39.45
C PHE C 317 -13.85 -5.07 -40.70
N PRO C 318 -14.65 -4.02 -40.88
CA PRO C 318 -15.37 -3.86 -42.15
C PRO C 318 -14.40 -3.78 -43.32
N SER C 319 -14.84 -4.32 -44.45
CA SER C 319 -14.00 -4.34 -45.65
C SER C 319 -13.39 -2.97 -45.91
N GLY C 320 -12.06 -2.92 -45.97
CA GLY C 320 -11.35 -1.68 -46.22
C GLY C 320 -10.41 -1.29 -45.10
N MET C 321 -10.82 -1.50 -43.86
CA MET C 321 -9.98 -1.12 -42.72
C MET C 321 -8.68 -1.92 -42.74
N LYS C 322 -7.61 -1.27 -42.30
CA LYS C 322 -6.29 -1.90 -42.30
C LYS C 322 -5.44 -1.19 -41.26
N ILE C 323 -5.17 -1.87 -40.15
CA ILE C 323 -4.34 -1.27 -39.10
C ILE C 323 -2.96 -0.94 -39.66
N VAL C 324 -2.45 0.23 -39.29
CA VAL C 324 -1.11 0.67 -39.68
C VAL C 324 -0.47 1.33 -38.48
N TYR C 325 0.81 1.05 -38.26
CA TYR C 325 1.54 1.60 -37.12
C TYR C 325 2.44 2.72 -37.60
N PRO C 326 2.11 3.99 -37.33
CA PRO C 326 2.96 5.10 -37.80
C PRO C 326 4.01 5.59 -36.82
N TYR C 327 4.00 5.12 -35.57
CA TYR C 327 4.98 5.57 -34.60
C TYR C 327 5.05 4.52 -33.50
N ASP C 328 6.17 3.81 -33.43
CA ASP C 328 6.36 2.76 -32.43
C ASP C 328 7.81 2.79 -31.98
N THR C 329 8.02 2.97 -30.68
CA THR C 329 9.37 3.08 -30.12
C THR C 329 9.87 1.78 -29.51
N THR C 330 9.07 0.72 -29.54
CA THR C 330 9.51 -0.57 -29.00
C THR C 330 10.45 -1.29 -29.94
N PRO C 331 10.28 -1.20 -31.27
CA PRO C 331 11.22 -1.92 -32.16
C PRO C 331 12.66 -1.51 -31.94
N PHE C 332 12.91 -0.27 -31.51
CA PHE C 332 14.27 0.12 -31.15
C PHE C 332 14.79 -0.70 -29.99
N VAL C 333 13.93 -0.98 -29.00
CA VAL C 333 14.35 -1.74 -27.83
C VAL C 333 14.89 -3.11 -28.25
N LYS C 334 14.21 -3.75 -29.20
CA LYS C 334 14.65 -5.07 -29.64
C LYS C 334 16.05 -5.01 -30.24
N ILE C 335 16.32 -3.99 -31.07
CA ILE C 335 17.65 -3.87 -31.66
C ILE C 335 18.67 -3.47 -30.60
N SER C 336 18.30 -2.55 -29.70
CA SER C 336 19.23 -2.08 -28.69
C SER C 336 19.73 -3.23 -27.82
N ILE C 337 18.79 -4.06 -27.33
CA ILE C 337 19.19 -5.21 -26.53
C ILE C 337 19.96 -6.20 -27.38
N HIS C 338 19.50 -6.45 -28.60
CA HIS C 338 20.20 -7.38 -29.48
C HIS C 338 21.60 -6.89 -29.80
N GLU C 339 21.76 -5.58 -30.02
CA GLU C 339 23.08 -5.04 -30.33
C GLU C 339 24.05 -5.28 -29.18
N VAL C 340 23.61 -5.04 -27.95
CA VAL C 340 24.48 -5.24 -26.80
C VAL C 340 24.80 -6.73 -26.63
N VAL C 341 23.79 -7.59 -26.80
CA VAL C 341 24.04 -9.02 -26.74
C VAL C 341 25.11 -9.41 -27.75
N LYS C 342 25.02 -8.88 -28.96
CA LYS C 342 26.05 -9.14 -29.96
C LYS C 342 27.41 -8.63 -29.47
N THR C 343 27.43 -7.45 -28.85
CA THR C 343 28.67 -6.96 -28.28
C THR C 343 29.16 -7.85 -27.15
N LEU C 344 28.24 -8.35 -26.31
CA LEU C 344 28.65 -9.22 -25.21
C LEU C 344 29.27 -10.50 -25.75
N VAL C 345 28.67 -11.09 -26.78
CA VAL C 345 29.25 -12.29 -27.39
C VAL C 345 30.57 -11.96 -28.06
N GLU C 346 30.64 -10.84 -28.78
CA GLU C 346 31.86 -10.47 -29.46
C GLU C 346 33.01 -10.20 -28.50
N ALA C 347 32.70 -9.86 -27.24
CA ALA C 347 33.75 -9.64 -26.26
C ALA C 347 34.35 -10.96 -25.78
N ILE C 348 33.53 -12.00 -25.65
CA ILE C 348 34.03 -13.29 -25.20
C ILE C 348 35.00 -13.87 -26.22
N ILE C 349 34.69 -13.72 -27.51
CA ILE C 349 35.58 -14.24 -28.54
C ILE C 349 36.92 -13.51 -28.50
N LEU C 350 36.89 -12.19 -28.34
CA LEU C 350 38.14 -11.42 -28.31
C LEU C 350 38.90 -11.66 -27.02
N VAL C 351 38.18 -11.75 -25.89
CA VAL C 351 38.83 -12.11 -24.63
C VAL C 351 39.50 -13.47 -24.76
N PHE C 352 38.80 -14.43 -25.36
CA PHE C 352 39.39 -15.75 -25.58
C PHE C 352 40.63 -15.66 -26.46
N LEU C 353 40.55 -14.90 -27.56
CA LEU C 353 41.62 -14.93 -28.55
C LEU C 353 42.90 -14.32 -28.01
N VAL C 354 42.81 -13.13 -27.43
CA VAL C 354 44.01 -12.48 -26.90
C VAL C 354 44.58 -13.28 -25.74
N MET C 355 43.72 -13.88 -24.92
CA MET C 355 44.19 -14.74 -23.84
C MET C 355 44.87 -15.98 -24.38
N TYR C 356 44.55 -16.38 -25.61
CA TYR C 356 45.26 -17.50 -26.24
C TYR C 356 46.61 -17.07 -26.82
N LEU C 357 46.79 -15.77 -27.07
CA LEU C 357 48.07 -15.31 -27.60
C LEU C 357 49.19 -15.46 -26.58
N PHE C 358 48.90 -15.20 -25.31
CA PHE C 358 49.92 -15.28 -24.27
C PHE C 358 50.09 -16.70 -23.77
N LEU C 359 48.97 -17.39 -23.48
CA LEU C 359 49.06 -18.76 -22.99
C LEU C 359 49.70 -19.67 -24.04
N GLN C 360 49.36 -19.47 -25.31
CA GLN C 360 49.95 -20.24 -26.41
C GLN C 360 49.67 -21.74 -26.26
N ASN C 361 48.56 -22.09 -25.61
CA ASN C 361 48.19 -23.48 -25.43
C ASN C 361 46.67 -23.55 -25.28
N PHE C 362 46.01 -24.23 -26.22
CA PHE C 362 44.55 -24.28 -26.21
C PHE C 362 44.03 -25.01 -24.97
N ARG C 363 44.69 -26.12 -24.60
CA ARG C 363 44.22 -26.90 -23.46
C ARG C 363 44.23 -26.07 -22.18
N ALA C 364 45.30 -25.30 -21.95
CA ALA C 364 45.40 -24.48 -20.77
C ALA C 364 44.68 -23.14 -20.89
N THR C 365 44.28 -22.75 -22.11
CA THR C 365 43.59 -21.49 -22.32
C THR C 365 42.11 -21.60 -21.98
N LEU C 366 41.53 -22.79 -22.07
CA LEU C 366 40.13 -22.97 -21.69
C LEU C 366 39.93 -22.92 -20.17
N ILE C 367 41.00 -23.07 -19.39
CA ILE C 367 40.86 -23.08 -17.93
C ILE C 367 40.26 -21.77 -17.43
N PRO C 368 40.76 -20.59 -17.83
CA PRO C 368 40.14 -19.34 -17.36
C PRO C 368 38.89 -18.97 -18.13
N THR C 369 38.81 -19.39 -19.40
CA THR C 369 37.69 -19.00 -20.24
C THR C 369 36.38 -19.57 -19.71
N ILE C 370 36.38 -20.82 -19.25
CA ILE C 370 35.15 -21.46 -18.78
C ILE C 370 34.56 -20.71 -17.60
N ALA C 371 35.39 -20.00 -16.84
CA ALA C 371 34.88 -19.22 -15.72
C ALA C 371 34.03 -18.04 -16.18
N VAL C 372 34.14 -17.64 -17.44
CA VAL C 372 33.41 -16.47 -17.94
C VAL C 372 31.95 -16.84 -18.20
N PRO C 373 31.64 -17.87 -19.02
CA PRO C 373 30.23 -18.24 -19.18
C PRO C 373 29.56 -18.58 -17.86
N VAL C 374 30.26 -19.24 -16.95
CA VAL C 374 29.66 -19.61 -15.67
C VAL C 374 29.30 -18.36 -14.88
N VAL C 375 30.21 -17.39 -14.83
CA VAL C 375 29.95 -16.17 -14.06
C VAL C 375 28.84 -15.36 -14.71
N LEU C 376 28.90 -15.17 -16.02
CA LEU C 376 27.88 -14.38 -16.71
C LEU C 376 26.51 -15.04 -16.58
N LEU C 377 26.44 -16.36 -16.74
CA LEU C 377 25.19 -17.06 -16.49
C LEU C 377 24.81 -16.98 -15.02
N GLY C 378 25.80 -17.00 -14.13
CA GLY C 378 25.51 -16.93 -12.71
C GLY C 378 24.87 -15.62 -12.29
N THR C 379 25.40 -14.50 -12.80
CA THR C 379 24.85 -13.21 -12.42
C THR C 379 23.41 -13.05 -12.89
N PHE C 380 23.05 -13.71 -14.00
CA PHE C 380 21.67 -13.64 -14.45
C PHE C 380 20.72 -14.25 -13.43
N ALA C 381 21.12 -15.36 -12.81
CA ALA C 381 20.31 -15.95 -11.75
C ALA C 381 20.22 -15.01 -10.55
N VAL C 382 21.33 -14.36 -10.21
CA VAL C 382 21.32 -13.43 -9.07
C VAL C 382 20.36 -12.28 -9.32
N LEU C 383 20.36 -11.75 -10.54
CA LEU C 383 19.47 -10.63 -10.85
C LEU C 383 18.01 -11.03 -10.69
N ALA C 384 17.64 -12.23 -11.16
CA ALA C 384 16.24 -12.64 -11.09
C ALA C 384 15.76 -12.69 -9.66
N ALA C 385 16.60 -13.16 -8.74
CA ALA C 385 16.21 -13.19 -7.33
C ALA C 385 15.91 -11.80 -6.80
N PHE C 386 16.75 -10.83 -7.17
CA PHE C 386 16.57 -9.46 -6.69
C PHE C 386 15.47 -8.70 -7.44
N GLY C 387 14.99 -9.22 -8.56
CA GLY C 387 13.91 -8.61 -9.30
C GLY C 387 14.32 -7.77 -10.48
N PHE C 388 15.61 -7.65 -10.76
CA PHE C 388 16.06 -6.85 -11.89
C PHE C 388 15.57 -7.45 -13.21
N SER C 389 15.82 -6.71 -14.29
CA SER C 389 15.37 -7.11 -15.62
C SER C 389 16.48 -6.82 -16.62
N ILE C 390 16.61 -7.71 -17.61
CA ILE C 390 17.64 -7.54 -18.63
C ILE C 390 17.42 -6.21 -19.32
N ASN C 391 18.41 -5.32 -19.23
CA ASN C 391 18.33 -4.01 -19.84
C ASN C 391 19.73 -3.52 -20.17
N THR C 392 19.81 -2.54 -21.06
CA THR C 392 21.10 -2.07 -21.55
C THR C 392 22.02 -1.69 -20.39
N LEU C 393 21.47 -1.11 -19.33
CA LEU C 393 22.30 -0.76 -18.18
C LEU C 393 22.89 -2.01 -17.55
N THR C 394 22.09 -3.06 -17.38
CA THR C 394 22.59 -4.31 -16.82
C THR C 394 23.69 -4.90 -17.70
N MET C 395 23.43 -4.97 -19.01
CA MET C 395 24.36 -5.67 -19.89
C MET C 395 25.71 -4.96 -19.96
N PHE C 396 25.71 -3.62 -19.98
CA PHE C 396 26.97 -2.90 -19.92
C PHE C 396 27.75 -3.31 -18.67
N GLY C 397 27.06 -3.55 -17.56
CA GLY C 397 27.74 -4.03 -16.37
C GLY C 397 28.47 -5.33 -16.60
N MET C 398 27.84 -6.26 -17.32
CA MET C 398 28.49 -7.54 -17.59
C MET C 398 29.74 -7.35 -18.44
N VAL C 399 29.64 -6.52 -19.50
CA VAL C 399 30.79 -6.30 -20.37
C VAL C 399 31.94 -5.67 -19.59
N LEU C 400 31.64 -4.67 -18.76
CA LEU C 400 32.66 -4.10 -17.89
C LEU C 400 33.07 -5.06 -16.79
N ALA C 401 32.23 -6.04 -16.46
CA ALA C 401 32.59 -7.02 -15.45
C ALA C 401 33.65 -7.99 -15.94
N ILE C 402 33.79 -8.15 -17.27
CA ILE C 402 34.76 -9.10 -17.80
C ILE C 402 36.15 -8.77 -17.30
N GLY C 403 36.52 -7.48 -17.29
CA GLY C 403 37.86 -7.11 -16.89
C GLY C 403 38.20 -7.48 -15.46
N LEU C 404 37.19 -7.50 -14.59
CA LEU C 404 37.39 -7.73 -13.17
C LEU C 404 37.06 -9.16 -12.74
N LEU C 405 36.78 -10.05 -13.69
CA LEU C 405 36.50 -11.44 -13.38
C LEU C 405 37.38 -12.45 -14.10
N VAL C 406 37.98 -12.08 -15.25
CA VAL C 406 38.89 -13.00 -15.93
C VAL C 406 40.27 -13.01 -15.32
N ASP C 407 40.63 -11.98 -14.55
CA ASP C 407 41.89 -12.00 -13.83
C ASP C 407 41.86 -12.94 -12.63
N ASP C 408 40.67 -13.31 -12.17
CA ASP C 408 40.56 -14.24 -11.04
C ASP C 408 41.20 -15.58 -11.39
N ALA C 409 40.86 -16.12 -12.56
CA ALA C 409 41.42 -17.40 -13.00
C ALA C 409 42.85 -17.28 -13.52
N ILE C 410 43.18 -16.17 -14.19
CA ILE C 410 44.50 -16.03 -14.79
C ILE C 410 45.57 -16.10 -13.71
N VAL C 411 45.37 -15.40 -12.59
CA VAL C 411 46.35 -15.45 -11.50
C VAL C 411 46.46 -16.87 -10.97
N VAL C 412 45.34 -17.58 -10.87
CA VAL C 412 45.37 -18.96 -10.41
C VAL C 412 46.24 -19.80 -11.34
N VAL C 413 46.08 -19.61 -12.65
CA VAL C 413 46.93 -20.32 -13.61
C VAL C 413 48.39 -19.97 -13.38
N GLU C 414 48.68 -18.70 -13.08
CA GLU C 414 50.06 -18.27 -12.89
C GLU C 414 50.76 -19.06 -11.79
N ASN C 415 50.01 -19.62 -10.84
CA ASN C 415 50.57 -20.44 -9.78
C ASN C 415 50.63 -21.91 -10.16
N VAL C 416 50.62 -22.22 -11.45
CA VAL C 416 50.72 -23.60 -11.92
C VAL C 416 52.17 -24.01 -12.17
N GLU C 417 52.95 -23.14 -12.80
CA GLU C 417 54.37 -23.44 -13.02
C GLU C 417 55.18 -23.27 -11.75
N ARG C 418 54.79 -22.36 -10.86
CA ARG C 418 55.60 -22.02 -9.70
C ARG C 418 55.86 -23.24 -8.83
N VAL C 419 54.82 -23.81 -8.24
CA VAL C 419 55.01 -24.96 -7.35
C VAL C 419 55.43 -26.18 -8.15
N MET C 420 54.88 -26.36 -9.35
CA MET C 420 55.19 -27.55 -10.14
C MET C 420 56.63 -27.56 -10.61
N ALA C 421 57.24 -26.39 -10.81
CA ALA C 421 58.60 -26.29 -11.30
C ALA C 421 59.58 -25.76 -10.27
N GLU C 422 59.24 -24.68 -9.56
CA GLU C 422 60.13 -24.15 -8.55
C GLU C 422 60.40 -25.17 -7.44
N GLU C 423 59.39 -26.00 -7.14
CA GLU C 423 59.49 -27.04 -6.07
C GLU C 423 59.52 -28.43 -6.71
N GLY C 424 58.58 -28.76 -7.60
CA GLY C 424 58.48 -30.07 -8.21
C GLY C 424 57.32 -30.92 -7.73
N LEU C 425 56.39 -30.34 -6.96
CA LEU C 425 55.28 -31.12 -6.45
C LEU C 425 54.36 -31.55 -7.59
N PRO C 426 53.68 -32.69 -7.45
CA PRO C 426 52.76 -33.15 -8.50
C PRO C 426 51.73 -32.07 -8.80
N PRO C 427 51.11 -32.11 -9.99
CA PRO C 427 50.11 -31.08 -10.32
C PRO C 427 48.98 -31.01 -9.31
N LYS C 428 48.52 -32.16 -8.81
CA LYS C 428 47.45 -32.16 -7.81
C LYS C 428 47.98 -31.64 -6.48
N GLU C 429 49.14 -32.13 -6.05
CA GLU C 429 49.71 -31.70 -4.77
C GLU C 429 50.27 -30.28 -4.86
N ALA C 430 50.86 -29.93 -6.01
CA ALA C 430 51.46 -28.61 -6.16
C ALA C 430 50.44 -27.51 -5.91
N THR C 431 49.22 -27.69 -6.42
CA THR C 431 48.19 -26.68 -6.24
C THR C 431 47.78 -26.53 -4.78
N ARG C 432 48.11 -27.51 -3.93
CA ARG C 432 47.77 -27.39 -2.51
C ARG C 432 48.47 -26.18 -1.90
N LYS C 433 49.74 -26.00 -2.19
CA LYS C 433 50.48 -24.86 -1.64
C LYS C 433 50.10 -23.57 -2.35
N SER C 434 49.87 -23.64 -3.67
CA SER C 434 49.45 -22.45 -4.40
C SER C 434 48.10 -21.94 -3.90
N MET C 435 47.16 -22.86 -3.65
CA MET C 435 45.86 -22.49 -3.14
C MET C 435 45.86 -22.22 -1.64
N GLY C 436 46.94 -22.56 -0.95
CA GLY C 436 47.14 -22.10 0.41
C GLY C 436 47.79 -20.75 0.51
N GLN C 437 48.12 -20.14 -0.63
CA GLN C 437 48.77 -18.84 -0.68
C GLN C 437 47.80 -17.73 -1.08
N ILE C 438 47.07 -17.90 -2.17
CA ILE C 438 46.15 -16.87 -2.64
C ILE C 438 44.84 -16.92 -1.88
N GLN C 439 44.37 -18.12 -1.53
CA GLN C 439 43.13 -18.23 -0.77
C GLN C 439 43.25 -17.46 0.53
N GLY C 440 42.18 -16.74 0.88
CA GLY C 440 42.22 -15.77 1.95
C GLY C 440 42.64 -14.39 1.51
N ALA C 441 43.10 -14.24 0.27
CA ALA C 441 43.44 -12.95 -0.31
C ALA C 441 42.59 -12.63 -1.54
N LEU C 442 42.32 -13.62 -2.38
CA LEU C 442 41.36 -13.41 -3.46
C LEU C 442 40.05 -12.87 -2.92
N VAL C 443 39.56 -13.46 -1.82
CA VAL C 443 38.40 -12.91 -1.14
C VAL C 443 38.69 -11.49 -0.67
N GLY C 444 39.92 -11.24 -0.23
CA GLY C 444 40.31 -9.93 0.21
C GLY C 444 40.33 -8.91 -0.92
N ILE C 445 41.23 -9.11 -1.88
CA ILE C 445 41.36 -8.15 -2.98
C ILE C 445 40.11 -8.11 -3.86
N ALA C 446 39.21 -9.07 -3.72
CA ALA C 446 37.90 -8.99 -4.34
C ALA C 446 36.91 -8.20 -3.49
N MET C 447 37.27 -7.85 -2.27
CA MET C 447 36.45 -7.03 -1.40
C MET C 447 36.88 -5.57 -1.38
N VAL C 448 38.02 -5.24 -2.00
CA VAL C 448 38.49 -3.86 -2.07
C VAL C 448 38.32 -3.26 -3.46
N LEU C 449 37.97 -4.07 -4.45
CA LEU C 449 37.58 -3.57 -5.77
C LEU C 449 36.09 -3.70 -6.04
N SER C 450 35.37 -4.52 -5.27
CA SER C 450 33.92 -4.53 -5.29
C SER C 450 33.34 -3.49 -4.35
N ALA C 451 34.19 -2.76 -3.62
CA ALA C 451 33.74 -1.72 -2.71
C ALA C 451 33.66 -0.34 -3.37
N VAL C 452 34.10 -0.21 -4.62
CA VAL C 452 33.89 1.04 -5.35
C VAL C 452 32.46 1.14 -5.82
N PHE C 453 31.79 0.01 -6.06
CA PHE C 453 30.46 -0.01 -6.62
C PHE C 453 29.36 -0.03 -5.57
N ILE C 454 29.70 -0.17 -4.29
CA ILE C 454 28.70 -0.17 -3.23
C ILE C 454 28.30 1.26 -2.91
N PRO C 455 29.25 2.19 -2.72
CA PRO C 455 28.85 3.58 -2.43
C PRO C 455 28.00 4.20 -3.52
N MET C 456 28.20 3.79 -4.78
CA MET C 456 27.45 4.37 -5.88
C MET C 456 26.00 3.92 -5.92
N ALA C 457 25.61 2.93 -5.11
CA ALA C 457 24.27 2.39 -5.14
C ALA C 457 23.30 3.09 -4.19
N PHE C 458 23.81 3.91 -3.27
CA PHE C 458 22.95 4.57 -2.28
C PHE C 458 22.45 5.93 -2.73
N PHE C 459 22.92 6.45 -3.85
CA PHE C 459 22.53 7.78 -4.28
C PHE C 459 21.12 7.78 -4.83
N GLY C 460 20.47 8.96 -4.76
CA GLY C 460 19.09 9.11 -5.17
C GLY C 460 18.95 9.80 -6.51
N GLY C 461 17.68 9.94 -6.93
CA GLY C 461 17.38 10.52 -8.22
C GLY C 461 17.49 9.51 -9.34
N SER C 462 17.16 9.98 -10.55
CA SER C 462 17.30 9.11 -11.72
C SER C 462 18.75 8.69 -11.93
N THR C 463 19.70 9.52 -11.49
CA THR C 463 21.11 9.14 -11.56
C THR C 463 21.38 7.90 -10.72
N GLY C 464 20.79 7.84 -9.53
CA GLY C 464 20.98 6.67 -8.68
C GLY C 464 20.39 5.42 -9.29
N ALA C 465 19.21 5.52 -9.89
CA ALA C 465 18.56 4.35 -10.47
C ALA C 465 19.42 3.73 -11.58
N ILE C 466 20.14 4.56 -12.33
CA ILE C 466 21.05 4.03 -13.34
C ILE C 466 22.24 3.35 -12.68
N TYR C 467 22.75 3.92 -11.59
CA TYR C 467 23.92 3.36 -10.93
C TYR C 467 23.64 1.97 -10.39
N ARG C 468 22.47 1.78 -9.76
CA ARG C 468 22.19 0.52 -9.09
C ARG C 468 22.25 -0.66 -10.06
N GLN C 469 21.88 -0.45 -11.32
CA GLN C 469 21.98 -1.53 -12.30
C GLN C 469 23.43 -1.95 -12.49
N PHE C 470 24.34 -0.98 -12.59
CA PHE C 470 25.76 -1.30 -12.74
C PHE C 470 26.32 -1.93 -11.47
N SER C 471 25.91 -1.43 -10.31
CA SER C 471 26.49 -1.90 -9.05
C SER C 471 26.14 -3.36 -8.80
N ILE C 472 24.85 -3.71 -8.89
CA ILE C 472 24.44 -5.08 -8.60
C ILE C 472 25.01 -6.04 -9.63
N THR C 473 25.09 -5.61 -10.88
CA THR C 473 25.60 -6.49 -11.93
C THR C 473 27.09 -6.73 -11.76
N ILE C 474 27.86 -5.69 -11.41
CA ILE C 474 29.31 -5.85 -11.31
C ILE C 474 29.70 -6.44 -9.96
N VAL C 475 29.01 -6.05 -8.88
CA VAL C 475 29.31 -6.61 -7.58
C VAL C 475 29.03 -8.10 -7.57
N SER C 476 27.91 -8.51 -8.16
CA SER C 476 27.58 -9.94 -8.22
C SER C 476 28.55 -10.69 -9.14
N ALA C 477 29.04 -10.03 -10.19
CA ALA C 477 30.00 -10.69 -11.07
C ALA C 477 31.28 -11.01 -10.33
N MET C 478 31.78 -10.06 -9.53
CA MET C 478 32.98 -10.33 -8.74
C MET C 478 32.73 -11.42 -7.70
N ALA C 479 31.59 -11.33 -7.00
CA ALA C 479 31.32 -12.27 -5.93
C ALA C 479 31.28 -13.70 -6.45
N LEU C 480 30.67 -13.91 -7.62
CA LEU C 480 30.66 -15.24 -8.21
C LEU C 480 31.99 -15.60 -8.85
N SER C 481 32.72 -14.60 -9.38
CA SER C 481 33.97 -14.89 -10.05
C SER C 481 35.01 -15.46 -9.09
N VAL C 482 35.10 -14.89 -7.88
CA VAL C 482 36.07 -15.38 -6.92
C VAL C 482 35.76 -16.83 -6.54
N LEU C 483 34.48 -17.14 -6.33
CA LEU C 483 34.10 -18.52 -6.04
C LEU C 483 34.51 -19.45 -7.17
N VAL C 484 34.15 -19.09 -8.41
CA VAL C 484 34.50 -19.94 -9.54
C VAL C 484 36.01 -19.98 -9.73
N ALA C 485 36.73 -18.98 -9.22
CA ALA C 485 38.18 -19.00 -9.27
C ALA C 485 38.79 -19.73 -8.08
N LEU C 486 37.99 -20.09 -7.08
CA LEU C 486 38.43 -20.92 -5.98
C LEU C 486 37.83 -22.31 -6.00
N ILE C 487 36.74 -22.52 -6.75
CA ILE C 487 36.04 -23.80 -6.80
C ILE C 487 36.34 -24.54 -8.10
N LEU C 488 35.99 -23.95 -9.24
CA LEU C 488 36.12 -24.65 -10.50
C LEU C 488 37.53 -24.57 -11.06
N THR C 489 38.17 -23.40 -10.98
CA THR C 489 39.47 -23.23 -11.61
C THR C 489 40.52 -24.16 -11.02
N PRO C 490 40.68 -24.26 -9.70
CA PRO C 490 41.70 -25.20 -9.18
C PRO C 490 41.43 -26.64 -9.58
N ALA C 491 40.16 -27.06 -9.61
CA ALA C 491 39.84 -28.43 -10.01
C ALA C 491 40.23 -28.69 -11.47
N LEU C 492 39.90 -27.76 -12.36
CA LEU C 492 40.22 -27.94 -13.77
C LEU C 492 41.73 -27.96 -13.98
N CYS C 493 42.46 -27.06 -13.32
CA CYS C 493 43.90 -26.97 -13.54
C CYS C 493 44.60 -28.25 -13.13
N ALA C 494 44.20 -28.82 -11.99
CA ALA C 494 44.91 -30.01 -11.49
C ALA C 494 44.80 -31.18 -12.46
N THR C 495 43.64 -31.39 -13.05
CA THR C 495 43.39 -32.58 -13.86
C THR C 495 43.66 -32.37 -15.35
N MET C 496 43.56 -31.14 -15.84
CA MET C 496 43.61 -30.90 -17.28
C MET C 496 44.93 -30.34 -17.78
N LEU C 497 45.79 -29.82 -16.90
CA LEU C 497 47.06 -29.27 -17.35
C LEU C 497 47.95 -30.38 -17.90
N LYS C 498 48.63 -30.08 -19.00
CA LYS C 498 49.57 -31.02 -19.59
C LYS C 498 50.86 -31.06 -18.78
N PRO C 499 51.66 -32.13 -18.93
CA PRO C 499 52.90 -32.25 -18.17
C PRO C 499 54.06 -31.48 -18.79
N THR C 508 56.76 -20.51 -29.50
CA THR C 508 57.92 -21.32 -29.21
C THR C 508 58.86 -21.37 -30.41
N THR C 509 58.35 -21.88 -31.53
CA THR C 509 59.13 -21.95 -32.76
C THR C 509 58.17 -21.75 -33.93
N GLY C 510 58.23 -20.58 -34.55
CA GLY C 510 57.31 -20.23 -35.62
C GLY C 510 56.85 -18.79 -35.48
N PHE C 511 55.53 -18.58 -35.38
CA PHE C 511 55.02 -17.24 -35.11
C PHE C 511 55.13 -16.93 -33.61
N PHE C 512 54.64 -17.83 -32.76
CA PHE C 512 54.77 -17.63 -31.32
C PHE C 512 56.23 -17.48 -30.93
N GLY C 513 57.12 -18.20 -31.61
CA GLY C 513 58.54 -18.06 -31.30
C GLY C 513 59.02 -16.63 -31.42
N TRP C 514 58.58 -15.92 -32.46
CA TRP C 514 58.90 -14.51 -32.57
C TRP C 514 58.27 -13.72 -31.42
N PHE C 515 57.02 -14.05 -31.06
CA PHE C 515 56.35 -13.33 -29.99
C PHE C 515 57.10 -13.49 -28.67
N ASN C 516 57.43 -14.73 -28.30
CA ASN C 516 58.16 -14.95 -27.06
C ASN C 516 59.53 -14.28 -27.11
N ARG C 517 60.19 -14.35 -28.27
CA ARG C 517 61.48 -13.66 -28.41
C ARG C 517 61.31 -12.16 -28.21
N MET C 518 60.28 -11.57 -28.81
CA MET C 518 60.03 -10.14 -28.62
C MET C 518 59.68 -9.84 -27.18
N PHE C 519 58.82 -10.65 -26.56
CA PHE C 519 58.39 -10.39 -25.19
C PHE C 519 59.52 -10.65 -24.20
N ASP C 520 60.14 -11.83 -24.28
CA ASP C 520 61.21 -12.16 -23.36
C ASP C 520 62.39 -11.22 -23.50
N LYS C 521 62.58 -10.62 -24.68
CA LYS C 521 63.57 -9.58 -24.84
C LYS C 521 63.12 -8.28 -24.18
N SER C 522 61.86 -7.90 -24.35
CA SER C 522 61.39 -6.64 -23.77
C SER C 522 61.40 -6.70 -22.26
N THR C 523 61.20 -7.89 -21.68
CA THR C 523 61.12 -8.00 -20.23
C THR C 523 62.40 -7.55 -19.54
N HIS C 524 63.58 -7.95 -20.03
CA HIS C 524 64.82 -7.50 -19.42
C HIS C 524 65.13 -6.05 -19.77
N HIS C 525 64.67 -5.56 -20.93
CA HIS C 525 64.72 -4.13 -21.18
C HIS C 525 63.77 -3.36 -20.28
N TYR C 526 62.81 -4.05 -19.65
CA TYR C 526 61.86 -3.41 -18.75
C TYR C 526 62.36 -3.43 -17.31
N THR C 527 62.65 -4.63 -16.79
CA THR C 527 63.11 -4.73 -15.41
C THR C 527 64.40 -3.95 -15.20
N ASP C 528 65.34 -4.05 -16.14
CA ASP C 528 66.55 -3.25 -16.05
C ASP C 528 66.24 -1.77 -16.10
N SER C 529 65.34 -1.36 -17.00
CA SER C 529 64.96 0.05 -17.09
C SER C 529 64.30 0.53 -15.80
N VAL C 530 63.40 -0.27 -15.24
CA VAL C 530 62.74 0.13 -13.99
C VAL C 530 63.76 0.32 -12.89
N GLY C 531 64.84 -0.46 -12.91
CA GLY C 531 65.87 -0.30 -11.91
C GLY C 531 66.44 1.10 -11.88
N ASN C 532 66.66 1.68 -13.06
CA ASN C 532 67.15 3.07 -13.13
C ASN C 532 66.13 4.03 -12.54
N ILE C 533 64.84 3.74 -12.71
CA ILE C 533 63.80 4.63 -12.21
C ILE C 533 63.86 4.71 -10.69
N LEU C 534 63.98 3.55 -10.03
CA LEU C 534 63.95 3.49 -8.58
C LEU C 534 65.16 4.14 -7.94
N ARG C 535 66.21 4.41 -8.72
CA ARG C 535 67.40 5.07 -8.17
C ARG C 535 67.14 6.56 -7.96
N SER C 536 66.88 7.28 -9.05
CA SER C 536 66.56 8.71 -8.98
C SER C 536 65.05 8.91 -9.03
N THR C 537 64.40 8.49 -7.94
CA THR C 537 62.95 8.63 -7.85
C THR C 537 62.51 10.09 -7.83
N GLY C 538 63.42 11.01 -7.54
CA GLY C 538 63.03 12.40 -7.44
C GLY C 538 62.49 12.95 -8.76
N ARG C 539 63.18 12.65 -9.85
CA ARG C 539 62.79 13.22 -11.14
C ARG C 539 61.48 12.62 -11.63
N TYR C 540 61.22 11.35 -11.31
CA TYR C 540 59.98 10.68 -11.71
C TYR C 540 58.87 10.83 -10.68
N LEU C 541 58.95 11.84 -9.81
CA LEU C 541 57.82 12.28 -9.01
C LEU C 541 57.30 13.65 -9.44
N VAL C 542 58.16 14.49 -9.99
CA VAL C 542 57.69 15.74 -10.59
C VAL C 542 56.77 15.45 -11.76
N LEU C 543 57.08 14.39 -12.52
CA LEU C 543 56.20 14.01 -13.62
C LEU C 543 54.81 13.66 -13.12
N TYR C 544 54.73 12.95 -12.00
CA TYR C 544 53.42 12.62 -11.44
C TYR C 544 52.63 13.88 -11.12
N LEU C 545 53.28 14.87 -10.50
CA LEU C 545 52.60 16.13 -10.21
C LEU C 545 52.13 16.80 -11.50
N ILE C 546 52.85 16.59 -12.60
CA ILE C 546 52.39 17.09 -13.88
C ILE C 546 51.18 16.30 -14.35
N ILE C 547 51.19 14.97 -14.14
CA ILE C 547 50.06 14.14 -14.51
C ILE C 547 48.83 14.53 -13.71
N VAL C 548 48.99 14.70 -12.39
CA VAL C 548 47.86 15.00 -11.53
C VAL C 548 47.25 16.35 -11.92
N VAL C 549 48.09 17.36 -12.11
CA VAL C 549 47.60 18.67 -12.54
C VAL C 549 46.95 18.56 -13.92
N GLY C 550 47.58 17.82 -14.83
CA GLY C 550 46.97 17.61 -16.13
C GLY C 550 45.62 16.93 -16.04
N MET C 551 45.48 15.98 -15.12
CA MET C 551 44.20 15.32 -14.93
C MET C 551 43.12 16.31 -14.50
N ALA C 552 43.46 17.21 -13.57
CA ALA C 552 42.49 18.22 -13.14
C ALA C 552 42.15 19.17 -14.28
N TRP C 553 43.14 19.56 -15.07
CA TRP C 553 42.90 20.51 -16.15
C TRP C 553 41.94 19.93 -17.18
N LEU C 554 42.10 18.66 -17.51
CA LEU C 554 41.22 18.04 -18.51
C LEU C 554 39.82 17.84 -17.96
N PHE C 555 39.71 17.48 -16.67
CA PHE C 555 38.40 17.21 -16.09
C PHE C 555 37.50 18.44 -16.13
N VAL C 556 38.04 19.59 -15.74
CA VAL C 556 37.25 20.81 -15.71
C VAL C 556 36.89 21.25 -17.14
N ARG C 557 37.80 21.05 -18.08
CA ARG C 557 37.57 21.44 -19.46
C ARG C 557 36.57 20.54 -20.18
N LEU C 558 36.20 19.41 -19.58
CA LEU C 558 35.29 18.48 -20.25
C LEU C 558 33.84 18.95 -20.08
N PRO C 559 33.07 19.07 -21.17
CA PRO C 559 31.65 19.43 -21.01
C PRO C 559 30.87 18.35 -20.30
N SER C 560 29.57 18.55 -20.11
CA SER C 560 28.74 17.61 -19.36
C SER C 560 27.39 17.45 -20.05
N SER C 561 26.71 16.37 -19.71
CA SER C 561 25.37 16.07 -20.18
C SER C 561 24.79 14.99 -19.29
N PHE C 562 23.64 14.43 -19.69
CA PHE C 562 22.96 13.41 -18.89
C PHE C 562 22.97 12.05 -19.55
N LEU C 563 22.46 11.94 -20.78
CA LEU C 563 22.40 10.65 -21.46
C LEU C 563 22.51 10.89 -22.96
N PRO C 564 23.41 10.19 -23.66
CA PRO C 564 23.54 10.42 -25.11
C PRO C 564 22.24 10.11 -25.84
N ASP C 565 21.97 10.89 -26.87
CA ASP C 565 20.81 10.66 -27.72
C ASP C 565 21.10 9.56 -28.73
N GLU C 566 20.09 8.75 -29.01
CA GLU C 566 20.23 7.60 -29.89
C GLU C 566 19.16 7.67 -30.98
N ASP C 567 19.50 7.13 -32.15
CA ASP C 567 18.56 7.09 -33.27
C ASP C 567 17.48 6.05 -32.99
N GLN C 568 16.36 6.49 -32.44
CA GLN C 568 15.30 5.60 -32.03
C GLN C 568 14.38 5.17 -33.17
N GLY C 569 14.65 5.63 -34.39
CA GLY C 569 13.85 5.27 -35.54
C GLY C 569 12.68 6.19 -35.81
N VAL C 570 12.40 7.13 -34.91
CA VAL C 570 11.30 8.07 -35.07
C VAL C 570 11.76 9.45 -34.59
N PHE C 571 11.03 10.47 -35.01
CA PHE C 571 11.31 11.84 -34.58
C PHE C 571 10.05 12.66 -34.76
N LEU C 572 9.62 13.32 -33.69
CA LEU C 572 8.40 14.10 -33.69
C LEU C 572 8.61 15.41 -34.45
N SER C 573 7.53 16.19 -34.56
CA SER C 573 7.61 17.53 -35.13
C SER C 573 6.33 18.31 -34.84
N MET C 574 6.47 19.51 -34.31
CA MET C 574 5.34 20.35 -33.96
C MET C 574 5.15 21.44 -35.02
N ALA C 575 4.04 22.15 -34.91
CA ALA C 575 3.76 23.26 -35.81
C ALA C 575 2.75 24.19 -35.14
N GLN C 576 3.19 25.38 -34.77
CA GLN C 576 2.35 26.39 -34.16
C GLN C 576 2.18 27.56 -35.12
N LEU C 577 0.94 28.00 -35.30
CA LEU C 577 0.61 29.16 -36.11
C LEU C 577 0.38 30.37 -35.23
N PRO C 578 0.35 31.57 -35.82
CA PRO C 578 0.07 32.76 -35.01
C PRO C 578 -1.28 32.66 -34.33
N ALA C 579 -1.35 33.22 -33.13
CA ALA C 579 -2.57 33.14 -32.34
C ALA C 579 -3.77 33.60 -33.16
N GLY C 580 -4.83 32.80 -33.14
CA GLY C 580 -6.03 33.07 -33.90
C GLY C 580 -6.11 32.35 -35.23
N ALA C 581 -5.18 31.46 -35.54
CA ALA C 581 -5.23 30.72 -36.78
C ALA C 581 -6.27 29.61 -36.68
N THR C 582 -7.12 29.51 -37.69
CA THR C 582 -8.21 28.54 -37.68
C THR C 582 -7.66 27.15 -38.03
N GLN C 583 -8.56 26.18 -38.18
CA GLN C 583 -8.13 24.81 -38.46
C GLN C 583 -7.57 24.69 -39.88
N GLU C 584 -8.19 25.38 -40.84
CA GLU C 584 -7.74 25.25 -42.23
C GLU C 584 -6.30 25.72 -42.39
N ARG C 585 -5.95 26.84 -41.77
CA ARG C 585 -4.59 27.36 -41.90
C ARG C 585 -3.57 26.37 -41.36
N THR C 586 -3.84 25.77 -40.20
CA THR C 586 -2.94 24.75 -39.67
C THR C 586 -2.89 23.54 -40.60
N GLN C 587 -4.03 23.11 -41.11
CA GLN C 587 -4.05 21.95 -42.00
C GLN C 587 -3.25 22.21 -43.26
N LYS C 588 -3.28 23.44 -43.77
CA LYS C 588 -2.48 23.78 -44.95
C LYS C 588 -1.00 23.62 -44.64
N VAL C 589 -0.57 24.06 -43.46
CA VAL C 589 0.83 23.93 -43.08
C VAL C 589 1.19 22.45 -42.89
N LEU C 590 0.35 21.71 -42.17
CA LEU C 590 0.65 20.31 -41.90
C LEU C 590 0.71 19.49 -43.19
N ASP C 591 0.05 19.96 -44.25
CA ASP C 591 0.20 19.33 -45.56
C ASP C 591 1.47 19.77 -46.26
N GLU C 592 2.10 20.85 -45.79
CA GLU C 592 3.40 21.28 -46.30
C GLU C 592 4.56 20.70 -45.50
N MET C 593 4.27 19.95 -44.44
CA MET C 593 5.27 19.18 -43.71
C MET C 593 5.26 17.71 -44.13
N THR C 594 4.11 17.06 -44.09
CA THR C 594 3.99 15.69 -44.54
C THR C 594 4.10 15.54 -46.05
N ASN C 595 4.31 16.64 -46.78
CA ASN C 595 4.64 16.58 -48.19
C ASN C 595 6.13 16.80 -48.45
N TYR C 596 6.84 17.40 -47.51
CA TYR C 596 8.30 17.51 -47.62
C TYR C 596 8.98 16.21 -47.19
N TYR C 597 8.46 15.57 -46.15
CA TYR C 597 9.06 14.32 -45.68
C TYR C 597 9.01 13.24 -46.75
N LEU C 598 7.88 13.13 -47.44
CA LEU C 598 7.68 12.06 -48.42
C LEU C 598 8.11 12.46 -49.82
N THR C 599 8.64 13.67 -50.01
CA THR C 599 9.14 14.09 -51.31
C THR C 599 10.65 14.33 -51.28
N LYS C 600 11.13 15.18 -50.38
CA LYS C 600 12.56 15.45 -50.26
C LYS C 600 13.28 14.49 -49.33
N GLU C 601 12.55 13.64 -48.61
CA GLU C 601 13.13 12.71 -47.65
C GLU C 601 12.51 11.33 -47.81
N LYS C 602 12.24 10.93 -49.05
CA LYS C 602 11.59 9.64 -49.30
C LYS C 602 12.52 8.47 -49.01
N ASP C 603 13.83 8.71 -48.89
CA ASP C 603 14.78 7.63 -48.66
C ASP C 603 14.83 7.17 -47.21
N ASN C 604 14.24 7.92 -46.29
CA ASN C 604 14.31 7.59 -44.87
C ASN C 604 12.95 7.52 -44.20
N VAL C 605 12.02 8.38 -44.58
CA VAL C 605 10.72 8.48 -43.91
C VAL C 605 9.76 7.46 -44.52
N GLU C 606 9.12 6.67 -43.66
CA GLU C 606 8.19 5.64 -44.08
C GLU C 606 6.73 6.07 -43.96
N SER C 607 6.38 6.80 -42.89
CA SER C 607 5.01 7.22 -42.69
C SER C 607 4.99 8.46 -41.80
N VAL C 608 3.98 9.30 -42.01
CA VAL C 608 3.79 10.53 -41.24
C VAL C 608 2.35 10.56 -40.77
N PHE C 609 2.15 10.58 -39.45
CA PHE C 609 0.82 10.63 -38.85
C PHE C 609 0.54 12.07 -38.43
N ALA C 610 0.24 12.91 -39.42
CA ALA C 610 -0.01 14.32 -39.17
C ALA C 610 -1.34 14.50 -38.47
N VAL C 611 -1.31 14.80 -37.17
CA VAL C 611 -2.50 15.05 -36.37
C VAL C 611 -2.70 16.55 -36.26
N ASN C 612 -3.89 17.02 -36.59
CA ASN C 612 -4.21 18.44 -36.52
C ASN C 612 -5.01 18.71 -35.24
N GLY C 613 -4.92 19.95 -34.77
CA GLY C 613 -5.65 20.35 -33.58
C GLY C 613 -5.14 19.74 -32.30
N PHE C 614 -3.97 19.11 -32.31
CA PHE C 614 -3.40 18.47 -31.14
C PHE C 614 -1.96 18.94 -30.97
N GLY C 615 -1.50 18.99 -29.72
CA GLY C 615 -0.15 19.45 -29.45
C GLY C 615 0.28 19.10 -28.05
N PHE C 616 1.60 19.10 -27.86
CA PHE C 616 2.16 18.82 -26.54
C PHE C 616 2.01 19.98 -25.58
N ALA C 617 1.91 21.22 -26.09
CA ALA C 617 1.83 22.42 -25.27
C ALA C 617 0.41 22.94 -25.18
N GLY C 618 -0.56 22.06 -25.10
CA GLY C 618 -1.96 22.45 -25.04
C GLY C 618 -2.64 22.30 -26.40
N ARG C 619 -3.95 22.13 -26.35
CA ARG C 619 -4.73 21.91 -27.56
C ARG C 619 -4.98 23.26 -28.24
N GLY C 620 -5.81 23.24 -29.27
CA GLY C 620 -6.17 24.46 -30.00
C GLY C 620 -6.22 24.19 -31.49
N GLN C 621 -6.87 25.10 -32.21
CA GLN C 621 -6.97 24.99 -33.66
C GLN C 621 -5.70 25.44 -34.36
N ASN C 622 -4.84 26.21 -33.69
CA ASN C 622 -3.64 26.76 -34.30
C ASN C 622 -2.40 25.94 -34.01
N THR C 623 -2.55 24.78 -33.39
CA THR C 623 -1.42 23.93 -33.00
C THR C 623 -1.55 22.59 -33.71
N GLY C 624 -0.48 22.18 -34.39
CA GLY C 624 -0.43 20.90 -35.06
C GLY C 624 0.63 19.99 -34.47
N ILE C 625 0.71 18.79 -35.04
CA ILE C 625 1.71 17.81 -34.64
C ILE C 625 1.78 16.74 -35.72
N ALA C 626 2.94 16.10 -35.85
CA ALA C 626 3.13 15.10 -36.90
C ALA C 626 4.23 14.14 -36.46
N PHE C 627 3.83 12.93 -36.08
CA PHE C 627 4.81 11.88 -35.83
C PHE C 627 5.51 11.50 -37.14
N VAL C 628 6.61 10.77 -37.01
CA VAL C 628 7.33 10.27 -38.17
C VAL C 628 7.99 8.95 -37.80
N SER C 629 7.92 8.00 -38.73
CA SER C 629 8.55 6.69 -38.55
C SER C 629 9.50 6.46 -39.70
N LEU C 630 10.80 6.41 -39.39
CA LEU C 630 11.81 6.21 -40.42
C LEU C 630 11.89 4.73 -40.80
N LYS C 631 12.59 4.47 -41.91
CA LYS C 631 12.77 3.11 -42.38
C LYS C 631 13.71 2.36 -41.44
N ASP C 632 13.76 1.04 -41.64
CA ASP C 632 14.59 0.20 -40.79
C ASP C 632 16.06 0.58 -40.93
N TRP C 633 16.82 0.40 -39.85
CA TRP C 633 18.21 0.84 -39.83
C TRP C 633 19.01 0.24 -40.97
N SER C 634 18.66 -0.98 -41.39
CA SER C 634 19.39 -1.62 -42.48
C SER C 634 19.25 -0.85 -43.79
N GLN C 635 18.22 -0.02 -43.92
CA GLN C 635 17.99 0.77 -45.11
C GLN C 635 18.43 2.22 -44.94
N ARG C 636 19.15 2.54 -43.87
CA ARG C 636 19.63 3.90 -43.61
C ARG C 636 21.11 3.85 -43.29
N PRO C 637 21.94 3.53 -44.28
CA PRO C 637 23.39 3.53 -44.06
C PRO C 637 23.97 4.93 -44.04
N GLY C 638 25.11 5.05 -43.36
CA GLY C 638 25.82 6.31 -43.30
C GLY C 638 25.43 7.14 -42.09
N GLU C 639 26.11 8.28 -41.97
CA GLU C 639 25.86 9.21 -40.86
C GLU C 639 24.91 10.33 -41.23
N GLU C 640 24.68 10.57 -42.52
CA GLU C 640 23.78 11.62 -42.96
C GLU C 640 22.33 11.17 -43.10
N ASN C 641 22.05 9.90 -42.78
CA ASN C 641 20.70 9.35 -42.90
C ASN C 641 20.16 8.88 -41.56
N LYS C 642 20.75 9.32 -40.46
CA LYS C 642 20.24 9.01 -39.13
C LYS C 642 19.25 10.08 -38.69
N VAL C 643 18.75 9.95 -37.46
CA VAL C 643 17.75 10.90 -36.97
C VAL C 643 18.38 12.27 -36.76
N GLU C 644 19.58 12.32 -36.19
CA GLU C 644 20.22 13.61 -35.93
C GLU C 644 20.47 14.37 -37.22
N ALA C 645 20.94 13.68 -38.26
CA ALA C 645 21.18 14.35 -39.54
C ALA C 645 19.87 14.81 -40.18
N ILE C 646 18.83 13.98 -40.10
CA ILE C 646 17.58 14.30 -40.78
C ILE C 646 16.96 15.57 -40.18
N THR C 647 16.84 15.61 -38.85
CA THR C 647 16.21 16.76 -38.21
C THR C 647 17.00 18.04 -38.48
N ALA C 648 18.32 17.94 -38.65
CA ALA C 648 19.10 19.11 -39.02
C ALA C 648 18.76 19.56 -40.44
N ARG C 649 18.65 18.61 -41.37
CA ARG C 649 18.24 18.96 -42.74
C ARG C 649 16.81 19.47 -42.76
N ALA C 650 15.91 18.82 -42.01
CA ALA C 650 14.52 19.27 -41.97
C ALA C 650 14.42 20.68 -41.41
N MET C 651 15.04 20.92 -40.25
CA MET C 651 14.99 22.25 -39.65
C MET C 651 15.59 23.29 -40.59
N GLY C 652 16.48 22.87 -41.48
CA GLY C 652 17.04 23.81 -42.45
C GLY C 652 15.99 24.36 -43.40
N TYR C 653 14.91 23.62 -43.61
CA TYR C 653 13.84 24.07 -44.49
C TYR C 653 12.65 24.61 -43.71
N PHE C 654 12.31 23.98 -42.58
CA PHE C 654 11.16 24.45 -41.82
C PHE C 654 11.38 25.85 -41.26
N SER C 655 12.61 26.15 -40.84
CA SER C 655 12.90 27.47 -40.31
C SER C 655 12.61 28.57 -41.31
N GLN C 656 12.61 28.25 -42.61
CA GLN C 656 12.30 29.23 -43.64
C GLN C 656 10.82 29.31 -43.97
N ILE C 657 9.98 28.50 -43.34
CA ILE C 657 8.55 28.54 -43.59
C ILE C 657 7.94 29.69 -42.79
N LYS C 658 7.18 30.54 -43.46
CA LYS C 658 6.50 31.65 -42.82
C LYS C 658 5.06 31.27 -42.47
N ASP C 659 4.51 32.01 -41.50
CA ASP C 659 3.16 31.81 -40.98
C ASP C 659 3.07 30.61 -40.06
N ALA C 660 4.19 30.00 -39.69
CA ALA C 660 4.17 28.86 -38.78
C ALA C 660 5.56 28.54 -38.26
N MET C 661 5.70 28.39 -36.95
CA MET C 661 6.97 28.02 -36.33
C MET C 661 7.01 26.49 -36.26
N VAL C 662 7.51 25.87 -37.33
CA VAL C 662 7.57 24.43 -37.42
C VAL C 662 8.90 23.96 -36.81
N PHE C 663 8.81 23.03 -35.87
CA PHE C 663 9.97 22.50 -35.17
C PHE C 663 10.01 20.99 -35.30
N ALA C 664 11.18 20.45 -35.64
CA ALA C 664 11.41 19.02 -35.66
C ALA C 664 12.51 18.69 -34.64
N PHE C 665 12.26 17.68 -33.82
CA PHE C 665 13.19 17.35 -32.75
C PHE C 665 13.16 15.86 -32.48
N ASN C 666 14.22 15.37 -31.84
CA ASN C 666 14.37 13.97 -31.51
C ASN C 666 13.77 13.69 -30.14
N LEU C 667 13.46 12.41 -29.89
CA LEU C 667 12.90 12.01 -28.62
C LEU C 667 13.96 12.11 -27.52
N PRO C 668 13.53 12.32 -26.28
CA PRO C 668 14.48 12.36 -25.16
C PRO C 668 14.91 10.96 -24.73
N ALA C 669 16.03 10.93 -24.01
CA ALA C 669 16.55 9.65 -23.53
C ALA C 669 15.55 8.97 -22.60
N ILE C 670 14.94 9.73 -21.70
CA ILE C 670 13.93 9.21 -20.78
C ILE C 670 12.59 9.70 -21.34
N VAL C 671 11.93 8.84 -22.13
CA VAL C 671 10.68 9.23 -22.77
C VAL C 671 9.63 9.60 -21.74
N GLU C 672 9.73 9.05 -20.52
CA GLU C 672 8.73 9.34 -19.50
C GLU C 672 8.71 10.81 -19.11
N LEU C 673 9.89 11.41 -19.00
CA LEU C 673 9.99 12.76 -18.41
C LEU C 673 9.62 13.84 -19.42
N GLY C 674 10.39 13.95 -20.50
CA GLY C 674 10.22 15.04 -21.44
C GLY C 674 9.59 14.64 -22.75
N THR C 675 9.16 15.63 -23.52
CA THR C 675 8.60 15.41 -24.86
C THR C 675 9.55 15.81 -25.97
N ALA C 676 10.74 16.30 -25.64
CA ALA C 676 11.70 16.72 -26.65
C ALA C 676 13.10 16.69 -26.07
N THR C 677 14.06 16.28 -26.89
CA THR C 677 15.45 16.26 -26.45
C THR C 677 15.97 17.67 -26.24
N GLY C 678 16.89 17.79 -25.29
CA GLY C 678 17.45 19.08 -24.94
C GLY C 678 17.30 19.39 -23.47
N PHE C 679 16.78 20.58 -23.16
CA PHE C 679 16.56 21.01 -21.79
C PHE C 679 15.12 21.46 -21.63
N ASP C 680 14.74 21.79 -20.40
CA ASP C 680 13.39 22.26 -20.06
C ASP C 680 13.55 23.43 -19.10
N PHE C 681 13.58 24.64 -19.67
CA PHE C 681 13.80 25.86 -18.89
C PHE C 681 12.48 26.42 -18.41
N GLU C 682 12.40 26.71 -17.12
CA GLU C 682 11.24 27.34 -16.50
C GLU C 682 11.61 28.74 -16.06
N LEU C 683 10.99 29.75 -16.67
CA LEU C 683 11.28 31.15 -16.36
C LEU C 683 10.29 31.61 -15.29
N ILE C 684 10.51 31.12 -14.07
CA ILE C 684 9.62 31.42 -12.97
C ILE C 684 9.61 32.91 -12.67
N ASP C 685 8.48 33.41 -12.21
CA ASP C 685 8.34 34.77 -11.72
C ASP C 685 8.21 34.73 -10.20
N GLN C 686 9.05 35.49 -9.50
CA GLN C 686 9.10 35.48 -8.04
C GLN C 686 9.17 36.89 -7.51
N GLY C 687 8.40 37.80 -8.08
CA GLY C 687 8.34 39.17 -7.60
C GLY C 687 6.97 39.78 -7.71
N GLY C 688 5.97 38.96 -8.00
CA GLY C 688 4.61 39.48 -8.20
C GLY C 688 4.53 40.46 -9.33
N LEU C 689 5.29 40.24 -10.40
CA LEU C 689 5.35 41.20 -11.50
C LEU C 689 4.11 41.12 -12.39
N GLY C 690 3.45 39.96 -12.45
CA GLY C 690 2.30 39.79 -13.31
C GLY C 690 2.68 39.19 -14.65
N HIS C 691 1.66 38.67 -15.34
CA HIS C 691 1.89 37.99 -16.61
C HIS C 691 2.49 38.94 -17.64
N GLU C 692 1.98 40.16 -17.73
CA GLU C 692 2.42 41.08 -18.77
C GLU C 692 3.90 41.38 -18.63
N LYS C 693 4.36 41.68 -17.41
CA LYS C 693 5.78 41.94 -17.19
C LYS C 693 6.60 40.68 -17.45
N LEU C 694 6.10 39.53 -17.01
CA LEU C 694 6.84 38.29 -17.20
C LEU C 694 7.03 37.99 -18.68
N THR C 695 5.97 38.15 -19.48
CA THR C 695 6.09 37.93 -20.92
C THR C 695 7.04 38.92 -21.57
N GLN C 696 7.28 40.07 -20.92
CA GLN C 696 8.27 41.00 -21.42
C GLN C 696 9.69 40.51 -21.20
N ALA C 697 9.88 39.53 -20.30
CA ALA C 697 11.20 38.96 -20.07
C ALA C 697 11.51 37.86 -21.08
N ARG C 698 10.56 36.95 -21.29
CA ARG C 698 10.76 35.90 -22.29
C ARG C 698 11.10 36.49 -23.65
N ASN C 699 10.31 37.46 -24.09
CA ASN C 699 10.61 38.14 -25.35
C ASN C 699 12.01 38.75 -25.31
N GLN C 700 12.40 39.29 -24.16
CA GLN C 700 13.76 39.79 -24.00
C GLN C 700 14.77 38.65 -24.03
N LEU C 701 14.42 37.50 -23.45
CA LEU C 701 15.35 36.38 -23.41
C LEU C 701 15.68 35.90 -24.82
N PHE C 702 14.67 35.63 -25.63
CA PHE C 702 14.91 35.24 -27.01
C PHE C 702 15.64 36.33 -27.78
N GLY C 703 15.52 37.58 -27.35
CA GLY C 703 16.32 38.65 -27.94
C GLY C 703 17.80 38.43 -27.69
N MET C 704 18.16 38.01 -26.48
CA MET C 704 19.56 37.76 -26.14
C MET C 704 20.06 36.46 -26.75
N VAL C 705 19.19 35.43 -26.80
CA VAL C 705 19.63 34.12 -27.29
C VAL C 705 20.09 34.22 -28.73
N ALA C 706 19.44 35.05 -29.53
CA ALA C 706 19.78 35.15 -30.94
C ALA C 706 21.24 35.52 -31.17
N GLN C 707 21.86 36.23 -30.22
CA GLN C 707 23.27 36.58 -30.34
C GLN C 707 24.19 35.40 -30.05
N HIS C 708 23.66 34.28 -29.60
CA HIS C 708 24.45 33.07 -29.32
C HIS C 708 23.83 31.90 -30.06
N PRO C 709 23.90 31.90 -31.39
CA PRO C 709 23.37 30.77 -32.16
C PRO C 709 24.30 29.58 -32.23
N ASP C 710 25.57 29.74 -31.88
CA ASP C 710 26.52 28.64 -31.93
C ASP C 710 26.42 27.70 -30.73
N VAL C 711 25.63 28.06 -29.72
CA VAL C 711 25.43 27.23 -28.54
C VAL C 711 23.99 26.75 -28.44
N LEU C 712 23.03 27.65 -28.64
CA LEU C 712 21.61 27.33 -28.52
C LEU C 712 20.98 27.31 -29.90
N THR C 713 20.24 26.23 -30.18
CA THR C 713 19.50 26.11 -31.44
C THR C 713 18.10 25.57 -31.13
N GLY C 714 17.11 26.09 -31.84
CA GLY C 714 15.75 25.63 -31.66
C GLY C 714 15.10 26.06 -30.36
N VAL C 715 15.56 27.15 -29.76
CA VAL C 715 14.97 27.63 -28.51
C VAL C 715 13.54 28.09 -28.83
N ARG C 716 12.56 27.39 -28.25
CA ARG C 716 11.16 27.69 -28.49
C ARG C 716 10.40 27.70 -27.18
N PRO C 717 9.33 28.48 -27.07
CA PRO C 717 8.43 28.34 -25.93
C PRO C 717 7.56 27.11 -26.05
N ASN C 718 7.02 26.68 -24.92
CA ASN C 718 6.18 25.49 -24.85
C ASN C 718 4.79 25.88 -24.33
N GLY C 719 4.25 26.97 -24.88
CA GLY C 719 2.93 27.42 -24.53
C GLY C 719 2.24 28.09 -25.70
N LEU C 720 1.18 28.86 -25.40
CA LEU C 720 0.41 29.56 -26.43
C LEU C 720 0.48 31.05 -26.14
N GLU C 721 0.73 31.83 -27.19
CA GLU C 721 0.85 33.28 -27.06
C GLU C 721 -0.52 33.91 -26.85
N ASP C 722 -0.52 35.21 -26.56
CA ASP C 722 -1.76 35.93 -26.32
C ASP C 722 -2.65 35.86 -27.55
N THR C 723 -3.96 35.70 -27.33
CA THR C 723 -4.92 35.56 -28.40
C THR C 723 -6.07 36.53 -28.18
N PRO C 724 -6.74 36.96 -29.26
CA PRO C 724 -7.92 37.81 -29.10
C PRO C 724 -9.05 37.07 -28.42
N GLN C 725 -9.91 37.84 -27.74
CA GLN C 725 -11.10 37.30 -27.11
C GLN C 725 -12.28 38.22 -27.40
N PHE C 726 -13.46 37.62 -27.53
CA PHE C 726 -14.67 38.32 -27.94
C PHE C 726 -15.60 38.39 -26.74
N LYS C 727 -15.57 39.51 -26.02
CA LYS C 727 -16.43 39.70 -24.87
C LYS C 727 -17.82 40.16 -25.30
N ILE C 728 -18.83 39.53 -24.72
CA ILE C 728 -20.23 39.91 -24.95
C ILE C 728 -20.75 40.46 -23.63
N ASP C 729 -20.81 41.78 -23.51
CA ASP C 729 -21.32 42.43 -22.30
C ASP C 729 -22.84 42.39 -22.36
N ILE C 730 -23.44 41.50 -21.56
CA ILE C 730 -24.88 41.32 -21.53
C ILE C 730 -25.44 42.31 -20.54
N ASP C 731 -26.00 43.41 -21.04
CA ASP C 731 -26.63 44.41 -20.19
C ASP C 731 -27.78 43.77 -19.41
N GLN C 732 -27.62 43.68 -18.08
CA GLN C 732 -28.64 43.02 -17.27
C GLN C 732 -29.88 43.87 -17.09
N GLU C 733 -29.72 45.19 -16.95
CA GLU C 733 -30.88 46.05 -16.75
C GLU C 733 -31.79 46.02 -17.97
N LYS C 734 -31.20 46.04 -19.16
CA LYS C 734 -32.01 45.97 -20.39
C LYS C 734 -32.72 44.63 -20.51
N ALA C 735 -32.06 43.53 -20.11
CA ALA C 735 -32.65 42.21 -20.27
C ALA C 735 -34.02 42.12 -19.63
N GLN C 736 -34.12 42.51 -18.36
CA GLN C 736 -35.41 42.49 -17.69
C GLN C 736 -36.35 43.54 -18.26
N ALA C 737 -35.82 44.69 -18.70
CA ALA C 737 -36.68 45.74 -19.24
C ALA C 737 -37.42 45.27 -20.48
N LEU C 738 -36.85 44.34 -21.24
CA LEU C 738 -37.49 43.77 -22.41
C LEU C 738 -38.24 42.49 -22.12
N GLY C 739 -38.33 42.09 -20.85
CA GLY C 739 -39.07 40.90 -20.48
C GLY C 739 -38.48 39.60 -21.00
N VAL C 740 -37.17 39.44 -20.91
CA VAL C 740 -36.49 38.20 -21.28
C VAL C 740 -35.68 37.74 -20.07
N SER C 741 -35.93 36.51 -19.62
CA SER C 741 -35.23 35.98 -18.47
C SER C 741 -33.76 35.77 -18.78
N ILE C 742 -32.90 36.07 -17.81
CA ILE C 742 -31.47 35.87 -18.00
C ILE C 742 -31.13 34.39 -18.14
N SER C 743 -32.02 33.50 -17.72
CA SER C 743 -31.79 32.07 -17.91
C SER C 743 -31.77 31.71 -19.39
N ASP C 744 -32.72 32.25 -20.16
CA ASP C 744 -32.76 31.97 -21.59
C ASP C 744 -31.52 32.52 -22.28
N ILE C 745 -31.09 33.73 -21.90
CA ILE C 745 -29.94 34.35 -22.55
C ILE C 745 -28.71 33.48 -22.39
N ASN C 746 -28.52 32.89 -21.21
CA ASN C 746 -27.34 32.07 -20.96
C ASN C 746 -27.42 30.74 -21.70
N THR C 747 -28.60 30.11 -21.71
CA THR C 747 -28.74 28.82 -22.39
C THR C 747 -28.64 28.97 -23.90
N THR C 748 -29.35 29.94 -24.47
CA THR C 748 -29.35 30.10 -25.91
C THR C 748 -27.96 30.46 -26.43
N LEU C 749 -27.23 31.32 -25.72
CA LEU C 749 -25.88 31.68 -26.12
C LEU C 749 -24.95 30.49 -26.02
N GLY C 750 -24.99 29.78 -24.89
CA GLY C 750 -24.10 28.63 -24.72
C GLY C 750 -24.43 27.51 -25.68
N ALA C 751 -25.71 27.20 -25.83
CA ALA C 751 -26.11 26.10 -26.71
C ALA C 751 -25.84 26.45 -28.17
N ALA C 752 -26.18 27.67 -28.59
CA ALA C 752 -26.04 28.04 -29.99
C ALA C 752 -24.58 28.04 -30.42
N TRP C 753 -23.73 28.76 -29.69
CA TRP C 753 -22.36 28.98 -30.13
C TRP C 753 -21.39 27.91 -29.63
N GLY C 754 -21.49 27.52 -28.37
CA GLY C 754 -20.55 26.57 -27.82
C GLY C 754 -20.96 25.12 -27.95
N GLY C 755 -22.24 24.88 -28.23
CA GLY C 755 -22.74 23.53 -28.30
C GLY C 755 -23.03 22.98 -26.93
N SER C 756 -24.20 22.36 -26.76
CA SER C 756 -24.64 21.89 -25.45
C SER C 756 -24.84 20.38 -25.48
N TYR C 757 -24.56 19.74 -24.35
CA TYR C 757 -24.75 18.30 -24.20
C TYR C 757 -26.06 18.08 -23.46
N VAL C 758 -27.00 17.37 -24.11
CA VAL C 758 -28.35 17.25 -23.60
C VAL C 758 -28.51 15.94 -22.83
N ASN C 759 -28.34 14.81 -23.51
CA ASN C 759 -28.50 13.50 -22.88
C ASN C 759 -28.06 12.44 -23.87
N ASP C 760 -27.80 11.25 -23.35
CA ASP C 760 -27.30 10.15 -24.16
C ASP C 760 -28.42 9.53 -25.00
N PHE C 761 -28.01 8.74 -25.99
CA PHE C 761 -28.93 7.96 -26.80
C PHE C 761 -28.23 6.67 -27.19
N ILE C 762 -29.03 5.67 -27.54
CA ILE C 762 -28.53 4.33 -27.81
C ILE C 762 -28.31 4.18 -29.31
N ASP C 763 -27.09 3.85 -29.71
CA ASP C 763 -26.72 3.67 -31.11
C ASP C 763 -26.01 2.34 -31.26
N ARG C 764 -26.67 1.39 -31.95
CA ARG C 764 -26.08 0.08 -32.19
C ARG C 764 -25.62 -0.58 -30.90
N GLY C 765 -26.43 -0.43 -29.85
CA GLY C 765 -26.13 -1.06 -28.58
C GLY C 765 -25.08 -0.36 -27.75
N ARG C 766 -24.70 0.87 -28.10
CA ARG C 766 -23.71 1.63 -27.35
C ARG C 766 -24.29 2.99 -26.99
N VAL C 767 -23.85 3.52 -25.85
CA VAL C 767 -24.36 4.79 -25.33
C VAL C 767 -23.51 5.92 -25.89
N LYS C 768 -24.15 6.85 -26.59
CA LYS C 768 -23.47 7.99 -27.19
C LYS C 768 -24.24 9.27 -26.88
N LYS C 769 -23.52 10.38 -26.85
CA LYS C 769 -24.10 11.65 -26.45
C LYS C 769 -24.90 12.27 -27.59
N VAL C 770 -25.78 13.20 -27.21
CA VAL C 770 -26.56 13.99 -28.16
C VAL C 770 -26.18 15.45 -27.95
N TYR C 771 -25.50 16.04 -28.92
CA TYR C 771 -25.06 17.42 -28.85
C TYR C 771 -25.98 18.31 -29.69
N ILE C 772 -26.39 19.44 -29.11
CA ILE C 772 -27.17 20.45 -29.81
C ILE C 772 -26.28 21.67 -29.99
N MET C 773 -26.19 22.16 -31.22
CA MET C 773 -25.29 23.26 -31.52
C MET C 773 -25.74 23.93 -32.81
N SER C 774 -25.40 25.20 -32.95
CA SER C 774 -25.83 25.97 -34.10
C SER C 774 -25.16 25.47 -35.38
N GLU C 775 -25.81 25.74 -36.51
CA GLU C 775 -25.21 25.42 -37.79
C GLU C 775 -23.87 26.11 -37.93
N ALA C 776 -23.06 25.62 -38.87
CA ALA C 776 -21.70 26.11 -38.99
C ALA C 776 -21.65 27.58 -39.39
N LYS C 777 -22.62 28.05 -40.18
CA LYS C 777 -22.54 29.35 -40.83
C LYS C 777 -23.26 30.47 -40.09
N TYR C 778 -23.81 30.21 -38.91
CA TYR C 778 -24.59 31.21 -38.19
C TYR C 778 -23.90 31.71 -36.93
N ARG C 779 -22.71 31.21 -36.63
CA ARG C 779 -21.93 31.59 -35.45
C ARG C 779 -20.46 31.75 -35.83
N MET C 780 -20.22 32.41 -36.96
CA MET C 780 -18.90 32.47 -37.57
C MET C 780 -18.22 33.82 -37.42
N LEU C 781 -18.98 34.90 -37.32
CA LEU C 781 -18.44 36.26 -37.31
C LEU C 781 -19.10 37.06 -36.20
N PRO C 782 -18.48 38.17 -35.79
CA PRO C 782 -19.09 38.98 -34.72
C PRO C 782 -20.50 39.44 -35.04
N GLU C 783 -20.78 39.78 -36.30
CA GLU C 783 -22.11 40.28 -36.66
C GLU C 783 -23.18 39.19 -36.61
N ASP C 784 -22.78 37.92 -36.46
CA ASP C 784 -23.76 36.84 -36.38
C ASP C 784 -24.48 36.80 -35.03
N ILE C 785 -24.02 37.58 -34.04
CA ILE C 785 -24.70 37.62 -32.76
C ILE C 785 -26.11 38.16 -32.93
N GLY C 786 -26.28 39.15 -33.81
CA GLY C 786 -27.57 39.78 -34.02
C GLY C 786 -28.58 38.93 -34.76
N LYS C 787 -28.22 37.73 -35.20
CA LYS C 787 -29.12 36.84 -35.89
C LYS C 787 -29.81 35.85 -34.95
N TRP C 788 -29.59 35.96 -33.64
CA TRP C 788 -30.17 35.06 -32.67
C TRP C 788 -31.20 35.81 -31.85
N TYR C 789 -32.36 35.19 -31.66
CA TYR C 789 -33.47 35.80 -30.93
C TYR C 789 -33.81 34.97 -29.70
N VAL C 790 -34.24 35.65 -28.65
CA VAL C 790 -34.63 35.04 -27.39
C VAL C 790 -36.08 35.41 -27.10
N ARG C 791 -36.90 34.40 -26.81
CA ARG C 791 -38.31 34.66 -26.54
C ARG C 791 -38.47 35.51 -25.30
N GLY C 792 -39.38 36.48 -25.36
CA GLY C 792 -39.64 37.39 -24.26
C GLY C 792 -40.71 36.87 -23.32
N SER C 793 -41.12 37.76 -22.41
CA SER C 793 -42.13 37.39 -21.42
C SER C 793 -43.45 37.05 -22.09
N ASP C 794 -43.89 37.89 -23.03
CA ASP C 794 -45.17 37.70 -23.70
C ASP C 794 -45.05 36.94 -25.01
N GLY C 795 -43.87 36.42 -25.34
CA GLY C 795 -43.67 35.69 -26.56
C GLY C 795 -43.10 36.50 -27.71
N GLN C 796 -42.63 37.71 -27.45
CA GLN C 796 -42.04 38.55 -28.49
C GLN C 796 -40.55 38.26 -28.58
N MET C 797 -40.07 37.96 -29.79
CA MET C 797 -38.68 37.63 -30.02
C MET C 797 -37.84 38.90 -30.04
N VAL C 798 -36.83 38.96 -29.18
CA VAL C 798 -35.95 40.11 -29.05
C VAL C 798 -34.54 39.67 -29.42
N PRO C 799 -33.89 40.31 -30.40
CA PRO C 799 -32.50 39.93 -30.74
C PRO C 799 -31.52 40.44 -29.70
N PHE C 800 -30.33 39.83 -29.70
CA PHE C 800 -29.27 40.27 -28.80
C PHE C 800 -28.87 41.72 -29.06
N SER C 801 -29.11 42.23 -30.27
CA SER C 801 -28.77 43.62 -30.55
C SER C 801 -29.42 44.56 -29.56
N ALA C 802 -30.58 44.19 -29.03
CA ALA C 802 -31.30 45.06 -28.10
C ALA C 802 -30.55 45.20 -26.78
N PHE C 803 -30.03 44.10 -26.24
CA PHE C 803 -29.49 44.06 -24.88
C PHE C 803 -28.11 43.43 -24.85
N SER C 804 -27.23 43.86 -25.76
CA SER C 804 -25.87 43.34 -25.76
C SER C 804 -24.95 44.36 -26.42
N THR C 805 -23.65 44.16 -26.20
CA THR C 805 -22.62 44.99 -26.82
C THR C 805 -21.30 44.25 -26.70
N SER C 806 -20.58 44.14 -27.81
CA SER C 806 -19.39 43.30 -27.89
C SER C 806 -18.13 44.15 -28.00
N ARG C 807 -17.05 43.64 -27.42
CA ARG C 807 -15.75 44.32 -27.43
C ARG C 807 -14.65 43.30 -27.67
N TRP C 808 -13.54 43.77 -28.21
CA TRP C 808 -12.37 42.96 -28.50
C TRP C 808 -11.28 43.28 -27.49
N GLU C 809 -10.80 42.26 -26.78
CA GLU C 809 -9.66 42.43 -25.89
C GLU C 809 -8.83 41.16 -25.90
N TYR C 810 -7.60 41.28 -25.43
CA TYR C 810 -6.64 40.18 -25.46
C TYR C 810 -6.56 39.50 -24.11
N GLY C 811 -6.12 38.24 -24.14
CA GLY C 811 -5.94 37.45 -22.93
C GLY C 811 -5.23 36.15 -23.24
N SER C 812 -4.29 35.76 -22.37
CA SER C 812 -3.52 34.55 -22.63
C SER C 812 -4.46 33.35 -22.63
N PRO C 813 -4.35 32.44 -23.61
CA PRO C 813 -5.26 31.29 -23.64
C PRO C 813 -4.81 30.11 -22.77
N ARG C 814 -3.61 30.15 -22.23
CA ARG C 814 -3.11 29.05 -21.41
C ARG C 814 -2.07 29.61 -20.44
N LEU C 815 -2.44 29.73 -19.17
CA LEU C 815 -1.55 30.24 -18.14
C LEU C 815 -0.88 29.06 -17.43
N GLU C 816 0.41 29.19 -17.19
CA GLU C 816 1.21 28.14 -16.56
C GLU C 816 1.62 28.56 -15.16
N ARG C 817 2.19 27.61 -14.43
CA ARG C 817 2.71 27.84 -13.10
C ARG C 817 3.81 26.84 -12.81
N TYR C 818 4.56 27.09 -11.74
CA TYR C 818 5.61 26.18 -11.32
C TYR C 818 5.90 26.44 -9.84
N ASN C 819 5.61 25.44 -9.02
CA ASN C 819 5.85 25.53 -7.57
C ASN C 819 5.14 26.74 -6.98
N GLY C 820 3.92 26.99 -7.43
CA GLY C 820 3.10 28.04 -6.87
C GLY C 820 3.31 29.43 -7.44
N LEU C 821 4.18 29.58 -8.44
CA LEU C 821 4.44 30.88 -9.04
C LEU C 821 4.25 30.81 -10.55
N PRO C 822 3.87 31.91 -11.19
CA PRO C 822 3.73 31.89 -12.66
C PRO C 822 5.08 31.63 -13.33
N SER C 823 5.01 31.00 -14.50
CA SER C 823 6.23 30.62 -15.21
C SER C 823 5.89 30.43 -16.68
N LEU C 824 6.95 30.25 -17.48
CA LEU C 824 6.81 30.06 -18.92
C LEU C 824 7.86 29.06 -19.38
N GLU C 825 7.44 27.83 -19.66
CA GLU C 825 8.35 26.84 -20.23
C GLU C 825 9.10 27.41 -21.42
N ILE C 826 10.38 27.06 -21.53
CA ILE C 826 11.20 27.43 -22.68
C ILE C 826 12.09 26.23 -22.99
N LEU C 827 11.76 25.50 -24.05
CA LEU C 827 12.55 24.35 -24.47
C LEU C 827 13.60 24.78 -25.49
N GLY C 828 14.46 23.83 -25.84
CA GLY C 828 15.50 24.11 -26.82
C GLY C 828 16.40 22.90 -26.97
N GLN C 829 17.47 23.10 -27.74
CA GLN C 829 18.46 22.06 -27.97
C GLN C 829 19.84 22.70 -28.02
N ALA C 830 20.83 22.01 -27.45
CA ALA C 830 22.20 22.45 -27.55
C ALA C 830 22.64 22.44 -29.01
N ALA C 831 23.41 23.45 -29.41
CA ALA C 831 23.79 23.58 -30.80
C ALA C 831 24.68 22.41 -31.21
N PRO C 832 24.72 22.09 -32.50
CA PRO C 832 25.54 20.96 -32.95
C PRO C 832 27.00 21.13 -32.52
N GLY C 833 27.58 20.04 -32.03
CA GLY C 833 28.93 20.07 -31.53
C GLY C 833 29.09 20.51 -30.09
N LYS C 834 28.00 20.94 -29.45
CA LYS C 834 28.03 21.39 -28.07
C LYS C 834 27.13 20.50 -27.22
N SER C 835 27.49 20.38 -25.95
CA SER C 835 26.78 19.51 -25.03
C SER C 835 25.66 20.26 -24.33
N THR C 836 24.64 19.52 -23.89
CA THR C 836 23.56 20.14 -23.13
C THR C 836 24.06 20.78 -21.85
N GLY C 837 25.21 20.33 -21.34
CA GLY C 837 25.80 21.02 -20.20
C GLY C 837 26.24 22.43 -20.52
N GLU C 838 26.73 22.64 -21.75
CA GLU C 838 27.10 23.99 -22.18
C GLU C 838 25.86 24.83 -22.45
N ALA C 839 24.84 24.24 -23.09
CA ALA C 839 23.62 24.98 -23.36
C ALA C 839 22.95 25.44 -22.06
N MET C 840 22.86 24.54 -21.08
CA MET C 840 22.29 24.92 -19.79
C MET C 840 23.14 25.99 -19.11
N ALA C 841 24.46 25.84 -19.16
CA ALA C 841 25.33 26.81 -18.51
C ALA C 841 25.19 28.19 -19.13
N LEU C 842 25.10 28.25 -20.47
CA LEU C 842 24.96 29.54 -21.12
C LEU C 842 23.64 30.20 -20.77
N MET C 843 22.56 29.40 -20.67
CA MET C 843 21.25 29.97 -20.39
C MET C 843 21.12 30.40 -18.94
N GLU C 844 21.82 29.75 -18.02
CA GLU C 844 21.74 30.15 -16.62
C GLU C 844 22.22 31.58 -16.42
N GLU C 845 23.33 31.94 -17.05
CA GLU C 845 23.82 33.32 -16.94
C GLU C 845 22.96 34.28 -17.74
N LEU C 846 22.40 33.84 -18.87
CA LEU C 846 21.53 34.70 -19.66
C LEU C 846 20.29 35.09 -18.85
N ALA C 847 19.71 34.13 -18.13
CA ALA C 847 18.55 34.43 -17.28
C ALA C 847 18.92 35.34 -16.12
N GLY C 848 20.20 35.46 -15.79
CA GLY C 848 20.61 36.32 -14.70
C GLY C 848 20.61 37.80 -15.04
N LYS C 849 20.61 38.14 -16.32
CA LYS C 849 20.59 39.53 -16.75
C LYS C 849 19.17 40.06 -16.91
N LEU C 850 18.15 39.25 -16.64
CA LEU C 850 16.78 39.69 -16.75
C LEU C 850 16.44 40.65 -15.62
N PRO C 851 15.36 41.43 -15.78
CA PRO C 851 15.02 42.41 -14.73
C PRO C 851 14.78 41.73 -13.40
N SER C 852 15.12 42.45 -12.33
CA SER C 852 15.06 41.89 -10.99
C SER C 852 13.65 41.42 -10.66
N GLY C 853 13.57 40.28 -9.98
CA GLY C 853 12.29 39.69 -9.60
C GLY C 853 11.84 38.54 -10.47
N ILE C 854 12.64 38.16 -11.46
CA ILE C 854 12.29 37.07 -12.37
C ILE C 854 13.44 36.06 -12.33
N GLY C 855 13.28 35.00 -11.55
CA GLY C 855 14.25 33.95 -11.45
C GLY C 855 14.04 32.89 -12.51
N TYR C 856 14.57 31.70 -12.24
CA TYR C 856 14.45 30.59 -13.17
C TYR C 856 14.61 29.28 -12.41
N ASP C 857 14.31 28.18 -13.09
CA ASP C 857 14.44 26.85 -12.52
C ASP C 857 14.38 25.83 -13.64
N TRP C 858 14.95 24.66 -13.38
CA TRP C 858 14.95 23.56 -14.33
C TRP C 858 13.89 22.53 -13.94
N THR C 859 13.36 21.85 -14.95
CA THR C 859 12.31 20.86 -14.76
C THR C 859 12.55 19.68 -15.68
N GLY C 860 11.88 18.57 -15.36
CA GLY C 860 11.96 17.41 -16.23
C GLY C 860 13.39 16.92 -16.37
N MET C 861 13.82 16.73 -17.63
CA MET C 861 15.11 16.13 -17.89
C MET C 861 16.25 16.99 -17.34
N SER C 862 16.16 18.30 -17.52
CA SER C 862 17.25 19.17 -17.07
C SER C 862 17.43 19.08 -15.55
N TYR C 863 16.33 19.03 -14.80
CA TYR C 863 16.44 18.91 -13.36
C TYR C 863 17.26 17.68 -12.98
N GLN C 864 17.00 16.56 -13.64
CA GLN C 864 17.81 15.37 -13.40
C GLN C 864 19.26 15.60 -13.81
N GLU C 865 19.48 16.28 -14.94
CA GLU C 865 20.84 16.55 -15.39
C GLU C 865 21.59 17.42 -14.39
N ARG C 866 20.92 18.43 -13.84
CA ARG C 866 21.58 19.26 -12.82
C ARG C 866 21.87 18.45 -11.57
N LEU C 867 20.94 17.59 -11.16
CA LEU C 867 21.15 16.78 -9.96
C LEU C 867 22.34 15.84 -10.14
N SER C 868 22.54 15.34 -11.35
CA SER C 868 23.66 14.44 -11.61
C SER C 868 24.99 15.14 -11.32
N GLY C 869 25.14 16.37 -11.79
CA GLY C 869 26.39 17.08 -11.58
C GLY C 869 26.63 17.44 -10.13
N ASN C 870 25.57 17.83 -9.42
CA ASN C 870 25.74 18.31 -8.05
C ASN C 870 26.30 17.22 -7.14
N GLN C 871 25.82 15.99 -7.28
CA GLN C 871 26.23 14.89 -6.42
C GLN C 871 27.42 14.12 -6.96
N ALA C 872 27.97 14.52 -8.11
CA ALA C 872 29.14 13.82 -8.63
C ALA C 872 30.34 13.92 -7.70
N PRO C 873 30.71 15.09 -7.17
CA PRO C 873 31.89 15.15 -6.29
C PRO C 873 31.77 14.25 -5.07
N ALA C 874 30.57 14.13 -4.50
CA ALA C 874 30.40 13.25 -3.34
C ALA C 874 30.60 11.80 -3.72
N LEU C 875 30.17 11.41 -4.92
CA LEU C 875 30.30 10.01 -5.34
C LEU C 875 31.76 9.59 -5.42
N TYR C 876 32.62 10.44 -6.00
CA TYR C 876 34.03 10.09 -6.10
C TYR C 876 34.73 10.22 -4.76
N ALA C 877 34.36 11.23 -3.98
CA ALA C 877 34.99 11.41 -2.67
C ALA C 877 34.68 10.25 -1.74
N ILE C 878 33.44 9.76 -1.75
CA ILE C 878 33.07 8.67 -0.85
C ILE C 878 33.52 7.31 -1.38
N SER C 879 33.63 7.15 -2.69
CA SER C 879 34.12 5.88 -3.23
C SER C 879 35.62 5.71 -2.98
N LEU C 880 36.39 6.79 -3.13
CA LEU C 880 37.82 6.71 -2.88
C LEU C 880 38.10 6.36 -1.43
N ILE C 881 37.39 7.00 -0.49
CA ILE C 881 37.63 6.76 0.92
C ILE C 881 37.32 5.31 1.28
N VAL C 882 36.18 4.80 0.79
CA VAL C 882 35.79 3.44 1.14
C VAL C 882 36.86 2.44 0.70
N VAL C 883 37.45 2.64 -0.47
CA VAL C 883 38.53 1.76 -0.91
C VAL C 883 39.72 1.88 0.03
N PHE C 884 40.07 3.12 0.41
CA PHE C 884 41.20 3.32 1.31
C PHE C 884 41.00 2.54 2.61
N LEU C 885 39.81 2.65 3.21
CA LEU C 885 39.52 1.89 4.40
C LEU C 885 39.54 0.39 4.12
N CYS C 886 38.99 -0.02 2.98
CA CYS C 886 38.94 -1.44 2.66
C CYS C 886 40.32 -1.98 2.32
N LEU C 887 41.16 -1.18 1.65
CA LEU C 887 42.52 -1.61 1.38
C LEU C 887 43.35 -1.68 2.65
N ALA C 888 43.24 -0.65 3.50
CA ALA C 888 44.01 -0.65 4.75
C ALA C 888 43.64 -1.85 5.60
N ALA C 889 42.37 -2.21 5.64
CA ALA C 889 41.96 -3.37 6.43
C ALA C 889 42.63 -4.63 5.92
N LEU C 890 42.69 -4.81 4.61
CA LEU C 890 43.25 -6.04 4.06
C LEU C 890 44.77 -6.08 4.15
N TYR C 891 45.42 -4.92 4.11
CA TYR C 891 46.87 -4.84 4.08
C TYR C 891 47.47 -4.46 5.43
N GLU C 892 46.64 -4.21 6.45
CA GLU C 892 47.12 -4.00 7.82
C GLU C 892 48.15 -2.89 7.87
N SER C 893 47.93 -1.82 7.11
CA SER C 893 48.84 -0.69 7.14
C SER C 893 48.13 0.55 6.61
N TRP C 894 48.53 1.70 7.13
CA TRP C 894 48.02 2.99 6.67
C TRP C 894 48.90 3.62 5.59
N SER C 895 49.96 2.93 5.16
CA SER C 895 50.88 3.46 4.17
C SER C 895 50.78 2.74 2.83
N ILE C 896 50.73 1.41 2.82
CA ILE C 896 50.62 0.68 1.55
C ILE C 896 49.36 1.08 0.80
N PRO C 897 48.19 1.20 1.43
CA PRO C 897 47.04 1.74 0.68
C PRO C 897 47.30 3.11 0.11
N PHE C 898 48.09 3.94 0.80
CA PHE C 898 48.49 5.22 0.25
C PHE C 898 49.48 5.07 -0.90
N SER C 899 50.01 3.87 -1.12
CA SER C 899 50.87 3.58 -2.26
C SER C 899 50.12 2.93 -3.40
N VAL C 900 48.89 2.50 -3.19
CA VAL C 900 48.03 1.99 -4.26
C VAL C 900 46.96 3.00 -4.65
N MET C 901 46.61 3.94 -3.78
CA MET C 901 45.66 4.99 -4.13
C MET C 901 46.28 6.10 -4.95
N LEU C 902 47.60 6.09 -5.14
CA LEU C 902 48.28 7.10 -5.94
C LEU C 902 48.36 6.72 -7.41
N VAL C 903 47.79 5.57 -7.80
CA VAL C 903 47.75 5.18 -9.20
C VAL C 903 46.43 5.57 -9.86
N VAL C 904 45.41 5.94 -9.08
CA VAL C 904 44.13 6.33 -9.66
C VAL C 904 44.29 7.52 -10.60
N PRO C 905 44.99 8.60 -10.24
CA PRO C 905 45.19 9.67 -11.21
C PRO C 905 45.84 9.19 -12.51
N LEU C 906 46.75 8.23 -12.42
CA LEU C 906 47.31 7.64 -13.64
C LEU C 906 46.25 6.89 -14.43
N GLY C 907 45.11 6.57 -13.82
CA GLY C 907 44.03 5.89 -14.51
C GLY C 907 42.99 6.86 -15.02
N VAL C 908 42.59 7.81 -14.19
CA VAL C 908 41.56 8.78 -14.59
C VAL C 908 42.04 9.57 -15.80
N VAL C 909 43.30 10.02 -15.78
CA VAL C 909 43.83 10.79 -16.90
C VAL C 909 43.75 10.01 -18.20
N GLY C 910 43.74 8.68 -18.12
CA GLY C 910 43.55 7.88 -19.33
C GLY C 910 42.16 8.06 -19.92
N ALA C 911 41.14 8.06 -19.07
CA ALA C 911 39.77 8.21 -19.56
C ALA C 911 39.55 9.59 -20.17
N LEU C 912 40.01 10.65 -19.51
CA LEU C 912 39.77 12.00 -20.00
C LEU C 912 40.41 12.21 -21.37
N LEU C 913 41.64 11.74 -21.55
CA LEU C 913 42.30 11.88 -22.84
C LEU C 913 41.55 11.12 -23.93
N ALA C 914 40.75 10.12 -23.57
CA ALA C 914 39.97 9.38 -24.54
C ALA C 914 38.60 10.02 -24.78
N ALA C 915 37.98 10.56 -23.75
CA ALA C 915 36.70 11.24 -23.90
C ALA C 915 36.86 12.70 -24.31
N THR C 916 38.09 13.19 -24.46
CA THR C 916 38.34 14.52 -24.99
C THR C 916 38.75 14.51 -26.45
N PHE C 917 39.52 13.49 -26.87
CA PHE C 917 39.89 13.38 -28.27
C PHE C 917 38.76 12.82 -29.12
N ARG C 918 37.84 12.08 -28.51
CA ARG C 918 36.68 11.55 -29.22
C ARG C 918 35.46 12.45 -29.11
N GLY C 919 35.58 13.58 -28.43
CA GLY C 919 34.46 14.50 -28.30
C GLY C 919 33.30 13.96 -27.50
N LEU C 920 33.57 13.15 -26.48
CA LEU C 920 32.51 12.64 -25.61
C LEU C 920 32.18 13.70 -24.56
N THR C 921 31.40 13.31 -23.56
CA THR C 921 30.92 14.23 -22.54
C THR C 921 30.94 13.55 -21.19
N ASN C 922 30.94 14.37 -20.14
CA ASN C 922 30.91 13.88 -18.75
C ASN C 922 29.48 13.55 -18.34
N ASP C 923 28.91 12.58 -19.05
CA ASP C 923 27.52 12.18 -18.85
C ASP C 923 27.43 11.08 -17.79
N VAL C 924 26.23 10.54 -17.60
CA VAL C 924 26.04 9.51 -16.57
C VAL C 924 26.88 8.29 -16.88
N TYR C 925 26.90 7.86 -18.15
CA TYR C 925 27.70 6.69 -18.51
C TYR C 925 29.16 6.92 -18.22
N PHE C 926 29.66 8.14 -18.47
CA PHE C 926 31.06 8.44 -18.15
C PHE C 926 31.31 8.36 -16.65
N GLN C 927 30.39 8.86 -15.85
CA GLN C 927 30.58 8.80 -14.39
C GLN C 927 30.71 7.35 -13.93
N VAL C 928 30.02 6.43 -14.60
CA VAL C 928 30.20 5.02 -14.30
C VAL C 928 31.51 4.50 -14.90
N GLY C 929 31.98 5.14 -15.97
CA GLY C 929 33.28 4.78 -16.52
C GLY C 929 34.42 5.16 -15.59
N LEU C 930 34.34 6.33 -14.96
CA LEU C 930 35.38 6.75 -14.05
C LEU C 930 35.45 5.85 -12.82
N LEU C 931 34.29 5.46 -12.29
CA LEU C 931 34.28 4.59 -11.10
C LEU C 931 34.96 3.27 -11.40
N THR C 932 34.67 2.67 -12.56
CA THR C 932 35.33 1.43 -12.92
C THR C 932 36.84 1.63 -13.11
N THR C 933 37.25 2.83 -13.52
CA THR C 933 38.68 3.10 -13.65
C THR C 933 39.37 3.13 -12.28
N ILE C 934 38.66 3.58 -11.25
CA ILE C 934 39.22 3.50 -9.90
C ILE C 934 39.45 2.04 -9.51
N GLY C 935 38.46 1.19 -9.78
CA GLY C 935 38.63 -0.22 -9.49
C GLY C 935 39.67 -0.88 -10.38
N LEU C 936 39.65 -0.57 -11.68
CA LEU C 936 40.58 -1.20 -12.60
C LEU C 936 42.01 -0.75 -12.34
N SER C 937 42.23 0.56 -12.20
CA SER C 937 43.58 1.06 -12.01
C SER C 937 44.18 0.54 -10.71
N ALA C 938 43.39 0.51 -9.64
CA ALA C 938 43.87 -0.06 -8.39
C ALA C 938 44.18 -1.55 -8.55
N LYS C 939 43.46 -2.23 -9.43
CA LYS C 939 43.71 -3.66 -9.64
C LYS C 939 45.10 -3.89 -10.19
N ASN C 940 45.54 -3.05 -11.12
CA ASN C 940 46.89 -3.20 -11.67
C ASN C 940 47.95 -3.00 -10.60
N ALA C 941 47.75 -2.00 -9.73
CA ALA C 941 48.73 -1.74 -8.68
C ALA C 941 48.83 -2.92 -7.71
N ILE C 942 47.69 -3.50 -7.35
CA ILE C 942 47.70 -4.62 -6.41
C ILE C 942 48.52 -5.77 -6.95
N LEU C 943 48.42 -6.03 -8.27
CA LEU C 943 49.19 -7.11 -8.86
C LEU C 943 50.68 -6.96 -8.58
N ILE C 944 51.16 -5.73 -8.47
CA ILE C 944 52.58 -5.48 -8.21
C ILE C 944 52.86 -5.37 -6.73
N VAL C 945 52.02 -4.62 -6.01
CA VAL C 945 52.25 -4.42 -4.58
C VAL C 945 51.99 -5.72 -3.81
N GLU C 946 50.92 -6.43 -4.14
CA GLU C 946 50.55 -7.62 -3.38
C GLU C 946 51.66 -8.66 -3.42
N PHE C 947 52.14 -8.99 -4.61
CA PHE C 947 53.20 -9.99 -4.73
C PHE C 947 54.49 -9.49 -4.08
N ALA C 948 54.81 -8.21 -4.25
CA ALA C 948 56.03 -7.67 -3.67
C ALA C 948 55.99 -7.73 -2.16
N LYS C 949 54.85 -7.41 -1.55
CA LYS C 949 54.76 -7.39 -0.09
C LYS C 949 55.08 -8.77 0.48
N ASP C 950 54.41 -9.82 -0.02
CA ASP C 950 54.68 -11.16 0.47
C ASP C 950 56.13 -11.55 0.23
N LEU C 951 56.76 -11.00 -0.81
CA LEU C 951 58.17 -11.27 -1.07
C LEU C 951 59.05 -10.73 0.05
N MET C 952 58.59 -9.69 0.75
CA MET C 952 59.36 -9.08 1.82
C MET C 952 59.03 -9.64 3.20
N GLU C 953 57.93 -10.40 3.32
CA GLU C 953 57.53 -10.98 4.60
C GLU C 953 57.86 -12.47 4.67
N LYS C 954 57.38 -13.24 3.70
CA LYS C 954 57.65 -14.69 3.70
C LYS C 954 59.13 -14.97 3.48
N GLU C 955 59.78 -14.25 2.57
CA GLU C 955 61.17 -14.47 2.25
C GLU C 955 62.12 -13.41 2.82
N GLY C 956 61.61 -12.24 3.18
CA GLY C 956 62.45 -11.20 3.74
C GLY C 956 63.47 -10.64 2.78
N LYS C 957 63.08 -10.40 1.53
CA LYS C 957 63.97 -9.78 0.56
C LYS C 957 64.06 -8.28 0.82
N GLY C 958 65.06 -7.65 0.21
CA GLY C 958 65.22 -6.22 0.31
C GLY C 958 64.15 -5.47 -0.45
N LEU C 959 63.94 -4.21 -0.05
CA LEU C 959 62.91 -3.40 -0.69
C LEU C 959 63.18 -3.23 -2.17
N ILE C 960 64.32 -2.61 -2.51
CA ILE C 960 64.66 -2.44 -3.92
C ILE C 960 64.78 -3.78 -4.61
N GLU C 961 65.34 -4.77 -3.91
CA GLU C 961 65.43 -6.12 -4.47
C GLU C 961 64.03 -6.69 -4.72
N ALA C 962 63.11 -6.48 -3.79
CA ALA C 962 61.78 -7.07 -3.89
C ALA C 962 60.85 -6.32 -4.83
N THR C 963 61.18 -5.08 -5.22
CA THR C 963 60.32 -4.33 -6.12
C THR C 963 60.74 -4.51 -7.58
N LEU C 964 62.03 -4.61 -7.86
CA LEU C 964 62.50 -4.87 -9.21
C LEU C 964 62.47 -6.35 -9.56
N GLU C 965 62.14 -7.22 -8.60
CA GLU C 965 62.03 -8.65 -8.84
C GLU C 965 60.59 -9.10 -8.96
N ALA C 966 59.65 -8.40 -8.32
CA ALA C 966 58.23 -8.72 -8.48
C ALA C 966 57.68 -8.25 -9.82
N VAL C 967 58.20 -7.13 -10.33
CA VAL C 967 57.71 -6.62 -11.61
C VAL C 967 58.10 -7.56 -12.75
N ARG C 968 59.27 -8.18 -12.67
CA ARG C 968 59.76 -8.99 -13.77
C ARG C 968 58.83 -10.16 -14.07
N MET C 969 58.38 -10.87 -13.04
CA MET C 969 57.52 -12.02 -13.23
C MET C 969 56.03 -11.68 -13.19
N ARG C 970 55.68 -10.44 -12.85
CA ARG C 970 54.30 -9.99 -12.91
C ARG C 970 54.00 -9.15 -14.15
N LEU C 971 54.99 -8.96 -15.02
CA LEU C 971 54.75 -8.20 -16.25
C LEU C 971 53.76 -8.93 -17.15
N ARG C 972 53.89 -10.25 -17.27
CA ARG C 972 53.02 -11.00 -18.18
C ARG C 972 51.57 -10.96 -17.74
N PRO C 973 51.22 -11.40 -16.53
CA PRO C 973 49.79 -11.40 -16.15
C PRO C 973 49.15 -10.03 -16.18
N ILE C 974 49.90 -8.98 -15.86
CA ILE C 974 49.33 -7.64 -15.88
C ILE C 974 48.99 -7.24 -17.31
N LEU C 975 49.92 -7.43 -18.24
CA LEU C 975 49.63 -7.14 -19.64
C LEU C 975 48.63 -8.13 -20.21
N MET C 976 48.69 -9.38 -19.78
CA MET C 976 47.77 -10.39 -20.30
C MET C 976 46.32 -10.04 -19.95
N THR C 977 46.08 -9.58 -18.72
CA THR C 977 44.73 -9.16 -18.35
C THR C 977 44.35 -7.85 -19.01
N SER C 978 45.26 -6.87 -19.02
CA SER C 978 44.93 -5.56 -19.56
C SER C 978 44.56 -5.66 -21.03
N LEU C 979 45.31 -6.43 -21.81
CA LEU C 979 44.96 -6.65 -23.21
C LEU C 979 43.78 -7.61 -23.36
N ALA C 980 43.36 -8.26 -22.27
CA ALA C 980 42.13 -9.05 -22.28
C ALA C 980 40.91 -8.22 -21.88
N PHE C 981 41.09 -6.94 -21.61
CA PHE C 981 39.99 -6.02 -21.34
C PHE C 981 40.03 -4.79 -22.23
N ILE C 982 41.22 -4.28 -22.55
CA ILE C 982 41.31 -3.19 -23.52
C ILE C 982 40.77 -3.66 -24.87
N LEU C 983 40.84 -4.95 -25.15
CA LEU C 983 40.20 -5.54 -26.31
C LEU C 983 38.87 -6.21 -25.99
N GLY C 984 38.56 -6.40 -24.70
CA GLY C 984 37.27 -6.93 -24.33
C GLY C 984 36.13 -5.95 -24.44
N VAL C 985 36.44 -4.65 -24.42
CA VAL C 985 35.45 -3.60 -24.64
C VAL C 985 35.68 -2.87 -25.96
N MET C 986 36.63 -3.32 -26.77
CA MET C 986 36.84 -2.70 -28.07
C MET C 986 35.57 -2.66 -28.91
N PRO C 987 34.75 -3.71 -28.95
CA PRO C 987 33.49 -3.59 -29.71
C PRO C 987 32.62 -2.44 -29.22
N LEU C 988 32.59 -2.19 -27.92
CA LEU C 988 31.80 -1.07 -27.39
C LEU C 988 32.31 0.26 -27.94
N VAL C 989 33.63 0.42 -28.02
CA VAL C 989 34.19 1.69 -28.48
C VAL C 989 33.94 1.88 -29.96
N ILE C 990 34.10 0.82 -30.77
CA ILE C 990 33.98 0.94 -32.22
C ILE C 990 32.58 0.68 -32.74
N SER C 991 31.67 0.20 -31.89
CA SER C 991 30.31 -0.08 -32.34
C SER C 991 29.66 1.18 -32.89
N SER C 992 28.93 1.03 -34.01
CA SER C 992 28.28 2.16 -34.64
C SER C 992 26.88 1.81 -35.12
N GLY C 993 26.28 0.75 -34.61
CA GLY C 993 24.94 0.36 -35.01
C GLY C 993 23.88 1.17 -34.27
N ALA C 994 22.64 0.71 -34.39
CA ALA C 994 21.55 1.35 -33.68
C ALA C 994 21.79 1.29 -32.18
N GLY C 995 21.47 2.38 -31.49
CA GLY C 995 21.72 2.45 -30.06
C GLY C 995 23.19 2.41 -29.71
N SER C 996 24.04 3.03 -30.52
CA SER C 996 25.47 3.11 -30.24
C SER C 996 25.86 4.37 -29.48
N GLY C 997 24.92 5.28 -29.25
CA GLY C 997 25.24 6.46 -28.46
C GLY C 997 25.58 6.10 -27.03
N ALA C 998 24.87 5.14 -26.45
CA ALA C 998 25.17 4.72 -25.08
C ALA C 998 26.44 3.89 -25.02
N GLN C 999 26.64 2.99 -25.99
CA GLN C 999 27.79 2.10 -25.95
C GLN C 999 29.09 2.87 -25.93
N ASN C 1000 29.26 3.81 -26.87
CA ASN C 1000 30.52 4.55 -26.95
C ASN C 1000 30.80 5.31 -25.66
N ALA C 1001 29.76 5.83 -25.01
CA ALA C 1001 29.96 6.55 -23.76
C ALA C 1001 30.55 5.63 -22.70
N VAL C 1002 30.07 4.39 -22.62
CA VAL C 1002 30.59 3.46 -21.63
C VAL C 1002 31.87 2.78 -22.10
N GLY C 1003 32.19 2.84 -23.40
CA GLY C 1003 33.35 2.17 -23.92
C GLY C 1003 34.59 3.03 -23.92
N THR C 1004 34.51 4.22 -24.51
CA THR C 1004 35.69 5.08 -24.60
C THR C 1004 36.13 5.56 -23.22
N GLY C 1005 35.18 5.76 -22.30
CA GLY C 1005 35.56 6.24 -20.97
C GLY C 1005 36.44 5.26 -20.24
N VAL C 1006 36.13 3.96 -20.33
CA VAL C 1006 36.87 2.94 -19.60
C VAL C 1006 38.06 2.43 -20.40
N MET C 1007 37.87 2.15 -21.70
CA MET C 1007 38.96 1.60 -22.49
C MET C 1007 40.17 2.53 -22.47
N GLY C 1008 39.95 3.83 -22.68
CA GLY C 1008 41.05 4.77 -22.58
C GLY C 1008 41.68 4.77 -21.20
N GLY C 1009 40.86 4.63 -20.16
CA GLY C 1009 41.39 4.62 -18.80
C GLY C 1009 42.29 3.44 -18.52
N MET C 1010 42.00 2.29 -19.11
CA MET C 1010 42.82 1.11 -18.86
C MET C 1010 44.16 1.18 -19.61
N VAL C 1011 44.18 1.81 -20.78
CA VAL C 1011 45.43 1.91 -21.53
C VAL C 1011 46.46 2.70 -20.74
N THR C 1012 46.07 3.85 -20.19
CA THR C 1012 47.00 4.65 -19.40
C THR C 1012 47.19 4.05 -18.00
N ALA C 1013 46.19 3.35 -17.48
CA ALA C 1013 46.32 2.74 -16.17
C ALA C 1013 47.23 1.52 -16.17
N THR C 1014 47.63 1.02 -17.34
CA THR C 1014 48.55 -0.10 -17.45
C THR C 1014 49.89 0.29 -18.06
N ILE C 1015 49.90 1.23 -18.99
CA ILE C 1015 51.17 1.69 -19.56
C ILE C 1015 51.97 2.47 -18.53
N LEU C 1016 51.29 3.27 -17.70
CA LEU C 1016 51.96 4.10 -16.73
C LEU C 1016 52.08 3.45 -15.35
N ALA C 1017 51.09 2.66 -14.95
CA ALA C 1017 51.11 2.09 -13.61
C ALA C 1017 52.32 1.20 -13.40
N ILE C 1018 52.66 0.37 -14.40
CA ILE C 1018 53.80 -0.52 -14.28
C ILE C 1018 55.09 0.27 -14.10
N PHE C 1019 55.16 1.47 -14.70
CA PHE C 1019 56.34 2.31 -14.58
C PHE C 1019 56.32 3.22 -13.36
N PHE C 1020 55.21 3.29 -12.64
CA PHE C 1020 55.06 4.21 -11.52
C PHE C 1020 54.83 3.52 -10.18
N VAL C 1021 54.00 2.48 -10.14
CA VAL C 1021 53.69 1.81 -8.88
C VAL C 1021 54.98 1.40 -8.19
N PRO C 1022 55.97 0.88 -8.90
CA PRO C 1022 57.27 0.61 -8.24
C PRO C 1022 57.83 1.84 -7.56
N VAL C 1023 57.68 3.02 -8.17
CA VAL C 1023 58.16 4.24 -7.53
C VAL C 1023 57.36 4.53 -6.25
N PHE C 1024 56.04 4.36 -6.31
CA PHE C 1024 55.22 4.62 -5.13
C PHE C 1024 55.54 3.62 -4.02
N PHE C 1025 55.68 2.34 -4.35
CA PHE C 1025 55.95 1.35 -3.33
C PHE C 1025 57.31 1.59 -2.68
N VAL C 1026 58.33 1.86 -3.47
CA VAL C 1026 59.66 2.10 -2.92
C VAL C 1026 59.68 3.40 -2.11
N VAL C 1027 59.08 4.46 -2.65
CA VAL C 1027 59.12 5.76 -1.98
C VAL C 1027 58.38 5.69 -0.66
N VAL C 1028 57.18 5.12 -0.66
CA VAL C 1028 56.36 5.09 0.54
C VAL C 1028 57.00 4.21 1.62
N ARG C 1029 57.47 3.03 1.24
CA ARG C 1029 58.03 2.11 2.23
C ARG C 1029 59.28 2.70 2.88
N ARG C 1030 60.14 3.34 2.08
CA ARG C 1030 61.35 3.93 2.64
C ARG C 1030 61.01 5.05 3.63
N ARG C 1031 59.99 5.83 3.33
CA ARG C 1031 59.58 6.94 4.19
C ARG C 1031 59.44 6.49 5.63
#